data_8YQF
#
_entry.id   8YQF
#
_cell.length_a   1.00
_cell.length_b   1.00
_cell.length_c   1.00
_cell.angle_alpha   90.00
_cell.angle_beta   90.00
_cell.angle_gamma   90.00
#
_symmetry.space_group_name_H-M   'P 1'
#
_entity_poly.entity_id   1
_entity_poly.type   'polypeptide(L)'
_entity_poly.pdbx_seq_one_letter_code
;MDHSITASYYDTTQQLSLLKHVLSEDKRPIAFIIAAGCPVSIRHNDAPLIPDVAGLTRKISDSFGGNPDSLLMKIIQNLK
TTIPNPTIEDILSYIRLLQQIPMSGKIHDVENSVINALEESICELIEEEVNVDLPGNATPYHKIAAWINSINREHQVEIF
TTNYDLLMEQALEELNVPYFDGFVGSKRAFFDIRTIEENKLPSRWSKLWKLHGSINWQLDKQTQTIWRGTPSKGCSLIHP
SHLKYDQSRKMPYLVMMDQLKLFLNQPSAILITCGYSYKDQHINEVLSQGLQTNPNALIYGLQYDVLENYQEAKDMALKR
SNLILLAKDRAIIGKKEGEWKPDPQSSQDNDPLLFFKLGDFQHLASFLEEISQYDWSKQND
;
_entity_poly.pdbx_strand_id   A,B,C,D,E,F,G,H,I,J,K,L,M,N
#
# COMPACT_ATOMS: atom_id res chain seq x y z
N ASP A 11 14.72 35.98 -54.73
CA ASP A 11 13.52 36.08 -53.91
C ASP A 11 12.51 34.98 -54.26
N THR A 12 12.55 34.54 -55.52
CA THR A 12 11.62 33.52 -55.98
C THR A 12 11.85 32.19 -55.25
N THR A 13 13.11 31.81 -55.06
CA THR A 13 13.42 30.52 -54.46
C THR A 13 12.93 30.45 -53.01
N GLN A 14 13.18 31.51 -52.23
CA GLN A 14 12.77 31.50 -50.83
C GLN A 14 11.25 31.48 -50.70
N GLN A 15 10.57 32.30 -51.50
CA GLN A 15 9.11 32.31 -51.47
C GLN A 15 8.53 30.96 -51.87
N LEU A 16 9.07 30.35 -52.92
CA LEU A 16 8.60 29.04 -53.34
C LEU A 16 8.83 27.99 -52.26
N SER A 17 10.00 28.03 -51.62
CA SER A 17 10.30 27.05 -50.57
C SER A 17 9.36 27.22 -49.38
N LEU A 18 9.12 28.46 -48.94
CA LEU A 18 8.24 28.66 -47.80
C LEU A 18 6.80 28.29 -48.15
N LEU A 19 6.35 28.60 -49.37
CA LEU A 19 5.01 28.21 -49.77
C LEU A 19 4.87 26.69 -49.82
N LYS A 20 5.89 26.00 -50.35
CA LYS A 20 5.85 24.55 -50.37
C LYS A 20 5.80 23.98 -48.96
N HIS A 21 6.59 24.54 -48.05
CA HIS A 21 6.61 24.06 -46.67
C HIS A 21 5.26 24.27 -45.98
N VAL A 22 4.66 25.45 -46.16
CA VAL A 22 3.40 25.72 -45.48
C VAL A 22 2.26 24.92 -46.10
N LEU A 23 2.29 24.68 -47.41
CA LEU A 23 1.23 23.90 -48.05
C LEU A 23 1.36 22.42 -47.78
N SER A 24 2.60 21.91 -47.62
CA SER A 24 2.78 20.48 -47.38
C SER A 24 2.23 20.07 -46.02
N GLU A 25 2.33 20.93 -45.01
CA GLU A 25 1.84 20.60 -43.69
C GLU A 25 0.31 20.52 -43.69
N ASP A 26 -0.22 19.51 -43.03
CA ASP A 26 -1.66 19.29 -42.93
C ASP A 26 -2.22 19.71 -41.58
N LYS A 27 -1.44 20.41 -40.77
CA LYS A 27 -1.85 20.81 -39.43
C LYS A 27 -2.48 22.19 -39.38
N ARG A 28 -2.66 22.85 -40.53
CA ARG A 28 -3.27 24.16 -40.57
C ARG A 28 -4.40 24.19 -41.60
N PRO A 29 -5.48 24.91 -41.32
CA PRO A 29 -6.56 25.02 -42.30
C PRO A 29 -6.11 25.78 -43.53
N ILE A 30 -6.72 25.42 -44.67
CA ILE A 30 -6.42 26.05 -45.95
C ILE A 30 -7.71 26.57 -46.56
N ALA A 31 -7.63 27.76 -47.16
CA ALA A 31 -8.78 28.33 -47.85
C ALA A 31 -8.28 29.14 -49.04
N PHE A 32 -9.19 29.40 -49.97
CA PHE A 32 -8.89 30.14 -51.19
C PHE A 32 -10.00 31.13 -51.48
N ILE A 33 -9.62 32.21 -52.17
CA ILE A 33 -10.57 33.22 -52.66
C ILE A 33 -10.49 33.23 -54.18
N ILE A 34 -11.63 33.08 -54.83
CA ILE A 34 -11.70 32.94 -56.29
C ILE A 34 -12.41 34.16 -56.85
N ALA A 35 -11.75 34.84 -57.77
CA ALA A 35 -12.29 35.99 -58.48
C ALA A 35 -12.33 35.69 -59.98
N ALA A 36 -12.66 36.71 -60.78
CA ALA A 36 -12.75 36.54 -62.22
C ALA A 36 -11.41 36.20 -62.86
N GLY A 37 -10.30 36.40 -62.14
CA GLY A 37 -9.00 36.06 -62.69
C GLY A 37 -8.87 34.58 -63.01
N CYS A 38 -9.44 33.71 -62.16
CA CYS A 38 -9.38 32.28 -62.44
C CYS A 38 -10.12 31.89 -63.71
N PRO A 39 -11.37 32.28 -63.93
CA PRO A 39 -12.01 31.95 -65.23
C PRO A 39 -11.37 32.67 -66.41
N VAL A 40 -10.86 33.88 -66.23
CA VAL A 40 -10.27 34.58 -67.37
C VAL A 40 -8.94 33.95 -67.79
N SER A 41 -8.30 33.16 -66.92
CA SER A 41 -7.04 32.53 -67.26
C SER A 41 -7.20 31.36 -68.23
N ILE A 42 -8.42 30.84 -68.39
CA ILE A 42 -8.66 29.73 -69.31
C ILE A 42 -8.74 30.27 -70.73
N ARG A 43 -7.91 29.71 -71.62
CA ARG A 43 -7.87 30.15 -73.00
C ARG A 43 -8.76 29.25 -73.85
N HIS A 44 -9.65 29.86 -74.64
CA HIS A 44 -10.55 29.12 -75.51
C HIS A 44 -10.72 29.90 -76.79
N ASN A 45 -10.29 29.30 -77.90
CA ASN A 45 -10.33 29.94 -79.23
C ASN A 45 -9.56 31.27 -79.23
N ASP A 46 -8.46 31.32 -78.48
CA ASP A 46 -7.64 32.52 -78.34
C ASP A 46 -8.47 33.70 -77.82
N ALA A 47 -9.46 33.39 -77.00
CA ALA A 47 -10.32 34.39 -76.37
C ALA A 47 -10.58 33.98 -74.93
N PRO A 48 -10.78 34.95 -74.04
CA PRO A 48 -11.06 34.61 -72.64
C PRO A 48 -12.38 33.86 -72.51
N LEU A 49 -12.40 32.88 -71.60
CA LEU A 49 -13.64 32.15 -71.32
C LEU A 49 -14.70 33.08 -70.73
N ILE A 50 -14.29 33.94 -69.81
CA ILE A 50 -15.19 34.95 -69.24
C ILE A 50 -14.49 36.30 -69.33
N PRO A 51 -15.12 37.31 -69.92
CA PRO A 51 -14.44 38.60 -70.11
C PRO A 51 -14.38 39.45 -68.85
N ASP A 52 -14.73 38.84 -67.71
CA ASP A 52 -14.67 39.50 -66.40
C ASP A 52 -15.63 40.68 -66.32
N VAL A 53 -15.51 41.46 -65.25
CA VAL A 53 -16.44 42.56 -65.01
C VAL A 53 -16.34 43.61 -66.10
N ALA A 54 -15.11 43.97 -66.50
CA ALA A 54 -14.94 44.99 -67.53
C ALA A 54 -15.53 44.52 -68.86
N GLY A 55 -15.27 43.26 -69.23
CA GLY A 55 -15.84 42.73 -70.46
C GLY A 55 -17.35 42.67 -70.42
N LEU A 56 -17.91 42.28 -69.28
CA LEU A 56 -19.37 42.27 -69.14
C LEU A 56 -19.96 43.67 -69.24
N THR A 57 -19.31 44.68 -68.65
CA THR A 57 -19.77 46.05 -68.78
C THR A 57 -19.71 46.53 -70.23
N ARG A 58 -18.61 46.23 -70.92
CA ARG A 58 -18.50 46.63 -72.32
C ARG A 58 -19.57 45.95 -73.19
N LYS A 59 -19.80 44.65 -72.96
CA LYS A 59 -20.82 43.95 -73.74
C LYS A 59 -22.22 44.44 -73.39
N ILE A 60 -22.47 44.76 -72.12
CA ILE A 60 -23.75 45.31 -71.73
C ILE A 60 -23.98 46.66 -72.42
N SER A 61 -22.96 47.51 -72.43
CA SER A 61 -23.08 48.81 -73.09
C SER A 61 -23.31 48.66 -74.58
N ASP A 62 -22.59 47.74 -75.21
CA ASP A 62 -22.72 47.54 -76.66
C ASP A 62 -24.04 46.87 -77.03
N SER A 63 -24.66 46.15 -76.08
CA SER A 63 -25.91 45.47 -76.39
C SER A 63 -27.02 46.45 -76.73
N PHE A 64 -27.11 47.56 -76.00
CA PHE A 64 -28.13 48.57 -76.25
C PHE A 64 -27.67 49.65 -77.21
N GLY A 65 -26.43 49.59 -77.68
CA GLY A 65 -25.93 50.56 -78.64
C GLY A 65 -25.51 51.86 -77.99
N GLY A 66 -25.06 52.78 -78.84
CA GLY A 66 -24.61 54.09 -78.43
C GLY A 66 -25.67 55.17 -78.43
N ASN A 67 -26.94 54.82 -78.62
CA ASN A 67 -27.99 55.82 -78.67
C ASN A 67 -28.19 56.44 -77.29
N PRO A 68 -28.10 57.76 -77.16
CA PRO A 68 -28.29 58.39 -75.84
C PRO A 68 -29.73 58.32 -75.34
N ASP A 69 -30.70 58.03 -76.21
CA ASP A 69 -32.09 57.98 -75.78
C ASP A 69 -32.37 56.83 -74.82
N SER A 70 -31.54 55.78 -74.83
CA SER A 70 -31.73 54.67 -73.93
C SER A 70 -31.43 55.08 -72.50
N LEU A 71 -32.23 54.56 -71.57
CA LEU A 71 -32.05 54.90 -70.16
C LEU A 71 -30.76 54.32 -69.60
N LEU A 72 -30.29 53.21 -70.16
CA LEU A 72 -29.06 52.59 -69.67
C LEU A 72 -27.86 53.50 -69.84
N MET A 73 -27.74 54.15 -71.00
CA MET A 73 -26.65 55.09 -71.21
C MET A 73 -26.77 56.31 -70.30
N LYS A 74 -28.01 56.77 -70.05
CA LYS A 74 -28.20 57.88 -69.12
C LYS A 74 -27.74 57.51 -67.72
N ILE A 75 -28.07 56.30 -67.26
CA ILE A 75 -27.60 55.86 -65.95
C ILE A 75 -26.09 55.72 -65.93
N ILE A 76 -25.50 55.23 -67.03
CA ILE A 76 -24.05 55.07 -67.10
C ILE A 76 -23.36 56.42 -66.98
N GLN A 77 -23.85 57.43 -67.72
CA GLN A 77 -23.23 58.75 -67.63
C GLN A 77 -23.49 59.42 -66.28
N ASN A 78 -24.66 59.17 -65.68
CA ASN A 78 -24.92 59.70 -64.35
C ASN A 78 -23.95 59.11 -63.33
N LEU A 79 -23.67 57.81 -63.44
CA LEU A 79 -22.65 57.21 -62.58
C LEU A 79 -21.25 57.74 -62.90
N LYS A 80 -20.98 58.00 -64.18
CA LYS A 80 -19.69 58.58 -64.57
C LYS A 80 -19.48 59.93 -63.90
N THR A 81 -20.54 60.72 -63.74
CA THR A 81 -20.42 62.00 -63.06
C THR A 81 -19.96 61.84 -61.62
N THR A 82 -20.41 60.76 -60.96
CA THR A 82 -20.04 60.50 -59.57
C THR A 82 -18.89 59.50 -59.46
N ILE A 83 -19.06 58.30 -60.01
CA ILE A 83 -18.06 57.25 -59.95
C ILE A 83 -17.18 57.36 -61.20
N PRO A 84 -15.86 57.54 -61.05
CA PRO A 84 -15.01 57.67 -62.25
C PRO A 84 -15.06 56.45 -63.16
N ASN A 85 -15.19 55.26 -62.58
CA ASN A 85 -15.25 54.01 -63.35
C ASN A 85 -16.44 53.20 -62.86
N PRO A 86 -17.57 53.29 -63.54
CA PRO A 86 -18.76 52.53 -63.12
C PRO A 86 -18.53 51.03 -63.24
N THR A 87 -19.20 50.29 -62.36
CA THR A 87 -19.12 48.84 -62.31
C THR A 87 -20.52 48.26 -62.50
N ILE A 88 -20.59 47.10 -63.15
CA ILE A 88 -21.88 46.44 -63.36
C ILE A 88 -22.52 46.10 -62.03
N GLU A 89 -21.72 45.75 -61.02
CA GLU A 89 -22.25 45.55 -59.68
C GLU A 89 -22.89 46.84 -59.16
N ASP A 90 -22.20 47.96 -59.35
CA ASP A 90 -22.75 49.25 -58.94
C ASP A 90 -24.00 49.59 -59.75
N ILE A 91 -24.01 49.26 -61.04
CA ILE A 91 -25.19 49.52 -61.86
C ILE A 91 -26.39 48.73 -61.34
N LEU A 92 -26.17 47.45 -61.02
CA LEU A 92 -27.25 46.63 -60.48
C LEU A 92 -27.72 47.16 -59.13
N SER A 93 -26.78 47.58 -58.28
CA SER A 93 -27.16 48.14 -56.98
C SER A 93 -27.99 49.41 -57.16
N TYR A 94 -27.60 50.28 -58.08
CA TYR A 94 -28.35 51.51 -58.33
C TYR A 94 -29.73 51.20 -58.88
N ILE A 95 -29.83 50.22 -59.79
CA ILE A 95 -31.12 49.86 -60.35
C ILE A 95 -32.04 49.30 -59.27
N ARG A 96 -31.52 48.43 -58.41
CA ARG A 96 -32.33 47.89 -57.32
C ARG A 96 -32.73 48.98 -56.34
N LEU A 97 -31.84 49.92 -56.08
CA LEU A 97 -32.17 51.04 -55.20
C LEU A 97 -33.30 51.88 -55.79
N LEU A 98 -33.26 52.14 -57.09
CA LEU A 98 -34.36 52.84 -57.75
C LEU A 98 -35.65 52.04 -57.68
N GLN A 99 -35.56 50.72 -57.88
CA GLN A 99 -36.74 49.87 -57.84
C GLN A 99 -37.35 49.79 -56.44
N GLN A 100 -36.54 49.94 -55.40
CA GLN A 100 -37.05 49.80 -54.03
C GLN A 100 -38.07 50.88 -53.67
N ILE A 101 -38.12 51.97 -54.43
CA ILE A 101 -39.07 53.05 -54.17
C ILE A 101 -39.81 53.39 -55.46
N PRO A 102 -41.02 53.94 -55.39
CA PRO A 102 -41.72 54.32 -56.62
C PRO A 102 -41.06 55.50 -57.32
N MET A 103 -39.90 55.25 -57.94
CA MET A 103 -39.14 56.31 -58.62
C MET A 103 -39.66 56.45 -60.04
N SER A 104 -40.72 57.24 -60.19
CA SER A 104 -41.33 57.52 -61.49
C SER A 104 -40.96 58.91 -62.00
N GLY A 105 -39.93 59.54 -61.43
CA GLY A 105 -39.58 60.90 -61.75
C GLY A 105 -38.62 60.99 -62.93
N LYS A 106 -37.94 62.14 -63.00
CA LYS A 106 -37.00 62.40 -64.09
C LYS A 106 -35.86 61.40 -64.11
N ILE A 107 -35.51 60.84 -62.94
CA ILE A 107 -34.48 59.82 -62.89
C ILE A 107 -34.86 58.62 -63.74
N HIS A 108 -36.14 58.25 -63.71
CA HIS A 108 -36.67 57.19 -64.55
C HIS A 108 -37.71 57.72 -65.54
N ASP A 109 -37.49 58.92 -66.06
CA ASP A 109 -38.43 59.50 -67.02
C ASP A 109 -38.49 58.70 -68.31
N VAL A 110 -37.35 58.22 -68.79
CA VAL A 110 -37.32 57.44 -70.04
C VAL A 110 -38.08 56.13 -69.84
N GLU A 111 -37.90 55.48 -68.70
CA GLU A 111 -38.56 54.21 -68.39
C GLU A 111 -39.38 54.40 -67.12
N ASN A 112 -40.64 54.79 -67.26
CA ASN A 112 -41.51 54.95 -66.09
C ASN A 112 -41.72 53.62 -65.38
N SER A 113 -41.91 52.54 -66.15
CA SER A 113 -42.02 51.20 -65.57
C SER A 113 -41.18 50.18 -66.31
N VAL A 114 -40.39 50.60 -67.30
CA VAL A 114 -39.55 49.66 -68.05
C VAL A 114 -38.21 49.41 -67.39
N ILE A 115 -37.96 50.00 -66.21
CA ILE A 115 -36.74 49.69 -65.49
C ILE A 115 -36.70 48.23 -65.08
N ASN A 116 -37.87 47.68 -64.70
CA ASN A 116 -37.95 46.25 -64.39
C ASN A 116 -37.59 45.41 -65.61
N ALA A 117 -38.10 45.78 -66.78
CA ALA A 117 -37.76 45.06 -68.00
C ALA A 117 -36.26 45.16 -68.30
N LEU A 118 -35.68 46.36 -68.09
CA LEU A 118 -34.26 46.53 -68.35
C LEU A 118 -33.42 45.67 -67.43
N GLU A 119 -33.75 45.63 -66.13
CA GLU A 119 -32.98 44.82 -65.21
C GLU A 119 -33.18 43.33 -65.47
N GLU A 120 -34.39 42.93 -65.85
CA GLU A 120 -34.62 41.52 -66.22
C GLU A 120 -33.79 41.15 -67.45
N SER A 121 -33.73 42.04 -68.43
CA SER A 121 -32.91 41.78 -69.61
C SER A 121 -31.43 41.67 -69.24
N ILE A 122 -30.96 42.55 -68.35
CA ILE A 122 -29.56 42.47 -67.91
C ILE A 122 -29.29 41.15 -67.21
N CYS A 123 -30.21 40.74 -66.33
CA CYS A 123 -30.03 39.46 -65.63
C CYS A 123 -30.02 38.30 -66.60
N GLU A 124 -30.92 38.32 -67.59
CA GLU A 124 -30.95 37.25 -68.58
C GLU A 124 -29.66 37.20 -69.38
N LEU A 125 -29.15 38.37 -69.78
CA LEU A 125 -27.89 38.41 -70.51
C LEU A 125 -26.74 37.87 -69.67
N ILE A 126 -26.71 38.24 -68.38
CA ILE A 126 -25.67 37.71 -67.49
C ILE A 126 -25.77 36.20 -67.41
N GLU A 127 -26.97 35.67 -67.20
CA GLU A 127 -27.15 34.23 -67.09
C GLU A 127 -26.72 33.52 -68.37
N GLU A 128 -27.09 34.07 -69.52
CA GLU A 128 -26.71 33.45 -70.79
C GLU A 128 -25.20 33.47 -70.99
N GLU A 129 -24.54 34.58 -70.64
CA GLU A 129 -23.12 34.70 -70.92
C GLU A 129 -22.26 33.89 -69.94
N VAL A 130 -22.73 33.68 -68.71
CA VAL A 130 -21.94 32.96 -67.72
C VAL A 130 -22.32 31.48 -67.64
N ASN A 131 -23.20 31.01 -68.53
CA ASN A 131 -23.65 29.62 -68.52
C ASN A 131 -22.79 28.83 -69.50
N VAL A 132 -21.62 28.40 -69.03
CA VAL A 132 -20.72 27.58 -69.83
C VAL A 132 -20.24 26.40 -68.99
N ASP A 133 -19.39 25.56 -69.58
CA ASP A 133 -18.86 24.40 -68.90
C ASP A 133 -17.37 24.27 -69.18
N LEU A 134 -16.67 23.57 -68.30
CA LEU A 134 -15.23 23.39 -68.45
C LEU A 134 -14.94 22.46 -69.61
N PRO A 135 -14.17 22.90 -70.62
CA PRO A 135 -13.83 22.00 -71.72
C PRO A 135 -12.65 21.09 -71.39
N GLY A 136 -12.87 19.79 -71.44
CA GLY A 136 -11.81 18.85 -71.16
C GLY A 136 -11.46 18.77 -69.68
N ASN A 137 -10.34 18.10 -69.41
CA ASN A 137 -9.84 17.90 -68.05
C ASN A 137 -8.50 18.60 -67.83
N ALA A 138 -8.08 19.48 -68.73
CA ALA A 138 -6.82 20.18 -68.62
C ALA A 138 -6.95 21.54 -67.95
N THR A 139 -8.14 21.88 -67.47
CA THR A 139 -8.33 23.16 -66.81
C THR A 139 -7.61 23.20 -65.47
N PRO A 140 -7.17 24.38 -65.03
CA PRO A 140 -6.52 24.48 -63.72
C PRO A 140 -7.40 24.02 -62.57
N TYR A 141 -8.73 24.13 -62.71
CA TYR A 141 -9.62 23.67 -61.66
C TYR A 141 -9.47 22.17 -61.42
N HIS A 142 -9.29 21.40 -62.49
CA HIS A 142 -9.04 19.97 -62.33
C HIS A 142 -7.76 19.69 -61.56
N LYS A 143 -6.71 20.46 -61.84
CA LYS A 143 -5.46 20.31 -61.10
C LYS A 143 -5.65 20.66 -59.63
N ILE A 144 -6.43 21.72 -59.36
CA ILE A 144 -6.69 22.10 -57.97
C ILE A 144 -7.45 20.98 -57.25
N ALA A 145 -8.46 20.42 -57.91
CA ALA A 145 -9.22 19.33 -57.29
C ALA A 145 -8.33 18.10 -57.07
N ALA A 146 -7.45 17.80 -58.02
CA ALA A 146 -6.53 16.68 -57.84
C ALA A 146 -5.60 16.90 -56.66
N TRP A 147 -5.09 18.12 -56.50
CA TRP A 147 -4.27 18.43 -55.35
C TRP A 147 -5.06 18.29 -54.06
N ILE A 148 -6.32 18.73 -54.07
CA ILE A 148 -7.14 18.69 -52.86
C ILE A 148 -7.39 17.24 -52.44
N ASN A 149 -7.76 16.39 -53.39
CA ASN A 149 -8.12 15.02 -53.05
C ASN A 149 -6.92 14.07 -53.05
N SER A 150 -5.72 14.54 -53.40
CA SER A 150 -4.56 13.67 -53.46
C SER A 150 -4.17 13.19 -52.07
N ILE A 151 -4.18 14.09 -51.08
CA ILE A 151 -3.74 13.77 -49.73
C ILE A 151 -4.90 14.05 -48.77
N ASN A 152 -5.23 13.07 -47.94
CA ASN A 152 -6.24 13.27 -46.90
C ASN A 152 -5.67 14.17 -45.81
N ARG A 153 -6.48 15.15 -45.40
CA ARG A 153 -6.04 16.16 -44.44
C ARG A 153 -6.98 16.16 -43.24
N GLU A 154 -6.40 16.33 -42.05
CA GLU A 154 -7.20 16.39 -40.84
C GLU A 154 -8.05 17.65 -40.76
N HIS A 155 -7.65 18.71 -41.47
CA HIS A 155 -8.41 19.95 -41.52
C HIS A 155 -9.07 20.08 -42.88
N GLN A 156 -10.37 20.38 -42.89
CA GLN A 156 -11.11 20.51 -44.13
C GLN A 156 -10.63 21.72 -44.91
N VAL A 157 -10.67 21.59 -46.24
CA VAL A 157 -10.25 22.66 -47.15
C VAL A 157 -11.50 23.34 -47.69
N GLU A 158 -11.62 24.64 -47.43
CA GLU A 158 -12.75 25.43 -47.90
C GLU A 158 -12.31 26.32 -49.06
N ILE A 159 -13.29 26.68 -49.90
CA ILE A 159 -13.05 27.53 -51.06
C ILE A 159 -14.09 28.63 -51.07
N PHE A 160 -13.64 29.87 -51.23
CA PHE A 160 -14.53 31.03 -51.32
C PHE A 160 -14.44 31.61 -52.71
N THR A 161 -15.60 31.88 -53.31
CA THR A 161 -15.67 32.46 -54.65
C THR A 161 -16.73 33.53 -54.69
N THR A 162 -16.45 34.61 -55.42
CA THR A 162 -17.40 35.68 -55.65
C THR A 162 -17.98 35.66 -57.06
N ASN A 163 -17.68 34.62 -57.83
CA ASN A 163 -18.16 34.52 -59.20
C ASN A 163 -19.51 33.82 -59.24
N TYR A 164 -20.13 33.81 -60.41
CA TYR A 164 -21.42 33.16 -60.61
C TYR A 164 -21.34 31.83 -61.32
N ASP A 165 -20.24 31.55 -62.02
CA ASP A 165 -20.11 30.31 -62.77
C ASP A 165 -19.89 29.13 -61.82
N LEU A 166 -20.27 27.94 -62.30
CA LEU A 166 -20.17 26.72 -61.52
C LEU A 166 -18.97 25.86 -61.92
N LEU A 167 -17.88 26.49 -62.35
CA LEU A 167 -16.71 25.73 -62.79
C LEU A 167 -16.11 24.92 -61.66
N MET A 168 -16.01 25.51 -60.46
CA MET A 168 -15.44 24.80 -59.33
C MET A 168 -16.28 23.60 -58.94
N GLU A 169 -17.60 23.74 -58.95
CA GLU A 169 -18.49 22.64 -58.61
C GLU A 169 -18.31 21.48 -59.60
N GLN A 170 -18.28 21.79 -60.89
CA GLN A 170 -18.10 20.77 -61.90
C GLN A 170 -16.75 20.08 -61.75
N ALA A 171 -15.70 20.86 -61.50
CA ALA A 171 -14.37 20.27 -61.33
C ALA A 171 -14.32 19.35 -60.12
N LEU A 172 -14.93 19.77 -59.02
CA LEU A 172 -14.92 18.94 -57.82
C LEU A 172 -15.75 17.67 -58.00
N GLU A 173 -16.90 17.76 -58.65
CA GLU A 173 -17.76 16.59 -58.80
C GLU A 173 -17.20 15.62 -59.85
N GLU A 174 -16.48 16.12 -60.85
CA GLU A 174 -15.88 15.23 -61.83
C GLU A 174 -14.81 14.34 -61.21
N LEU A 175 -13.99 14.89 -60.33
CA LEU A 175 -12.91 14.15 -59.70
C LEU A 175 -13.32 13.48 -58.40
N ASN A 176 -14.63 13.33 -58.15
CA ASN A 176 -15.15 12.65 -56.98
C ASN A 176 -14.66 13.32 -55.69
N VAL A 177 -15.02 14.58 -55.54
CA VAL A 177 -14.66 15.37 -54.37
C VAL A 177 -15.94 15.80 -53.67
N PRO A 178 -16.32 15.16 -52.57
CA PRO A 178 -17.51 15.59 -51.83
C PRO A 178 -17.32 16.97 -51.23
N TYR A 179 -18.42 17.73 -51.18
CA TYR A 179 -18.37 19.08 -50.67
C TYR A 179 -19.76 19.48 -50.16
N PHE A 180 -19.78 20.52 -49.34
CA PHE A 180 -21.01 21.04 -48.75
C PHE A 180 -21.09 22.53 -49.05
N ASP A 181 -22.18 22.96 -49.68
CA ASP A 181 -22.35 24.34 -50.09
C ASP A 181 -23.42 25.07 -49.28
N GLY A 182 -23.95 24.43 -48.24
CA GLY A 182 -24.98 25.06 -47.43
C GLY A 182 -26.38 24.63 -47.76
N PHE A 183 -26.58 24.07 -48.95
CA PHE A 183 -27.89 23.62 -49.37
C PHE A 183 -28.01 22.10 -49.26
N VAL A 184 -29.12 21.64 -48.70
CA VAL A 184 -29.38 20.22 -48.51
C VAL A 184 -30.73 19.90 -49.15
N GLY A 185 -30.75 18.88 -49.99
CA GLY A 185 -31.98 18.47 -50.64
C GLY A 185 -31.68 17.90 -52.00
N SER A 186 -32.74 17.37 -52.62
CA SER A 186 -32.64 16.74 -53.94
C SER A 186 -33.46 17.45 -54.99
N LYS A 187 -34.75 17.64 -54.75
CA LYS A 187 -35.61 18.33 -55.72
C LYS A 187 -35.42 19.84 -55.63
N ARG A 188 -35.69 20.42 -54.46
CA ARG A 188 -35.52 21.85 -54.20
C ARG A 188 -34.76 21.97 -52.87
N ALA A 189 -33.44 21.95 -52.95
CA ALA A 189 -32.62 22.01 -51.74
C ALA A 189 -32.82 23.34 -51.03
N PHE A 190 -33.21 23.27 -49.76
CA PHE A 190 -33.42 24.47 -48.97
C PHE A 190 -32.15 24.86 -48.25
N PHE A 191 -32.14 26.08 -47.72
CA PHE A 191 -30.97 26.62 -47.02
C PHE A 191 -31.10 26.27 -45.54
N ASP A 192 -30.49 25.16 -45.15
CA ASP A 192 -30.47 24.76 -43.75
C ASP A 192 -29.48 25.62 -42.98
N ILE A 193 -29.90 26.09 -41.81
CA ILE A 193 -29.11 27.04 -41.03
C ILE A 193 -28.40 26.35 -39.87
N ARG A 194 -29.08 25.42 -39.20
CA ARG A 194 -28.53 24.82 -37.98
C ARG A 194 -27.21 24.09 -38.26
N THR A 195 -27.18 23.29 -39.33
CA THR A 195 -25.98 22.50 -39.61
C THR A 195 -24.78 23.38 -39.93
N ILE A 196 -25.02 24.60 -40.42
CA ILE A 196 -23.92 25.51 -40.73
C ILE A 196 -23.14 25.85 -39.47
N GLU A 197 -23.85 26.19 -38.40
CA GLU A 197 -23.19 26.52 -37.14
C GLU A 197 -22.90 25.30 -36.28
N GLU A 198 -23.47 24.13 -36.61
CA GLU A 198 -23.09 22.92 -35.89
C GLU A 198 -21.62 22.58 -36.08
N ASN A 199 -21.13 22.70 -37.32
CA ASN A 199 -19.73 22.47 -37.64
C ASN A 199 -19.27 21.09 -37.17
N LYS A 200 -20.08 20.07 -37.49
CA LYS A 200 -19.78 18.69 -37.14
C LYS A 200 -19.84 17.81 -38.38
N LEU A 201 -19.49 18.36 -39.53
CA LEU A 201 -19.42 17.59 -40.76
C LEU A 201 -18.22 16.65 -40.73
N PRO A 202 -18.24 15.57 -41.51
CA PRO A 202 -17.08 14.67 -41.57
C PRO A 202 -15.83 15.41 -42.04
N SER A 203 -14.69 15.02 -41.46
CA SER A 203 -13.44 15.74 -41.72
C SER A 203 -12.97 15.62 -43.16
N ARG A 204 -13.41 14.58 -43.89
CA ARG A 204 -12.99 14.43 -45.27
C ARG A 204 -13.78 15.30 -46.22
N TRP A 205 -14.90 15.87 -45.78
CA TRP A 205 -15.71 16.73 -46.64
C TRP A 205 -15.08 18.10 -46.80
N SER A 206 -15.29 18.71 -47.96
CA SER A 206 -14.85 20.06 -48.22
C SER A 206 -16.04 21.01 -48.16
N LYS A 207 -15.77 22.31 -48.32
CA LYS A 207 -16.80 23.33 -48.25
C LYS A 207 -16.56 24.37 -49.33
N LEU A 208 -17.64 24.76 -50.01
CA LEU A 208 -17.61 25.81 -51.03
C LEU A 208 -18.68 26.83 -50.70
N TRP A 209 -18.27 28.05 -50.38
CA TRP A 209 -19.18 29.11 -49.99
C TRP A 209 -19.31 30.13 -51.12
N LYS A 210 -20.53 30.48 -51.47
CA LYS A 210 -20.82 31.43 -52.54
C LYS A 210 -21.06 32.81 -51.91
N LEU A 211 -20.03 33.64 -51.93
CA LEU A 211 -20.14 34.98 -51.32
C LEU A 211 -21.13 35.85 -52.06
N HIS A 212 -21.12 35.81 -53.40
CA HIS A 212 -21.97 36.66 -54.22
C HIS A 212 -23.15 35.91 -54.81
N GLY A 213 -23.45 34.72 -54.32
CA GLY A 213 -24.57 33.95 -54.84
C GLY A 213 -24.19 33.09 -56.03
N SER A 214 -25.22 32.55 -56.67
CA SER A 214 -25.03 31.66 -57.81
C SER A 214 -26.20 31.84 -58.78
N ILE A 215 -26.00 31.37 -60.01
CA ILE A 215 -27.04 31.50 -61.03
C ILE A 215 -28.17 30.51 -60.84
N ASN A 216 -27.92 29.40 -60.12
CA ASN A 216 -28.94 28.40 -59.91
C ASN A 216 -29.81 28.64 -58.68
N TRP A 217 -29.47 29.63 -57.86
CA TRP A 217 -30.30 29.98 -56.72
C TRP A 217 -31.56 30.68 -57.21
N GLN A 218 -32.69 30.39 -56.56
CA GLN A 218 -33.97 31.00 -56.89
C GLN A 218 -34.71 31.33 -55.60
N LEU A 219 -35.65 32.26 -55.72
CA LEU A 219 -36.44 32.71 -54.58
C LEU A 219 -37.92 32.60 -54.93
N ASP A 220 -38.70 32.09 -53.97
CA ASP A 220 -40.15 32.00 -54.11
C ASP A 220 -40.78 33.05 -53.21
N LYS A 221 -41.60 33.92 -53.81
CA LYS A 221 -42.25 34.99 -53.06
C LYS A 221 -43.49 34.51 -52.32
N GLN A 222 -44.01 33.34 -52.65
CA GLN A 222 -45.15 32.80 -51.92
C GLN A 222 -44.79 32.57 -50.45
N THR A 223 -43.62 32.00 -50.20
CA THR A 223 -43.09 31.86 -48.85
C THR A 223 -41.87 32.75 -48.62
N GLN A 224 -41.43 33.49 -49.64
CA GLN A 224 -40.24 34.34 -49.54
C GLN A 224 -39.04 33.52 -49.08
N THR A 225 -38.84 32.36 -49.69
CA THR A 225 -37.77 31.44 -49.30
C THR A 225 -36.86 31.18 -50.49
N ILE A 226 -35.58 31.00 -50.19
CA ILE A 226 -34.57 30.75 -51.21
C ILE A 226 -34.30 29.25 -51.29
N TRP A 227 -33.88 28.81 -52.47
CA TRP A 227 -33.55 27.40 -52.66
C TRP A 227 -32.63 27.26 -53.87
N ARG A 228 -31.77 26.26 -53.82
CA ARG A 228 -30.82 25.99 -54.89
C ARG A 228 -31.43 24.99 -55.85
N GLY A 229 -31.51 25.37 -57.13
CA GLY A 229 -32.06 24.50 -58.14
C GLY A 229 -31.24 24.46 -59.41
N THR A 230 -31.89 24.71 -60.54
CA THR A 230 -31.24 24.73 -61.84
C THR A 230 -31.51 26.04 -62.55
N PRO A 231 -30.63 26.47 -63.46
CA PRO A 231 -30.83 27.75 -64.14
C PRO A 231 -32.15 27.82 -64.90
N SER A 232 -33.04 28.68 -64.44
CA SER A 232 -34.33 28.93 -65.07
C SER A 232 -34.34 30.33 -65.69
N LYS A 233 -35.49 30.71 -66.24
CA LYS A 233 -35.62 31.99 -66.92
C LYS A 233 -35.67 33.10 -65.89
N GLY A 234 -34.50 33.53 -65.41
CA GLY A 234 -34.42 34.59 -64.43
C GLY A 234 -34.21 34.10 -63.01
N CYS A 235 -33.00 34.30 -62.48
CA CYS A 235 -32.68 33.92 -61.12
C CYS A 235 -32.80 35.14 -60.21
N SER A 236 -33.37 34.96 -59.03
CA SER A 236 -33.61 36.04 -58.10
C SER A 236 -32.45 36.30 -57.15
N LEU A 237 -31.38 35.51 -57.23
CA LEU A 237 -30.23 35.69 -56.34
C LEU A 237 -28.98 36.04 -57.13
N ILE A 238 -29.14 36.86 -58.17
CA ILE A 238 -28.00 37.33 -58.95
C ILE A 238 -27.35 38.56 -58.32
N HIS A 239 -27.84 39.01 -57.17
CA HIS A 239 -27.38 40.25 -56.58
C HIS A 239 -25.92 40.14 -56.14
N PRO A 240 -25.07 41.11 -56.47
CA PRO A 240 -23.71 41.15 -55.90
C PRO A 240 -23.70 41.69 -54.48
N SER A 241 -24.26 40.90 -53.56
CA SER A 241 -24.36 41.26 -52.14
C SER A 241 -25.16 42.54 -51.93
N HIS A 242 -26.34 42.60 -52.54
CA HIS A 242 -27.24 43.74 -52.37
C HIS A 242 -28.68 43.20 -52.45
N LEU A 243 -29.26 42.94 -51.29
CA LEU A 243 -30.60 42.35 -51.22
C LEU A 243 -31.28 42.86 -49.95
N LYS A 244 -32.34 42.19 -49.54
CA LYS A 244 -33.07 42.57 -48.33
C LYS A 244 -32.32 42.09 -47.09
N TYR A 245 -32.97 42.23 -45.93
CA TYR A 245 -32.37 41.82 -44.67
C TYR A 245 -32.37 40.30 -44.56
N ASP A 246 -31.85 39.81 -43.44
CA ASP A 246 -31.77 38.38 -43.19
C ASP A 246 -33.15 37.78 -42.92
N LYS A 250 -34.27 36.03 -45.71
CA LYS A 250 -34.19 35.58 -47.09
C LYS A 250 -32.89 36.01 -47.75
N MET A 251 -31.84 36.11 -46.94
CA MET A 251 -30.53 36.52 -47.43
C MET A 251 -29.43 35.75 -46.71
N PRO A 252 -28.73 34.86 -47.40
CA PRO A 252 -27.66 34.08 -46.76
C PRO A 252 -26.29 34.74 -46.77
N TYR A 253 -26.18 35.97 -47.27
CA TYR A 253 -24.88 36.64 -47.33
C TYR A 253 -24.30 36.84 -45.94
N LEU A 254 -25.14 37.22 -44.98
CA LEU A 254 -24.67 37.41 -43.61
C LEU A 254 -24.11 36.12 -43.03
N VAL A 255 -24.77 34.98 -43.32
CA VAL A 255 -24.28 33.70 -42.84
C VAL A 255 -22.91 33.38 -43.44
N MET A 256 -22.74 33.64 -44.73
CA MET A 256 -21.46 33.38 -45.38
C MET A 256 -20.37 34.27 -44.78
N MET A 257 -20.66 35.54 -44.55
CA MET A 257 -19.67 36.43 -43.94
C MET A 257 -19.33 35.99 -42.53
N ASP A 258 -20.34 35.54 -41.76
CA ASP A 258 -20.08 35.05 -40.42
C ASP A 258 -19.19 33.81 -40.44
N GLN A 259 -19.45 32.90 -41.38
CA GLN A 259 -18.61 31.71 -41.50
C GLN A 259 -17.18 32.07 -41.88
N LEU A 260 -17.02 33.04 -42.79
CA LEU A 260 -15.69 33.50 -43.17
C LEU A 260 -14.96 34.09 -41.96
N LYS A 261 -15.66 34.92 -41.19
CA LYS A 261 -15.05 35.51 -40.01
C LYS A 261 -14.66 34.44 -38.98
N LEU A 262 -15.53 33.45 -38.80
CA LEU A 262 -15.23 32.36 -37.88
C LEU A 262 -14.01 31.57 -38.34
N PHE A 263 -13.88 31.34 -39.65
CA PHE A 263 -12.68 30.69 -40.16
C PHE A 263 -11.44 31.54 -39.91
N LEU A 264 -11.56 32.86 -40.08
CA LEU A 264 -10.42 33.73 -39.83
C LEU A 264 -9.99 33.72 -38.37
N ASN A 265 -10.86 33.28 -37.47
CA ASN A 265 -10.51 33.21 -36.05
C ASN A 265 -9.84 31.90 -35.66
N GLN A 266 -9.79 30.93 -36.57
CA GLN A 266 -9.13 29.67 -36.25
C GLN A 266 -7.62 29.87 -36.13
N PRO A 267 -7.00 29.24 -35.14
CA PRO A 267 -5.54 29.36 -34.98
C PRO A 267 -4.80 28.83 -36.19
N SER A 268 -3.69 29.50 -36.53
CA SER A 268 -2.83 29.10 -37.65
C SER A 268 -3.60 29.02 -38.95
N ALA A 269 -4.56 29.90 -39.16
CA ALA A 269 -5.34 29.90 -40.38
C ALA A 269 -4.49 30.32 -41.57
N ILE A 270 -4.75 29.70 -42.72
CA ILE A 270 -4.08 30.04 -43.97
C ILE A 270 -5.13 30.36 -45.01
N LEU A 271 -4.90 31.43 -45.75
CA LEU A 271 -5.83 31.88 -46.78
C LEU A 271 -5.05 32.46 -47.94
N ILE A 272 -5.50 32.15 -49.15
CA ILE A 272 -4.85 32.58 -50.38
C ILE A 272 -5.89 33.24 -51.27
N THR A 273 -5.54 34.42 -51.78
CA THR A 273 -6.41 35.17 -52.69
C THR A 273 -5.87 35.05 -54.11
N CYS A 274 -6.72 34.63 -55.03
CA CYS A 274 -6.35 34.45 -56.43
C CYS A 274 -7.25 35.31 -57.30
N GLY A 275 -6.66 36.26 -58.01
CA GLY A 275 -7.39 37.12 -58.92
C GLY A 275 -8.15 38.26 -58.26
N TYR A 276 -8.07 38.40 -56.94
CA TYR A 276 -8.79 39.44 -56.23
C TYR A 276 -8.02 40.74 -56.29
N SER A 277 -8.72 41.82 -56.66
CA SER A 277 -8.13 43.15 -56.74
C SER A 277 -8.38 43.97 -55.49
N TYR A 278 -9.03 43.39 -54.47
CA TYR A 278 -9.29 44.06 -53.20
C TYR A 278 -10.07 45.36 -53.40
N LYS A 279 -11.02 45.37 -54.33
CA LYS A 279 -11.80 46.55 -54.64
C LYS A 279 -13.15 46.58 -53.97
N ASP A 280 -13.44 45.61 -53.09
CA ASP A 280 -14.70 45.58 -52.35
C ASP A 280 -14.45 46.04 -50.92
N GLN A 281 -15.21 47.06 -50.49
CA GLN A 281 -15.00 47.62 -49.15
C GLN A 281 -15.38 46.62 -48.07
N HIS A 282 -16.47 45.88 -48.26
CA HIS A 282 -16.95 44.97 -47.23
C HIS A 282 -15.99 43.80 -47.03
N ILE A 283 -15.56 43.19 -48.13
CA ILE A 283 -14.62 42.06 -48.03
C ILE A 283 -13.31 42.53 -47.41
N ASN A 284 -12.81 43.69 -47.86
CA ASN A 284 -11.55 44.19 -47.32
C ASN A 284 -11.66 44.48 -45.83
N GLU A 285 -12.75 45.11 -45.39
CA GLU A 285 -12.89 45.42 -43.97
C GLU A 285 -13.07 44.15 -43.14
N VAL A 286 -13.78 43.15 -43.66
CA VAL A 286 -13.93 41.89 -42.93
C VAL A 286 -12.57 41.20 -42.80
N LEU A 287 -11.79 41.17 -43.89
CA LEU A 287 -10.47 40.55 -43.83
C LEU A 287 -9.57 41.28 -42.86
N SER A 288 -9.60 42.62 -42.87
CA SER A 288 -8.77 43.40 -41.95
C SER A 288 -9.16 43.14 -40.50
N GLN A 289 -10.47 43.10 -40.23
CA GLN A 289 -10.93 42.86 -38.86
C GLN A 289 -10.53 41.46 -38.40
N GLY A 290 -10.68 40.46 -39.28
CA GLY A 290 -10.28 39.11 -38.91
C GLY A 290 -8.79 38.98 -38.69
N LEU A 291 -7.99 39.65 -39.52
CA LEU A 291 -6.54 39.61 -39.34
C LEU A 291 -6.11 40.31 -38.06
N GLN A 292 -6.75 41.44 -37.72
CA GLN A 292 -6.42 42.15 -36.49
C GLN A 292 -6.84 41.35 -35.27
N THR A 293 -8.01 40.72 -35.32
CA THR A 293 -8.50 39.95 -34.18
C THR A 293 -7.59 38.76 -33.88
N ASN A 294 -7.16 38.05 -34.92
CA ASN A 294 -6.28 36.89 -34.76
C ASN A 294 -4.96 37.17 -35.44
N PRO A 295 -3.91 37.54 -34.69
CA PRO A 295 -2.61 37.79 -35.34
C PRO A 295 -2.00 36.56 -35.99
N ASN A 296 -2.40 35.35 -35.56
CA ASN A 296 -1.84 34.14 -36.13
C ASN A 296 -2.31 33.89 -37.56
N ALA A 297 -3.40 34.54 -37.98
CA ALA A 297 -3.88 34.39 -39.34
C ALA A 297 -2.89 34.94 -40.34
N LEU A 298 -2.79 34.27 -41.49
CA LEU A 298 -1.88 34.66 -42.56
C LEU A 298 -2.63 34.75 -43.87
N ILE A 299 -2.23 35.71 -44.70
CA ILE A 299 -2.85 35.94 -46.00
C ILE A 299 -1.73 36.01 -47.04
N TYR A 300 -1.63 34.99 -47.88
CA TYR A 300 -0.63 34.93 -48.94
C TYR A 300 -1.22 35.44 -50.26
N GLY A 301 -1.61 36.70 -50.25
CA GLY A 301 -2.21 37.32 -51.41
C GLY A 301 -1.31 37.32 -52.64
N LEU A 302 -1.86 36.92 -53.78
CA LEU A 302 -1.13 36.89 -55.04
C LEU A 302 -1.90 37.69 -56.08
N GLN A 303 -1.20 38.58 -56.77
CA GLN A 303 -1.79 39.44 -57.78
C GLN A 303 -1.11 39.19 -59.12
N TYR A 304 -1.91 38.94 -60.16
CA TYR A 304 -1.36 38.71 -61.49
C TYR A 304 -0.84 40.01 -62.11
N ASP A 305 -1.43 41.14 -61.74
CA ASP A 305 -1.00 42.44 -62.27
C ASP A 305 0.15 43.00 -61.42
N VAL A 306 0.68 44.14 -61.87
CA VAL A 306 1.77 44.78 -61.15
C VAL A 306 1.25 45.38 -59.86
N LEU A 307 2.16 45.58 -58.89
CA LEU A 307 1.77 46.11 -57.60
C LEU A 307 1.25 47.55 -57.68
N GLU A 308 1.76 48.33 -58.64
CA GLU A 308 1.41 49.75 -58.71
C GLU A 308 -0.07 50.00 -58.97
N ASN A 309 -0.77 49.02 -59.56
CA ASN A 309 -2.18 49.20 -59.89
C ASN A 309 -3.11 48.97 -58.71
N TYR A 310 -2.59 48.50 -57.58
CA TYR A 310 -3.41 48.18 -56.41
C TYR A 310 -2.89 48.99 -55.22
N GLN A 311 -3.43 50.19 -55.04
CA GLN A 311 -3.09 51.01 -53.88
C GLN A 311 -3.76 50.48 -52.62
N GLU A 312 -4.99 49.97 -52.74
CA GLU A 312 -5.67 49.40 -51.60
C GLU A 312 -4.92 48.19 -51.05
N ALA A 313 -4.36 47.37 -51.94
CA ALA A 313 -3.55 46.24 -51.50
C ALA A 313 -2.32 46.72 -50.73
N LYS A 314 -1.68 47.79 -51.21
CA LYS A 314 -0.54 48.34 -50.48
C LYS A 314 -0.94 48.85 -49.11
N ASP A 315 -2.08 49.54 -49.02
CA ASP A 315 -2.54 50.04 -47.73
C ASP A 315 -2.85 48.90 -46.77
N MET A 316 -3.51 47.86 -47.26
CA MET A 316 -3.82 46.72 -46.42
C MET A 316 -2.55 46.01 -45.95
N ALA A 317 -1.58 45.87 -46.84
CA ALA A 317 -0.33 45.20 -46.47
C ALA A 317 0.45 46.02 -45.45
N LEU A 318 0.47 47.34 -45.61
CA LEU A 318 1.17 48.20 -44.65
C LEU A 318 0.43 48.35 -43.33
N LYS A 319 -0.88 48.11 -43.31
CA LYS A 319 -1.65 48.26 -42.09
C LYS A 319 -1.46 47.10 -41.12
N ARG A 320 -1.24 45.89 -41.62
CA ARG A 320 -1.09 44.71 -40.78
C ARG A 320 0.23 44.03 -41.07
N SER A 321 0.89 43.57 -40.01
CA SER A 321 2.20 42.96 -40.12
C SER A 321 2.16 41.46 -40.41
N ASN A 322 0.97 40.85 -40.41
CA ASN A 322 0.81 39.44 -40.66
C ASN A 322 0.10 39.17 -41.98
N LEU A 323 0.39 40.00 -43.00
CA LEU A 323 -0.19 39.85 -44.33
C LEU A 323 0.96 39.87 -45.33
N ILE A 324 1.31 38.69 -45.85
CA ILE A 324 2.42 38.58 -46.80
C ILE A 324 1.84 38.75 -48.20
N LEU A 325 1.86 39.99 -48.68
CA LEU A 325 1.33 40.28 -50.01
C LEU A 325 2.42 40.13 -51.06
N LEU A 326 2.08 39.47 -52.16
CA LEU A 326 2.99 39.28 -53.28
C LEU A 326 2.35 39.79 -54.56
N ALA A 327 3.18 40.32 -55.46
CA ALA A 327 2.71 40.86 -56.72
C ALA A 327 3.64 40.38 -57.84
N LYS A 328 3.45 40.95 -59.04
CA LYS A 328 4.27 40.56 -60.18
C LYS A 328 5.68 41.13 -60.10
N ASP A 329 5.81 42.35 -59.56
CA ASP A 329 7.11 43.04 -59.50
C ASP A 329 7.69 43.06 -58.10
N ARG A 330 6.93 43.59 -57.14
CA ARG A 330 7.41 43.76 -55.77
C ARG A 330 6.54 42.96 -54.81
N ALA A 331 6.86 43.05 -53.52
CA ALA A 331 6.11 42.35 -52.49
C ALA A 331 6.21 43.13 -51.19
N ILE A 332 5.29 42.83 -50.27
CA ILE A 332 5.28 43.43 -48.94
C ILE A 332 5.16 42.28 -47.94
N ILE A 333 6.23 42.03 -47.20
CA ILE A 333 6.28 40.94 -46.23
C ILE A 333 6.45 41.58 -44.85
N GLY A 334 5.33 41.80 -44.16
CA GLY A 334 5.36 42.35 -42.82
C GLY A 334 5.61 43.84 -42.77
N LYS A 335 4.73 44.61 -43.40
CA LYS A 335 4.70 46.07 -43.40
C LYS A 335 5.91 46.71 -44.06
N LYS A 336 6.80 45.93 -44.69
CA LYS A 336 7.94 46.46 -45.41
C LYS A 336 7.86 46.04 -46.87
N GLU A 337 8.17 46.97 -47.77
CA GLU A 337 8.10 46.72 -49.20
C GLU A 337 9.48 46.38 -49.73
N GLY A 338 9.56 45.28 -50.48
CA GLY A 338 10.80 44.88 -51.13
C GLY A 338 10.58 44.62 -52.60
N GLU A 339 11.66 44.76 -53.36
CA GLU A 339 11.65 44.57 -54.80
C GLU A 339 12.29 43.23 -55.14
N TRP A 340 12.29 42.90 -56.43
CA TRP A 340 12.87 41.65 -56.89
C TRP A 340 14.39 41.70 -56.78
N LYS A 341 14.97 40.66 -56.20
CA LYS A 341 16.42 40.58 -56.09
C LYS A 341 17.04 40.36 -57.46
N PRO A 342 18.32 40.70 -57.62
CA PRO A 342 18.97 40.52 -58.92
C PRO A 342 19.17 39.05 -59.25
N ASP A 343 18.38 38.54 -60.19
CA ASP A 343 18.45 37.14 -60.60
C ASP A 343 18.17 37.06 -62.09
N PRO A 344 18.69 36.04 -62.79
CA PRO A 344 18.44 35.90 -64.23
C PRO A 344 17.03 35.41 -64.53
N GLN A 345 16.04 36.26 -64.21
CA GLN A 345 14.65 35.91 -64.48
C GLN A 345 14.39 35.79 -65.98
N SER A 346 14.94 36.70 -66.77
CA SER A 346 14.80 36.70 -68.21
C SER A 346 16.16 36.40 -68.85
N SER A 347 16.21 35.36 -69.68
CA SER A 347 17.47 35.00 -70.31
C SER A 347 17.90 36.05 -71.33
N GLN A 348 16.95 36.63 -72.05
CA GLN A 348 17.27 37.62 -73.07
C GLN A 348 17.83 38.89 -72.43
N ASP A 349 18.89 39.43 -73.02
CA ASP A 349 19.49 40.66 -72.52
C ASP A 349 18.54 41.84 -72.68
N ASN A 350 17.84 41.91 -73.81
CA ASN A 350 16.93 43.01 -74.06
C ASN A 350 15.73 42.95 -73.11
N ASP A 351 15.38 44.09 -72.52
CA ASP A 351 14.28 44.23 -71.57
C ASP A 351 14.41 43.21 -70.44
N PRO A 352 15.39 43.36 -69.54
CA PRO A 352 15.55 42.41 -68.42
C PRO A 352 14.57 42.70 -67.29
N LEU A 353 13.28 42.58 -67.59
CA LEU A 353 12.24 42.84 -66.59
C LEU A 353 12.16 41.67 -65.61
N LEU A 354 12.19 41.99 -64.32
CA LEU A 354 12.07 40.99 -63.27
C LEU A 354 10.61 40.90 -62.87
N PHE A 355 9.88 40.01 -63.54
CA PHE A 355 8.45 39.82 -63.30
C PHE A 355 8.21 38.42 -62.75
N PHE A 356 7.41 38.34 -61.69
CA PHE A 356 7.07 37.06 -61.07
C PHE A 356 5.95 36.43 -61.87
N LYS A 357 6.33 35.72 -62.94
CA LYS A 357 5.35 35.07 -63.80
C LYS A 357 4.67 33.88 -63.14
N LEU A 358 5.17 33.43 -61.99
CA LEU A 358 4.57 32.30 -61.29
C LEU A 358 3.25 32.65 -60.62
N GLY A 359 2.89 33.94 -60.57
CA GLY A 359 1.63 34.35 -59.97
C GLY A 359 0.40 34.12 -60.84
N ASP A 360 0.60 33.68 -62.09
CA ASP A 360 -0.53 33.41 -62.96
C ASP A 360 -1.28 32.16 -62.48
N PHE A 361 -2.56 32.09 -62.85
CA PHE A 361 -3.39 30.96 -62.43
C PHE A 361 -2.86 29.65 -63.01
N GLN A 362 -2.44 29.66 -64.29
CA GLN A 362 -1.86 28.47 -64.88
C GLN A 362 -0.58 28.05 -64.17
N HIS A 363 0.29 29.03 -63.88
CA HIS A 363 1.52 28.73 -63.17
C HIS A 363 1.24 28.26 -61.75
N LEU A 364 0.23 28.85 -61.10
CA LEU A 364 -0.15 28.39 -59.76
C LEU A 364 -0.66 26.96 -59.79
N ALA A 365 -1.47 26.62 -60.79
CA ALA A 365 -1.96 25.25 -60.92
C ALA A 365 -0.81 24.28 -61.18
N SER A 366 0.14 24.68 -62.02
CA SER A 366 1.30 23.83 -62.27
C SER A 366 2.12 23.62 -61.00
N PHE A 367 2.30 24.69 -60.22
CA PHE A 367 3.04 24.56 -58.96
C PHE A 367 2.31 23.64 -57.98
N LEU A 368 0.99 23.77 -57.90
CA LEU A 368 0.23 22.90 -57.00
C LEU A 368 0.29 21.44 -57.46
N GLU A 369 0.24 21.21 -58.77
CA GLU A 369 0.39 19.86 -59.29
C GLU A 369 1.76 19.28 -58.96
N GLU A 370 2.82 20.09 -59.11
CA GLU A 370 4.15 19.62 -58.77
C GLU A 370 4.26 19.31 -57.28
N ILE A 371 3.65 20.14 -56.44
CA ILE A 371 3.67 19.87 -55.00
C ILE A 371 2.94 18.57 -54.68
N SER A 372 1.80 18.35 -55.33
CA SER A 372 1.02 17.13 -55.07
C SER A 372 1.81 15.88 -55.43
N GLN A 373 2.51 15.90 -56.56
CA GLN A 373 3.31 14.75 -56.97
C GLN A 373 4.68 14.77 -56.30
N ASP B 11 17.67 -3.49 -65.58
CA ASP B 11 16.36 -3.40 -64.96
C ASP B 11 15.97 -4.73 -64.32
N THR B 12 16.49 -5.82 -64.87
CA THR B 12 16.16 -7.14 -64.36
C THR B 12 16.67 -7.32 -62.93
N THR B 13 17.90 -6.86 -62.66
CA THR B 13 18.50 -7.08 -61.34
C THR B 13 17.72 -6.36 -60.25
N GLN B 14 17.34 -5.10 -60.49
CA GLN B 14 16.62 -4.33 -59.48
C GLN B 14 15.24 -4.92 -59.22
N GLN B 15 14.53 -5.29 -60.28
CA GLN B 15 13.21 -5.89 -60.12
C GLN B 15 13.31 -7.21 -59.37
N LEU B 16 14.29 -8.05 -59.71
CA LEU B 16 14.47 -9.32 -59.01
C LEU B 16 14.79 -9.10 -57.54
N SER B 17 15.66 -8.13 -57.24
CA SER B 17 16.02 -7.85 -55.86
C SER B 17 14.82 -7.38 -55.05
N LEU B 18 14.03 -6.45 -55.62
CA LEU B 18 12.86 -5.95 -54.89
C LEU B 18 11.81 -7.03 -54.71
N LEU B 19 11.61 -7.87 -55.73
CA LEU B 19 10.66 -8.97 -55.59
C LEU B 19 11.12 -9.95 -54.52
N LYS B 20 12.42 -10.27 -54.49
CA LYS B 20 12.93 -11.16 -53.45
C LYS B 20 12.74 -10.56 -52.07
N HIS B 21 13.00 -9.25 -51.93
CA HIS B 21 12.84 -8.61 -50.63
C HIS B 21 11.39 -8.60 -50.18
N VAL B 22 10.46 -8.31 -51.08
CA VAL B 22 9.06 -8.23 -50.67
C VAL B 22 8.49 -9.63 -50.41
N LEU B 23 8.95 -10.64 -51.15
CA LEU B 23 8.46 -11.99 -50.93
C LEU B 23 9.07 -12.63 -49.68
N SER B 24 10.31 -12.28 -49.35
CA SER B 24 10.95 -12.87 -48.17
C SER B 24 10.27 -12.44 -46.88
N GLU B 25 9.79 -11.20 -46.81
CA GLU B 25 9.12 -10.72 -45.61
C GLU B 25 7.79 -11.44 -45.41
N ASP B 26 7.53 -11.82 -44.16
CA ASP B 26 6.30 -12.51 -43.79
C ASP B 26 5.30 -11.61 -43.09
N LYS B 27 5.52 -10.29 -43.12
CA LYS B 27 4.67 -9.33 -42.45
C LYS B 27 3.58 -8.77 -43.35
N ARG B 28 3.46 -9.26 -44.58
CA ARG B 28 2.44 -8.77 -45.49
C ARG B 28 1.68 -9.95 -46.10
N PRO B 29 0.37 -9.81 -46.31
CA PRO B 29 -0.38 -10.89 -46.96
C PRO B 29 0.05 -11.08 -48.40
N ILE B 30 -0.06 -12.32 -48.87
CA ILE B 30 0.31 -12.69 -50.23
C ILE B 30 -0.88 -13.38 -50.89
N ALA B 31 -1.10 -13.05 -52.16
CA ALA B 31 -2.16 -13.68 -52.94
C ALA B 31 -1.71 -13.80 -54.38
N PHE B 32 -2.39 -14.68 -55.12
CA PHE B 32 -2.09 -14.93 -56.52
C PHE B 32 -3.37 -15.04 -57.32
N ILE B 33 -3.26 -14.71 -58.60
CA ILE B 33 -4.35 -14.87 -59.57
C ILE B 33 -3.89 -15.85 -60.63
N ILE B 34 -4.69 -16.89 -60.86
CA ILE B 34 -4.34 -17.99 -61.75
C ILE B 34 -5.28 -17.96 -62.94
N ALA B 35 -4.70 -17.91 -64.14
CA ALA B 35 -5.44 -17.95 -65.39
C ALA B 35 -4.96 -19.16 -66.21
N ALA B 36 -5.43 -19.24 -67.45
CA ALA B 36 -5.08 -20.37 -68.31
C ALA B 36 -3.60 -20.40 -68.66
N GLY B 37 -2.87 -19.31 -68.41
CA GLY B 37 -1.44 -19.31 -68.67
C GLY B 37 -0.69 -20.34 -67.86
N CYS B 38 -1.09 -20.52 -66.60
CA CYS B 38 -0.43 -21.52 -65.76
C CYS B 38 -0.62 -22.94 -66.28
N PRO B 39 -1.83 -23.42 -66.58
CA PRO B 39 -1.93 -24.76 -67.17
C PRO B 39 -1.33 -24.87 -68.56
N VAL B 40 -1.39 -23.80 -69.37
CA VAL B 40 -0.82 -23.90 -70.71
C VAL B 40 0.70 -23.97 -70.69
N SER B 41 1.34 -23.57 -69.58
CA SER B 41 2.80 -23.61 -69.50
C SER B 41 3.34 -25.03 -69.31
N ILE B 42 2.49 -25.98 -68.93
CA ILE B 42 2.92 -27.35 -68.73
C ILE B 42 3.02 -28.04 -70.09
N ARG B 43 4.19 -28.60 -70.38
CA ARG B 43 4.42 -29.28 -71.66
C ARG B 43 4.18 -30.76 -71.51
N HIS B 44 3.36 -31.32 -72.40
CA HIS B 44 3.05 -32.76 -72.37
C HIS B 44 2.94 -33.25 -73.81
N ASN B 45 3.84 -34.17 -74.18
CA ASN B 45 3.90 -34.70 -75.55
C ASN B 45 4.08 -33.58 -76.57
N ASP B 46 4.86 -32.56 -76.21
CA ASP B 46 5.11 -31.39 -77.06
C ASP B 46 3.80 -30.71 -77.46
N ALA B 47 2.81 -30.77 -76.58
CA ALA B 47 1.51 -30.15 -76.77
C ALA B 47 1.05 -29.52 -75.47
N PRO B 48 0.29 -28.43 -75.52
CA PRO B 48 -0.19 -27.82 -74.29
C PRO B 48 -1.12 -28.74 -73.52
N LEU B 49 -1.00 -28.72 -72.19
CA LEU B 49 -1.89 -29.50 -71.35
C LEU B 49 -3.34 -29.02 -71.50
N ILE B 50 -3.54 -27.72 -71.52
CA ILE B 50 -4.86 -27.12 -71.76
C ILE B 50 -4.72 -26.09 -72.86
N PRO B 51 -5.52 -26.18 -73.93
CA PRO B 51 -5.34 -25.25 -75.05
C PRO B 51 -5.93 -23.87 -74.81
N ASP B 52 -6.30 -23.60 -73.55
CA ASP B 52 -6.83 -22.31 -73.13
C ASP B 52 -8.15 -21.98 -73.82
N VAL B 53 -8.61 -20.73 -73.65
CA VAL B 53 -9.92 -20.34 -74.18
C VAL B 53 -9.93 -20.42 -75.70
N ALA B 54 -8.88 -19.93 -76.35
CA ALA B 54 -8.83 -19.96 -77.81
C ALA B 54 -8.84 -21.40 -78.34
N GLY B 55 -8.06 -22.27 -77.71
CA GLY B 55 -8.04 -23.67 -78.12
C GLY B 55 -9.38 -24.35 -77.90
N LEU B 56 -10.03 -24.06 -76.77
CA LEU B 56 -11.35 -24.61 -76.52
C LEU B 56 -12.38 -24.11 -77.52
N THR B 57 -12.33 -22.84 -77.91
CA THR B 57 -13.22 -22.33 -78.94
C THR B 57 -12.98 -22.99 -80.29
N ARG B 58 -11.70 -23.16 -80.67
CA ARG B 58 -11.39 -23.83 -81.92
C ARG B 58 -11.86 -25.27 -81.92
N LYS B 59 -11.65 -25.99 -80.82
CA LYS B 59 -12.10 -27.39 -80.74
C LYS B 59 -13.61 -27.47 -80.70
N ILE B 60 -14.28 -26.53 -80.03
CA ILE B 60 -15.75 -26.51 -80.04
C ILE B 60 -16.27 -26.29 -81.45
N SER B 61 -15.67 -25.34 -82.17
CA SER B 61 -16.10 -25.07 -83.55
C SER B 61 -15.85 -26.28 -84.44
N ASP B 62 -14.70 -26.94 -84.29
CA ASP B 62 -14.39 -28.09 -85.14
C ASP B 62 -15.20 -29.31 -84.77
N SER B 63 -15.73 -29.37 -83.54
CA SER B 63 -16.52 -30.53 -83.13
C SER B 63 -17.78 -30.68 -83.97
N PHE B 64 -18.47 -29.57 -84.23
CA PHE B 64 -19.70 -29.60 -85.03
C PHE B 64 -19.44 -29.40 -86.52
N GLY B 65 -18.19 -29.21 -86.92
CA GLY B 65 -17.87 -29.08 -88.33
C GLY B 65 -18.14 -27.68 -88.87
N GLY B 66 -17.87 -27.52 -90.15
CA GLY B 66 -18.07 -26.27 -90.86
C GLY B 66 -19.41 -26.11 -91.52
N ASN B 67 -20.35 -27.01 -91.27
CA ASN B 67 -21.66 -26.91 -91.92
C ASN B 67 -22.42 -25.71 -91.39
N PRO B 68 -22.87 -24.79 -92.26
CA PRO B 68 -23.61 -23.62 -91.78
C PRO B 68 -24.99 -23.96 -91.23
N ASP B 69 -25.53 -25.14 -91.52
CA ASP B 69 -26.86 -25.50 -91.05
C ASP B 69 -26.93 -25.64 -89.53
N SER B 70 -25.80 -25.91 -88.88
CA SER B 70 -25.78 -26.03 -87.44
C SER B 70 -26.03 -24.69 -86.79
N LEU B 71 -26.80 -24.71 -85.68
CA LEU B 71 -27.11 -23.47 -84.97
C LEU B 71 -25.89 -22.86 -84.31
N LEU B 72 -24.91 -23.70 -83.95
CA LEU B 72 -23.71 -23.19 -83.28
C LEU B 72 -22.94 -22.22 -84.19
N MET B 73 -22.79 -22.58 -85.47
CA MET B 73 -22.11 -21.69 -86.41
C MET B 73 -22.91 -20.41 -86.63
N LYS B 74 -24.24 -20.52 -86.65
CA LYS B 74 -25.07 -19.32 -86.80
C LYS B 74 -24.88 -18.39 -85.61
N ILE B 75 -24.83 -18.93 -84.40
CA ILE B 75 -24.59 -18.11 -83.22
C ILE B 75 -23.19 -17.50 -83.27
N ILE B 76 -22.20 -18.27 -83.73
CA ILE B 76 -20.84 -17.77 -83.81
C ILE B 76 -20.76 -16.59 -84.77
N GLN B 77 -21.38 -16.71 -85.95
CA GLN B 77 -21.34 -15.61 -86.90
C GLN B 77 -22.17 -14.42 -86.43
N ASN B 78 -23.27 -14.67 -85.72
CA ASN B 78 -24.05 -13.57 -85.14
C ASN B 78 -23.22 -12.80 -84.13
N LEU B 79 -22.45 -13.50 -83.30
CA LEU B 79 -21.55 -12.83 -82.38
C LEU B 79 -20.43 -12.12 -83.13
N LYS B 80 -19.94 -12.71 -84.22
CA LYS B 80 -18.92 -12.07 -85.03
C LYS B 80 -19.40 -10.72 -85.56
N THR B 81 -20.68 -10.62 -85.90
CA THR B 81 -21.23 -9.35 -86.38
C THR B 81 -21.13 -8.28 -85.31
N THR B 82 -21.30 -8.65 -84.04
CA THR B 82 -21.22 -7.70 -82.94
C THR B 82 -19.85 -7.71 -82.26
N ILE B 83 -19.42 -8.86 -81.76
CA ILE B 83 -18.15 -9.00 -81.07
C ILE B 83 -17.09 -9.38 -82.10
N PRO B 84 -16.02 -8.60 -82.27
CA PRO B 84 -15.00 -8.96 -83.26
C PRO B 84 -14.36 -10.31 -83.01
N ASN B 85 -14.17 -10.69 -81.74
CA ASN B 85 -13.55 -11.96 -81.37
C ASN B 85 -14.43 -12.64 -80.33
N PRO B 86 -15.30 -13.55 -80.75
CA PRO B 86 -16.19 -14.22 -79.79
C PRO B 86 -15.41 -15.10 -78.82
N THR B 87 -15.95 -15.22 -77.61
CA THR B 87 -15.34 -16.01 -76.55
C THR B 87 -16.32 -17.09 -76.12
N ILE B 88 -15.78 -18.26 -75.73
CA ILE B 88 -16.63 -19.34 -75.28
C ILE B 88 -17.41 -18.93 -74.04
N GLU B 89 -16.83 -18.09 -73.18
CA GLU B 89 -17.57 -17.53 -72.05
C GLU B 89 -18.75 -16.71 -72.56
N ASP B 90 -18.51 -15.88 -73.57
CA ASP B 90 -19.58 -15.09 -74.15
C ASP B 90 -20.63 -15.97 -74.82
N ILE B 91 -20.18 -17.06 -75.47
CA ILE B 91 -21.12 -17.99 -76.10
C ILE B 91 -22.02 -18.62 -75.05
N LEU B 92 -21.43 -19.06 -73.94
CA LEU B 92 -22.23 -19.65 -72.86
C LEU B 92 -23.19 -18.63 -72.26
N SER B 93 -22.73 -17.40 -72.08
CA SER B 93 -23.61 -16.36 -71.55
C SER B 93 -24.78 -16.10 -72.48
N TYR B 94 -24.52 -16.03 -73.79
CA TYR B 94 -25.58 -15.81 -74.77
C TYR B 94 -26.56 -16.98 -74.79
N ILE B 95 -26.05 -18.21 -74.70
CA ILE B 95 -26.92 -19.38 -74.69
C ILE B 95 -27.81 -19.39 -73.46
N ARG B 96 -27.23 -19.08 -72.29
CA ARG B 96 -28.03 -19.02 -71.07
C ARG B 96 -29.05 -17.89 -71.13
N LEU B 97 -28.68 -16.76 -71.73
CA LEU B 97 -29.62 -15.66 -71.89
C LEU B 97 -30.79 -16.07 -72.78
N LEU B 98 -30.51 -16.78 -73.86
CA LEU B 98 -31.59 -17.29 -74.71
C LEU B 98 -32.46 -18.29 -73.95
N GLN B 99 -31.83 -19.15 -73.16
CA GLN B 99 -32.58 -20.16 -72.40
C GLN B 99 -33.45 -19.53 -71.31
N GLN B 100 -33.05 -18.36 -70.79
CA GLN B 100 -33.80 -17.75 -69.70
C GLN B 100 -35.21 -17.32 -70.12
N ILE B 101 -35.47 -17.21 -71.42
CA ILE B 101 -36.78 -16.82 -71.92
C ILE B 101 -37.24 -17.83 -72.97
N PRO B 102 -38.54 -17.99 -73.20
CA PRO B 102 -38.99 -18.91 -74.24
C PRO B 102 -38.67 -18.40 -75.63
N MET B 103 -37.38 -18.45 -76.00
CA MET B 103 -36.93 -17.96 -77.31
C MET B 103 -37.08 -19.08 -78.33
N SER B 104 -38.28 -19.18 -78.89
CA SER B 104 -38.59 -20.16 -79.93
C SER B 104 -38.65 -19.52 -81.31
N GLY B 105 -38.12 -18.31 -81.48
CA GLY B 105 -38.23 -17.58 -82.72
C GLY B 105 -37.11 -17.89 -83.69
N LYS B 106 -36.91 -16.97 -84.64
CA LYS B 106 -35.90 -17.15 -85.67
C LYS B 106 -34.49 -17.23 -85.08
N ILE B 107 -34.28 -16.63 -83.91
CA ILE B 107 -32.98 -16.72 -83.25
C ILE B 107 -32.66 -18.18 -82.94
N HIS B 108 -33.67 -18.95 -82.53
CA HIS B 108 -33.54 -20.37 -82.28
C HIS B 108 -34.41 -21.19 -83.23
N ASP B 109 -34.52 -20.74 -84.48
CA ASP B 109 -35.33 -21.46 -85.45
C ASP B 109 -34.75 -22.84 -85.76
N VAL B 110 -33.42 -22.95 -85.87
CA VAL B 110 -32.80 -24.23 -86.16
C VAL B 110 -33.04 -25.21 -85.03
N GLU B 111 -32.93 -24.73 -83.78
CA GLU B 111 -33.12 -25.56 -82.59
C GLU B 111 -34.24 -24.94 -81.76
N ASN B 112 -35.48 -25.37 -82.01
CA ASN B 112 -36.60 -24.87 -81.24
C ASN B 112 -36.48 -25.27 -79.77
N SER B 113 -36.04 -26.49 -79.51
CA SER B 113 -35.80 -26.94 -78.14
C SER B 113 -34.48 -27.67 -78.00
N VAL B 114 -33.67 -27.75 -79.06
CA VAL B 114 -32.38 -28.44 -78.99
C VAL B 114 -31.26 -27.54 -78.50
N ILE B 115 -31.56 -26.29 -78.13
CA ILE B 115 -30.54 -25.43 -77.54
C ILE B 115 -30.07 -26.01 -76.21
N ASN B 116 -31.00 -26.59 -75.45
CA ASN B 116 -30.62 -27.25 -74.19
C ASN B 116 -29.67 -28.41 -74.46
N ALA B 117 -29.97 -29.21 -75.48
CA ALA B 117 -29.08 -30.31 -75.84
C ALA B 117 -27.72 -29.80 -76.28
N LEU B 118 -27.69 -28.70 -77.04
CA LEU B 118 -26.42 -28.14 -77.50
C LEU B 118 -25.58 -27.65 -76.33
N GLU B 119 -26.20 -26.94 -75.39
CA GLU B 119 -25.43 -26.45 -74.24
C GLU B 119 -25.00 -27.59 -73.33
N GLU B 120 -25.84 -28.63 -73.18
CA GLU B 120 -25.41 -29.80 -72.40
C GLU B 120 -24.23 -30.49 -73.06
N SER B 121 -24.25 -30.60 -74.38
CA SER B 121 -23.11 -31.20 -75.10
C SER B 121 -21.86 -30.36 -74.92
N ILE B 122 -21.99 -29.03 -74.98
CA ILE B 122 -20.84 -28.15 -74.77
C ILE B 122 -20.27 -28.34 -73.36
N CYS B 123 -21.15 -28.39 -72.36
CA CYS B 123 -20.71 -28.59 -70.99
C CYS B 123 -20.02 -29.92 -70.82
N GLU B 124 -20.56 -30.99 -71.42
CA GLU B 124 -19.94 -32.29 -71.33
C GLU B 124 -18.56 -32.30 -71.99
N LEU B 125 -18.45 -31.65 -73.14
CA LEU B 125 -17.15 -31.57 -73.81
C LEU B 125 -16.14 -30.81 -72.96
N ILE B 126 -16.58 -29.71 -72.33
CA ILE B 126 -15.69 -28.96 -71.46
C ILE B 126 -15.23 -29.82 -70.31
N GLU B 127 -16.16 -30.54 -69.66
CA GLU B 127 -15.80 -31.38 -68.53
C GLU B 127 -14.83 -32.47 -68.95
N GLU B 128 -15.07 -33.10 -70.10
CA GLU B 128 -14.17 -34.16 -70.56
C GLU B 128 -12.78 -33.60 -70.87
N GLU B 129 -12.71 -32.43 -71.49
CA GLU B 129 -11.41 -31.91 -71.92
C GLU B 129 -10.59 -31.34 -70.76
N VAL B 130 -11.25 -30.85 -69.71
CA VAL B 130 -10.53 -30.25 -68.59
C VAL B 130 -10.34 -31.24 -67.44
N ASN B 131 -10.71 -32.50 -67.62
CA ASN B 131 -10.60 -33.50 -66.56
C ASN B 131 -9.28 -34.27 -66.76
N VAL B 132 -8.20 -33.67 -66.26
CA VAL B 132 -6.89 -34.30 -66.31
C VAL B 132 -6.23 -34.22 -64.94
N ASP B 133 -5.01 -34.73 -64.82
CA ASP B 133 -4.27 -34.72 -63.57
C ASP B 133 -2.83 -34.32 -63.84
N LEU B 134 -2.18 -33.84 -62.80
CA LEU B 134 -0.78 -33.41 -62.92
C LEU B 134 0.13 -34.62 -63.08
N PRO B 135 0.90 -34.70 -64.16
CA PRO B 135 1.82 -35.82 -64.32
C PRO B 135 3.12 -35.61 -63.56
N GLY B 136 3.44 -36.51 -62.64
CA GLY B 136 4.66 -36.41 -61.87
C GLY B 136 4.63 -35.29 -60.84
N ASN B 137 5.80 -35.01 -60.28
CA ASN B 137 5.98 -33.98 -59.26
C ASN B 137 6.85 -32.84 -59.74
N ALA B 138 7.11 -32.74 -61.04
CA ALA B 138 7.96 -31.69 -61.60
C ALA B 138 7.16 -30.50 -62.09
N THR B 139 5.85 -30.50 -61.89
CA THR B 139 5.02 -29.38 -62.33
C THR B 139 5.32 -28.14 -61.51
N PRO B 140 5.15 -26.95 -62.10
CA PRO B 140 5.36 -25.71 -61.33
C PRO B 140 4.45 -25.58 -60.12
N TYR B 141 3.27 -26.21 -60.16
CA TYR B 141 2.37 -26.16 -59.02
C TYR B 141 3.00 -26.80 -57.79
N HIS B 142 3.74 -27.91 -58.00
CA HIS B 142 4.44 -28.54 -56.87
C HIS B 142 5.49 -27.61 -56.29
N LYS B 143 6.21 -26.88 -57.14
CA LYS B 143 7.19 -25.91 -56.65
C LYS B 143 6.51 -24.79 -55.87
N ILE B 144 5.35 -24.33 -56.36
CA ILE B 144 4.62 -23.28 -55.65
C ILE B 144 4.19 -23.78 -54.27
N ALA B 145 3.66 -25.01 -54.22
CA ALA B 145 3.24 -25.57 -52.94
C ALA B 145 4.41 -25.75 -51.99
N ALA B 146 5.56 -26.18 -52.52
CA ALA B 146 6.76 -26.31 -51.69
C ALA B 146 7.20 -24.98 -51.13
N TRP B 147 7.16 -23.92 -51.96
CA TRP B 147 7.48 -22.59 -51.46
C TRP B 147 6.49 -22.15 -50.39
N ILE B 148 5.21 -22.46 -50.58
CA ILE B 148 4.18 -22.03 -49.64
C ILE B 148 4.40 -22.70 -48.28
N ASN B 149 4.63 -24.01 -48.28
CA ASN B 149 4.74 -24.74 -47.03
C ASN B 149 6.16 -24.78 -46.48
N SER B 150 7.13 -24.21 -47.18
CA SER B 150 8.51 -24.24 -46.71
C SER B 150 8.69 -23.40 -45.44
N ILE B 151 8.10 -22.22 -45.41
CA ILE B 151 8.25 -21.29 -44.29
C ILE B 151 6.87 -20.98 -43.72
N ASN B 152 6.73 -21.14 -42.41
CA ASN B 152 5.49 -20.77 -41.73
C ASN B 152 5.37 -19.26 -41.69
N ARG B 153 4.19 -18.75 -42.03
CA ARG B 153 3.95 -17.32 -42.13
C ARG B 153 2.81 -16.92 -41.21
N GLU B 154 2.96 -15.76 -40.57
CA GLU B 154 1.91 -15.25 -39.69
C GLU B 154 0.67 -14.83 -40.46
N HIS B 155 0.80 -14.52 -41.75
CA HIS B 155 -0.33 -14.16 -42.60
C HIS B 155 -0.62 -15.30 -43.56
N GLN B 156 -1.88 -15.68 -43.65
CA GLN B 156 -2.27 -16.79 -44.52
C GLN B 156 -2.10 -16.40 -45.98
N VAL B 157 -1.75 -17.39 -46.80
CA VAL B 157 -1.53 -17.20 -48.23
C VAL B 157 -2.76 -17.71 -48.96
N GLU B 158 -3.42 -16.83 -49.70
CA GLU B 158 -4.60 -17.17 -50.48
C GLU B 158 -4.25 -17.24 -51.96
N ILE B 159 -5.04 -18.03 -52.70
CA ILE B 159 -4.85 -18.22 -54.13
C ILE B 159 -6.18 -18.03 -54.82
N PHE B 160 -6.20 -17.22 -55.87
CA PHE B 160 -7.40 -16.98 -56.66
C PHE B 160 -7.19 -17.55 -58.06
N THR B 161 -8.16 -18.31 -58.54
CA THR B 161 -8.10 -18.91 -59.87
C THR B 161 -9.44 -18.77 -60.56
N THR B 162 -9.40 -18.51 -61.87
CA THR B 162 -10.59 -18.46 -62.70
C THR B 162 -10.74 -19.69 -63.59
N ASN B 163 -9.88 -20.69 -63.42
CA ASN B 163 -9.93 -21.88 -64.23
C ASN B 163 -10.86 -22.92 -63.61
N TYR B 164 -11.11 -24.00 -64.35
CA TYR B 164 -11.97 -25.08 -63.89
C TYR B 164 -11.21 -26.31 -63.43
N ASP B 165 -9.95 -26.47 -63.84
CA ASP B 165 -9.18 -27.65 -63.47
C ASP B 165 -8.79 -27.60 -61.99
N LEU B 166 -8.55 -28.78 -61.43
CA LEU B 166 -8.21 -28.94 -60.02
C LEU B 166 -6.72 -29.18 -59.81
N LEU B 167 -5.87 -28.62 -60.67
CA LEU B 167 -4.43 -28.84 -60.55
C LEU B 167 -3.89 -28.29 -59.24
N MET B 168 -4.33 -27.09 -58.86
CA MET B 168 -3.84 -26.48 -57.63
C MET B 168 -4.23 -27.30 -56.41
N GLU B 169 -5.47 -27.80 -56.38
CA GLU B 169 -5.92 -28.62 -55.26
C GLU B 169 -5.09 -29.88 -55.13
N GLN B 170 -4.85 -30.56 -56.25
CA GLN B 170 -4.04 -31.78 -56.21
C GLN B 170 -2.62 -31.48 -55.77
N ALA B 171 -2.03 -30.39 -56.26
CA ALA B 171 -0.67 -30.04 -55.86
C ALA B 171 -0.60 -29.73 -54.38
N LEU B 172 -1.58 -29.00 -53.84
CA LEU B 172 -1.57 -28.67 -52.43
C LEU B 172 -1.78 -29.91 -51.56
N GLU B 173 -2.69 -30.81 -51.95
CA GLU B 173 -2.96 -31.98 -51.13
C GLU B 173 -1.85 -33.00 -51.21
N GLU B 174 -1.13 -33.07 -52.33
CA GLU B 174 -0.01 -34.01 -52.43
C GLU B 174 1.12 -33.63 -51.47
N LEU B 175 1.41 -32.34 -51.35
CA LEU B 175 2.50 -31.87 -50.50
C LEU B 175 2.05 -31.58 -49.07
N ASN B 176 0.88 -32.08 -48.66
CA ASN B 176 0.36 -31.90 -47.31
C ASN B 176 0.22 -30.42 -46.96
N VAL B 177 -0.62 -29.73 -47.73
CA VAL B 177 -0.89 -28.32 -47.53
C VAL B 177 -2.37 -28.15 -47.21
N PRO B 178 -2.75 -27.95 -45.95
CA PRO B 178 -4.16 -27.73 -45.63
C PRO B 178 -4.67 -26.43 -46.23
N TYR B 179 -5.94 -26.43 -46.62
CA TYR B 179 -6.54 -25.27 -47.26
C TYR B 179 -8.04 -25.31 -47.05
N PHE B 180 -8.67 -24.15 -47.22
CA PHE B 180 -10.11 -23.99 -47.06
C PHE B 180 -10.66 -23.34 -48.33
N ASP B 181 -11.63 -24.00 -48.96
CA ASP B 181 -12.19 -23.54 -50.23
C ASP B 181 -13.63 -23.05 -50.08
N GLY B 182 -14.13 -22.94 -48.85
CA GLY B 182 -15.49 -22.47 -48.64
C GLY B 182 -16.49 -23.57 -48.40
N PHE B 183 -16.16 -24.80 -48.80
CA PHE B 183 -17.05 -25.93 -48.64
C PHE B 183 -16.62 -26.80 -47.46
N VAL B 184 -17.58 -27.19 -46.63
CA VAL B 184 -17.33 -28.00 -45.45
C VAL B 184 -18.24 -29.21 -45.52
N GLY B 185 -17.67 -30.39 -45.37
CA GLY B 185 -18.44 -31.62 -45.39
C GLY B 185 -17.61 -32.75 -45.95
N SER B 186 -18.19 -33.95 -45.89
CA SER B 186 -17.53 -35.16 -46.36
C SER B 186 -18.27 -35.82 -47.51
N LYS B 187 -19.56 -36.11 -47.35
CA LYS B 187 -20.32 -36.74 -48.42
C LYS B 187 -20.74 -35.72 -49.46
N ARG B 188 -21.50 -34.70 -49.04
CA ARG B 188 -21.94 -33.61 -49.90
C ARG B 188 -21.66 -32.31 -49.16
N ALA B 189 -20.44 -31.78 -49.33
CA ALA B 189 -20.05 -30.58 -48.63
C ALA B 189 -20.92 -29.40 -49.07
N PHE B 190 -21.56 -28.74 -48.10
CA PHE B 190 -22.40 -27.60 -48.40
C PHE B 190 -21.59 -26.31 -48.31
N PHE B 191 -22.17 -25.23 -48.83
CA PHE B 191 -21.52 -23.93 -48.86
C PHE B 191 -21.88 -23.18 -47.57
N ASP B 192 -21.02 -23.31 -46.56
CA ASP B 192 -21.22 -22.59 -45.31
C ASP B 192 -20.86 -21.12 -45.51
N ILE B 193 -21.70 -20.24 -45.00
CA ILE B 193 -21.55 -18.80 -45.22
C ILE B 193 -20.95 -18.11 -44.00
N ARG B 194 -21.38 -18.50 -42.80
CA ARG B 194 -20.98 -17.78 -41.58
C ARG B 194 -19.47 -17.82 -41.38
N THR B 195 -18.86 -19.00 -41.55
CA THR B 195 -17.43 -19.13 -41.30
C THR B 195 -16.61 -18.30 -42.28
N ILE B 196 -17.15 -18.01 -43.47
CA ILE B 196 -16.42 -17.21 -44.45
C ILE B 196 -16.18 -15.80 -43.91
N GLU B 197 -17.22 -15.19 -43.34
CA GLU B 197 -17.08 -13.85 -42.77
C GLU B 197 -16.58 -13.86 -41.34
N GLU B 198 -16.57 -15.02 -40.67
CA GLU B 198 -15.98 -15.08 -39.34
C GLU B 198 -14.48 -14.76 -39.39
N ASN B 199 -13.77 -15.31 -40.37
CA ASN B 199 -12.35 -15.05 -40.57
C ASN B 199 -11.55 -15.34 -39.29
N LYS B 200 -11.81 -16.50 -38.71
CA LYS B 200 -11.11 -16.95 -37.51
C LYS B 200 -10.52 -18.34 -37.72
N LEU B 201 -10.11 -18.63 -38.95
CA LEU B 201 -9.45 -19.88 -39.25
C LEU B 201 -8.03 -19.88 -38.67
N PRO B 202 -7.46 -21.06 -38.43
CA PRO B 202 -6.08 -21.11 -37.95
C PRO B 202 -5.11 -20.45 -38.93
N SER B 203 -4.09 -19.78 -38.38
CA SER B 203 -3.19 -18.99 -39.20
C SER B 203 -2.34 -19.83 -40.14
N ARG B 204 -2.17 -21.12 -39.87
CA ARG B 204 -1.38 -21.97 -40.74
C ARG B 204 -2.17 -22.45 -41.96
N TRP B 205 -3.49 -22.31 -41.94
CA TRP B 205 -4.31 -22.75 -43.06
C TRP B 205 -4.22 -21.77 -44.22
N SER B 206 -4.34 -22.30 -45.43
CA SER B 206 -4.38 -21.49 -46.63
C SER B 206 -5.82 -21.40 -47.15
N LYS B 207 -6.02 -20.63 -48.21
CA LYS B 207 -7.34 -20.43 -48.80
C LYS B 207 -7.24 -20.46 -50.31
N LEU B 208 -8.18 -21.16 -50.95
CA LEU B 208 -8.27 -21.22 -52.41
C LEU B 208 -9.69 -20.88 -52.81
N TRP B 209 -9.86 -19.76 -53.51
CA TRP B 209 -11.18 -19.27 -53.91
C TRP B 209 -11.37 -19.49 -55.40
N LYS B 210 -12.52 -20.06 -55.76
CA LYS B 210 -12.86 -20.36 -57.16
C LYS B 210 -13.74 -19.24 -57.68
N LEU B 211 -13.14 -18.30 -58.41
CA LEU B 211 -13.88 -17.16 -58.92
C LEU B 211 -14.91 -17.58 -59.96
N HIS B 212 -14.54 -18.49 -60.86
CA HIS B 212 -15.41 -18.92 -61.94
C HIS B 212 -16.03 -20.29 -61.69
N GLY B 213 -15.97 -20.80 -60.47
CA GLY B 213 -16.54 -22.09 -60.16
C GLY B 213 -15.58 -23.23 -60.40
N SER B 214 -16.13 -24.45 -60.35
CA SER B 214 -15.34 -25.66 -60.51
C SER B 214 -16.21 -26.73 -61.19
N ILE B 215 -15.54 -27.75 -61.73
CA ILE B 215 -16.24 -28.82 -62.42
C ILE B 215 -16.92 -29.78 -61.45
N ASN B 216 -16.48 -29.83 -60.20
CA ASN B 216 -17.07 -30.73 -59.21
C ASN B 216 -18.24 -30.13 -58.45
N TRP B 217 -18.52 -28.84 -58.64
CA TRP B 217 -19.69 -28.23 -58.03
C TRP B 217 -20.95 -28.71 -58.72
N GLN B 218 -22.01 -28.95 -57.94
CA GLN B 218 -23.29 -29.37 -58.49
C GLN B 218 -24.40 -28.63 -57.77
N LEU B 219 -25.57 -28.57 -58.41
CA LEU B 219 -26.74 -27.89 -57.87
C LEU B 219 -27.92 -28.84 -57.88
N ASP B 220 -28.67 -28.85 -56.78
CA ASP B 220 -29.88 -29.63 -56.65
C ASP B 220 -31.08 -28.68 -56.72
N LYS B 221 -31.98 -28.94 -57.67
CA LYS B 221 -33.15 -28.09 -57.86
C LYS B 221 -34.27 -28.41 -56.88
N GLN B 222 -34.20 -29.57 -56.21
CA GLN B 222 -35.21 -29.88 -55.20
C GLN B 222 -35.18 -28.87 -54.07
N THR B 223 -33.99 -28.51 -53.60
CA THR B 223 -33.81 -27.45 -52.63
C THR B 223 -33.11 -26.23 -53.22
N GLN B 224 -32.74 -26.28 -54.51
CA GLN B 224 -32.01 -25.20 -55.17
C GLN B 224 -30.75 -24.82 -54.40
N THR B 225 -29.99 -25.84 -54.01
CA THR B 225 -28.80 -25.65 -53.19
C THR B 225 -27.58 -26.21 -53.91
N ILE B 226 -26.45 -25.54 -53.70
CA ILE B 226 -25.20 -25.93 -54.33
C ILE B 226 -24.38 -26.75 -53.34
N TRP B 227 -23.54 -27.63 -53.88
CA TRP B 227 -22.66 -28.44 -53.04
C TRP B 227 -21.48 -28.94 -53.87
N ARG B 228 -20.35 -29.10 -53.20
CA ARG B 228 -19.13 -29.57 -53.84
C ARG B 228 -19.05 -31.08 -53.73
N GLY B 229 -18.93 -31.76 -54.87
CA GLY B 229 -18.85 -33.20 -54.88
C GLY B 229 -17.77 -33.72 -55.81
N THR B 230 -18.15 -34.62 -56.71
CA THR B 230 -17.24 -35.21 -57.68
C THR B 230 -17.79 -35.04 -59.09
N PRO B 231 -16.93 -35.01 -60.11
CA PRO B 231 -17.42 -34.81 -61.48
C PRO B 231 -18.43 -35.86 -61.91
N SER B 232 -19.67 -35.44 -62.12
CA SER B 232 -20.74 -36.30 -62.59
C SER B 232 -21.12 -35.89 -64.02
N LYS B 233 -22.14 -36.56 -64.56
CA LYS B 233 -22.56 -36.32 -65.94
C LYS B 233 -23.29 -34.98 -66.02
N GLY B 234 -22.53 -33.90 -66.11
CA GLY B 234 -23.11 -32.57 -66.21
C GLY B 234 -23.09 -31.81 -64.90
N CYS B 235 -22.23 -30.80 -64.81
CA CYS B 235 -22.16 -29.95 -63.62
C CYS B 235 -22.95 -28.68 -63.87
N SER B 236 -23.69 -28.24 -62.86
CA SER B 236 -24.56 -27.07 -62.97
C SER B 236 -23.85 -25.76 -62.62
N LEU B 237 -22.58 -25.82 -62.23
CA LEU B 237 -21.87 -24.60 -61.86
C LEU B 237 -20.67 -24.37 -62.78
N ILE B 238 -20.85 -24.66 -64.07
CA ILE B 238 -19.82 -24.41 -65.07
C ILE B 238 -19.86 -22.98 -65.58
N HIS B 239 -20.76 -22.15 -65.05
CA HIS B 239 -20.95 -20.81 -65.59
C HIS B 239 -19.73 -19.93 -65.35
N PRO B 240 -19.25 -19.22 -66.36
CA PRO B 240 -18.20 -18.21 -66.15
C PRO B 240 -18.75 -16.92 -65.55
N SER B 241 -19.20 -17.01 -64.29
CA SER B 241 -19.78 -15.88 -63.57
C SER B 241 -21.03 -15.34 -64.25
N HIS B 242 -21.95 -16.24 -64.60
CA HIS B 242 -23.23 -15.86 -65.21
C HIS B 242 -24.28 -16.86 -64.73
N LEU B 243 -25.00 -16.48 -63.68
CA LEU B 243 -25.99 -17.36 -63.08
C LEU B 243 -27.11 -16.50 -62.50
N LYS B 244 -27.92 -17.10 -61.61
CA LYS B 244 -29.01 -16.37 -60.98
C LYS B 244 -28.48 -15.47 -59.86
N TYR B 245 -29.42 -14.90 -59.10
CA TYR B 245 -29.05 -14.03 -58.00
C TYR B 245 -28.51 -14.84 -56.83
N ASP B 246 -28.15 -14.14 -55.76
CA ASP B 246 -27.61 -14.77 -54.57
C ASP B 246 -28.69 -15.56 -53.81
N LYS B 250 -28.31 -18.96 -54.36
CA LYS B 250 -27.72 -20.14 -55.00
C LYS B 250 -26.55 -19.74 -55.90
N MET B 251 -25.85 -18.68 -55.52
CA MET B 251 -24.72 -18.19 -56.29
C MET B 251 -23.64 -17.67 -55.35
N PRO B 252 -22.51 -18.36 -55.26
CA PRO B 252 -21.42 -17.91 -54.37
C PRO B 252 -20.44 -16.92 -54.99
N TYR B 253 -20.68 -16.49 -56.23
CA TYR B 253 -19.76 -15.56 -56.89
C TYR B 253 -19.66 -14.24 -56.13
N LEU B 254 -20.81 -13.74 -55.65
CA LEU B 254 -20.81 -12.49 -54.90
C LEU B 254 -19.98 -12.62 -53.62
N VAL B 255 -20.06 -13.77 -52.94
CA VAL B 255 -19.27 -13.98 -51.74
C VAL B 255 -17.78 -13.97 -52.07
N MET B 256 -17.39 -14.62 -53.16
CA MET B 256 -15.99 -14.63 -53.55
C MET B 256 -15.49 -13.24 -53.88
N MET B 257 -16.30 -12.46 -54.62
CA MET B 257 -15.90 -11.09 -54.93
C MET B 257 -15.79 -10.23 -53.68
N ASP B 258 -16.72 -10.42 -52.73
CA ASP B 258 -16.65 -9.69 -51.48
C ASP B 258 -15.39 -10.03 -50.70
N GLN B 259 -15.04 -11.33 -50.66
CA GLN B 259 -13.82 -11.74 -49.98
C GLN B 259 -12.59 -11.15 -50.65
N LEU B 260 -12.57 -11.13 -51.99
CA LEU B 260 -11.46 -10.52 -52.71
C LEU B 260 -11.33 -9.04 -52.38
N LYS B 261 -12.47 -8.33 -52.36
CA LYS B 261 -12.45 -6.91 -52.03
C LYS B 261 -11.97 -6.69 -50.62
N LEU B 262 -12.42 -7.52 -49.68
CA LEU B 262 -11.97 -7.41 -48.29
C LEU B 262 -10.48 -7.65 -48.16
N PHE B 263 -9.94 -8.62 -48.92
CA PHE B 263 -8.50 -8.82 -48.93
C PHE B 263 -7.78 -7.59 -49.49
N LEU B 264 -8.33 -6.99 -50.55
CA LEU B 264 -7.71 -5.80 -51.12
C LEU B 264 -7.69 -4.63 -50.15
N ASN B 265 -8.53 -4.65 -49.12
CA ASN B 265 -8.57 -3.58 -48.13
C ASN B 265 -7.57 -3.80 -46.99
N GLN B 266 -6.93 -4.95 -46.92
CA GLN B 266 -5.95 -5.20 -45.87
C GLN B 266 -4.71 -4.32 -46.08
N PRO B 267 -4.17 -3.75 -45.00
CA PRO B 267 -2.96 -2.93 -45.14
C PRO B 267 -1.78 -3.73 -45.66
N SER B 268 -0.96 -3.08 -46.49
CA SER B 268 0.23 -3.69 -47.08
C SER B 268 -0.09 -4.97 -47.82
N ALA B 269 -1.23 -5.01 -48.51
CA ALA B 269 -1.60 -6.19 -49.27
C ALA B 269 -0.69 -6.37 -50.48
N ILE B 270 -0.40 -7.63 -50.80
CA ILE B 270 0.40 -7.97 -51.97
C ILE B 270 -0.41 -8.96 -52.81
N LEU B 271 -0.40 -8.72 -54.12
CA LEU B 271 -1.14 -9.57 -55.04
C LEU B 271 -0.36 -9.67 -56.35
N ILE B 272 -0.34 -10.87 -56.90
CA ILE B 272 0.40 -11.17 -58.13
C ILE B 272 -0.54 -11.84 -59.11
N THR B 273 -0.54 -11.35 -60.35
CA THR B 273 -1.36 -11.90 -61.41
C THR B 273 -0.47 -12.69 -62.37
N CYS B 274 -0.85 -13.95 -62.61
CA CYS B 274 -0.08 -14.83 -63.48
C CYS B 274 -0.99 -15.32 -64.61
N GLY B 275 -0.64 -14.98 -65.84
CA GLY B 275 -1.38 -15.41 -67.00
C GLY B 275 -2.64 -14.64 -67.29
N TYR B 276 -2.96 -13.62 -66.49
CA TYR B 276 -4.18 -12.85 -66.67
C TYR B 276 -3.97 -11.77 -67.74
N SER B 277 -4.90 -11.71 -68.69
CA SER B 277 -4.85 -10.72 -69.76
C SER B 277 -5.70 -9.50 -69.46
N TYR B 278 -6.31 -9.43 -68.28
CA TYR B 278 -7.14 -8.30 -67.86
C TYR B 278 -8.26 -8.01 -68.85
N LYS B 279 -8.86 -9.06 -69.39
CA LYS B 279 -9.92 -8.91 -70.38
C LYS B 279 -11.32 -9.04 -69.79
N ASP B 280 -11.44 -9.14 -68.47
CA ASP B 280 -12.74 -9.21 -67.80
C ASP B 280 -13.06 -7.86 -67.18
N GLN B 281 -14.22 -7.31 -67.53
CA GLN B 281 -14.59 -5.99 -67.03
C GLN B 281 -14.82 -6.00 -65.53
N HIS B 282 -15.48 -7.06 -65.02
CA HIS B 282 -15.83 -7.09 -63.61
C HIS B 282 -14.59 -7.23 -62.73
N ILE B 283 -13.69 -8.14 -63.09
CA ILE B 283 -12.46 -8.32 -62.31
C ILE B 283 -11.62 -7.05 -62.36
N ASN B 284 -11.50 -6.44 -63.54
CA ASN B 284 -10.70 -5.22 -63.67
C ASN B 284 -11.28 -4.09 -62.83
N GLU B 285 -12.62 -3.92 -62.87
CA GLU B 285 -13.21 -2.84 -62.10
C GLU B 285 -13.10 -3.10 -60.59
N VAL B 286 -13.24 -4.34 -60.17
CA VAL B 286 -13.08 -4.66 -58.75
C VAL B 286 -11.65 -4.39 -58.30
N LEU B 287 -10.67 -4.79 -59.11
CA LEU B 287 -9.28 -4.53 -58.77
C LEU B 287 -8.99 -3.04 -58.71
N SER B 288 -9.52 -2.28 -59.68
CA SER B 288 -9.30 -0.83 -59.69
C SER B 288 -9.93 -0.17 -58.47
N GLN B 289 -11.15 -0.58 -58.12
CA GLN B 289 -11.81 -0.01 -56.95
C GLN B 289 -11.06 -0.35 -55.67
N GLY B 290 -10.60 -1.58 -55.54
CA GLY B 290 -9.82 -1.96 -54.36
C GLY B 290 -8.51 -1.21 -54.26
N LEU B 291 -7.83 -1.03 -55.39
CA LEU B 291 -6.57 -0.30 -55.40
C LEU B 291 -6.78 1.18 -55.06
N GLN B 292 -7.86 1.78 -55.57
CA GLN B 292 -8.14 3.18 -55.27
C GLN B 292 -8.53 3.35 -53.80
N THR B 293 -9.34 2.43 -53.27
CA THR B 293 -9.77 2.54 -51.88
C THR B 293 -8.59 2.44 -50.91
N ASN B 294 -7.67 1.51 -51.17
CA ASN B 294 -6.50 1.33 -50.31
C ASN B 294 -5.24 1.62 -51.12
N PRO B 295 -4.64 2.80 -50.98
CA PRO B 295 -3.41 3.08 -51.74
C PRO B 295 -2.25 2.18 -51.36
N ASN B 296 -2.25 1.59 -50.16
CA ASN B 296 -1.16 0.73 -49.74
C ASN B 296 -1.12 -0.58 -50.50
N ALA B 297 -2.22 -0.97 -51.15
CA ALA B 297 -2.24 -2.21 -51.92
C ALA B 297 -1.30 -2.11 -53.12
N LEU B 298 -0.68 -3.24 -53.43
CA LEU B 298 0.26 -3.32 -54.55
C LEU B 298 -0.11 -4.50 -55.43
N ILE B 299 0.11 -4.33 -56.74
CA ILE B 299 -0.20 -5.34 -57.74
C ILE B 299 1.04 -5.51 -58.61
N TYR B 300 1.72 -6.64 -58.47
CA TYR B 300 2.91 -6.94 -59.25
C TYR B 300 2.54 -7.80 -60.47
N GLY B 301 1.70 -7.22 -61.33
CA GLY B 301 1.25 -7.91 -62.52
C GLY B 301 2.36 -8.34 -63.45
N LEU B 302 2.31 -9.60 -63.89
CA LEU B 302 3.30 -10.16 -64.81
C LEU B 302 2.57 -10.73 -66.02
N GLN B 303 3.05 -10.36 -67.21
CA GLN B 303 2.46 -10.81 -68.47
C GLN B 303 3.51 -11.56 -69.28
N TYR B 304 3.15 -12.76 -69.73
CA TYR B 304 4.07 -13.55 -70.54
C TYR B 304 4.20 -12.99 -71.95
N ASP B 305 3.17 -12.32 -72.46
CA ASP B 305 3.20 -11.74 -73.79
C ASP B 305 3.79 -10.33 -73.72
N VAL B 306 3.95 -9.72 -74.91
CA VAL B 306 4.50 -8.37 -74.99
C VAL B 306 3.47 -7.38 -74.47
N LEU B 307 3.96 -6.21 -74.05
CA LEU B 307 3.09 -5.19 -73.50
C LEU B 307 2.11 -4.63 -74.53
N GLU B 308 2.51 -4.59 -75.80
CA GLU B 308 1.69 -3.96 -76.84
C GLU B 308 0.35 -4.65 -77.03
N ASN B 309 0.24 -5.93 -76.68
CA ASN B 309 -0.99 -6.67 -76.89
C ASN B 309 -2.04 -6.42 -75.81
N TYR B 310 -1.69 -5.69 -74.74
CA TYR B 310 -2.60 -5.45 -73.62
C TYR B 310 -2.75 -3.95 -73.44
N GLN B 311 -3.73 -3.35 -74.13
CA GLN B 311 -4.02 -1.94 -73.95
C GLN B 311 -4.75 -1.68 -72.63
N GLU B 312 -5.62 -2.62 -72.23
CA GLU B 312 -6.32 -2.48 -70.96
C GLU B 312 -5.33 -2.48 -69.78
N ALA B 313 -4.29 -3.32 -69.87
CA ALA B 313 -3.27 -3.32 -68.83
C ALA B 313 -2.55 -1.98 -68.78
N LYS B 314 -2.25 -1.40 -69.94
CA LYS B 314 -1.62 -0.07 -69.96
C LYS B 314 -2.53 0.97 -69.32
N ASP B 315 -3.82 0.95 -69.65
CA ASP B 315 -4.75 1.91 -69.07
C ASP B 315 -4.84 1.75 -67.57
N MET B 316 -4.93 0.52 -67.09
CA MET B 316 -4.98 0.28 -65.65
C MET B 316 -3.72 0.74 -64.95
N ALA B 317 -2.56 0.49 -65.56
CA ALA B 317 -1.29 0.90 -64.95
C ALA B 317 -1.17 2.41 -64.92
N LEU B 318 -1.60 3.10 -65.98
CA LEU B 318 -1.54 4.56 -66.02
C LEU B 318 -2.59 5.20 -65.14
N LYS B 319 -3.69 4.50 -64.81
CA LYS B 319 -4.74 5.08 -63.99
C LYS B 319 -4.38 5.13 -62.52
N ARG B 320 -3.60 4.19 -62.02
CA ARG B 320 -3.25 4.13 -60.61
C ARG B 320 -1.75 4.11 -60.45
N SER B 321 -1.26 4.85 -59.46
CA SER B 321 0.17 5.00 -59.23
C SER B 321 0.76 3.91 -58.36
N ASN B 322 -0.07 3.03 -57.80
CA ASN B 322 0.39 1.94 -56.93
C ASN B 322 0.19 0.58 -57.58
N LEU B 323 0.39 0.51 -58.90
CA LEU B 323 0.28 -0.74 -59.66
C LEU B 323 1.55 -0.90 -60.49
N ILE B 324 2.44 -1.78 -60.04
CA ILE B 324 3.71 -2.00 -60.71
C ILE B 324 3.49 -3.11 -61.74
N LEU B 325 3.17 -2.70 -62.97
CA LEU B 325 2.93 -3.65 -64.04
C LEU B 325 4.23 -3.99 -64.76
N LEU B 326 4.45 -5.27 -65.01
CA LEU B 326 5.62 -5.74 -65.74
C LEU B 326 5.19 -6.58 -66.92
N ALA B 327 5.97 -6.52 -68.00
CA ALA B 327 5.67 -7.27 -69.22
C ALA B 327 6.96 -7.90 -69.74
N LYS B 328 6.89 -8.45 -70.95
CA LYS B 328 8.06 -9.10 -71.54
C LYS B 328 9.07 -8.09 -72.05
N ASP B 329 8.60 -6.94 -72.56
CA ASP B 329 9.48 -5.93 -73.15
C ASP B 329 9.63 -4.70 -72.26
N ARG B 330 8.52 -4.07 -71.90
CA ARG B 330 8.53 -2.84 -71.13
C ARG B 330 7.80 -3.05 -69.80
N ALA B 331 7.72 -1.97 -69.01
CA ALA B 331 7.05 -2.02 -67.72
C ALA B 331 6.52 -0.63 -67.39
N ILE B 332 5.57 -0.59 -66.45
CA ILE B 332 5.00 0.66 -65.96
C ILE B 332 5.07 0.61 -64.43
N ILE B 333 5.93 1.43 -63.86
CA ILE B 333 6.12 1.48 -62.41
C ILE B 333 5.69 2.86 -61.93
N GLY B 334 4.43 2.96 -61.50
CA GLY B 334 3.91 4.21 -60.98
C GLY B 334 3.56 5.23 -62.04
N LYS B 335 2.65 4.86 -62.94
CA LYS B 335 2.07 5.71 -63.98
C LYS B 335 3.08 6.16 -65.03
N LYS B 336 4.33 5.68 -64.98
CA LYS B 336 5.34 6.01 -65.98
C LYS B 336 5.80 4.73 -66.67
N GLU B 337 5.96 4.80 -67.99
CA GLU B 337 6.35 3.67 -68.80
C GLU B 337 7.85 3.70 -69.06
N GLY B 338 8.51 2.58 -68.80
CA GLY B 338 9.93 2.47 -69.08
C GLY B 338 10.22 1.21 -69.87
N GLU B 339 11.32 1.26 -70.62
CA GLU B 339 11.75 0.16 -71.46
C GLU B 339 12.92 -0.57 -70.81
N TRP B 340 13.37 -1.64 -71.47
CA TRP B 340 14.47 -2.42 -70.95
C TRP B 340 15.78 -1.65 -71.06
N LYS B 341 16.54 -1.62 -69.97
CA LYS B 341 17.83 -0.95 -69.99
C LYS B 341 18.82 -1.73 -70.84
N PRO B 342 19.87 -1.07 -71.33
CA PRO B 342 20.84 -1.78 -72.16
C PRO B 342 21.66 -2.78 -71.35
N ASP B 343 21.40 -4.06 -71.55
CA ASP B 343 22.08 -5.12 -70.83
C ASP B 343 22.24 -6.31 -71.78
N PRO B 344 23.26 -7.15 -71.57
CA PRO B 344 23.47 -8.32 -72.44
C PRO B 344 22.47 -9.44 -72.16
N GLN B 345 21.19 -9.16 -72.44
CA GLN B 345 20.15 -10.16 -72.23
C GLN B 345 20.34 -11.36 -73.15
N SER B 346 20.70 -11.12 -74.41
CA SER B 346 20.94 -12.16 -75.39
C SER B 346 22.42 -12.16 -75.75
N SER B 347 23.08 -13.32 -75.59
CA SER B 347 24.50 -13.41 -75.89
C SER B 347 24.75 -13.28 -77.39
N GLN B 348 23.87 -13.85 -78.21
CA GLN B 348 24.05 -13.82 -79.66
C GLN B 348 23.91 -12.40 -80.18
N ASP B 349 24.81 -12.01 -81.08
CA ASP B 349 24.75 -10.69 -81.68
C ASP B 349 23.51 -10.52 -82.53
N ASN B 350 23.14 -11.55 -83.29
CA ASN B 350 21.98 -11.47 -84.16
C ASN B 350 20.70 -11.40 -83.34
N ASP B 351 19.81 -10.48 -83.72
CA ASP B 351 18.54 -10.24 -83.06
C ASP B 351 18.73 -10.01 -81.56
N PRO B 352 19.32 -8.89 -81.15
CA PRO B 352 19.53 -8.62 -79.71
C PRO B 352 18.27 -8.12 -79.03
N LEU B 353 17.23 -8.95 -79.03
CA LEU B 353 15.96 -8.58 -78.42
C LEU B 353 16.07 -8.64 -76.90
N LEU B 354 15.65 -7.56 -76.24
CA LEU B 354 15.64 -7.48 -74.78
C LEU B 354 14.27 -7.91 -74.29
N PHE B 355 14.11 -9.22 -74.04
CA PHE B 355 12.86 -9.80 -73.59
C PHE B 355 13.03 -10.36 -72.19
N PHE B 356 12.07 -10.04 -71.32
CA PHE B 356 12.10 -10.51 -69.94
C PHE B 356 11.53 -11.92 -69.91
N LYS B 357 12.40 -12.90 -70.18
CA LYS B 357 12.00 -14.30 -70.21
C LYS B 357 11.66 -14.85 -68.83
N LEU B 358 12.00 -14.12 -67.76
CA LEU B 358 11.70 -14.57 -66.41
C LEU B 358 10.21 -14.49 -66.07
N GLY B 359 9.39 -13.87 -66.92
CA GLY B 359 7.97 -13.78 -66.68
C GLY B 359 7.19 -15.03 -66.98
N ASP B 360 7.83 -16.05 -67.55
CA ASP B 360 7.16 -17.30 -67.84
C ASP B 360 6.84 -18.04 -66.53
N PHE B 361 5.82 -18.90 -66.60
CA PHE B 361 5.40 -19.64 -65.42
C PHE B 361 6.51 -20.57 -64.93
N GLN B 362 7.20 -21.25 -65.86
CA GLN B 362 8.32 -22.11 -65.47
C GLN B 362 9.42 -21.30 -64.83
N HIS B 363 9.77 -20.15 -65.41
CA HIS B 363 10.80 -19.29 -64.84
C HIS B 363 10.36 -18.73 -63.48
N LEU B 364 9.08 -18.38 -63.35
CA LEU B 364 8.56 -17.91 -62.08
C LEU B 364 8.65 -18.99 -61.01
N ALA B 365 8.31 -20.23 -61.37
CA ALA B 365 8.42 -21.34 -60.42
C ALA B 365 9.87 -21.58 -60.03
N SER B 366 10.79 -21.50 -60.99
CA SER B 366 12.20 -21.66 -60.67
C SER B 366 12.68 -20.56 -59.73
N PHE B 367 12.25 -19.32 -59.98
CA PHE B 367 12.62 -18.21 -59.09
C PHE B 367 12.08 -18.42 -57.69
N LEU B 368 10.82 -18.85 -57.58
CA LEU B 368 10.24 -19.10 -56.27
C LEU B 368 10.96 -20.24 -55.54
N GLU B 369 11.34 -21.28 -56.28
CA GLU B 369 12.11 -22.38 -55.68
C GLU B 369 13.46 -21.89 -55.18
N GLU B 370 14.13 -21.05 -55.97
CA GLU B 370 15.41 -20.50 -55.54
C GLU B 370 15.25 -19.62 -54.30
N ILE B 371 14.18 -18.83 -54.24
CA ILE B 371 13.92 -18.01 -53.07
C ILE B 371 13.68 -18.87 -51.84
N SER B 372 12.91 -19.95 -52.01
CA SER B 372 12.61 -20.83 -50.89
C SER B 372 13.87 -21.47 -50.31
N GLN B 373 14.78 -21.91 -51.17
CA GLN B 373 16.03 -22.51 -50.72
C GLN B 373 17.07 -21.44 -50.42
N ASP C 11 -39.15 -44.39 -10.99
CA ASP C 11 -37.74 -44.28 -11.36
C ASP C 11 -37.56 -43.52 -12.66
N THR C 12 -38.58 -43.59 -13.52
CA THR C 12 -38.51 -42.92 -14.82
C THR C 12 -38.44 -41.41 -14.65
N THR C 13 -39.24 -40.85 -13.73
CA THR C 13 -39.30 -39.40 -13.58
C THR C 13 -37.96 -38.84 -13.11
N GLN C 14 -37.34 -39.48 -12.12
CA GLN C 14 -36.07 -38.97 -11.59
C GLN C 14 -34.97 -39.06 -12.65
N GLN C 15 -34.90 -40.19 -13.36
CA GLN C 15 -33.90 -40.34 -14.40
C GLN C 15 -34.10 -39.31 -15.51
N LEU C 16 -35.35 -39.10 -15.92
CA LEU C 16 -35.61 -38.12 -16.96
C LEU C 16 -35.23 -36.71 -16.49
N SER C 17 -35.56 -36.38 -15.25
CA SER C 17 -35.22 -35.05 -14.72
C SER C 17 -33.72 -34.84 -14.67
N LEU C 18 -32.97 -35.83 -14.17
CA LEU C 18 -31.53 -35.67 -14.08
C LEU C 18 -30.89 -35.62 -15.47
N LEU C 19 -31.39 -36.42 -16.42
CA LEU C 19 -30.87 -36.36 -17.78
C LEU C 19 -31.14 -35.00 -18.40
N LYS C 20 -32.35 -34.46 -18.20
CA LYS C 20 -32.67 -33.13 -18.71
C LYS C 20 -31.75 -32.07 -18.11
N HIS C 21 -31.51 -32.16 -16.79
CA HIS C 21 -30.66 -31.18 -16.14
C HIS C 21 -29.22 -31.26 -16.65
N VAL C 22 -28.68 -32.47 -16.82
CA VAL C 22 -27.30 -32.58 -17.25
C VAL C 22 -27.15 -32.20 -18.73
N LEU C 23 -28.16 -32.48 -19.55
CA LEU C 23 -28.07 -32.13 -20.96
C LEU C 23 -28.30 -30.65 -21.20
N SER C 24 -29.12 -30.00 -20.37
CA SER C 24 -29.39 -28.58 -20.55
C SER C 24 -28.15 -27.73 -20.30
N GLU C 25 -27.32 -28.12 -19.34
CA GLU C 25 -26.12 -27.36 -19.04
C GLU C 25 -25.12 -27.45 -20.18
N ASP C 26 -24.52 -26.32 -20.53
CA ASP C 26 -23.54 -26.23 -21.59
C ASP C 26 -22.11 -26.15 -21.08
N LYS C 27 -21.90 -26.40 -19.78
CA LYS C 27 -20.58 -26.30 -19.17
C LYS C 27 -19.82 -27.62 -19.16
N ARG C 28 -20.37 -28.67 -19.75
CA ARG C 28 -19.70 -29.96 -19.79
C ARG C 28 -19.67 -30.49 -21.22
N PRO C 29 -18.59 -31.16 -21.61
CA PRO C 29 -18.53 -31.75 -22.94
C PRO C 29 -19.54 -32.88 -23.10
N ILE C 30 -20.02 -33.05 -24.32
CA ILE C 30 -21.00 -34.09 -24.65
C ILE C 30 -20.46 -34.92 -25.79
N ALA C 31 -20.67 -36.23 -25.71
CA ALA C 31 -20.27 -37.15 -26.76
C ALA C 31 -21.26 -38.30 -26.84
N PHE C 32 -21.25 -38.99 -27.97
CA PHE C 32 -22.16 -40.11 -28.21
C PHE C 32 -21.41 -41.24 -28.88
N ILE C 33 -21.91 -42.46 -28.66
CA ILE C 33 -21.40 -43.66 -29.31
C ILE C 33 -22.53 -44.26 -30.14
N ILE C 34 -22.26 -44.49 -31.42
CA ILE C 34 -23.28 -44.92 -32.37
C ILE C 34 -22.93 -46.33 -32.83
N ALA C 35 -23.89 -47.24 -32.66
CA ALA C 35 -23.77 -48.62 -33.10
C ALA C 35 -24.88 -48.92 -34.10
N ALA C 36 -25.00 -50.20 -34.48
CA ALA C 36 -26.01 -50.61 -35.46
C ALA C 36 -27.43 -50.41 -34.96
N GLY C 37 -27.61 -50.19 -33.65
CA GLY C 37 -28.95 -49.96 -33.13
C GLY C 37 -29.59 -48.71 -33.71
N CYS C 38 -28.80 -47.65 -33.92
CA CYS C 38 -29.36 -46.45 -34.50
C CYS C 38 -29.85 -46.65 -35.92
N PRO C 39 -29.08 -47.21 -36.86
CA PRO C 39 -29.65 -47.48 -38.20
C PRO C 39 -30.76 -48.52 -38.19
N VAL C 40 -30.70 -49.53 -37.31
CA VAL C 40 -31.75 -50.53 -37.31
C VAL C 40 -33.08 -49.99 -36.79
N SER C 41 -33.06 -48.86 -36.07
CA SER C 41 -34.28 -48.29 -35.55
C SER C 41 -35.12 -47.59 -36.62
N ILE C 42 -34.55 -47.31 -37.79
CA ILE C 42 -35.28 -46.66 -38.86
C ILE C 42 -36.12 -47.71 -39.58
N ARG C 43 -37.42 -47.46 -39.69
CA ARG C 43 -38.34 -48.39 -40.34
C ARG C 43 -38.54 -47.98 -41.79
N HIS C 44 -38.37 -48.93 -42.69
CA HIS C 44 -38.55 -48.68 -44.13
C HIS C 44 -39.18 -49.91 -44.75
N ASN C 45 -40.39 -49.74 -45.29
CA ASN C 45 -41.16 -50.84 -45.88
C ASN C 45 -41.38 -51.97 -44.88
N ASP C 46 -41.58 -51.62 -43.61
CA ASP C 46 -41.75 -52.59 -42.52
C ASP C 46 -40.57 -53.55 -42.43
N ALA C 47 -39.39 -53.06 -42.79
CA ALA C 47 -38.15 -53.82 -42.73
C ALA C 47 -37.05 -52.93 -42.21
N PRO C 48 -36.06 -53.49 -41.50
CA PRO C 48 -34.95 -52.67 -41.00
C PRO C 48 -34.15 -52.06 -42.14
N LEU C 49 -33.71 -50.82 -41.93
CA LEU C 49 -32.85 -50.17 -42.93
C LEU C 49 -31.52 -50.91 -43.05
N ILE C 50 -30.93 -51.30 -41.93
CA ILE C 50 -29.71 -52.10 -41.91
C ILE C 50 -29.94 -53.30 -41.01
N PRO C 51 -29.71 -54.52 -41.50
CA PRO C 51 -30.02 -55.71 -40.68
C PRO C 51 -28.97 -56.00 -39.61
N ASP C 52 -28.06 -55.04 -39.40
CA ASP C 52 -27.03 -55.14 -38.36
C ASP C 52 -26.07 -56.28 -38.63
N VAL C 53 -25.22 -56.58 -37.65
CA VAL C 53 -24.17 -57.58 -37.83
C VAL C 53 -24.78 -58.97 -38.06
N ALA C 54 -25.80 -59.31 -37.27
CA ALA C 54 -26.43 -60.62 -37.42
C ALA C 54 -27.09 -60.77 -38.78
N GLY C 55 -27.80 -59.73 -39.23
CA GLY C 55 -28.42 -59.78 -40.55
C GLY C 55 -27.39 -59.87 -41.66
N LEU C 56 -26.29 -59.12 -41.55
CA LEU C 56 -25.23 -59.21 -42.53
C LEU C 56 -24.58 -60.59 -42.56
N THR C 57 -24.38 -61.23 -41.40
CA THR C 57 -23.85 -62.58 -41.36
C THR C 57 -24.81 -63.58 -42.02
N ARG C 58 -26.12 -63.45 -41.71
CA ARG C 58 -27.10 -64.34 -42.33
C ARG C 58 -27.15 -64.15 -43.85
N LYS C 59 -27.12 -62.91 -44.32
CA LYS C 59 -27.15 -62.67 -45.76
C LYS C 59 -25.85 -63.14 -46.42
N ILE C 60 -24.72 -62.95 -45.75
CA ILE C 60 -23.45 -63.46 -46.29
C ILE C 60 -23.50 -64.98 -46.41
N SER C 61 -23.99 -65.66 -45.38
CA SER C 61 -24.09 -67.11 -45.43
C SER C 61 -25.04 -67.57 -46.53
N ASP C 62 -26.17 -66.89 -46.68
CA ASP C 62 -27.15 -67.28 -47.69
C ASP C 62 -26.69 -66.94 -49.10
N SER C 63 -25.76 -65.99 -49.24
CA SER C 63 -25.29 -65.60 -50.56
C SER C 63 -24.58 -66.76 -51.26
N PHE C 64 -23.75 -67.49 -50.54
CA PHE C 64 -23.02 -68.63 -51.10
C PHE C 64 -23.77 -69.94 -50.97
N GLY C 65 -24.94 -69.94 -50.35
CA GLY C 65 -25.74 -71.15 -50.23
C GLY C 65 -25.28 -72.04 -49.10
N GLY C 66 -25.98 -73.17 -48.97
CA GLY C 66 -25.70 -74.17 -47.97
C GLY C 66 -24.75 -75.27 -48.40
N ASN C 67 -24.12 -75.14 -49.56
CA ASN C 67 -23.22 -76.19 -50.03
C ASN C 67 -21.97 -76.25 -49.17
N PRO C 68 -21.65 -77.41 -48.57
CA PRO C 68 -20.44 -77.50 -47.74
C PRO C 68 -19.15 -77.38 -48.52
N ASP C 69 -19.18 -77.55 -49.85
CA ASP C 69 -17.95 -77.49 -50.64
C ASP C 69 -17.34 -76.10 -50.65
N SER C 70 -18.14 -75.06 -50.40
CA SER C 70 -17.61 -73.70 -50.38
C SER C 70 -16.71 -73.50 -49.17
N LEU C 71 -15.62 -72.75 -49.38
CA LEU C 71 -14.67 -72.51 -48.31
C LEU C 71 -15.26 -71.62 -47.21
N LEU C 72 -16.23 -70.77 -47.56
CA LEU C 72 -16.83 -69.88 -46.57
C LEU C 72 -17.55 -70.67 -45.49
N MET C 73 -18.31 -71.69 -45.87
CA MET C 73 -18.98 -72.53 -44.88
C MET C 73 -17.99 -73.30 -44.04
N LYS C 74 -16.88 -73.75 -44.64
CA LYS C 74 -15.84 -74.44 -43.88
C LYS C 74 -15.23 -73.52 -42.83
N ILE C 75 -14.97 -72.26 -43.20
CA ILE C 75 -14.44 -71.30 -42.23
C ILE C 75 -15.48 -71.02 -41.15
N ILE C 76 -16.75 -70.93 -41.52
CA ILE C 76 -17.80 -70.65 -40.55
C ILE C 76 -17.88 -71.78 -39.53
N GLN C 77 -17.84 -73.03 -39.99
CA GLN C 77 -17.91 -74.15 -39.05
C GLN C 77 -16.63 -74.27 -38.22
N ASN C 78 -15.48 -73.94 -38.81
CA ASN C 78 -14.23 -73.93 -38.04
C ASN C 78 -14.29 -72.91 -36.92
N LEU C 79 -14.85 -71.72 -37.20
CA LEU C 79 -15.06 -70.74 -36.15
C LEU C 79 -16.09 -71.21 -35.14
N LYS C 80 -17.13 -71.91 -35.59
CA LYS C 80 -18.14 -72.45 -34.68
C LYS C 80 -17.51 -73.42 -33.69
N THR C 81 -16.50 -74.18 -34.12
CA THR C 81 -15.82 -75.09 -33.21
C THR C 81 -15.14 -74.33 -32.07
N THR C 82 -14.60 -73.15 -32.36
CA THR C 82 -13.93 -72.33 -31.35
C THR C 82 -14.84 -71.26 -30.78
N ILE C 83 -15.38 -70.39 -31.63
CA ILE C 83 -16.25 -69.29 -31.20
C ILE C 83 -17.68 -69.78 -31.24
N PRO C 84 -18.42 -69.76 -30.14
CA PRO C 84 -19.81 -70.24 -30.18
C PRO C 84 -20.70 -69.47 -31.15
N ASN C 85 -20.47 -68.18 -31.29
CA ASN C 85 -21.26 -67.33 -32.20
C ASN C 85 -20.29 -66.52 -33.06
N PRO C 86 -20.00 -66.99 -34.27
CA PRO C 86 -19.08 -66.26 -35.14
C PRO C 86 -19.63 -64.89 -35.55
N THR C 87 -18.74 -63.94 -35.76
CA THR C 87 -19.08 -62.60 -36.15
C THR C 87 -18.40 -62.28 -37.49
N ILE C 88 -19.08 -61.47 -38.30
CA ILE C 88 -18.51 -61.08 -39.58
C ILE C 88 -17.21 -60.32 -39.39
N GLU C 89 -17.11 -59.53 -38.32
CA GLU C 89 -15.85 -58.88 -37.98
C GLU C 89 -14.77 -59.94 -37.72
N ASP C 90 -15.11 -60.97 -36.96
CA ASP C 90 -14.18 -62.05 -36.70
C ASP C 90 -13.83 -62.80 -37.98
N ILE C 91 -14.81 -63.00 -38.86
CA ILE C 91 -14.55 -63.67 -40.13
C ILE C 91 -13.56 -62.87 -40.96
N LEU C 92 -13.76 -61.55 -41.05
CA LEU C 92 -12.84 -60.70 -41.79
C LEU C 92 -11.45 -60.72 -41.16
N SER C 93 -11.37 -60.68 -39.83
CA SER C 93 -10.08 -60.73 -39.16
C SER C 93 -9.36 -62.05 -39.46
N TYR C 94 -10.09 -63.16 -39.42
CA TYR C 94 -9.50 -64.45 -39.72
C TYR C 94 -9.03 -64.53 -41.17
N ILE C 95 -9.82 -64.00 -42.09
CA ILE C 95 -9.45 -64.01 -43.51
C ILE C 95 -8.18 -63.18 -43.74
N ARG C 96 -8.12 -61.99 -43.12
CA ARG C 96 -6.93 -61.16 -43.26
C ARG C 96 -5.71 -61.82 -42.61
N LEU C 97 -5.92 -62.51 -41.48
CA LEU C 97 -4.82 -63.23 -40.84
C LEU C 97 -4.30 -64.33 -41.75
N LEU C 98 -5.20 -65.08 -42.41
CA LEU C 98 -4.77 -66.09 -43.36
C LEU C 98 -4.04 -65.45 -44.54
N GLN C 99 -4.53 -64.32 -45.03
CA GLN C 99 -3.90 -63.64 -46.16
C GLN C 99 -2.53 -63.09 -45.82
N GLN C 100 -2.29 -62.75 -44.55
CA GLN C 100 -1.01 -62.15 -44.17
C GLN C 100 0.17 -63.11 -44.35
N ILE C 101 -0.09 -64.41 -44.47
CA ILE C 101 0.97 -65.39 -44.66
C ILE C 101 0.61 -66.28 -45.85
N PRO C 102 1.60 -66.88 -46.52
CA PRO C 102 1.28 -67.78 -47.64
C PRO C 102 0.60 -69.05 -47.18
N MET C 103 -0.67 -68.95 -46.77
CA MET C 103 -1.42 -70.09 -46.27
C MET C 103 -2.05 -70.83 -47.44
N SER C 104 -1.27 -71.71 -48.05
CA SER C 104 -1.74 -72.53 -49.16
C SER C 104 -2.03 -73.97 -48.73
N GLY C 105 -2.17 -74.22 -47.43
CA GLY C 105 -2.33 -75.56 -46.92
C GLY C 105 -3.78 -76.00 -46.87
N LYS C 106 -4.05 -77.01 -46.03
CA LYS C 106 -5.38 -77.57 -45.91
C LYS C 106 -6.38 -76.54 -45.41
N ILE C 107 -5.92 -75.55 -44.64
CA ILE C 107 -6.80 -74.48 -44.18
C ILE C 107 -7.40 -73.74 -45.36
N HIS C 108 -6.61 -73.53 -46.42
CA HIS C 108 -7.09 -72.92 -47.65
C HIS C 108 -6.98 -73.89 -48.83
N ASP C 109 -7.24 -75.18 -48.58
CA ASP C 109 -7.15 -76.18 -49.64
C ASP C 109 -8.22 -75.94 -50.72
N VAL C 110 -9.43 -75.57 -50.31
CA VAL C 110 -10.49 -75.33 -51.28
C VAL C 110 -10.14 -74.13 -52.17
N GLU C 111 -9.59 -73.09 -51.57
CA GLU C 111 -9.22 -71.87 -52.29
C GLU C 111 -7.72 -71.63 -52.07
N ASN C 112 -6.90 -72.18 -52.97
CA ASN C 112 -5.45 -71.96 -52.86
C ASN C 112 -5.11 -70.49 -53.04
N SER C 113 -5.76 -69.81 -53.98
CA SER C 113 -5.56 -68.38 -54.17
C SER C 113 -6.89 -67.63 -54.32
N VAL C 114 -8.04 -68.32 -54.19
CA VAL C 114 -9.33 -67.66 -54.32
C VAL C 114 -9.81 -67.04 -53.02
N ILE C 115 -9.01 -67.09 -51.96
CA ILE C 115 -9.38 -66.41 -50.72
C ILE C 115 -9.43 -64.91 -50.93
N ASN C 116 -8.51 -64.38 -51.76
CA ASN C 116 -8.55 -62.97 -52.10
C ASN C 116 -9.84 -62.62 -52.83
N ALA C 117 -10.25 -63.47 -53.78
CA ALA C 117 -11.51 -63.24 -54.49
C ALA C 117 -12.69 -63.29 -53.52
N LEU C 118 -12.67 -64.24 -52.58
CA LEU C 118 -13.77 -64.36 -51.63
C LEU C 118 -13.88 -63.12 -50.74
N GLU C 119 -12.73 -62.63 -50.24
CA GLU C 119 -12.78 -61.45 -49.39
C GLU C 119 -13.15 -60.20 -50.19
N GLU C 120 -12.71 -60.11 -51.44
CA GLU C 120 -13.13 -58.99 -52.28
C GLU C 120 -14.63 -59.02 -52.52
N SER C 121 -15.18 -60.22 -52.77
CA SER C 121 -16.63 -60.34 -52.95
C SER C 121 -17.37 -59.95 -51.68
N ILE C 122 -16.86 -60.36 -50.51
CA ILE C 122 -17.49 -59.98 -49.25
C ILE C 122 -17.46 -58.48 -49.07
N CYS C 123 -16.32 -57.85 -49.36
CA CYS C 123 -16.23 -56.39 -49.24
C CYS C 123 -17.18 -55.69 -50.20
N GLU C 124 -17.28 -56.18 -51.43
CA GLU C 124 -18.20 -55.58 -52.39
C GLU C 124 -19.65 -55.72 -51.93
N LEU C 125 -20.01 -56.88 -51.39
CA LEU C 125 -21.36 -57.08 -50.89
C LEU C 125 -21.65 -56.14 -49.72
N ILE C 126 -20.68 -55.98 -48.82
CA ILE C 126 -20.86 -55.05 -47.71
C ILE C 126 -21.07 -53.63 -48.22
N GLU C 127 -20.23 -53.20 -49.17
CA GLU C 127 -20.36 -51.85 -49.71
C GLU C 127 -21.70 -51.64 -50.37
N GLU C 128 -22.16 -52.63 -51.15
CA GLU C 128 -23.45 -52.51 -51.82
C GLU C 128 -24.59 -52.44 -50.82
N GLU C 129 -24.53 -53.27 -49.76
CA GLU C 129 -25.66 -53.34 -48.83
C GLU C 129 -25.72 -52.13 -47.90
N VAL C 130 -24.58 -51.51 -47.59
CA VAL C 130 -24.55 -50.38 -46.66
C VAL C 130 -24.58 -49.04 -47.37
N ASN C 131 -24.73 -49.04 -48.70
CA ASN C 131 -24.73 -47.81 -49.49
C ASN C 131 -26.18 -47.37 -49.70
N VAL C 132 -26.72 -46.68 -48.70
CA VAL C 132 -28.07 -46.14 -48.77
C VAL C 132 -28.06 -44.68 -48.33
N ASP C 133 -29.23 -44.05 -48.31
CA ASP C 133 -29.35 -42.67 -47.90
C ASP C 133 -30.58 -42.51 -47.02
N LEU C 134 -30.58 -41.45 -46.21
CA LEU C 134 -31.68 -41.19 -45.30
C LEU C 134 -32.92 -40.75 -46.08
N PRO C 135 -34.04 -41.46 -45.96
CA PRO C 135 -35.26 -41.03 -46.66
C PRO C 135 -36.01 -39.96 -45.89
N GLY C 136 -36.18 -38.79 -46.51
CA GLY C 136 -36.90 -37.71 -45.88
C GLY C 136 -36.10 -37.04 -44.77
N ASN C 137 -36.81 -36.20 -44.01
CA ASN C 137 -36.23 -35.45 -42.91
C ASN C 137 -36.81 -35.87 -41.56
N ALA C 138 -37.53 -36.99 -41.49
CA ALA C 138 -38.14 -37.44 -40.26
C ALA C 138 -37.27 -38.45 -39.51
N THR C 139 -36.06 -38.70 -39.99
CA THR C 139 -35.18 -39.65 -39.32
C THR C 139 -34.70 -39.09 -37.99
N PRO C 140 -34.42 -39.96 -37.02
CA PRO C 140 -33.90 -39.47 -35.73
C PRO C 140 -32.60 -38.71 -35.85
N TYR C 141 -31.79 -39.00 -36.87
CA TYR C 141 -30.55 -38.27 -37.08
C TYR C 141 -30.80 -36.78 -37.31
N HIS C 142 -31.87 -36.46 -38.06
CA HIS C 142 -32.23 -35.07 -38.26
C HIS C 142 -32.60 -34.39 -36.95
N LYS C 143 -33.34 -35.10 -36.09
CA LYS C 143 -33.68 -34.54 -34.78
C LYS C 143 -32.43 -34.32 -33.93
N ILE C 144 -31.48 -35.26 -34.00
CA ILE C 144 -30.22 -35.11 -33.25
C ILE C 144 -29.46 -33.89 -33.75
N ALA C 145 -29.38 -33.72 -35.06
CA ALA C 145 -28.68 -32.56 -35.63
C ALA C 145 -29.37 -31.27 -35.25
N ALA C 146 -30.71 -31.26 -35.25
CA ALA C 146 -31.45 -30.06 -34.85
C ALA C 146 -31.19 -29.73 -33.40
N TRP C 147 -31.15 -30.74 -32.52
CA TRP C 147 -30.81 -30.48 -31.13
C TRP C 147 -29.38 -29.94 -30.99
N ILE C 148 -28.45 -30.48 -31.78
CA ILE C 148 -27.06 -30.06 -31.69
C ILE C 148 -26.92 -28.60 -32.09
N ASN C 149 -27.53 -28.21 -33.22
CA ASN C 149 -27.36 -26.86 -33.74
C ASN C 149 -28.37 -25.87 -33.18
N SER C 150 -29.31 -26.32 -32.34
CA SER C 150 -30.32 -25.41 -31.80
C SER C 150 -29.70 -24.40 -30.85
N ILE C 151 -28.80 -24.84 -29.97
CA ILE C 151 -28.20 -23.99 -28.96
C ILE C 151 -26.68 -24.00 -29.16
N ASN C 152 -26.09 -22.81 -29.23
CA ASN C 152 -24.64 -22.70 -29.30
C ASN C 152 -24.03 -23.05 -27.95
N ARG C 153 -22.99 -23.88 -27.97
CA ARG C 153 -22.37 -24.39 -26.76
C ARG C 153 -20.90 -24.03 -26.73
N GLU C 154 -20.40 -23.66 -25.55
CA GLU C 154 -18.99 -23.34 -25.40
C GLU C 154 -18.09 -24.55 -25.57
N HIS C 155 -18.62 -25.75 -25.35
CA HIS C 155 -17.87 -26.99 -25.52
C HIS C 155 -18.38 -27.70 -26.78
N GLN C 156 -17.45 -28.11 -27.63
CA GLN C 156 -17.80 -28.79 -28.86
C GLN C 156 -18.42 -30.15 -28.57
N VAL C 157 -19.35 -30.55 -29.43
CA VAL C 157 -20.04 -31.83 -29.31
C VAL C 157 -19.44 -32.79 -30.31
N GLU C 158 -18.89 -33.89 -29.83
CA GLU C 158 -18.29 -34.92 -30.68
C GLU C 158 -19.21 -36.14 -30.75
N ILE C 159 -19.07 -36.88 -31.84
CA ILE C 159 -19.87 -38.08 -32.06
C ILE C 159 -18.94 -39.21 -32.47
N PHE C 160 -19.07 -40.37 -31.83
CA PHE C 160 -18.29 -41.55 -32.15
C PHE C 160 -19.21 -42.62 -32.72
N THR C 161 -18.81 -43.21 -33.84
CA THR C 161 -19.58 -44.26 -34.49
C THR C 161 -18.66 -45.38 -34.94
N THR C 162 -19.13 -46.61 -34.81
CA THR C 162 -18.42 -47.79 -35.30
C THR C 162 -19.04 -48.36 -36.56
N ASN C 163 -20.02 -47.68 -37.14
CA ASN C 163 -20.70 -48.17 -38.33
C ASN C 163 -19.97 -47.67 -39.58
N TYR C 164 -20.39 -48.18 -40.73
CA TYR C 164 -19.81 -47.79 -42.01
C TYR C 164 -20.67 -46.83 -42.81
N ASP C 165 -21.97 -46.74 -42.52
CA ASP C 165 -22.85 -45.87 -43.27
C ASP C 165 -22.58 -44.40 -42.93
N LEU C 166 -22.95 -43.53 -43.88
CA LEU C 166 -22.72 -42.09 -43.76
C LEU C 166 -24.00 -41.34 -43.39
N LEU C 167 -24.89 -41.97 -42.63
CA LEU C 167 -26.16 -41.33 -42.28
C LEU C 167 -25.93 -40.08 -41.44
N MET C 168 -25.02 -40.16 -40.46
CA MET C 168 -24.75 -39.00 -39.60
C MET C 168 -24.19 -37.84 -40.40
N GLU C 169 -23.27 -38.12 -41.33
CA GLU C 169 -22.69 -37.05 -42.14
C GLU C 169 -23.76 -36.36 -42.98
N GLN C 170 -24.63 -37.14 -43.62
CA GLN C 170 -25.71 -36.56 -44.42
C GLN C 170 -26.65 -35.74 -43.56
N ALA C 171 -27.01 -36.25 -42.38
CA ALA C 171 -27.91 -35.51 -41.50
C ALA C 171 -27.28 -34.20 -41.05
N LEU C 172 -25.99 -34.22 -40.70
CA LEU C 172 -25.32 -33.00 -40.27
C LEU C 172 -25.19 -31.99 -41.41
N GLU C 173 -24.86 -32.45 -42.61
CA GLU C 173 -24.66 -31.51 -43.71
C GLU C 173 -25.98 -30.96 -44.24
N GLU C 174 -27.07 -31.73 -44.13
CA GLU C 174 -28.36 -31.23 -44.57
C GLU C 174 -28.83 -30.07 -43.71
N LEU C 175 -28.62 -30.15 -42.40
CA LEU C 175 -29.07 -29.12 -41.47
C LEU C 175 -28.02 -28.04 -41.23
N ASN C 176 -27.02 -27.95 -42.10
CA ASN C 176 -25.98 -26.93 -42.02
C ASN C 176 -25.25 -26.99 -40.68
N VAL C 177 -24.62 -28.14 -40.44
CA VAL C 177 -23.85 -28.37 -39.22
C VAL C 177 -22.40 -28.62 -39.61
N PRO C 178 -21.50 -27.65 -39.45
CA PRO C 178 -20.09 -27.89 -39.75
C PRO C 178 -19.49 -28.91 -38.80
N TYR C 179 -18.55 -29.69 -39.33
CA TYR C 179 -17.91 -30.74 -38.55
C TYR C 179 -16.54 -31.06 -39.14
N PHE C 180 -15.71 -31.69 -38.33
CA PHE C 180 -14.36 -32.07 -38.72
C PHE C 180 -14.18 -33.56 -38.46
N ASP C 181 -13.81 -34.31 -39.49
CA ASP C 181 -13.68 -35.76 -39.40
C ASP C 181 -12.23 -36.22 -39.48
N GLY C 182 -11.28 -35.30 -39.46
CA GLY C 182 -9.88 -35.67 -39.52
C GLY C 182 -9.27 -35.53 -40.91
N PHE C 183 -10.10 -35.50 -41.94
CA PHE C 183 -9.62 -35.39 -43.31
C PHE C 183 -9.81 -33.97 -43.82
N VAL C 184 -8.77 -33.45 -44.47
CA VAL C 184 -8.77 -32.09 -45.01
C VAL C 184 -8.40 -32.18 -46.49
N GLY C 185 -9.21 -31.57 -47.33
CA GLY C 185 -8.94 -31.57 -48.77
C GLY C 185 -10.24 -31.53 -49.54
N SER C 186 -10.09 -31.40 -50.86
CA SER C 186 -11.23 -31.32 -51.76
C SER C 186 -11.27 -32.46 -52.75
N LYS C 187 -10.19 -32.68 -53.51
CA LYS C 187 -10.16 -33.77 -54.48
C LYS C 187 -9.88 -35.11 -53.79
N ARG C 188 -8.75 -35.21 -53.11
CA ARG C 188 -8.35 -36.41 -52.35
C ARG C 188 -7.89 -35.93 -50.98
N ALA C 189 -8.83 -35.80 -50.05
CA ALA C 189 -8.51 -35.32 -48.72
C ALA C 189 -7.57 -36.28 -48.02
N PHE C 190 -6.43 -35.77 -47.57
CA PHE C 190 -5.46 -36.58 -46.86
C PHE C 190 -5.71 -36.53 -45.36
N PHE C 191 -5.07 -37.45 -44.64
CA PHE C 191 -5.23 -37.56 -43.19
C PHE C 191 -4.18 -36.69 -42.53
N ASP C 192 -4.55 -35.44 -42.22
CA ASP C 192 -3.66 -34.54 -41.51
C ASP C 192 -3.58 -34.94 -40.05
N ILE C 193 -2.37 -34.96 -39.50
CA ILE C 193 -2.12 -35.44 -38.15
C ILE C 193 -1.94 -34.29 -37.17
N ARG C 194 -1.22 -33.25 -37.58
CA ARG C 194 -0.85 -32.18 -36.65
C ARG C 194 -2.09 -31.48 -36.09
N THR C 195 -3.05 -31.15 -36.96
CA THR C 195 -4.22 -30.42 -36.51
C THR C 195 -5.05 -31.22 -35.52
N ILE C 196 -4.97 -32.55 -35.59
CA ILE C 196 -5.73 -33.38 -34.66
C ILE C 196 -5.27 -33.15 -33.22
N GLU C 197 -3.96 -33.11 -33.00
CA GLU C 197 -3.43 -32.86 -31.67
C GLU C 197 -3.30 -31.38 -31.35
N GLU C 198 -3.41 -30.50 -32.34
CA GLU C 198 -3.41 -29.07 -32.04
C GLU C 198 -4.60 -28.69 -31.18
N ASN C 199 -5.79 -29.22 -31.51
CA ASN C 199 -7.01 -28.99 -30.75
C ASN C 199 -7.28 -27.48 -30.59
N LYS C 200 -7.20 -26.77 -31.70
CA LYS C 200 -7.45 -25.33 -31.74
C LYS C 200 -8.48 -25.00 -32.80
N LEU C 201 -9.42 -25.92 -33.03
CA LEU C 201 -10.50 -25.66 -33.96
C LEU C 201 -11.50 -24.67 -33.37
N PRO C 202 -12.27 -23.99 -34.20
CA PRO C 202 -13.29 -23.07 -33.68
C PRO C 202 -14.30 -23.79 -32.80
N SER C 203 -14.74 -23.10 -31.75
CA SER C 203 -15.59 -23.73 -30.74
C SER C 203 -16.96 -24.11 -31.29
N ARG C 204 -17.41 -23.49 -32.37
CA ARG C 204 -18.71 -23.83 -32.94
C ARG C 204 -18.66 -25.09 -33.80
N TRP C 205 -17.48 -25.56 -34.17
CA TRP C 205 -17.35 -26.75 -34.99
C TRP C 205 -17.58 -28.01 -34.16
N SER C 206 -18.13 -29.03 -34.81
CA SER C 206 -18.31 -30.33 -34.19
C SER C 206 -17.26 -31.31 -34.72
N LYS C 207 -17.27 -32.52 -34.17
CA LYS C 207 -16.29 -33.55 -34.55
C LYS C 207 -17.00 -34.89 -34.69
N LEU C 208 -16.67 -35.63 -35.74
CA LEU C 208 -17.19 -36.97 -35.98
C LEU C 208 -16.02 -37.90 -36.24
N TRP C 209 -15.79 -38.85 -35.34
CA TRP C 209 -14.67 -39.78 -35.44
C TRP C 209 -15.16 -41.15 -35.85
N LYS C 210 -14.51 -41.74 -36.85
CA LYS C 210 -14.87 -43.04 -37.39
C LYS C 210 -13.95 -44.09 -36.74
N LEU C 211 -14.46 -44.76 -35.71
CA LEU C 211 -13.67 -45.75 -35.00
C LEU C 211 -13.34 -46.95 -35.87
N HIS C 212 -14.31 -47.43 -36.66
CA HIS C 212 -14.12 -48.60 -37.49
C HIS C 212 -13.92 -48.27 -38.96
N GLY C 213 -13.65 -47.00 -39.29
CA GLY C 213 -13.44 -46.62 -40.67
C GLY C 213 -14.73 -46.25 -41.37
N SER C 214 -14.61 -46.11 -42.69
CA SER C 214 -15.75 -45.71 -43.52
C SER C 214 -15.61 -46.36 -44.89
N ILE C 215 -16.72 -46.39 -45.62
CA ILE C 215 -16.73 -47.01 -46.94
C ILE C 215 -16.06 -46.13 -48.00
N ASN C 216 -15.96 -44.83 -47.77
CA ASN C 216 -15.35 -43.92 -48.72
C ASN C 216 -13.84 -43.77 -48.54
N TRP C 217 -13.28 -44.33 -47.48
CA TRP C 217 -11.83 -44.31 -47.31
C TRP C 217 -11.17 -45.26 -48.30
N GLN C 218 -10.02 -44.84 -48.84
CA GLN C 218 -9.27 -45.67 -49.78
C GLN C 218 -7.79 -45.57 -49.45
N LEU C 219 -7.04 -46.56 -49.90
CA LEU C 219 -5.60 -46.62 -49.68
C LEU C 219 -4.88 -46.80 -51.00
N ASP C 220 -3.80 -46.05 -51.19
CA ASP C 220 -2.94 -46.16 -52.37
C ASP C 220 -1.65 -46.85 -51.96
N LYS C 221 -1.34 -47.96 -52.63
CA LYS C 221 -0.13 -48.72 -52.30
C LYS C 221 1.12 -48.13 -52.94
N GLN C 222 0.97 -47.23 -53.91
CA GLN C 222 2.14 -46.57 -54.49
C GLN C 222 2.88 -45.76 -53.45
N THR C 223 2.16 -45.02 -52.62
CA THR C 223 2.72 -44.33 -51.48
C THR C 223 2.27 -44.91 -50.15
N GLN C 224 1.42 -45.94 -50.18
CA GLN C 224 0.87 -46.56 -48.97
C GLN C 224 0.22 -45.51 -48.07
N THR C 225 -0.60 -44.67 -48.67
CA THR C 225 -1.24 -43.56 -47.96
C THR C 225 -2.75 -43.67 -48.08
N ILE C 226 -3.43 -43.26 -47.02
CA ILE C 226 -4.89 -43.32 -46.96
C ILE C 226 -5.46 -41.96 -47.29
N TRP C 227 -6.67 -41.96 -47.84
CA TRP C 227 -7.35 -40.70 -48.17
C TRP C 227 -8.85 -40.95 -48.26
N ARG C 228 -9.61 -39.92 -47.91
CA ARG C 228 -11.07 -39.99 -47.93
C ARG C 228 -11.56 -39.50 -49.28
N GLY C 229 -12.34 -40.34 -49.96
CA GLY C 229 -12.88 -40.00 -51.26
C GLY C 229 -14.34 -40.36 -51.42
N THR C 230 -14.65 -41.10 -52.48
CA THR C 230 -16.01 -41.54 -52.76
C THR C 230 -16.03 -43.05 -52.95
N PRO C 231 -17.18 -43.70 -52.68
CA PRO C 231 -17.24 -45.17 -52.81
C PRO C 231 -16.88 -45.64 -54.21
N SER C 232 -15.76 -46.36 -54.31
CA SER C 232 -15.30 -46.95 -55.57
C SER C 232 -15.42 -48.47 -55.47
N LYS C 233 -14.96 -49.16 -56.51
CA LYS C 233 -15.07 -50.61 -56.58
C LYS C 233 -14.06 -51.24 -55.65
N GLY C 234 -14.40 -51.33 -54.36
CA GLY C 234 -13.52 -51.91 -53.38
C GLY C 234 -12.77 -50.90 -52.55
N CYS C 235 -13.15 -50.75 -51.27
CA CYS C 235 -12.48 -49.84 -50.36
C CYS C 235 -11.49 -50.63 -49.51
N SER C 236 -10.32 -50.06 -49.30
CA SER C 236 -9.24 -50.73 -48.56
C SER C 236 -9.30 -50.48 -47.06
N LEU C 237 -10.25 -49.67 -46.59
CA LEU C 237 -10.33 -49.38 -45.16
C LEU C 237 -11.65 -49.88 -44.58
N ILE C 238 -12.11 -51.04 -45.05
CA ILE C 238 -13.31 -51.67 -44.51
C ILE C 238 -13.03 -52.48 -43.25
N HIS C 239 -11.79 -52.49 -42.78
CA HIS C 239 -11.39 -53.36 -41.68
C HIS C 239 -12.08 -52.93 -40.39
N PRO C 240 -12.67 -53.86 -39.64
CA PRO C 240 -13.18 -53.55 -38.29
C PRO C 240 -12.04 -53.49 -37.26
N SER C 241 -11.18 -52.48 -37.40
CA SER C 241 -10.04 -52.27 -36.51
C SER C 241 -9.07 -53.45 -36.56
N HIS C 242 -8.70 -53.85 -37.77
CA HIS C 242 -7.72 -54.93 -37.96
C HIS C 242 -6.94 -54.62 -39.23
N LEU C 243 -5.78 -54.00 -39.07
CA LEU C 243 -4.97 -53.57 -40.21
C LEU C 243 -3.50 -53.62 -39.79
N LYS C 244 -2.64 -52.94 -40.55
CA LYS C 244 -1.23 -52.91 -40.25
C LYS C 244 -0.95 -51.92 -39.12
N TYR C 245 0.34 -51.67 -38.88
CA TYR C 245 0.74 -50.75 -37.82
C TYR C 245 0.49 -49.30 -38.26
N ASP C 246 0.83 -48.38 -37.38
CA ASP C 246 0.63 -46.95 -37.65
C ASP C 246 1.62 -46.45 -38.70
N LYS C 250 -0.01 -46.04 -41.74
CA LYS C 250 -1.14 -46.14 -42.65
C LYS C 250 -2.38 -46.65 -41.93
N MET C 251 -2.49 -46.32 -40.65
CA MET C 251 -3.62 -46.76 -39.85
C MET C 251 -4.01 -45.66 -38.86
N PRO C 252 -5.17 -45.03 -39.05
CA PRO C 252 -5.61 -43.95 -38.15
C PRO C 252 -6.39 -44.43 -36.92
N TYR C 253 -6.53 -45.74 -36.71
CA TYR C 253 -7.30 -46.24 -35.58
C TYR C 253 -6.65 -45.83 -34.27
N LEU C 254 -5.32 -45.89 -34.19
CA LEU C 254 -4.62 -45.50 -32.98
C LEU C 254 -4.88 -44.03 -32.66
N VAL C 255 -4.90 -43.17 -33.68
CA VAL C 255 -5.17 -41.76 -33.46
C VAL C 255 -6.56 -41.56 -32.91
N MET C 256 -7.55 -42.27 -33.46
CA MET C 256 -8.92 -42.15 -32.97
C MET C 256 -9.03 -42.60 -31.54
N MET C 257 -8.38 -43.73 -31.19
CA MET C 257 -8.42 -44.21 -29.82
C MET C 257 -7.74 -43.22 -28.87
N ASP C 258 -6.63 -42.62 -29.31
CA ASP C 258 -5.95 -41.63 -28.48
C ASP C 258 -6.84 -40.41 -28.25
N GLN C 259 -7.53 -39.97 -29.30
CA GLN C 259 -8.44 -38.84 -29.15
C GLN C 259 -9.58 -39.17 -28.20
N LEU C 260 -10.12 -40.39 -28.30
CA LEU C 260 -11.18 -40.81 -27.39
C LEU C 260 -10.68 -40.82 -25.95
N LYS C 261 -9.48 -41.35 -25.73
CA LYS C 261 -8.90 -41.38 -24.39
C LYS C 261 -8.69 -39.97 -23.86
N LEU C 262 -8.19 -39.07 -24.71
CA LEU C 262 -7.98 -37.69 -24.30
C LEU C 262 -9.30 -37.01 -23.94
N PHE C 263 -10.36 -37.30 -24.69
CA PHE C 263 -11.68 -36.77 -24.33
C PHE C 263 -12.12 -37.32 -22.99
N LEU C 264 -11.88 -38.60 -22.74
CA LEU C 264 -12.27 -39.21 -21.46
C LEU C 264 -11.53 -38.57 -20.28
N ASN C 265 -10.40 -37.92 -20.53
CA ASN C 265 -9.64 -37.27 -19.47
C ASN C 265 -10.11 -35.85 -19.18
N GLN C 266 -11.01 -35.31 -20.00
CA GLN C 266 -11.50 -33.95 -19.74
C GLN C 266 -12.37 -33.94 -18.49
N PRO C 267 -12.23 -32.92 -17.65
CA PRO C 267 -13.07 -32.82 -16.45
C PRO C 267 -14.55 -32.71 -16.79
N SER C 268 -15.37 -33.35 -15.95
CA SER C 268 -16.82 -33.33 -16.11
C SER C 268 -17.25 -33.83 -17.48
N ALA C 269 -16.56 -34.82 -18.01
CA ALA C 269 -16.91 -35.37 -19.30
C ALA C 269 -18.23 -36.13 -19.24
N ILE C 270 -19.01 -36.02 -20.31
CA ILE C 270 -20.27 -36.74 -20.44
C ILE C 270 -20.24 -37.54 -21.73
N LEU C 271 -20.68 -38.79 -21.64
CA LEU C 271 -20.67 -39.69 -22.78
C LEU C 271 -21.90 -40.58 -22.70
N ILE C 272 -22.53 -40.81 -23.85
CA ILE C 272 -23.75 -41.61 -23.95
C ILE C 272 -23.53 -42.67 -25.02
N THR C 273 -23.87 -43.91 -24.69
CA THR C 273 -23.77 -45.03 -25.62
C THR C 273 -25.16 -45.42 -26.09
N CYS C 274 -25.34 -45.47 -27.41
CA CYS C 274 -26.62 -45.81 -28.01
C CYS C 274 -26.44 -47.03 -28.91
N GLY C 275 -27.14 -48.11 -28.57
CA GLY C 275 -27.10 -49.32 -29.37
C GLY C 275 -25.88 -50.19 -29.17
N TYR C 276 -24.96 -49.80 -28.28
CA TYR C 276 -23.74 -50.56 -28.06
C TYR C 276 -24.01 -51.71 -27.08
N SER C 277 -23.57 -52.91 -27.47
CA SER C 277 -23.72 -54.10 -26.64
C SER C 277 -22.49 -54.40 -25.82
N TYR C 278 -21.46 -53.54 -25.88
CA TYR C 278 -20.23 -53.69 -25.10
C TYR C 278 -19.56 -55.04 -25.37
N LYS C 279 -19.59 -55.50 -26.61
CA LYS C 279 -19.03 -56.79 -26.98
C LYS C 279 -17.64 -56.69 -27.57
N ASP C 280 -17.03 -55.50 -27.59
CA ASP C 280 -15.68 -55.31 -28.09
C ASP C 280 -14.72 -55.17 -26.91
N GLN C 281 -13.70 -56.01 -26.88
CA GLN C 281 -12.76 -55.99 -25.76
C GLN C 281 -11.95 -54.69 -25.72
N HIS C 282 -11.53 -54.21 -26.89
CA HIS C 282 -10.67 -53.02 -26.92
C HIS C 282 -11.44 -51.78 -26.49
N ILE C 283 -12.64 -51.59 -27.03
CA ILE C 283 -13.44 -50.42 -26.64
C ILE C 283 -13.78 -50.48 -25.17
N ASN C 284 -14.17 -51.65 -24.67
CA ASN C 284 -14.52 -51.79 -23.26
C ASN C 284 -13.33 -51.49 -22.36
N GLU C 285 -12.14 -52.01 -22.70
CA GLU C 285 -10.97 -51.76 -21.86
C GLU C 285 -10.55 -50.29 -21.92
N VAL C 286 -10.66 -49.65 -23.09
CA VAL C 286 -10.33 -48.24 -23.18
C VAL C 286 -11.29 -47.41 -22.34
N LEU C 287 -12.58 -47.72 -22.41
CA LEU C 287 -13.57 -47.00 -21.61
C LEU C 287 -13.32 -47.20 -20.12
N SER C 288 -13.01 -48.43 -19.72
CA SER C 288 -12.74 -48.71 -18.31
C SER C 288 -11.51 -47.95 -17.82
N GLN C 289 -10.44 -47.96 -18.64
CA GLN C 289 -9.22 -47.25 -18.25
C GLN C 289 -9.46 -45.75 -18.15
N GLY C 290 -10.21 -45.18 -19.11
CA GLY C 290 -10.53 -43.77 -19.05
C GLY C 290 -11.39 -43.41 -17.86
N LEU C 291 -12.36 -44.25 -17.53
CA LEU C 291 -13.21 -44.01 -16.37
C LEU C 291 -12.43 -44.11 -15.07
N GLN C 292 -11.51 -45.08 -14.97
CA GLN C 292 -10.70 -45.22 -13.76
C GLN C 292 -9.73 -44.06 -13.62
N THR C 293 -9.13 -43.62 -14.72
CA THR C 293 -8.16 -42.53 -14.66
C THR C 293 -8.81 -41.23 -14.21
N ASN C 294 -10.00 -40.93 -14.73
CA ASN C 294 -10.72 -39.71 -14.38
C ASN C 294 -12.04 -40.10 -13.71
N PRO C 295 -12.13 -40.05 -12.37
CA PRO C 295 -13.40 -40.38 -11.71
C PRO C 295 -14.54 -39.44 -12.06
N ASN C 296 -14.24 -38.22 -12.49
CA ASN C 296 -15.28 -37.26 -12.83
C ASN C 296 -16.04 -37.63 -14.09
N ALA C 297 -15.47 -38.50 -14.93
CA ALA C 297 -16.15 -38.92 -16.15
C ALA C 297 -17.41 -39.73 -15.81
N LEU C 298 -18.43 -39.54 -16.64
CA LEU C 298 -19.71 -40.22 -16.46
C LEU C 298 -20.12 -40.88 -17.77
N ILE C 299 -20.77 -42.04 -17.65
CA ILE C 299 -21.23 -42.81 -18.79
C ILE C 299 -22.69 -43.15 -18.56
N TYR C 300 -23.58 -42.53 -19.32
CA TYR C 300 -25.02 -42.78 -19.22
C TYR C 300 -25.45 -43.81 -20.26
N GLY C 301 -24.90 -45.01 -20.13
CA GLY C 301 -25.19 -46.10 -21.06
C GLY C 301 -26.66 -46.47 -21.11
N LEU C 302 -27.19 -46.59 -22.33
CA LEU C 302 -28.58 -46.97 -22.55
C LEU C 302 -28.63 -48.19 -23.46
N GLN C 303 -29.39 -49.19 -23.06
CA GLN C 303 -29.53 -50.43 -23.81
C GLN C 303 -30.98 -50.64 -24.17
N TYR C 304 -31.25 -50.90 -25.46
CA TYR C 304 -32.61 -51.15 -25.91
C TYR C 304 -33.10 -52.52 -25.47
N ASP C 305 -32.20 -53.48 -25.30
CA ASP C 305 -32.58 -54.82 -24.88
C ASP C 305 -32.61 -54.90 -23.35
N VAL C 306 -33.03 -56.06 -22.85
CA VAL C 306 -33.11 -56.26 -21.41
C VAL C 306 -31.70 -56.36 -20.82
N LEU C 307 -31.59 -56.09 -19.52
CA LEU C 307 -30.28 -56.12 -18.87
C LEU C 307 -29.69 -57.52 -18.83
N GLU C 308 -30.53 -58.56 -18.76
CA GLU C 308 -30.03 -59.92 -18.59
C GLU C 308 -29.18 -60.39 -19.76
N ASN C 309 -29.35 -59.81 -20.95
CA ASN C 309 -28.60 -60.25 -22.12
C ASN C 309 -27.19 -59.67 -22.18
N TYR C 310 -26.83 -58.75 -21.29
CA TYR C 310 -25.53 -58.09 -21.30
C TYR C 310 -24.85 -58.32 -19.95
N GLN C 311 -24.09 -59.42 -19.85
CA GLN C 311 -23.32 -59.69 -18.64
C GLN C 311 -22.09 -58.79 -18.57
N GLU C 312 -21.47 -58.50 -19.71
CA GLU C 312 -20.32 -57.60 -19.73
C GLU C 312 -20.71 -56.20 -19.25
N ALA C 313 -21.90 -55.73 -19.64
CA ALA C 313 -22.37 -54.44 -19.15
C ALA C 313 -22.54 -54.46 -17.63
N LYS C 314 -23.08 -55.56 -17.10
CA LYS C 314 -23.20 -55.67 -15.63
C LYS C 314 -21.84 -55.64 -14.96
N ASP C 315 -20.86 -56.36 -15.52
CA ASP C 315 -19.53 -56.38 -14.92
C ASP C 315 -18.89 -55.00 -14.96
N MET C 316 -19.04 -54.29 -16.09
CA MET C 316 -18.47 -52.96 -16.20
C MET C 316 -19.15 -52.00 -15.22
N ALA C 317 -20.47 -52.11 -15.07
CA ALA C 317 -21.18 -51.23 -14.15
C ALA C 317 -20.80 -51.50 -12.70
N LEU C 318 -20.62 -52.77 -12.35
CA LEU C 318 -20.23 -53.13 -10.99
C LEU C 318 -18.76 -52.83 -10.70
N LYS C 319 -17.93 -52.74 -11.74
CA LYS C 319 -16.51 -52.48 -11.54
C LYS C 319 -16.20 -51.03 -11.20
N ARG C 320 -16.99 -50.09 -11.74
CA ARG C 320 -16.74 -48.67 -11.52
C ARG C 320 -17.99 -48.01 -10.95
N SER C 321 -17.76 -47.12 -9.99
CA SER C 321 -18.86 -46.47 -9.28
C SER C 321 -19.37 -45.22 -9.98
N ASN C 322 -18.71 -44.78 -11.06
CA ASN C 322 -19.10 -43.58 -11.79
C ASN C 322 -19.62 -43.93 -13.18
N LEU C 323 -20.35 -45.04 -13.29
CA LEU C 323 -20.94 -45.48 -14.56
C LEU C 323 -22.42 -45.77 -14.29
N ILE C 324 -23.28 -44.85 -14.73
CA ILE C 324 -24.72 -44.99 -14.51
C ILE C 324 -25.29 -45.74 -15.71
N LEU C 325 -25.37 -47.06 -15.56
CA LEU C 325 -25.89 -47.91 -16.64
C LEU C 325 -27.40 -48.06 -16.51
N LEU C 326 -28.11 -47.91 -17.63
CA LEU C 326 -29.55 -48.06 -17.68
C LEU C 326 -29.92 -49.09 -18.73
N ALA C 327 -31.00 -49.83 -18.47
CA ALA C 327 -31.47 -50.86 -19.39
C ALA C 327 -32.98 -50.76 -19.52
N LYS C 328 -33.57 -51.75 -20.18
CA LYS C 328 -35.02 -51.75 -20.38
C LYS C 328 -35.78 -52.11 -19.11
N ASP C 329 -35.22 -53.00 -18.29
CA ASP C 329 -35.88 -53.47 -17.08
C ASP C 329 -35.27 -52.89 -15.81
N ARG C 330 -33.97 -53.09 -15.62
CA ARG C 330 -33.28 -52.67 -14.41
C ARG C 330 -32.19 -51.66 -14.75
N ALA C 331 -31.47 -51.21 -13.72
CA ALA C 331 -30.40 -50.26 -13.90
C ALA C 331 -29.36 -50.46 -12.80
N ILE C 332 -28.16 -49.92 -13.04
CA ILE C 332 -27.07 -49.96 -12.06
C ILE C 332 -26.55 -48.54 -11.94
N ILE C 333 -26.79 -47.91 -10.79
CA ILE C 333 -26.37 -46.53 -10.55
C ILE C 333 -25.36 -46.58 -9.40
N GLY C 334 -24.08 -46.63 -9.75
CA GLY C 334 -23.03 -46.62 -8.74
C GLY C 334 -22.82 -47.94 -8.04
N LYS C 335 -22.51 -48.98 -8.81
CA LYS C 335 -22.17 -50.32 -8.35
C LYS C 335 -23.31 -51.04 -7.64
N LYS C 336 -24.51 -50.47 -7.61
CA LYS C 336 -25.67 -51.12 -7.02
C LYS C 336 -26.75 -51.30 -8.07
N GLU C 337 -27.39 -52.47 -8.08
CA GLU C 337 -28.41 -52.80 -9.05
C GLU C 337 -29.80 -52.55 -8.46
N GLY C 338 -30.61 -51.82 -9.21
CA GLY C 338 -31.98 -51.57 -8.80
C GLY C 338 -32.95 -51.92 -9.92
N GLU C 339 -34.18 -52.23 -9.53
CA GLU C 339 -35.24 -52.60 -10.45
C GLU C 339 -36.21 -51.43 -10.62
N TRP C 340 -37.20 -51.64 -11.49
CA TRP C 340 -38.20 -50.60 -11.74
C TRP C 340 -39.11 -50.46 -10.54
N LYS C 341 -39.33 -49.21 -10.12
CA LYS C 341 -40.23 -48.94 -9.01
C LYS C 341 -41.67 -49.20 -9.43
N PRO C 342 -42.56 -49.45 -8.46
CA PRO C 342 -43.96 -49.72 -8.83
C PRO C 342 -44.65 -48.47 -9.35
N ASP C 343 -44.92 -48.45 -10.65
CA ASP C 343 -45.56 -47.31 -11.31
C ASP C 343 -46.45 -47.84 -12.43
N PRO C 344 -47.50 -47.11 -12.78
CA PRO C 344 -48.40 -47.57 -13.86
C PRO C 344 -47.77 -47.39 -15.25
N GLN C 345 -46.71 -48.14 -15.50
CA GLN C 345 -46.04 -48.07 -16.81
C GLN C 345 -46.96 -48.56 -17.91
N SER C 346 -47.69 -49.65 -17.67
CA SER C 346 -48.62 -50.21 -18.63
C SER C 346 -50.03 -50.04 -18.11
N SER C 347 -50.89 -49.40 -18.90
CA SER C 347 -52.28 -49.18 -18.47
C SER C 347 -53.05 -50.50 -18.40
N GLN C 348 -52.80 -51.41 -19.34
CA GLN C 348 -53.52 -52.67 -19.37
C GLN C 348 -53.15 -53.53 -18.17
N ASP C 349 -54.17 -54.14 -17.56
CA ASP C 349 -53.93 -55.01 -16.41
C ASP C 349 -53.15 -56.25 -16.82
N ASN C 350 -53.46 -56.82 -17.97
CA ASN C 350 -52.79 -58.03 -18.43
C ASN C 350 -51.33 -57.73 -18.78
N ASP C 351 -50.44 -58.59 -18.31
CA ASP C 351 -48.99 -58.46 -18.50
C ASP C 351 -48.50 -57.09 -18.08
N PRO C 352 -48.48 -56.77 -16.78
CA PRO C 352 -48.00 -55.45 -16.33
C PRO C 352 -46.48 -55.37 -16.28
N LEU C 353 -45.86 -55.53 -17.45
CA LEU C 353 -44.40 -55.49 -17.54
C LEU C 353 -43.91 -54.05 -17.41
N LEU C 354 -42.94 -53.84 -16.52
CA LEU C 354 -42.33 -52.53 -16.32
C LEU C 354 -41.09 -52.45 -17.18
N PHE C 355 -41.28 -51.96 -18.42
CA PHE C 355 -40.20 -51.85 -19.38
C PHE C 355 -39.96 -50.38 -19.70
N PHE C 356 -38.69 -49.97 -19.69
CA PHE C 356 -38.31 -48.60 -19.99
C PHE C 356 -38.26 -48.44 -21.51
N LYS C 357 -39.43 -48.17 -22.09
CA LYS C 357 -39.54 -48.00 -23.54
C LYS C 357 -38.88 -46.73 -24.04
N LEU C 358 -38.49 -45.82 -23.14
CA LEU C 358 -37.84 -44.57 -23.55
C LEU C 358 -36.41 -44.78 -24.00
N GLY C 359 -35.85 -45.97 -23.82
CA GLY C 359 -34.49 -46.26 -24.26
C GLY C 359 -34.34 -46.50 -25.75
N ASP C 360 -35.45 -46.57 -26.48
CA ASP C 360 -35.38 -46.76 -27.92
C ASP C 360 -34.82 -45.51 -28.61
N PHE C 361 -34.23 -45.71 -29.79
CA PHE C 361 -33.65 -44.60 -30.52
C PHE C 361 -34.69 -43.58 -30.91
N GLN C 362 -35.88 -44.03 -31.35
CA GLN C 362 -36.94 -43.10 -31.67
C GLN C 362 -37.40 -42.32 -30.44
N HIS C 363 -37.56 -43.01 -29.30
CA HIS C 363 -37.94 -42.33 -28.07
C HIS C 363 -36.85 -41.38 -27.61
N LEU C 364 -35.58 -41.78 -27.77
CA LEU C 364 -34.48 -40.90 -27.41
C LEU C 364 -34.48 -39.64 -28.27
N ALA C 365 -34.71 -39.79 -29.57
CA ALA C 365 -34.78 -38.64 -30.46
C ALA C 365 -35.95 -37.73 -30.09
N SER C 366 -37.10 -38.31 -29.75
CA SER C 366 -38.24 -37.51 -29.32
C SER C 366 -37.93 -36.75 -28.05
N PHE C 367 -37.26 -37.40 -27.10
CA PHE C 367 -36.89 -36.74 -25.85
C PHE C 367 -35.92 -35.59 -26.12
N LEU C 368 -34.93 -35.82 -26.99
CA LEU C 368 -33.99 -34.75 -27.32
C LEU C 368 -34.68 -33.58 -28.01
N GLU C 369 -35.64 -33.88 -28.90
CA GLU C 369 -36.39 -32.82 -29.55
C GLU C 369 -37.21 -32.02 -28.54
N GLU C 370 -37.84 -32.72 -27.58
CA GLU C 370 -38.59 -32.02 -26.55
C GLU C 370 -37.68 -31.14 -25.70
N ILE C 371 -36.48 -31.64 -25.37
CA ILE C 371 -35.53 -30.85 -24.59
C ILE C 371 -35.11 -29.61 -25.37
N SER C 372 -34.86 -29.77 -26.68
CA SER C 372 -34.43 -28.64 -27.49
C SER C 372 -35.49 -27.54 -27.53
N GLN C 373 -36.76 -27.92 -27.68
CA GLN C 373 -37.83 -26.95 -27.72
C GLN C 373 -38.27 -26.57 -26.31
N ASP D 11 39.13 -33.85 -34.83
CA ASP D 11 37.73 -34.02 -34.51
C ASP D 11 37.55 -34.82 -33.23
N THR D 12 38.52 -35.68 -32.93
CA THR D 12 38.43 -36.53 -31.73
C THR D 12 38.48 -35.68 -30.46
N THR D 13 39.36 -34.66 -30.44
CA THR D 13 39.53 -33.86 -29.23
C THR D 13 38.26 -33.09 -28.89
N GLN D 14 37.63 -32.46 -29.88
CA GLN D 14 36.43 -31.67 -29.64
C GLN D 14 35.28 -32.56 -29.17
N GLN D 15 35.10 -33.71 -29.84
CA GLN D 15 34.03 -34.63 -29.44
C GLN D 15 34.25 -35.15 -28.04
N LEU D 16 35.50 -35.52 -27.71
CA LEU D 16 35.80 -35.99 -26.36
C LEU D 16 35.54 -34.91 -25.32
N SER D 17 35.94 -33.68 -25.62
CA SER D 17 35.73 -32.58 -24.67
C SER D 17 34.24 -32.32 -24.44
N LEU D 18 33.46 -32.29 -25.52
CA LEU D 18 32.03 -32.03 -25.36
C LEU D 18 31.33 -33.19 -24.64
N LEU D 19 31.72 -34.43 -24.94
CA LEU D 19 31.16 -35.57 -24.22
C LEU D 19 31.49 -35.52 -22.74
N LYS D 20 32.75 -35.17 -22.41
CA LYS D 20 33.13 -35.05 -21.01
C LYS D 20 32.32 -33.95 -20.32
N HIS D 21 32.14 -32.81 -20.99
CA HIS D 21 31.38 -31.72 -20.40
C HIS D 21 29.92 -32.10 -20.17
N VAL D 22 29.29 -32.76 -21.13
CA VAL D 22 27.88 -33.10 -20.98
C VAL D 22 27.70 -34.22 -19.96
N LEU D 23 28.65 -35.15 -19.86
CA LEU D 23 28.52 -36.23 -18.89
C LEU D 23 28.85 -35.78 -17.48
N SER D 24 29.75 -34.81 -17.32
CA SER D 24 30.12 -34.33 -15.99
C SER D 24 28.94 -33.64 -15.31
N GLU D 25 28.13 -32.90 -16.06
CA GLU D 25 27.00 -32.19 -15.48
C GLU D 25 25.95 -33.18 -14.98
N ASP D 26 25.42 -32.92 -13.80
CA ASP D 26 24.39 -33.76 -13.19
C ASP D 26 23.00 -33.15 -13.30
N LYS D 27 22.83 -32.12 -14.11
CA LYS D 27 21.55 -31.42 -14.24
C LYS D 27 20.71 -31.96 -15.38
N ARG D 28 21.15 -33.01 -16.07
CA ARG D 28 20.39 -33.59 -17.16
C ARG D 28 20.25 -35.10 -16.97
N PRO D 29 19.10 -35.67 -17.33
CA PRO D 29 18.96 -37.13 -17.24
C PRO D 29 19.88 -37.86 -18.20
N ILE D 30 20.29 -39.06 -17.80
CA ILE D 30 21.18 -39.88 -18.61
C ILE D 30 20.52 -41.25 -18.81
N ALA D 31 20.65 -41.79 -20.02
CA ALA D 31 20.14 -43.11 -20.32
C ALA D 31 21.05 -43.78 -21.33
N PHE D 32 20.93 -45.10 -21.43
CA PHE D 32 21.75 -45.89 -22.34
C PHE D 32 20.89 -46.95 -23.00
N ILE D 33 21.31 -47.36 -24.20
CA ILE D 33 20.70 -48.45 -24.94
C ILE D 33 21.74 -49.53 -25.12
N ILE D 34 21.40 -50.76 -24.72
CA ILE D 34 22.33 -51.87 -24.72
C ILE D 34 21.87 -52.89 -25.74
N ALA D 35 22.76 -53.24 -26.67
CA ALA D 35 22.52 -54.26 -27.68
C ALA D 35 23.57 -55.37 -27.53
N ALA D 36 23.58 -56.29 -28.49
CA ALA D 36 24.51 -57.42 -28.43
C ALA D 36 25.97 -56.99 -28.54
N GLY D 37 26.22 -55.75 -28.97
CA GLY D 37 27.59 -55.27 -29.06
C GLY D 37 28.29 -55.26 -27.72
N CYS D 38 27.57 -54.90 -26.66
CA CYS D 38 28.19 -54.90 -25.32
C CYS D 38 28.60 -56.30 -24.87
N PRO D 39 27.75 -57.32 -24.90
CA PRO D 39 28.24 -58.66 -24.55
C PRO D 39 29.27 -59.21 -25.52
N VAL D 40 29.18 -58.89 -26.81
CA VAL D 40 30.15 -59.43 -27.75
C VAL D 40 31.54 -58.82 -27.57
N SER D 41 31.63 -57.67 -26.90
CA SER D 41 32.93 -57.03 -26.68
C SER D 41 33.76 -57.72 -25.61
N ILE D 42 33.15 -58.57 -24.80
CA ILE D 42 33.88 -59.29 -23.76
C ILE D 42 34.60 -60.47 -24.38
N ARG D 43 35.91 -60.53 -24.17
CA ARG D 43 36.74 -61.60 -24.73
C ARG D 43 36.91 -62.71 -23.70
N HIS D 44 36.63 -63.94 -24.12
CA HIS D 44 36.76 -65.10 -23.25
C HIS D 44 37.27 -66.27 -24.06
N ASN D 45 38.47 -66.76 -23.71
CA ASN D 45 39.12 -67.84 -24.45
C ASN D 45 39.30 -67.50 -25.92
N ASP D 46 39.58 -66.22 -26.21
CA ASP D 46 39.75 -65.73 -27.58
C ASP D 46 38.50 -66.00 -28.41
N ALA D 47 37.34 -66.00 -27.77
CA ALA D 47 36.06 -66.21 -28.42
C ALA D 47 35.05 -65.25 -27.83
N PRO D 48 34.06 -64.82 -28.61
CA PRO D 48 33.03 -63.92 -28.06
C PRO D 48 32.22 -64.59 -26.97
N LEU D 49 31.88 -63.80 -25.94
CA LEU D 49 31.03 -64.32 -24.87
C LEU D 49 29.64 -64.67 -25.41
N ILE D 50 29.08 -63.81 -26.25
CA ILE D 50 27.81 -64.09 -26.92
C ILE D 50 28.00 -63.86 -28.41
N PRO D 51 27.66 -64.83 -29.26
CA PRO D 51 27.92 -64.67 -30.70
C PRO D 51 26.90 -63.79 -31.40
N ASP D 52 26.07 -63.09 -30.62
CA ASP D 52 25.08 -62.15 -31.14
C ASP D 52 24.03 -62.84 -31.98
N VAL D 53 23.20 -62.05 -32.66
CA VAL D 53 22.08 -62.60 -33.43
C VAL D 53 22.58 -63.47 -34.57
N ALA D 54 23.61 -63.01 -35.30
CA ALA D 54 24.13 -63.79 -36.40
C ALA D 54 24.72 -65.11 -35.93
N GLY D 55 25.48 -65.09 -34.84
CA GLY D 55 26.03 -66.32 -34.29
C GLY D 55 24.96 -67.27 -33.81
N LEU D 56 23.92 -66.74 -33.16
CA LEU D 56 22.81 -67.57 -32.74
C LEU D 56 22.06 -68.19 -33.91
N THR D 57 21.87 -67.45 -35.00
CA THR D 57 21.25 -68.01 -36.20
C THR D 57 22.11 -69.10 -36.82
N ARG D 58 23.42 -68.87 -36.90
CA ARG D 58 24.31 -69.90 -37.44
C ARG D 58 24.31 -71.16 -36.59
N LYS D 59 24.36 -71.01 -35.26
CA LYS D 59 24.33 -72.17 -34.38
C LYS D 59 22.98 -72.87 -34.42
N ILE D 60 21.88 -72.11 -34.54
CA ILE D 60 20.57 -72.72 -34.68
C ILE D 60 20.50 -73.54 -35.96
N SER D 61 21.00 -72.98 -37.07
CA SER D 61 20.98 -73.70 -38.33
C SER D 61 21.85 -74.95 -38.28
N ASP D 62 23.03 -74.86 -37.65
CA ASP D 62 23.93 -76.00 -37.56
C ASP D 62 23.42 -77.05 -36.59
N SER D 63 22.56 -76.67 -35.64
CA SER D 63 22.06 -77.64 -34.66
C SER D 63 21.24 -78.73 -35.33
N PHE D 64 20.38 -78.36 -36.29
CA PHE D 64 19.56 -79.33 -37.00
C PHE D 64 20.21 -79.88 -38.26
N GLY D 65 21.42 -79.42 -38.58
CA GLY D 65 22.13 -79.92 -39.75
C GLY D 65 21.65 -79.30 -41.04
N GLY D 66 22.28 -79.76 -42.13
CA GLY D 66 21.97 -79.31 -43.47
C GLY D 66 20.93 -80.13 -44.20
N ASN D 67 20.26 -81.04 -43.53
CA ASN D 67 19.27 -81.89 -44.20
C ASN D 67 18.06 -81.06 -44.61
N PRO D 68 17.68 -81.05 -45.89
CA PRO D 68 16.50 -80.26 -46.30
C PRO D 68 15.19 -80.80 -45.78
N ASP D 69 15.15 -82.05 -45.32
CA ASP D 69 13.90 -82.64 -44.84
C ASP D 69 13.39 -81.97 -43.57
N SER D 70 14.26 -81.32 -42.81
CA SER D 70 13.84 -80.64 -41.59
C SER D 70 13.01 -79.41 -41.94
N LEU D 71 11.97 -79.18 -41.14
CA LEU D 71 11.09 -78.04 -41.37
C LEU D 71 11.79 -76.72 -41.12
N LEU D 72 12.80 -76.70 -40.25
CA LEU D 72 13.51 -75.46 -39.95
C LEU D 72 14.22 -74.91 -41.17
N MET D 73 14.88 -75.78 -41.94
CA MET D 73 15.53 -75.34 -43.17
C MET D 73 14.52 -74.87 -44.21
N LYS D 74 13.36 -75.54 -44.27
CA LYS D 74 12.32 -75.10 -45.19
C LYS D 74 11.82 -73.71 -44.83
N ILE D 75 11.63 -73.43 -43.54
CA ILE D 75 11.22 -72.10 -43.11
C ILE D 75 12.31 -71.09 -43.41
N ILE D 76 13.57 -71.47 -43.21
CA ILE D 76 14.69 -70.56 -43.47
C ILE D 76 14.73 -70.17 -44.94
N GLN D 77 14.58 -71.16 -45.83
CA GLN D 77 14.62 -70.84 -47.26
C GLN D 77 13.37 -70.07 -47.69
N ASN D 78 12.22 -70.36 -47.08
CA ASN D 78 11.01 -69.59 -47.38
C ASN D 78 11.19 -68.13 -46.99
N LEU D 79 11.82 -67.88 -45.84
CA LEU D 79 12.14 -66.50 -45.47
C LEU D 79 13.18 -65.89 -46.40
N LYS D 80 14.15 -66.70 -46.85
CA LYS D 80 15.15 -66.22 -47.80
C LYS D 80 14.50 -65.73 -49.08
N THR D 81 13.42 -66.39 -49.51
CA THR D 81 12.72 -65.95 -50.71
C THR D 81 12.15 -64.55 -50.54
N THR D 82 11.69 -64.22 -49.33
CA THR D 82 11.11 -62.91 -49.05
C THR D 82 12.13 -61.97 -48.41
N ILE D 83 12.69 -62.36 -47.27
CA ILE D 83 13.64 -61.54 -46.52
C ILE D 83 15.05 -61.92 -47.00
N PRO D 84 15.83 -60.97 -47.53
CA PRO D 84 17.19 -61.33 -47.99
C PRO D 84 18.07 -61.90 -46.91
N ASN D 85 17.93 -61.42 -45.68
CA ASN D 85 18.73 -61.88 -44.54
C ASN D 85 17.80 -62.21 -43.39
N PRO D 86 17.42 -63.47 -43.22
CA PRO D 86 16.50 -63.83 -42.12
C PRO D 86 17.14 -63.61 -40.77
N THR D 87 16.30 -63.30 -39.79
CA THR D 87 16.72 -63.05 -38.42
C THR D 87 16.01 -64.03 -37.50
N ILE D 88 16.72 -64.43 -36.44
CA ILE D 88 16.12 -65.35 -35.46
C ILE D 88 14.89 -64.73 -34.83
N GLU D 89 14.89 -63.41 -34.63
CA GLU D 89 13.68 -62.73 -34.16
C GLU D 89 12.55 -62.90 -35.16
N ASP D 90 12.86 -62.73 -36.44
CA ASP D 90 11.85 -62.92 -37.49
C ASP D 90 11.39 -64.38 -37.54
N ILE D 91 12.32 -65.32 -37.34
CA ILE D 91 11.96 -66.73 -37.34
C ILE D 91 10.99 -67.03 -36.20
N LEU D 92 11.28 -66.51 -35.01
CA LEU D 92 10.39 -66.71 -33.87
C LEU D 92 9.03 -66.06 -34.12
N SER D 93 9.02 -64.86 -34.69
CA SER D 93 7.76 -64.20 -35.00
C SER D 93 6.94 -65.02 -35.99
N TYR D 94 7.59 -65.56 -37.03
CA TYR D 94 6.89 -66.37 -38.01
C TYR D 94 6.35 -67.65 -37.39
N ILE D 95 7.14 -68.28 -36.52
CA ILE D 95 6.69 -69.51 -35.86
C ILE D 95 5.49 -69.23 -34.97
N ARG D 96 5.53 -68.14 -34.20
CA ARG D 96 4.40 -67.80 -33.35
C ARG D 96 3.18 -67.44 -34.19
N LEU D 97 3.38 -66.77 -35.32
CA LEU D 97 2.27 -66.46 -36.21
C LEU D 97 1.62 -67.74 -36.74
N LEU D 98 2.44 -68.71 -37.13
CA LEU D 98 1.90 -70.00 -37.57
C LEU D 98 1.16 -70.70 -36.43
N GLN D 99 1.71 -70.64 -35.22
CA GLN D 99 1.09 -71.29 -34.07
C GLN D 99 -0.24 -70.62 -33.69
N GLN D 100 -0.39 -69.33 -33.96
CA GLN D 100 -1.60 -68.62 -33.56
C GLN D 100 -2.85 -69.14 -34.26
N ILE D 101 -2.69 -69.87 -35.37
CA ILE D 101 -3.83 -70.41 -36.11
C ILE D 101 -3.59 -71.90 -36.35
N PRO D 102 -4.65 -72.70 -36.54
CA PRO D 102 -4.44 -74.12 -36.82
C PRO D 102 -3.83 -74.35 -38.20
N MET D 103 -2.55 -74.04 -38.34
CA MET D 103 -1.85 -74.17 -39.62
C MET D 103 -1.33 -75.59 -39.76
N SER D 104 -2.19 -76.48 -40.23
CA SER D 104 -1.84 -77.88 -40.46
C SER D 104 -1.63 -78.19 -41.94
N GLY D 105 -1.46 -77.16 -42.77
CA GLY D 105 -1.35 -77.33 -44.20
C GLY D 105 0.07 -77.60 -44.67
N LYS D 106 0.28 -77.34 -45.96
CA LYS D 106 1.58 -77.58 -46.57
C LYS D 106 2.68 -76.73 -45.94
N ILE D 107 2.31 -75.57 -45.39
CA ILE D 107 3.28 -74.73 -44.70
C ILE D 107 3.89 -75.49 -43.53
N HIS D 108 3.07 -76.25 -42.81
CA HIS D 108 3.53 -77.12 -41.72
C HIS D 108 3.30 -78.59 -42.03
N ASP D 109 3.47 -78.98 -43.31
CA ASP D 109 3.28 -80.37 -43.69
C ASP D 109 4.30 -81.29 -43.03
N VAL D 110 5.56 -80.85 -42.94
CA VAL D 110 6.59 -81.67 -42.32
C VAL D 110 6.29 -81.88 -40.83
N GLU D 111 5.84 -80.83 -40.15
CA GLU D 111 5.52 -80.89 -38.73
C GLU D 111 4.06 -80.47 -38.55
N ASN D 112 3.16 -81.46 -38.59
CA ASN D 112 1.74 -81.16 -38.39
C ASN D 112 1.48 -80.61 -36.99
N SER D 113 2.15 -81.18 -35.99
CA SER D 113 2.05 -80.67 -34.63
C SER D 113 3.41 -80.56 -33.95
N VAL D 114 4.51 -80.84 -34.66
CA VAL D 114 5.84 -80.75 -34.07
C VAL D 114 6.42 -79.35 -34.14
N ILE D 115 5.67 -78.37 -34.66
CA ILE D 115 6.14 -76.99 -34.64
C ILE D 115 6.29 -76.50 -33.20
N ASN D 116 5.38 -76.91 -32.33
CA ASN D 116 5.50 -76.57 -30.92
C ASN D 116 6.78 -77.15 -30.32
N ALA D 117 7.08 -78.41 -30.65
CA ALA D 117 8.32 -79.02 -30.17
C ALA D 117 9.53 -78.28 -30.72
N LEU D 118 9.49 -77.88 -31.99
CA LEU D 118 10.62 -77.17 -32.59
C LEU D 118 10.85 -75.83 -31.90
N GLU D 119 9.77 -75.08 -31.66
CA GLU D 119 9.94 -73.78 -31.00
C GLU D 119 10.36 -73.94 -29.55
N GLU D 120 9.87 -74.97 -28.86
CA GLU D 120 10.33 -75.23 -27.51
C GLU D 120 11.82 -75.57 -27.48
N SER D 121 12.27 -76.37 -28.45
CA SER D 121 13.69 -76.69 -28.54
C SER D 121 14.52 -75.44 -28.82
N ILE D 122 14.03 -74.57 -29.69
CA ILE D 122 14.74 -73.32 -29.98
C ILE D 122 14.84 -72.46 -28.72
N CYS D 123 13.73 -72.35 -27.98
CA CYS D 123 13.74 -71.56 -26.74
C CYS D 123 14.70 -72.16 -25.72
N GLU D 124 14.71 -73.48 -25.59
CA GLU D 124 15.63 -74.13 -24.65
C GLU D 124 17.08 -73.89 -25.05
N LEU D 125 17.38 -73.98 -26.34
CA LEU D 125 18.74 -73.71 -26.81
C LEU D 125 19.14 -72.27 -26.53
N ILE D 126 18.23 -71.33 -26.76
CA ILE D 126 18.51 -69.92 -26.47
C ILE D 126 18.80 -69.75 -24.99
N GLU D 127 17.96 -70.32 -24.12
CA GLU D 127 18.15 -70.19 -22.68
C GLU D 127 19.48 -70.78 -22.25
N GLU D 128 19.84 -71.95 -22.79
CA GLU D 128 21.10 -72.58 -22.42
C GLU D 128 22.29 -71.76 -22.88
N GLU D 129 22.21 -71.19 -24.09
CA GLU D 129 23.38 -70.49 -24.63
C GLU D 129 23.56 -69.10 -24.00
N VAL D 130 22.49 -68.46 -23.55
CA VAL D 130 22.58 -67.12 -22.99
C VAL D 130 22.67 -67.14 -21.46
N ASN D 131 22.76 -68.32 -20.85
CA ASN D 131 22.82 -68.45 -19.39
C ASN D 131 24.28 -68.55 -18.97
N VAL D 132 24.91 -67.37 -18.84
CA VAL D 132 26.29 -67.29 -18.38
C VAL D 132 26.40 -66.22 -17.32
N ASP D 133 27.61 -66.01 -16.81
CA ASP D 133 27.86 -65.02 -15.77
C ASP D 133 29.13 -64.25 -16.11
N LEU D 134 29.24 -63.05 -15.54
CA LEU D 134 30.40 -62.21 -15.78
C LEU D 134 31.62 -62.79 -15.08
N PRO D 135 32.70 -63.08 -15.81
CA PRO D 135 33.91 -63.59 -15.15
C PRO D 135 34.77 -62.47 -14.59
N GLY D 136 35.00 -62.50 -13.28
CA GLY D 136 35.82 -61.49 -12.65
C GLY D 136 35.12 -60.14 -12.54
N ASN D 137 35.92 -59.14 -12.17
CA ASN D 137 35.44 -57.77 -12.00
C ASN D 137 36.04 -56.81 -13.01
N ALA D 138 36.69 -57.32 -14.06
CA ALA D 138 37.33 -56.49 -15.08
C ALA D 138 36.42 -56.22 -16.26
N THR D 139 35.17 -56.68 -16.22
CA THR D 139 34.26 -56.47 -17.33
C THR D 139 33.89 -54.98 -17.44
N PRO D 140 33.58 -54.51 -18.64
CA PRO D 140 33.16 -53.10 -18.79
C PRO D 140 31.90 -52.76 -18.00
N TYR D 141 31.04 -53.75 -17.74
CA TYR D 141 29.84 -53.49 -16.95
C TYR D 141 30.20 -53.04 -15.54
N HIS D 142 31.24 -53.63 -14.96
CA HIS D 142 31.69 -53.20 -13.64
C HIS D 142 32.16 -51.75 -13.67
N LYS D 143 32.89 -51.37 -14.72
CA LYS D 143 33.32 -49.98 -14.85
C LYS D 143 32.13 -49.04 -14.99
N ILE D 144 31.12 -49.46 -15.76
CA ILE D 144 29.92 -48.63 -15.91
C ILE D 144 29.22 -48.45 -14.57
N ALA D 145 29.09 -49.54 -13.81
CA ALA D 145 28.45 -49.46 -12.49
C ALA D 145 29.25 -48.57 -11.56
N ALA D 146 30.58 -48.67 -11.60
CA ALA D 146 31.42 -47.82 -10.77
C ALA D 146 31.25 -46.35 -11.13
N TRP D 147 31.18 -46.05 -12.42
CA TRP D 147 30.92 -44.67 -12.83
C TRP D 147 29.54 -44.20 -12.36
N ILE D 148 28.54 -45.08 -12.43
CA ILE D 148 27.19 -44.70 -12.04
C ILE D 148 27.13 -44.38 -10.55
N ASN D 149 27.72 -45.24 -9.72
CA ASN D 149 27.62 -45.07 -8.28
C ASN D 149 28.72 -44.18 -7.70
N SER D 150 29.67 -43.72 -8.52
CA SER D 150 30.76 -42.90 -8.02
C SER D 150 30.26 -41.55 -7.53
N ILE D 151 29.37 -40.91 -8.30
CA ILE D 151 28.87 -39.58 -7.99
C ILE D 151 27.36 -39.65 -7.84
N ASN D 152 26.84 -39.12 -6.72
CA ASN D 152 25.41 -39.03 -6.53
C ASN D 152 24.83 -37.95 -7.44
N ARG D 153 23.74 -38.28 -8.12
CA ARG D 153 23.13 -37.38 -9.11
C ARG D 153 21.69 -37.10 -8.74
N GLU D 154 21.27 -35.85 -8.95
CA GLU D 154 19.90 -35.47 -8.66
C GLU D 154 18.91 -36.10 -9.63
N HIS D 155 19.37 -36.50 -10.81
CA HIS D 155 18.52 -37.18 -11.79
C HIS D 155 18.92 -38.64 -11.87
N GLN D 156 17.92 -39.51 -11.80
CA GLN D 156 18.18 -40.95 -11.83
C GLN D 156 18.71 -41.36 -13.19
N VAL D 157 19.57 -42.37 -13.20
CA VAL D 157 20.17 -42.90 -14.41
C VAL D 157 19.46 -44.20 -14.77
N GLU D 158 18.86 -44.23 -15.95
CA GLU D 158 18.16 -45.41 -16.44
C GLU D 158 18.98 -46.09 -17.53
N ILE D 159 18.74 -47.40 -17.67
CA ILE D 159 19.44 -48.21 -18.66
C ILE D 159 18.41 -49.02 -19.43
N PHE D 160 18.49 -48.99 -20.76
CA PHE D 160 17.61 -49.76 -21.62
C PHE D 160 18.43 -50.82 -22.34
N THR D 161 17.93 -52.06 -22.34
CA THR D 161 18.60 -53.17 -22.99
C THR D 161 17.58 -54.02 -23.74
N THR D 162 17.97 -54.51 -24.91
CA THR D 162 17.16 -55.42 -25.69
C THR D 162 17.68 -56.85 -25.64
N ASN D 163 18.68 -57.12 -24.81
CA ASN D 163 19.26 -58.44 -24.71
C ASN D 163 18.52 -59.28 -23.67
N TYR D 164 18.86 -60.56 -23.60
CA TYR D 164 18.24 -61.47 -22.64
C TYR D 164 19.14 -61.80 -21.45
N ASP D 165 20.45 -61.59 -21.57
CA ASP D 165 21.36 -61.92 -20.48
C ASP D 165 21.21 -60.92 -19.33
N LEU D 166 21.59 -61.38 -18.14
CA LEU D 166 21.48 -60.61 -16.91
C LEU D 166 22.81 -60.03 -16.47
N LEU D 167 23.70 -59.71 -17.42
CA LEU D 167 25.02 -59.19 -17.07
C LEU D 167 24.92 -57.86 -16.33
N MET D 168 24.04 -56.97 -16.81
CA MET D 168 23.90 -55.66 -16.19
C MET D 168 23.39 -55.78 -14.76
N GLU D 169 22.41 -56.66 -14.54
CA GLU D 169 21.88 -56.85 -13.20
C GLU D 169 22.95 -57.35 -12.25
N GLN D 170 23.73 -58.34 -12.68
CA GLN D 170 24.80 -58.86 -11.84
C GLN D 170 25.85 -57.79 -11.54
N ALA D 171 26.22 -57.01 -12.56
CA ALA D 171 27.20 -55.95 -12.35
C ALA D 171 26.70 -54.91 -11.37
N LEU D 172 25.42 -54.51 -11.49
CA LEU D 172 24.86 -53.53 -10.59
C LEU D 172 24.76 -54.05 -9.16
N GLU D 173 24.34 -55.31 -8.99
CA GLU D 173 24.16 -55.84 -7.65
C GLU D 173 25.48 -56.14 -6.97
N GLU D 174 26.52 -56.48 -7.76
CA GLU D 174 27.83 -56.73 -7.16
C GLU D 174 28.42 -55.46 -6.55
N LEU D 175 28.27 -54.33 -7.22
CA LEU D 175 28.82 -53.07 -6.76
C LEU D 175 27.87 -52.29 -5.87
N ASN D 176 26.82 -52.94 -5.34
CA ASN D 176 25.87 -52.32 -4.43
C ASN D 176 25.19 -51.12 -5.08
N VAL D 177 24.50 -51.38 -6.19
CA VAL D 177 23.77 -50.36 -6.92
C VAL D 177 22.28 -50.72 -6.90
N PRO D 178 21.47 -50.06 -6.07
CA PRO D 178 20.03 -50.34 -6.09
C PRO D 178 19.40 -49.92 -7.41
N TYR D 179 18.39 -50.68 -7.82
CA TYR D 179 17.72 -50.42 -9.08
C TYR D 179 16.31 -51.00 -9.02
N PHE D 180 15.46 -50.50 -9.92
CA PHE D 180 14.07 -50.92 -10.02
C PHE D 180 13.80 -51.37 -11.46
N ASP D 181 13.33 -52.61 -11.63
CA ASP D 181 13.10 -53.18 -12.94
C ASP D 181 11.63 -53.36 -13.26
N GLY D 182 10.75 -52.86 -12.40
CA GLY D 182 9.32 -52.97 -12.64
C GLY D 182 8.66 -54.09 -11.85
N PHE D 183 9.45 -55.05 -11.39
CA PHE D 183 8.91 -56.18 -10.63
C PHE D 183 9.18 -55.99 -9.14
N VAL D 184 8.15 -56.25 -8.34
CA VAL D 184 8.22 -56.10 -6.89
C VAL D 184 7.78 -57.42 -6.26
N GLY D 185 8.59 -57.96 -5.37
CA GLY D 185 8.27 -59.19 -4.70
C GLY D 185 9.52 -59.96 -4.35
N SER D 186 9.33 -61.05 -3.62
CA SER D 186 10.43 -61.90 -3.18
C SER D 186 10.34 -63.31 -3.74
N LYS D 187 9.22 -64.00 -3.53
CA LYS D 187 9.06 -65.35 -4.05
C LYS D 187 8.72 -65.34 -5.53
N ARG D 188 7.61 -64.69 -5.89
CA ARG D 188 7.17 -64.56 -7.28
C ARG D 188 6.81 -63.09 -7.48
N ALA D 189 7.80 -62.28 -7.84
CA ALA D 189 7.57 -60.85 -8.01
C ALA D 189 6.59 -60.59 -9.15
N PHE D 190 5.51 -59.89 -8.86
CA PHE D 190 4.52 -59.57 -9.87
C PHE D 190 4.85 -58.23 -10.52
N PHE D 191 4.18 -57.97 -11.65
CA PHE D 191 4.38 -56.76 -12.42
C PHE D 191 3.43 -55.69 -11.91
N ASP D 192 3.90 -54.87 -10.97
CA ASP D 192 3.11 -53.76 -10.46
C ASP D 192 3.08 -52.64 -11.49
N ILE D 193 1.88 -52.09 -11.72
CA ILE D 193 1.67 -51.09 -12.75
C ILE D 193 1.60 -49.68 -12.18
N ARG D 194 0.94 -49.52 -11.04
CA ARG D 194 0.69 -48.18 -10.50
C ARG D 194 2.00 -47.45 -10.20
N THR D 195 2.94 -48.13 -9.54
CA THR D 195 4.19 -47.47 -9.15
C THR D 195 5.00 -47.04 -10.36
N ILE D 196 4.82 -47.70 -11.50
CA ILE D 196 5.57 -47.31 -12.70
C ILE D 196 5.19 -45.91 -13.14
N GLU D 197 3.89 -45.59 -13.16
CA GLU D 197 3.45 -44.26 -13.53
C GLU D 197 3.43 -43.29 -12.37
N GLU D 198 3.56 -43.78 -11.13
CA GLU D 198 3.67 -42.86 -10.00
C GLU D 198 4.93 -42.00 -10.12
N ASN D 199 6.05 -42.62 -10.47
CA ASN D 199 7.33 -41.92 -10.67
C ASN D 199 7.71 -41.12 -9.43
N LYS D 200 7.63 -41.76 -8.27
CA LYS D 200 7.98 -41.15 -7.00
C LYS D 200 8.99 -42.01 -6.26
N LEU D 201 9.84 -42.71 -7.00
CA LEU D 201 10.90 -43.50 -6.40
C LEU D 201 11.98 -42.58 -5.84
N PRO D 202 12.77 -43.06 -4.87
CA PRO D 202 13.87 -42.25 -4.35
C PRO D 202 14.86 -41.88 -5.44
N SER D 203 15.39 -40.66 -5.33
CA SER D 203 16.24 -40.12 -6.39
C SER D 203 17.56 -40.87 -6.54
N ARG D 204 18.00 -41.59 -5.51
CA ARG D 204 19.25 -42.33 -5.60
C ARG D 204 19.09 -43.68 -6.31
N TRP D 205 17.84 -44.13 -6.50
CA TRP D 205 17.60 -45.39 -7.18
C TRP D 205 17.78 -45.26 -8.68
N SER D 206 18.23 -46.35 -9.31
CA SER D 206 18.35 -46.41 -10.75
C SER D 206 17.20 -47.25 -11.33
N LYS D 207 17.15 -47.33 -12.66
CA LYS D 207 16.09 -48.07 -13.34
C LYS D 207 16.69 -48.85 -14.50
N LEU D 208 16.25 -50.09 -14.64
CA LEU D 208 16.67 -50.96 -15.75
C LEU D 208 15.42 -51.53 -16.40
N TRP D 209 15.17 -51.17 -17.65
CA TRP D 209 13.98 -51.59 -18.37
C TRP D 209 14.36 -52.63 -19.42
N LYS D 210 13.62 -53.73 -19.45
CA LYS D 210 13.85 -54.83 -20.37
C LYS D 210 12.91 -54.67 -21.56
N LEU D 211 13.42 -54.12 -22.66
CA LEU D 211 12.59 -53.88 -23.83
C LEU D 211 12.13 -55.18 -24.47
N HIS D 212 13.02 -56.16 -24.56
CA HIS D 212 12.72 -57.43 -25.22
C HIS D 212 12.48 -58.56 -24.22
N GLY D 213 12.27 -58.25 -22.95
CA GLY D 213 12.03 -59.28 -21.96
C GLY D 213 13.32 -59.83 -21.36
N SER D 214 13.16 -60.92 -20.61
CA SER D 214 14.28 -61.56 -19.93
C SER D 214 14.04 -63.06 -19.86
N ILE D 215 15.11 -63.80 -19.60
CA ILE D 215 15.02 -65.26 -19.53
C ILE D 215 14.36 -65.74 -18.24
N ASN D 216 14.35 -64.91 -17.19
CA ASN D 216 13.77 -65.31 -15.91
C ASN D 216 12.29 -64.97 -15.80
N TRP D 217 11.73 -64.25 -16.77
CA TRP D 217 10.30 -63.98 -16.75
C TRP D 217 9.53 -65.24 -17.12
N GLN D 218 8.40 -65.46 -16.45
CA GLN D 218 7.55 -66.61 -16.71
C GLN D 218 6.10 -66.16 -16.71
N LEU D 219 5.25 -66.97 -17.35
CA LEU D 219 3.83 -66.68 -17.45
C LEU D 219 3.03 -67.89 -16.96
N ASP D 220 2.00 -67.63 -16.16
CA ASP D 220 1.09 -68.66 -15.69
C ASP D 220 -0.23 -68.53 -16.42
N LYS D 221 -0.65 -69.60 -17.08
CA LYS D 221 -1.89 -69.59 -17.86
C LYS D 221 -3.12 -69.79 -16.99
N GLN D 222 -2.95 -70.24 -15.74
CA GLN D 222 -4.09 -70.37 -14.85
C GLN D 222 -4.73 -69.02 -14.58
N THR D 223 -3.92 -68.00 -14.34
CA THR D 223 -4.39 -66.62 -14.23
C THR D 223 -3.92 -65.75 -15.39
N GLN D 224 -3.15 -66.31 -16.32
CA GLN D 224 -2.59 -65.56 -17.46
C GLN D 224 -1.82 -64.34 -16.97
N THR D 225 -0.97 -64.54 -15.97
CA THR D 225 -0.23 -63.46 -15.35
C THR D 225 1.27 -63.71 -15.47
N ILE D 226 2.02 -62.63 -15.62
CA ILE D 226 3.46 -62.72 -15.76
C ILE D 226 4.12 -62.42 -14.42
N TRP D 227 5.31 -62.99 -14.22
CA TRP D 227 6.06 -62.76 -12.99
C TRP D 227 7.52 -63.05 -13.23
N ARG D 228 8.37 -62.33 -12.51
CA ARG D 228 9.82 -62.48 -12.62
C ARG D 228 10.29 -63.50 -11.58
N GLY D 229 10.97 -64.54 -12.05
CA GLY D 229 11.47 -65.58 -11.16
C GLY D 229 12.90 -65.98 -11.47
N THR D 230 13.12 -67.27 -11.64
CA THR D 230 14.42 -67.83 -11.96
C THR D 230 14.33 -68.69 -13.22
N PRO D 231 15.43 -68.84 -13.95
CA PRO D 231 15.38 -69.63 -15.19
C PRO D 231 14.93 -71.06 -14.96
N SER D 232 13.77 -71.40 -15.50
CA SER D 232 13.21 -72.75 -15.43
C SER D 232 13.22 -73.37 -16.81
N LYS D 233 12.67 -74.58 -16.91
CA LYS D 233 12.68 -75.32 -18.17
C LYS D 233 11.66 -74.71 -19.13
N GLY D 234 12.06 -73.64 -19.81
CA GLY D 234 11.18 -72.97 -20.75
C GLY D 234 10.54 -71.71 -20.21
N CYS D 235 10.99 -70.56 -20.68
CA CYS D 235 10.43 -69.28 -20.27
C CYS D 235 9.42 -68.81 -21.32
N SER D 236 8.30 -68.27 -20.87
CA SER D 236 7.22 -67.86 -21.75
C SER D 236 7.35 -66.42 -22.23
N LEU D 237 8.37 -65.70 -21.78
CA LEU D 237 8.55 -64.31 -22.19
C LEU D 237 9.85 -64.12 -22.95
N ILE D 238 10.21 -65.10 -23.79
CA ILE D 238 11.38 -64.99 -24.63
C ILE D 238 11.09 -64.24 -25.93
N HIS D 239 9.88 -63.74 -26.10
CA HIS D 239 9.48 -63.14 -27.36
C HIS D 239 10.25 -61.85 -27.62
N PRO D 240 10.80 -61.65 -28.82
CA PRO D 240 11.38 -60.35 -29.18
C PRO D 240 10.31 -59.34 -29.56
N SER D 241 9.52 -58.93 -28.57
CA SER D 241 8.44 -57.96 -28.74
C SER D 241 7.39 -58.46 -29.73
N HIS D 242 6.93 -59.71 -29.50
CA HIS D 242 5.88 -60.30 -30.33
C HIS D 242 5.06 -61.23 -29.42
N LEU D 243 3.95 -60.71 -28.90
CA LEU D 243 3.13 -61.46 -27.97
C LEU D 243 1.68 -61.00 -28.13
N LYS D 244 0.84 -61.31 -27.15
CA LYS D 244 -0.56 -60.93 -27.19
C LYS D 244 -0.72 -59.45 -26.83
N TYR D 245 -1.97 -59.02 -26.68
CA TYR D 245 -2.26 -57.64 -26.33
C TYR D 245 -1.92 -57.38 -24.86
N ASP D 246 -2.16 -56.15 -24.43
CA ASP D 246 -1.87 -55.74 -23.06
C ASP D 246 -2.86 -56.37 -22.08
N LYS D 250 -1.35 -58.99 -20.37
CA LYS D 250 -0.27 -59.93 -20.09
C LYS D 250 0.96 -59.62 -20.93
N MET D 251 1.14 -58.33 -21.24
CA MET D 251 2.28 -57.91 -22.04
C MET D 251 2.79 -56.56 -21.55
N PRO D 252 3.99 -56.52 -20.95
CA PRO D 252 4.54 -55.26 -20.43
C PRO D 252 5.33 -54.44 -21.46
N TYR D 253 5.39 -54.88 -22.71
CA TYR D 253 6.17 -54.16 -23.72
C TYR D 253 5.61 -52.77 -23.94
N LEU D 254 4.29 -52.64 -23.98
CA LEU D 254 3.68 -51.32 -24.15
C LEU D 254 4.04 -50.39 -23.01
N VAL D 255 4.08 -50.89 -21.78
CA VAL D 255 4.45 -50.06 -20.64
C VAL D 255 5.90 -49.59 -20.78
N MET D 256 6.80 -50.49 -21.20
CA MET D 256 8.20 -50.10 -21.37
C MET D 256 8.35 -49.04 -22.45
N MET D 257 7.63 -49.21 -23.57
CA MET D 257 7.69 -48.21 -24.64
C MET D 257 7.12 -46.88 -24.18
N ASP D 258 6.04 -46.91 -23.40
CA ASP D 258 5.47 -45.67 -22.87
C ASP D 258 6.44 -44.97 -21.94
N GLN D 259 7.13 -45.74 -21.08
CA GLN D 259 8.12 -45.14 -20.20
C GLN D 259 9.28 -44.55 -20.98
N LEU D 260 9.72 -45.23 -22.03
CA LEU D 260 10.79 -44.69 -22.87
C LEU D 260 10.36 -43.39 -23.53
N LYS D 261 9.13 -43.35 -24.06
CA LYS D 261 8.62 -42.14 -24.68
C LYS D 261 8.53 -41.01 -23.66
N LEU D 262 8.06 -41.31 -22.45
CA LEU D 262 7.96 -40.29 -21.40
C LEU D 262 9.34 -39.76 -21.03
N PHE D 263 10.35 -40.63 -20.97
CA PHE D 263 11.71 -40.16 -20.74
C PHE D 263 12.18 -39.26 -21.87
N LEU D 264 11.86 -39.62 -23.12
CA LEU D 264 12.25 -38.79 -24.25
C LEU D 264 11.62 -37.41 -24.21
N ASN D 265 10.53 -37.24 -23.47
CA ASN D 265 9.86 -35.95 -23.36
C ASN D 265 10.45 -35.08 -22.25
N GLN D 266 11.34 -35.60 -21.43
CA GLN D 266 11.93 -34.79 -20.37
C GLN D 266 12.86 -33.74 -20.97
N PRO D 267 12.83 -32.52 -20.44
CA PRO D 267 13.72 -31.48 -20.96
C PRO D 267 15.19 -31.83 -20.77
N SER D 268 16.00 -31.44 -21.75
CA SER D 268 17.45 -31.67 -21.73
C SER D 268 17.78 -33.15 -21.55
N ALA D 269 16.99 -34.02 -22.15
CA ALA D 269 17.25 -35.46 -22.05
C ALA D 269 18.51 -35.83 -22.81
N ILE D 270 19.25 -36.80 -22.25
CA ILE D 270 20.45 -37.33 -22.88
C ILE D 270 20.29 -38.84 -22.99
N LEU D 271 20.66 -39.37 -24.16
CA LEU D 271 20.54 -40.79 -24.42
C LEU D 271 21.70 -41.23 -25.31
N ILE D 272 22.26 -42.39 -25.00
CA ILE D 272 23.41 -42.93 -25.70
C ILE D 272 23.08 -44.36 -26.15
N THR D 273 23.33 -44.66 -27.42
CA THR D 273 23.12 -45.98 -27.97
C THR D 273 24.45 -46.68 -28.15
N CYS D 274 24.58 -47.89 -27.59
CA CYS D 274 25.79 -48.67 -27.66
C CYS D 274 25.49 -50.01 -28.32
N GLY D 275 26.12 -50.26 -29.46
CA GLY D 275 25.96 -51.52 -30.16
C GLY D 275 24.69 -51.65 -30.97
N TYR D 276 23.85 -50.62 -31.00
CA TYR D 276 22.59 -50.68 -31.73
C TYR D 276 22.80 -50.37 -33.20
N SER D 277 22.27 -51.23 -34.07
CA SER D 277 22.38 -51.05 -35.51
C SER D 277 21.16 -50.37 -36.11
N TYR D 278 20.21 -49.96 -35.27
CA TYR D 278 19.00 -49.26 -35.72
C TYR D 278 18.23 -50.06 -36.77
N LYS D 279 18.17 -51.38 -36.59
CA LYS D 279 17.50 -52.26 -37.54
C LYS D 279 16.08 -52.63 -37.11
N ASP D 280 15.57 -52.06 -36.04
CA ASP D 280 14.21 -52.32 -35.58
C ASP D 280 13.33 -51.14 -35.96
N GLN D 281 12.23 -51.42 -36.68
CA GLN D 281 11.36 -50.35 -37.13
C GLN D 281 10.65 -49.66 -35.96
N HIS D 282 10.20 -50.44 -34.98
CA HIS D 282 9.43 -49.86 -33.88
C HIS D 282 10.31 -48.96 -33.01
N ILE D 283 11.50 -49.44 -32.64
CA ILE D 283 12.40 -48.63 -31.83
C ILE D 283 12.80 -47.36 -32.57
N ASN D 284 13.12 -47.49 -33.86
CA ASN D 284 13.52 -46.33 -34.65
C ASN D 284 12.39 -45.31 -34.75
N GLU D 285 11.16 -45.78 -35.00
CA GLU D 285 10.05 -44.83 -35.11
C GLU D 285 9.73 -44.18 -33.78
N VAL D 286 9.84 -44.93 -32.67
CA VAL D 286 9.60 -44.33 -31.36
C VAL D 286 10.66 -43.28 -31.06
N LEU D 287 11.93 -43.58 -31.36
CA LEU D 287 12.99 -42.61 -31.13
C LEU D 287 12.79 -41.37 -31.99
N SER D 288 12.41 -41.55 -33.26
CA SER D 288 12.19 -40.41 -34.15
C SER D 288 11.04 -39.55 -33.65
N GLN D 289 9.94 -40.18 -33.23
CA GLN D 289 8.79 -39.43 -32.73
C GLN D 289 9.14 -38.67 -31.46
N GLY D 290 9.88 -39.31 -30.55
CA GLY D 290 10.29 -38.62 -29.34
C GLY D 290 11.24 -37.47 -29.61
N LEU D 291 12.17 -37.64 -30.55
CA LEU D 291 13.07 -36.56 -30.90
C LEU D 291 12.35 -35.40 -31.57
N GLN D 292 11.38 -35.69 -32.43
CA GLN D 292 10.61 -34.64 -33.07
C GLN D 292 9.73 -33.89 -32.07
N THR D 293 9.10 -34.64 -31.15
CA THR D 293 8.23 -34.00 -30.17
C THR D 293 9.00 -33.05 -29.26
N ASN D 294 10.17 -33.46 -28.80
CA ASN D 294 10.99 -32.65 -27.92
C ASN D 294 12.31 -32.32 -28.62
N PRO D 295 12.46 -31.13 -29.20
CA PRO D 295 13.73 -30.78 -29.86
C PRO D 295 14.92 -30.74 -28.91
N ASN D 296 14.68 -30.55 -27.62
CA ASN D 296 15.79 -30.47 -26.66
C ASN D 296 16.45 -31.82 -26.43
N ALA D 297 15.78 -32.92 -26.80
CA ALA D 297 16.37 -34.24 -26.63
C ALA D 297 17.59 -34.40 -27.55
N LEU D 298 18.59 -35.12 -27.04
CA LEU D 298 19.82 -35.37 -27.77
C LEU D 298 20.12 -36.86 -27.78
N ILE D 299 20.69 -37.33 -28.89
CA ILE D 299 21.04 -38.73 -29.07
C ILE D 299 22.48 -38.80 -29.54
N TYR D 300 23.39 -39.25 -28.66
CA TYR D 300 24.80 -39.37 -28.99
C TYR D 300 25.12 -40.81 -29.44
N GLY D 301 24.48 -41.21 -30.54
CA GLY D 301 24.65 -42.54 -31.09
C GLY D 301 26.09 -42.87 -31.45
N LEU D 302 26.56 -44.03 -31.01
CA LEU D 302 27.90 -44.51 -31.31
C LEU D 302 27.83 -45.87 -31.97
N GLN D 303 28.53 -46.03 -33.07
CA GLN D 303 28.54 -47.28 -33.83
C GLN D 303 29.97 -47.81 -33.90
N TYR D 304 30.15 -49.08 -33.55
CA TYR D 304 31.47 -49.69 -33.62
C TYR D 304 31.89 -49.97 -35.06
N ASP D 305 30.93 -50.20 -35.94
CA ASP D 305 31.23 -50.47 -37.34
C ASP D 305 31.33 -49.16 -38.13
N VAL D 306 31.69 -49.27 -39.40
CA VAL D 306 31.81 -48.10 -40.25
C VAL D 306 30.43 -47.53 -40.56
N LEU D 307 30.39 -46.25 -40.92
CA LEU D 307 29.12 -45.58 -41.18
C LEU D 307 28.43 -46.15 -42.42
N GLU D 308 29.20 -46.63 -43.41
CA GLU D 308 28.61 -47.07 -44.66
C GLU D 308 27.67 -48.25 -44.51
N ASN D 309 27.83 -49.05 -43.45
CA ASN D 309 27.00 -50.23 -43.26
C ASN D 309 25.63 -49.92 -42.65
N TYR D 310 25.39 -48.68 -42.25
CA TYR D 310 24.13 -48.30 -41.60
C TYR D 310 23.50 -47.17 -42.40
N GLN D 311 22.67 -47.52 -43.39
CA GLN D 311 21.94 -46.52 -44.15
C GLN D 311 20.77 -45.96 -43.34
N GLU D 312 20.13 -46.79 -42.51
CA GLU D 312 19.05 -46.31 -41.67
C GLU D 312 19.55 -45.27 -40.67
N ALA D 313 20.76 -45.48 -40.13
CA ALA D 313 21.34 -44.49 -39.24
C ALA D 313 21.58 -43.17 -39.96
N LYS D 314 22.05 -43.23 -41.21
CA LYS D 314 22.24 -42.01 -41.99
C LYS D 314 20.92 -41.30 -42.22
N ASP D 315 19.86 -42.05 -42.56
CA ASP D 315 18.56 -41.44 -42.79
C ASP D 315 18.02 -40.79 -41.52
N MET D 316 18.16 -41.47 -40.38
CA MET D 316 17.70 -40.90 -39.12
C MET D 316 18.47 -39.65 -38.76
N ALA D 317 19.80 -39.67 -38.98
CA ALA D 317 20.61 -38.50 -38.66
C ALA D 317 20.26 -37.31 -39.56
N LEU D 318 20.02 -37.57 -40.85
CA LEU D 318 19.67 -36.51 -41.77
C LEU D 318 18.25 -36.02 -41.57
N LYS D 319 17.37 -36.82 -40.97
CA LYS D 319 15.98 -36.42 -40.78
C LYS D 319 15.80 -35.45 -39.64
N ARG D 320 16.61 -35.53 -38.60
CA ARG D 320 16.48 -34.68 -37.43
C ARG D 320 17.79 -33.96 -37.16
N SER D 321 17.68 -32.68 -36.80
CA SER D 321 18.85 -31.83 -36.60
C SER D 321 19.41 -31.92 -35.19
N ASN D 322 18.74 -32.61 -34.28
CA ASN D 322 19.18 -32.75 -32.90
C ASN D 322 19.61 -34.17 -32.58
N LEU D 323 20.25 -34.84 -33.55
CA LEU D 323 20.76 -36.20 -33.37
C LEU D 323 22.22 -36.20 -33.81
N ILE D 324 23.13 -36.23 -32.84
CA ILE D 324 24.57 -36.20 -33.12
C ILE D 324 25.02 -37.65 -33.26
N LEU D 325 25.01 -38.14 -34.49
CA LEU D 325 25.43 -39.51 -34.76
C LEU D 325 26.93 -39.58 -35.02
N LEU D 326 27.59 -40.55 -34.40
CA LEU D 326 29.02 -40.77 -34.58
C LEU D 326 29.26 -42.21 -35.01
N ALA D 327 30.30 -42.39 -35.83
CA ALA D 327 30.65 -43.71 -36.33
C ALA D 327 32.16 -43.89 -36.25
N LYS D 328 32.65 -44.98 -36.85
CA LYS D 328 34.09 -45.25 -36.82
C LYS D 328 34.87 -44.35 -37.76
N ASP D 329 34.28 -44.00 -38.90
CA ASP D 329 34.97 -43.19 -39.91
C ASP D 329 34.45 -41.76 -39.96
N ARG D 330 33.15 -41.58 -40.17
CA ARG D 330 32.54 -40.27 -40.33
C ARG D 330 31.51 -40.03 -39.23
N ALA D 331 30.88 -38.86 -39.28
CA ALA D 331 29.86 -38.49 -38.30
C ALA D 331 28.87 -37.54 -38.95
N ILE D 332 27.71 -37.42 -38.32
CA ILE D 332 26.66 -36.50 -38.75
C ILE D 332 26.24 -35.70 -37.53
N ILE D 333 26.57 -34.41 -37.52
CA ILE D 333 26.27 -33.52 -36.40
C ILE D 333 25.32 -32.46 -36.92
N GLY D 334 24.01 -32.69 -36.75
CA GLY D 334 23.01 -31.73 -37.16
C GLY D 334 22.75 -31.70 -38.65
N LYS D 335 22.33 -32.84 -39.20
CA LYS D 335 21.91 -33.02 -40.59
C LYS D 335 23.03 -32.80 -41.60
N LYS D 336 24.27 -32.61 -41.16
CA LYS D 336 25.41 -32.46 -42.06
C LYS D 336 26.42 -33.56 -41.77
N GLU D 337 26.98 -34.13 -42.83
CA GLU D 337 27.93 -35.23 -42.72
C GLU D 337 29.35 -34.70 -42.83
N GLY D 338 30.20 -35.08 -41.87
CA GLY D 338 31.59 -34.71 -41.89
C GLY D 338 32.47 -35.93 -41.72
N GLU D 339 33.70 -35.81 -42.23
CA GLU D 339 34.68 -36.88 -42.19
C GLU D 339 35.72 -36.55 -41.11
N TRP D 340 36.66 -37.49 -40.93
CA TRP D 340 37.71 -37.31 -39.94
C TRP D 340 38.69 -36.25 -40.40
N LYS D 341 39.01 -35.32 -39.51
CA LYS D 341 39.98 -34.28 -39.82
C LYS D 341 41.37 -34.88 -39.92
N PRO D 342 42.29 -34.20 -40.63
CA PRO D 342 43.65 -34.74 -40.76
C PRO D 342 44.40 -34.68 -39.43
N ASP D 343 44.61 -35.84 -38.82
CA ASP D 343 45.30 -35.95 -37.54
C ASP D 343 46.10 -37.24 -37.53
N PRO D 344 47.20 -37.30 -36.77
CA PRO D 344 48.00 -38.52 -36.70
C PRO D 344 47.33 -39.62 -35.88
N GLN D 345 46.20 -40.13 -36.38
CA GLN D 345 45.48 -41.20 -35.68
C GLN D 345 46.31 -42.47 -35.65
N SER D 346 46.98 -42.81 -36.74
CA SER D 346 47.82 -43.99 -36.83
C SER D 346 49.27 -43.55 -37.00
N SER D 347 50.14 -44.01 -36.10
CA SER D 347 51.54 -43.63 -36.16
C SER D 347 52.23 -44.23 -37.38
N GLN D 348 51.87 -45.46 -37.74
CA GLN D 348 52.49 -46.12 -38.88
C GLN D 348 52.13 -45.43 -40.19
N ASP D 349 53.12 -45.24 -41.04
CA ASP D 349 52.87 -44.61 -42.34
C ASP D 349 51.99 -45.49 -43.22
N ASN D 350 52.21 -46.80 -43.20
CA ASN D 350 51.43 -47.71 -44.03
C ASN D 350 49.99 -47.76 -43.54
N ASP D 351 49.04 -47.68 -44.48
CA ASP D 351 47.61 -47.69 -44.22
C ASP D 351 47.24 -46.65 -43.17
N PRO D 352 47.30 -45.36 -43.51
CA PRO D 352 46.94 -44.30 -42.53
C PRO D 352 45.43 -44.12 -42.41
N LEU D 353 44.74 -45.18 -41.98
CA LEU D 353 43.29 -45.13 -41.84
C LEU D 353 42.90 -44.32 -40.61
N LEU D 354 42.00 -43.37 -40.80
CA LEU D 354 41.50 -42.54 -39.70
C LEU D 354 40.23 -43.19 -39.17
N PHE D 355 40.39 -44.07 -38.18
CA PHE D 355 39.28 -44.79 -37.58
C PHE D 355 39.13 -44.38 -36.13
N PHE D 356 37.90 -44.09 -35.72
CA PHE D 356 37.60 -43.70 -34.35
C PHE D 356 37.50 -44.96 -33.51
N LYS D 357 38.66 -45.44 -33.05
CA LYS D 357 38.72 -46.65 -32.23
C LYS D 357 38.12 -46.45 -30.84
N LEU D 358 37.84 -45.21 -30.43
CA LEU D 358 37.26 -44.96 -29.11
C LEU D 358 35.80 -45.35 -29.02
N GLY D 359 35.16 -45.71 -30.14
CA GLY D 359 33.78 -46.12 -30.14
C GLY D 359 33.54 -47.54 -29.65
N ASP D 360 34.61 -48.30 -29.41
CA ASP D 360 34.46 -49.66 -28.92
C ASP D 360 33.96 -49.64 -27.48
N PHE D 361 33.31 -50.74 -27.08
CA PHE D 361 32.77 -50.83 -25.73
C PHE D 361 33.87 -50.78 -24.68
N GLN D 362 35.00 -51.46 -24.94
CA GLN D 362 36.12 -51.40 -24.01
C GLN D 362 36.67 -49.99 -23.91
N HIS D 363 36.83 -49.32 -25.05
CA HIS D 363 37.32 -47.94 -25.04
C HIS D 363 36.32 -47.02 -24.37
N LEU D 364 35.02 -47.24 -24.59
CA LEU D 364 34.00 -46.43 -23.93
C LEU D 364 34.05 -46.62 -22.42
N ALA D 365 34.23 -47.86 -21.96
CA ALA D 365 34.33 -48.12 -20.53
C ALA D 365 35.58 -47.46 -19.95
N SER D 366 36.69 -47.51 -20.67
CA SER D 366 37.91 -46.85 -20.21
C SER D 366 37.71 -45.34 -20.11
N PHE D 367 37.03 -44.75 -21.11
CA PHE D 367 36.76 -43.32 -21.08
C PHE D 367 35.87 -42.96 -19.90
N LEU D 368 34.84 -43.76 -19.64
CA LEU D 368 33.96 -43.49 -18.51
C LEU D 368 34.70 -43.62 -17.19
N GLU D 369 35.58 -44.61 -17.08
CA GLU D 369 36.39 -44.76 -15.87
C GLU D 369 37.30 -43.56 -15.67
N GLU D 370 37.92 -43.08 -16.75
CA GLU D 370 38.77 -41.89 -16.65
C GLU D 370 37.96 -40.67 -16.23
N ILE D 371 36.74 -40.52 -16.77
CA ILE D 371 35.88 -39.40 -16.39
C ILE D 371 35.52 -39.49 -14.91
N SER D 372 35.20 -40.70 -14.44
CA SER D 372 34.82 -40.87 -13.04
C SER D 372 35.95 -40.48 -12.10
N GLN D 373 37.18 -40.88 -12.41
CA GLN D 373 38.33 -40.54 -11.58
C GLN D 373 38.84 -39.15 -11.92
N ASP E 11 -17.53 -59.62 28.05
CA ASP E 11 -16.19 -59.11 27.80
C ASP E 11 -15.83 -59.19 26.32
N THR E 12 -16.43 -60.17 25.63
CA THR E 12 -16.14 -60.35 24.21
C THR E 12 -16.61 -59.15 23.39
N THR E 13 -17.80 -58.62 23.70
CA THR E 13 -18.35 -57.54 22.89
C THR E 13 -17.50 -56.28 23.00
N GLN E 14 -17.08 -55.92 24.22
CA GLN E 14 -16.29 -54.71 24.39
C GLN E 14 -14.93 -54.84 23.71
N GLN E 15 -14.28 -55.99 23.87
CA GLN E 15 -12.98 -56.20 23.24
C GLN E 15 -13.11 -56.16 21.72
N LEU E 16 -14.15 -56.79 21.17
CA LEU E 16 -14.35 -56.77 19.73
C LEU E 16 -14.60 -55.35 19.24
N SER E 17 -15.41 -54.58 19.98
CA SER E 17 -15.71 -53.21 19.56
C SER E 17 -14.45 -52.35 19.58
N LEU E 18 -13.64 -52.45 20.64
CA LEU E 18 -12.44 -51.65 20.71
C LEU E 18 -11.42 -52.06 19.65
N LEU E 19 -11.30 -53.37 19.39
CA LEU E 19 -10.41 -53.82 18.33
C LEU E 19 -10.87 -53.31 16.96
N LYS E 20 -12.17 -53.36 16.70
CA LYS E 20 -12.70 -52.83 15.44
C LYS E 20 -12.42 -51.35 15.31
N HIS E 21 -12.61 -50.60 16.40
CA HIS E 21 -12.37 -49.14 16.35
C HIS E 21 -10.90 -48.83 16.11
N VAL E 22 -9.99 -49.54 16.78
CA VAL E 22 -8.57 -49.23 16.61
C VAL E 22 -8.07 -49.68 15.25
N LEU E 23 -8.61 -50.78 14.71
CA LEU E 23 -8.17 -51.26 13.40
C LEU E 23 -8.76 -50.43 12.27
N SER E 24 -9.97 -49.89 12.44
CA SER E 24 -10.59 -49.11 11.39
C SER E 24 -9.83 -47.80 11.13
N GLU E 25 -9.30 -47.19 12.18
CA GLU E 25 -8.56 -45.94 12.03
C GLU E 25 -7.26 -46.17 11.27
N ASP E 26 -6.98 -45.28 10.33
CA ASP E 26 -5.77 -45.35 9.52
C ASP E 26 -4.70 -44.36 9.96
N LYS E 27 -4.86 -43.75 11.14
CA LYS E 27 -3.93 -42.75 11.64
C LYS E 27 -2.84 -43.34 12.53
N ARG E 28 -2.81 -44.66 12.70
CA ARG E 28 -1.80 -45.30 13.53
C ARG E 28 -1.12 -46.43 12.76
N PRO E 29 0.18 -46.62 12.96
CA PRO E 29 0.86 -47.74 12.29
C PRO E 29 0.36 -49.08 12.81
N ILE E 30 0.40 -50.08 11.94
CA ILE E 30 -0.04 -51.43 12.27
C ILE E 30 1.10 -52.40 11.96
N ALA E 31 1.28 -53.38 12.83
CA ALA E 31 2.28 -54.42 12.61
C ALA E 31 1.77 -55.72 13.22
N PHE E 32 2.38 -56.83 12.77
CA PHE E 32 2.00 -58.15 13.22
C PHE E 32 3.26 -58.99 13.47
N ILE E 33 3.11 -59.96 14.37
CA ILE E 33 4.15 -60.94 14.66
C ILE E 33 3.61 -62.31 14.31
N ILE E 34 4.35 -63.04 13.49
CA ILE E 34 3.91 -64.32 12.95
C ILE E 34 4.80 -65.41 13.52
N ALA E 35 4.18 -66.41 14.14
CA ALA E 35 4.86 -67.57 14.68
C ALA E 35 4.30 -68.83 14.02
N ALA E 36 4.72 -70.00 14.52
CA ALA E 36 4.28 -71.27 13.95
C ALA E 36 2.79 -71.50 14.11
N GLY E 37 2.13 -70.73 14.97
CA GLY E 37 0.69 -70.88 15.13
C GLY E 37 -0.08 -70.60 13.86
N CYS E 38 0.36 -69.60 13.09
CA CYS E 38 -0.32 -69.29 11.83
C CYS E 38 -0.21 -70.44 10.82
N PRO E 39 0.96 -70.99 10.51
CA PRO E 39 0.98 -72.16 9.60
C PRO E 39 0.33 -73.39 10.19
N VAL E 40 0.39 -73.60 11.50
CA VAL E 40 -0.23 -74.80 12.07
C VAL E 40 -1.75 -74.73 12.03
N SER E 41 -2.32 -73.54 11.88
CA SER E 41 -3.78 -73.40 11.84
C SER E 41 -4.37 -73.87 10.51
N ILE E 42 -3.56 -74.03 9.47
CA ILE E 42 -4.06 -74.48 8.18
C ILE E 42 -4.23 -76.00 8.21
N ARG E 43 -5.44 -76.45 7.89
CA ARG E 43 -5.75 -77.88 7.91
C ARG E 43 -5.57 -78.46 6.51
N HIS E 44 -4.81 -79.55 6.42
CA HIS E 44 -4.57 -80.22 5.15
C HIS E 44 -4.55 -81.72 5.39
N ASN E 45 -5.49 -82.44 4.78
CA ASN E 45 -5.63 -83.88 4.96
C ASN E 45 -5.81 -84.25 6.43
N ASP E 46 -6.52 -83.40 7.19
CA ASP E 46 -6.73 -83.59 8.61
C ASP E 46 -5.42 -83.69 9.38
N ALA E 47 -4.40 -83.00 8.88
CA ALA E 47 -3.09 -82.95 9.49
C ALA E 47 -2.56 -81.53 9.41
N PRO E 48 -1.74 -81.11 10.38
CA PRO E 48 -1.18 -79.76 10.33
C PRO E 48 -0.26 -79.57 9.12
N LEU E 49 -0.34 -78.38 8.52
CA LEU E 49 0.56 -78.06 7.42
C LEU E 49 2.01 -78.05 7.87
N ILE E 50 2.28 -77.46 9.03
CA ILE E 50 3.61 -77.47 9.64
C ILE E 50 3.48 -77.95 11.08
N PRO E 51 4.22 -78.98 11.49
CA PRO E 51 4.05 -79.52 12.84
C PRO E 51 4.71 -78.68 13.91
N ASP E 52 5.15 -77.47 13.54
CA ASP E 52 5.75 -76.51 14.48
C ASP E 52 7.06 -77.03 15.06
N VAL E 53 7.59 -76.33 16.06
CA VAL E 53 8.88 -76.68 16.63
C VAL E 53 8.84 -78.06 17.28
N ALA E 54 7.78 -78.35 18.04
CA ALA E 54 7.68 -79.65 18.71
C ALA E 54 7.60 -80.78 17.69
N GLY E 55 6.80 -80.60 16.64
CA GLY E 55 6.70 -81.63 15.61
C GLY E 55 8.01 -81.82 14.88
N LEU E 56 8.72 -80.73 14.58
CA LEU E 56 10.03 -80.84 13.95
C LEU E 56 11.04 -81.54 14.83
N THR E 57 11.03 -81.29 16.14
CA THR E 57 11.91 -81.99 17.06
C THR E 57 11.58 -83.48 17.11
N ARG E 58 10.28 -83.82 17.18
CA ARG E 58 9.90 -85.23 17.19
C ARG E 58 10.31 -85.94 15.90
N LYS E 59 10.09 -85.29 14.75
CA LYS E 59 10.48 -85.90 13.49
C LYS E 59 12.00 -86.01 13.36
N ILE E 60 12.72 -85.01 13.85
CA ILE E 60 14.19 -85.07 13.83
C ILE E 60 14.66 -86.24 14.69
N SER E 61 14.08 -86.41 15.88
CA SER E 61 14.47 -87.51 16.75
C SER E 61 14.14 -88.86 16.12
N ASP E 62 12.97 -88.96 15.50
CA ASP E 62 12.56 -90.23 14.89
C ASP E 62 13.33 -90.53 13.62
N SER E 63 13.91 -89.51 12.98
CA SER E 63 14.66 -89.74 11.74
C SER E 63 15.88 -90.61 11.97
N PHE E 64 16.61 -90.37 13.06
CA PHE E 64 17.79 -91.15 13.39
C PHE E 64 17.49 -92.35 14.27
N GLY E 65 16.24 -92.56 14.65
CA GLY E 65 15.87 -93.71 15.45
C GLY E 65 16.18 -93.53 16.93
N GLY E 66 15.87 -94.58 17.69
CA GLY E 66 16.10 -94.62 19.11
C GLY E 66 17.42 -95.21 19.54
N ASN E 67 18.34 -95.45 18.60
CA ASN E 67 19.62 -96.05 18.96
C ASN E 67 20.46 -95.07 19.76
N PRO E 68 20.90 -95.43 20.96
CA PRO E 68 21.73 -94.49 21.76
C PRO E 68 23.11 -94.25 21.17
N ASP E 69 23.58 -95.10 20.25
CA ASP E 69 24.91 -94.93 19.68
C ASP E 69 25.02 -93.66 18.83
N SER E 70 23.91 -93.14 18.32
CA SER E 70 23.95 -91.93 17.52
C SER E 70 24.29 -90.73 18.39
N LEU E 71 25.09 -89.82 17.84
CA LEU E 71 25.49 -88.63 18.59
C LEU E 71 24.32 -87.69 18.83
N LEU E 72 23.32 -87.71 17.95
CA LEU E 72 22.17 -86.81 18.11
C LEU E 72 21.42 -87.12 19.40
N MET E 73 21.19 -88.40 19.70
CA MET E 73 20.52 -88.76 20.94
C MET E 73 21.37 -88.41 22.15
N LYS E 74 22.70 -88.55 22.04
CA LYS E 74 23.57 -88.16 23.14
C LYS E 74 23.48 -86.66 23.42
N ILE E 75 23.44 -85.85 22.36
CA ILE E 75 23.29 -84.41 22.54
C ILE E 75 21.92 -84.09 23.13
N ILE E 76 20.88 -84.81 22.69
CA ILE E 76 19.54 -84.56 23.20
C ILE E 76 19.48 -84.85 24.69
N GLN E 77 20.05 -85.97 25.13
CA GLN E 77 20.03 -86.29 26.56
C GLN E 77 20.92 -85.36 27.36
N ASN E 78 22.04 -84.92 26.78
CA ASN E 78 22.89 -83.94 27.45
C ASN E 78 22.15 -82.63 27.67
N LEU E 79 21.38 -82.19 26.67
CA LEU E 79 20.53 -81.02 26.85
C LEU E 79 19.42 -81.28 27.86
N LYS E 80 18.86 -82.48 27.87
CA LYS E 80 17.84 -82.85 28.84
C LYS E 80 18.36 -82.71 30.27
N THR E 81 19.64 -83.03 30.48
CA THR E 81 20.22 -82.87 31.82
C THR E 81 20.21 -81.42 32.26
N THR E 82 20.42 -80.49 31.33
CA THR E 82 20.42 -79.07 31.64
C THR E 82 19.09 -78.40 31.35
N ILE E 83 18.62 -78.48 30.11
CA ILE E 83 17.36 -77.86 29.69
C ILE E 83 16.25 -78.90 29.86
N PRO E 84 15.22 -78.61 30.66
CA PRO E 84 14.15 -79.60 30.83
C PRO E 84 13.45 -79.98 29.54
N ASN E 85 13.30 -79.03 28.61
CA ASN E 85 12.63 -79.27 27.32
C ASN E 85 13.52 -78.72 26.22
N PRO E 86 14.34 -79.57 25.60
CA PRO E 86 15.22 -79.10 24.53
C PRO E 86 14.43 -78.60 23.32
N THR E 87 15.01 -77.64 22.63
CA THR E 87 14.41 -77.04 21.44
C THR E 87 15.36 -77.22 20.26
N ILE E 88 14.78 -77.39 19.07
CA ILE E 88 15.59 -77.55 17.87
C ILE E 88 16.45 -76.32 17.63
N GLU E 89 15.93 -75.14 17.98
CA GLU E 89 16.75 -73.93 17.91
C GLU E 89 17.94 -74.04 18.86
N ASP E 90 17.70 -74.52 20.07
CA ASP E 90 18.80 -74.73 21.02
C ASP E 90 19.75 -75.80 20.53
N ILE E 91 19.25 -76.85 19.90
CA ILE E 91 20.11 -77.90 19.36
C ILE E 91 21.03 -77.33 18.28
N LEU E 92 20.46 -76.52 17.37
CA LEU E 92 21.26 -75.90 16.32
C LEU E 92 22.29 -74.95 16.92
N SER E 93 21.89 -74.17 17.93
CA SER E 93 22.84 -73.27 18.58
C SER E 93 23.99 -74.03 19.22
N TYR E 94 23.68 -75.14 19.90
CA TYR E 94 24.71 -75.95 20.53
C TYR E 94 25.64 -76.57 19.48
N ILE E 95 25.07 -77.05 18.38
CA ILE E 95 25.88 -77.65 17.32
C ILE E 95 26.82 -76.61 16.71
N ARG E 96 26.30 -75.40 16.45
CA ARG E 96 27.15 -74.35 15.90
C ARG E 96 28.22 -73.92 16.90
N LEU E 97 27.87 -73.90 18.19
CA LEU E 97 28.86 -73.57 19.21
C LEU E 97 29.98 -74.61 19.24
N LEU E 98 29.62 -75.90 19.14
CA LEU E 98 30.64 -76.93 19.06
C LEU E 98 31.49 -76.79 17.81
N GLN E 99 30.85 -76.45 16.68
CA GLN E 99 31.58 -76.31 15.42
C GLN E 99 32.53 -75.10 15.44
N GLN E 100 32.21 -74.07 16.21
CA GLN E 100 33.02 -72.86 16.23
C GLN E 100 34.43 -73.11 16.78
N ILE E 101 34.64 -74.22 17.48
CA ILE E 101 35.96 -74.54 18.03
C ILE E 101 36.32 -75.97 17.63
N PRO E 102 37.61 -76.32 17.56
CA PRO E 102 37.97 -77.70 17.23
C PRO E 102 37.63 -78.67 18.36
N MET E 103 36.32 -78.95 18.51
CA MET E 103 35.84 -79.83 19.57
C MET E 103 35.89 -81.27 19.08
N SER E 104 37.07 -81.88 19.22
CA SER E 104 37.29 -83.27 18.85
C SER E 104 37.33 -84.20 20.05
N GLY E 105 36.86 -83.74 21.22
CA GLY E 105 36.95 -84.49 22.45
C GLY E 105 35.78 -85.44 22.65
N LYS E 106 35.59 -85.82 23.92
CA LYS E 106 34.53 -86.75 24.28
C LYS E 106 33.14 -86.20 23.96
N ILE E 107 33.01 -84.87 23.95
CA ILE E 107 31.73 -84.26 23.56
C ILE E 107 31.36 -84.65 22.15
N HIS E 108 32.34 -84.70 21.25
CA HIS E 108 32.15 -85.15 19.88
C HIS E 108 32.94 -86.43 19.59
N ASP E 109 33.03 -87.33 20.58
CA ASP E 109 33.77 -88.57 20.39
C ASP E 109 33.11 -89.46 19.33
N VAL E 110 31.78 -89.52 19.32
CA VAL E 110 31.08 -90.35 18.34
C VAL E 110 31.31 -89.82 16.94
N GLU E 111 31.28 -88.50 16.77
CA GLU E 111 31.48 -87.86 15.47
C GLU E 111 32.66 -86.89 15.60
N ASN E 112 33.86 -87.39 15.31
CA ASN E 112 35.04 -86.54 15.36
C ASN E 112 34.96 -85.43 14.32
N SER E 113 34.47 -85.75 13.12
CA SER E 113 34.26 -84.74 12.09
C SER E 113 32.91 -84.89 11.41
N VAL E 114 32.06 -85.82 11.87
CA VAL E 114 30.74 -86.00 11.25
C VAL E 114 29.69 -85.09 11.84
N ILE E 115 30.06 -84.18 12.75
CA ILE E 115 29.10 -83.20 13.25
C ILE E 115 28.66 -82.27 12.13
N ASN E 116 29.59 -81.93 11.24
CA ASN E 116 29.23 -81.12 10.07
C ASN E 116 28.22 -81.85 9.20
N ALA E 117 28.43 -83.15 8.97
CA ALA E 117 27.47 -83.93 8.20
C ALA E 117 26.12 -83.99 8.88
N LEU E 118 26.12 -84.15 10.21
CA LEU E 118 24.87 -84.22 10.95
C LEU E 118 24.09 -82.91 10.85
N GLU E 119 24.78 -81.77 11.00
CA GLU E 119 24.09 -80.49 10.92
C GLU E 119 23.64 -80.20 9.49
N GLU E 120 24.42 -80.61 8.49
CA GLU E 120 23.98 -80.46 7.11
C GLU E 120 22.74 -81.29 6.83
N SER E 121 22.70 -82.52 7.36
CA SER E 121 21.52 -83.36 7.20
C SER E 121 20.30 -82.73 7.88
N ILE E 122 20.50 -82.16 9.08
CA ILE E 122 19.39 -81.51 9.78
C ILE E 122 18.88 -80.32 8.96
N CYS E 123 19.80 -79.51 8.43
CA CYS E 123 19.39 -78.38 7.61
C CYS E 123 18.64 -78.82 6.37
N GLU E 124 19.12 -79.87 5.71
CA GLU E 124 18.43 -80.38 4.52
C GLU E 124 17.04 -80.89 4.86
N LEU E 125 16.91 -81.59 5.98
CA LEU E 125 15.59 -82.07 6.40
C LEU E 125 14.66 -80.91 6.69
N ILE E 126 15.17 -79.86 7.35
CA ILE E 126 14.35 -78.68 7.62
C ILE E 126 13.88 -78.05 6.32
N GLU E 127 14.81 -77.87 5.37
CA GLU E 127 14.47 -77.25 4.10
C GLU E 127 13.42 -78.07 3.36
N GLU E 128 13.58 -79.40 3.34
CA GLU E 128 12.62 -80.25 2.65
C GLU E 128 11.25 -80.19 3.31
N GLU E 129 11.20 -80.18 4.65
CA GLU E 129 9.92 -80.24 5.34
C GLU E 129 9.18 -78.91 5.30
N VAL E 130 9.89 -77.78 5.23
CA VAL E 130 9.25 -76.47 5.24
C VAL E 130 9.05 -75.91 3.84
N ASN E 131 9.35 -76.69 2.80
CA ASN E 131 9.24 -76.23 1.42
C ASN E 131 7.88 -76.69 0.88
N VAL E 132 6.86 -75.90 1.18
CA VAL E 132 5.51 -76.17 0.68
C VAL E 132 4.92 -74.89 0.12
N ASP E 133 3.67 -74.96 -0.35
CA ASP E 133 2.99 -73.82 -0.92
C ASP E 133 1.56 -73.78 -0.41
N LEU E 134 0.96 -72.60 -0.45
CA LEU E 134 -0.41 -72.42 0.01
C LEU E 134 -1.39 -73.09 -0.96
N PRO E 135 -2.20 -74.04 -0.50
CA PRO E 135 -3.19 -74.65 -1.40
C PRO E 135 -4.44 -73.81 -1.54
N GLY E 136 -4.76 -73.39 -2.76
CA GLY E 136 -5.95 -72.61 -2.99
C GLY E 136 -5.82 -71.18 -2.50
N ASN E 137 -6.96 -70.49 -2.50
CA ASN E 137 -7.05 -69.10 -2.07
C ASN E 137 -7.88 -68.93 -0.81
N ALA E 138 -8.19 -70.02 -0.11
CA ALA E 138 -9.00 -69.97 1.10
C ALA E 138 -8.17 -69.87 2.36
N THR E 139 -6.86 -69.77 2.24
CA THR E 139 -6.00 -69.69 3.41
C THR E 139 -6.20 -68.36 4.13
N PRO E 140 -6.00 -68.33 5.45
CA PRO E 140 -6.13 -67.05 6.18
C PRO E 140 -5.16 -65.98 5.70
N TYR E 141 -4.01 -66.38 5.13
CA TYR E 141 -3.06 -65.40 4.61
C TYR E 141 -3.68 -64.59 3.48
N HIS E 142 -4.47 -65.25 2.62
CA HIS E 142 -5.17 -64.52 1.56
C HIS E 142 -6.14 -63.50 2.13
N LYS E 143 -6.86 -63.88 3.18
CA LYS E 143 -7.77 -62.93 3.82
C LYS E 143 -7.01 -61.75 4.43
N ILE E 144 -5.86 -62.02 5.04
CA ILE E 144 -5.05 -60.95 5.60
C ILE E 144 -4.58 -60.00 4.51
N ALA E 145 -4.12 -60.56 3.38
CA ALA E 145 -3.67 -59.72 2.28
C ALA E 145 -4.82 -58.90 1.70
N ALA E 146 -6.01 -59.51 1.60
CA ALA E 146 -7.18 -58.78 1.11
C ALA E 146 -7.53 -57.63 2.04
N TRP E 147 -7.47 -57.86 3.36
CA TRP E 147 -7.72 -56.78 4.30
C TRP E 147 -6.67 -55.68 4.17
N ILE E 148 -5.41 -56.07 3.96
CA ILE E 148 -4.33 -55.09 3.87
C ILE E 148 -4.52 -54.21 2.64
N ASN E 149 -4.81 -54.81 1.48
CA ASN E 149 -4.91 -54.05 0.25
C ASN E 149 -6.31 -53.49 -0.02
N SER E 150 -7.27 -53.80 0.85
CA SER E 150 -8.64 -53.31 0.63
C SER E 150 -8.73 -51.80 0.76
N ILE E 151 -8.08 -51.24 1.79
CA ILE E 151 -8.14 -49.81 2.07
C ILE E 151 -6.73 -49.24 2.04
N ASN E 152 -6.55 -48.17 1.28
CA ASN E 152 -5.27 -47.47 1.25
C ASN E 152 -5.08 -46.72 2.56
N ARG E 153 -3.88 -46.85 3.15
CA ARG E 153 -3.58 -46.28 4.45
C ARG E 153 -2.39 -45.35 4.33
N GLU E 154 -2.46 -44.22 5.06
CA GLU E 154 -1.35 -43.28 5.06
C GLU E 154 -0.12 -43.82 5.78
N HIS E 155 -0.29 -44.80 6.67
CA HIS E 155 0.82 -45.43 7.35
C HIS E 155 1.02 -46.85 6.80
N GLN E 156 2.26 -47.17 6.46
CA GLN E 156 2.56 -48.48 5.90
C GLN E 156 2.35 -49.57 6.94
N VAL E 157 1.92 -50.74 6.46
CA VAL E 157 1.67 -51.90 7.31
C VAL E 157 2.84 -52.85 7.18
N GLU E 158 3.51 -53.12 8.29
CA GLU E 158 4.64 -54.04 8.32
C GLU E 158 4.24 -55.36 8.97
N ILE E 159 4.95 -56.42 8.60
CA ILE E 159 4.69 -57.75 9.13
C ILE E 159 6.02 -58.35 9.59
N PHE E 160 6.03 -58.89 10.80
CA PHE E 160 7.21 -59.55 11.36
C PHE E 160 6.91 -61.03 11.52
N THR E 161 7.84 -61.88 11.06
CA THR E 161 7.69 -63.32 11.16
C THR E 161 9.01 -63.94 11.58
N THR E 162 8.93 -64.97 12.42
CA THR E 162 10.09 -65.74 12.83
C THR E 162 10.15 -67.11 12.17
N ASN E 163 9.25 -67.37 11.23
CA ASN E 163 9.21 -68.67 10.56
C ASN E 163 10.11 -68.66 9.34
N TYR E 164 10.28 -69.84 8.73
CA TYR E 164 11.10 -69.98 7.54
C TYR E 164 10.31 -70.12 6.25
N ASP E 165 9.03 -70.48 6.34
CA ASP E 165 8.21 -70.67 5.14
C ASP E 165 7.88 -69.32 4.50
N LEU E 166 7.62 -69.37 3.19
CA LEU E 166 7.32 -68.18 2.40
C LEU E 166 5.83 -68.02 2.12
N LEU E 167 4.98 -68.48 3.04
CA LEU E 167 3.54 -68.39 2.83
C LEU E 167 3.07 -66.95 2.70
N MET E 168 3.58 -66.07 3.56
CA MET E 168 3.16 -64.67 3.53
C MET E 168 3.57 -64.01 2.22
N GLU E 169 4.78 -64.29 1.74
CA GLU E 169 5.24 -63.71 0.49
C GLU E 169 4.35 -64.15 -0.68
N GLN E 170 4.03 -65.45 -0.73
CA GLN E 170 3.17 -65.95 -1.80
C GLN E 170 1.78 -65.32 -1.72
N ALA E 171 1.23 -65.23 -0.51
CA ALA E 171 -0.10 -64.62 -0.36
C ALA E 171 -0.10 -63.17 -0.79
N LEU E 172 0.93 -62.41 -0.43
CA LEU E 172 1.00 -61.00 -0.81
C LEU E 172 1.19 -60.83 -2.31
N GLU E 173 2.03 -61.67 -2.93
CA GLU E 173 2.29 -61.50 -4.36
C GLU E 173 1.11 -61.99 -5.21
N GLU E 174 0.35 -62.96 -4.72
CA GLU E 174 -0.82 -63.44 -5.46
C GLU E 174 -1.88 -62.35 -5.57
N LEU E 175 -2.11 -61.62 -4.48
CA LEU E 175 -3.13 -60.59 -4.44
C LEU E 175 -2.62 -59.21 -4.86
N ASN E 176 -1.47 -59.16 -5.53
CA ASN E 176 -0.89 -57.91 -6.03
C ASN E 176 -0.66 -56.92 -4.90
N VAL E 177 0.17 -57.32 -3.95
CA VAL E 177 0.52 -56.48 -2.80
C VAL E 177 2.02 -56.22 -2.84
N PRO E 178 2.45 -55.03 -3.27
CA PRO E 178 3.89 -54.73 -3.25
C PRO E 178 4.43 -54.67 -1.84
N TYR E 179 5.69 -55.09 -1.68
CA TYR E 179 6.31 -55.12 -0.37
C TYR E 179 7.82 -55.05 -0.53
N PHE E 180 8.50 -54.68 0.55
CA PHE E 180 9.95 -54.56 0.58
C PHE E 180 10.48 -55.40 1.73
N ASP E 181 11.40 -56.32 1.43
CA ASP E 181 11.93 -57.24 2.42
C ASP E 181 13.39 -56.96 2.75
N GLY E 182 13.94 -55.86 2.25
CA GLY E 182 15.32 -55.53 2.53
C GLY E 182 16.28 -55.90 1.43
N PHE E 183 15.88 -56.82 0.55
CA PHE E 183 16.72 -57.25 -0.55
C PHE E 183 16.29 -56.59 -1.86
N VAL E 184 17.27 -56.10 -2.61
CA VAL E 184 17.03 -55.43 -3.88
C VAL E 184 17.88 -56.11 -4.94
N GLY E 185 17.26 -56.50 -6.04
CA GLY E 185 17.97 -57.15 -7.12
C GLY E 185 17.06 -58.13 -7.83
N SER E 186 17.59 -58.67 -8.93
CA SER E 186 16.85 -59.62 -9.76
C SER E 186 17.51 -60.99 -9.81
N LYS E 187 18.80 -61.05 -10.18
CA LYS E 187 19.49 -62.34 -10.25
C LYS E 187 19.91 -62.80 -8.86
N ARG E 188 20.73 -61.98 -8.19
CA ARG E 188 21.20 -62.26 -6.82
C ARG E 188 21.00 -60.97 -6.03
N ALA E 189 19.81 -60.81 -5.45
CA ALA E 189 19.50 -59.60 -4.71
C ALA E 189 20.40 -59.48 -3.48
N PHE E 190 21.12 -58.36 -3.38
CA PHE E 190 22.00 -58.13 -2.26
C PHE E 190 21.25 -57.40 -1.14
N PHE E 191 21.86 -57.37 0.04
CA PHE E 191 21.28 -56.75 1.22
C PHE E 191 21.72 -55.29 1.25
N ASP E 192 20.89 -54.41 0.68
CA ASP E 192 21.17 -52.98 0.73
C ASP E 192 20.87 -52.44 2.11
N ILE E 193 21.77 -51.62 2.64
CA ILE E 193 21.69 -51.13 4.01
C ILE E 193 21.17 -49.69 4.06
N ARG E 194 21.62 -48.84 3.13
CA ARG E 194 21.30 -47.42 3.20
C ARG E 194 19.80 -47.18 3.11
N THR E 195 19.13 -47.84 2.16
CA THR E 195 17.71 -47.60 1.96
C THR E 195 16.89 -48.03 3.19
N ILE E 196 17.39 -48.97 3.97
CA ILE E 196 16.66 -49.41 5.17
C ILE E 196 16.52 -48.26 6.15
N GLU E 197 17.61 -47.52 6.39
CA GLU E 197 17.55 -46.40 7.31
C GLU E 197 17.10 -45.10 6.63
N GLU E 198 17.06 -45.06 5.31
CA GLU E 198 16.51 -43.89 4.63
C GLU E 198 15.04 -43.69 4.98
N ASN E 199 14.27 -44.78 4.97
CA ASN E 199 12.85 -44.75 5.32
C ASN E 199 12.09 -43.72 4.49
N LYS E 200 12.31 -43.77 3.17
CA LYS E 200 11.65 -42.88 2.23
C LYS E 200 10.98 -43.68 1.13
N LEU E 201 10.51 -44.88 1.46
CA LEU E 201 9.79 -45.70 0.51
C LEU E 201 8.39 -45.12 0.27
N PRO E 202 7.77 -45.44 -0.87
CA PRO E 202 6.40 -44.95 -1.10
C PRO E 202 5.44 -45.45 -0.04
N SER E 203 4.48 -44.59 0.31
CA SER E 203 3.58 -44.88 1.42
C SER E 203 2.66 -46.07 1.15
N ARG E 204 2.44 -46.42 -0.11
CA ARG E 204 1.57 -47.55 -0.43
C ARG E 204 2.29 -48.89 -0.30
N TRP E 205 3.62 -48.88 -0.22
CA TRP E 205 4.37 -50.12 -0.09
C TRP E 205 4.29 -50.67 1.33
N SER E 206 4.33 -52.01 1.43
CA SER E 206 4.37 -52.67 2.71
C SER E 206 5.79 -53.17 3.00
N LYS E 207 5.98 -53.76 4.18
CA LYS E 207 7.29 -54.24 4.60
C LYS E 207 7.13 -55.59 5.29
N LEU E 208 8.01 -56.53 4.95
CA LEU E 208 8.04 -57.85 5.59
C LEU E 208 9.46 -58.12 6.05
N TRP E 209 9.66 -58.22 7.37
CA TRP E 209 10.98 -58.42 7.95
C TRP E 209 11.10 -59.84 8.46
N LYS E 210 12.21 -60.49 8.10
CA LYS E 210 12.48 -61.88 8.49
C LYS E 210 13.39 -61.86 9.70
N LEU E 211 12.80 -62.02 10.89
CA LEU E 211 13.58 -61.98 12.12
C LEU E 211 14.54 -63.15 12.22
N HIS E 212 14.09 -64.35 11.84
CA HIS E 212 14.90 -65.56 11.95
C HIS E 212 15.48 -66.02 10.62
N GLY E 213 15.43 -65.17 9.59
CA GLY E 213 15.96 -65.55 8.29
C GLY E 213 14.93 -66.24 7.43
N SER E 214 15.43 -66.80 6.32
CA SER E 214 14.57 -67.48 5.35
C SER E 214 15.36 -68.62 4.71
N ILE E 215 14.63 -69.54 4.08
CA ILE E 215 15.25 -70.69 3.45
C ILE E 215 15.93 -70.33 2.13
N ASN E 216 15.54 -69.23 1.50
CA ASN E 216 16.11 -68.82 0.22
C ASN E 216 17.34 -67.94 0.37
N TRP E 217 17.67 -67.50 1.59
CA TRP E 217 18.89 -66.74 1.81
C TRP E 217 20.11 -67.65 1.69
N GLN E 218 21.17 -67.14 1.09
CA GLN E 218 22.41 -67.88 0.94
C GLN E 218 23.58 -66.97 1.23
N LEU E 219 24.73 -67.58 1.55
CA LEU E 219 25.94 -66.84 1.87
C LEU E 219 27.08 -67.36 1.01
N ASP E 220 27.87 -66.44 0.47
CA ASP E 220 29.06 -66.76 -0.31
C ASP E 220 30.28 -66.44 0.53
N LYS E 221 31.14 -67.46 0.73
CA LYS E 221 32.34 -67.28 1.54
C LYS E 221 33.47 -66.64 0.77
N GLN E 222 33.39 -66.58 -0.56
CA GLN E 222 34.41 -65.91 -1.35
C GLN E 222 34.48 -64.43 -0.99
N THR E 223 33.32 -63.78 -0.86
CA THR E 223 33.23 -62.42 -0.38
C THR E 223 32.57 -62.33 0.99
N GLN E 224 32.14 -63.46 1.55
CA GLN E 224 31.44 -63.50 2.83
C GLN E 224 30.24 -62.57 2.83
N THR E 225 29.44 -62.65 1.77
CA THR E 225 28.30 -61.77 1.58
C THR E 225 27.02 -62.60 1.46
N ILE E 226 25.93 -62.04 1.97
CA ILE E 226 24.64 -62.72 1.95
C ILE E 226 23.82 -62.18 0.79
N TRP E 227 22.91 -63.02 0.29
CA TRP E 227 22.05 -62.62 -0.80
C TRP E 227 20.81 -63.51 -0.82
N ARG E 228 19.69 -62.95 -1.26
CA ARG E 228 18.42 -63.66 -1.34
C ARG E 228 18.28 -64.26 -2.72
N GLY E 229 18.09 -65.58 -2.78
CA GLY E 229 17.94 -66.27 -4.04
C GLY E 229 16.80 -67.28 -4.03
N THR E 230 17.10 -68.51 -4.41
CA THR E 230 16.13 -69.59 -4.43
C THR E 230 16.64 -70.78 -3.64
N PRO E 231 15.74 -71.62 -3.11
CA PRO E 231 16.18 -72.76 -2.30
C PRO E 231 17.12 -73.69 -3.04
N SER E 232 18.37 -73.75 -2.59
CA SER E 232 19.38 -74.63 -3.16
C SER E 232 19.72 -75.72 -2.14
N LYS E 233 20.69 -76.55 -2.49
CA LYS E 233 21.07 -77.68 -1.64
C LYS E 233 21.86 -77.17 -0.43
N GLY E 234 21.15 -76.69 0.59
CA GLY E 234 21.78 -76.18 1.78
C GLY E 234 21.85 -74.67 1.84
N CYS E 235 21.04 -74.06 2.70
CA CYS E 235 21.05 -72.61 2.88
C CYS E 235 21.90 -72.28 4.11
N SER E 236 22.70 -71.22 3.99
CA SER E 236 23.61 -70.81 5.06
C SER E 236 22.98 -69.85 6.06
N LEU E 237 21.72 -69.47 5.86
CA LEU E 237 21.08 -68.53 6.77
C LEU E 237 19.87 -69.16 7.43
N ILE E 238 19.99 -70.45 7.78
CA ILE E 238 18.93 -71.14 8.50
C ILE E 238 19.02 -70.92 10.01
N HIS E 239 19.98 -70.12 10.46
CA HIS E 239 20.22 -69.97 11.90
C HIS E 239 19.05 -69.28 12.58
N PRO E 240 18.55 -69.81 13.70
CA PRO E 240 17.56 -69.08 14.51
C PRO E 240 18.20 -67.98 15.35
N SER E 241 18.70 -66.95 14.67
CA SER E 241 19.36 -65.80 15.31
C SER E 241 20.59 -66.23 16.08
N HIS E 242 21.46 -66.99 15.42
CA HIS E 242 22.73 -67.42 16.02
C HIS E 242 23.75 -67.54 14.89
N LEU E 243 24.53 -66.47 14.71
CA LEU E 243 25.50 -66.41 13.63
C LEU E 243 26.68 -65.56 14.08
N LYS E 244 27.49 -65.11 13.12
CA LYS E 244 28.64 -64.28 13.43
C LYS E 244 28.20 -62.84 13.70
N TYR E 245 29.17 -61.95 13.83
CA TYR E 245 28.91 -60.54 14.09
C TYR E 245 28.37 -59.86 12.83
N ASP E 246 28.09 -58.57 12.95
CA ASP E 246 27.56 -57.80 11.83
C ASP E 246 28.63 -57.57 10.77
N LYS E 250 28.07 -59.64 8.04
CA LYS E 250 27.40 -60.71 7.32
C LYS E 250 26.22 -61.25 8.11
N MET E 251 25.59 -60.37 8.89
CA MET E 251 24.45 -60.77 9.71
C MET E 251 23.43 -59.63 9.75
N PRO E 252 22.27 -59.81 9.12
CA PRO E 252 21.24 -58.75 9.12
C PRO E 252 20.29 -58.78 10.31
N TYR E 253 20.50 -59.67 11.28
CA TYR E 253 19.60 -59.77 12.42
C TYR E 253 19.60 -58.47 13.23
N LEU E 254 20.79 -57.88 13.42
CA LEU E 254 20.87 -56.63 14.16
C LEU E 254 20.08 -55.52 13.47
N VAL E 255 20.14 -55.48 12.13
CA VAL E 255 19.38 -54.46 11.40
C VAL E 255 17.88 -54.66 11.59
N MET E 256 17.42 -55.92 11.54
CA MET E 256 16.01 -56.18 11.75
C MET E 256 15.56 -55.79 13.15
N MET E 257 16.37 -56.11 14.16
CA MET E 257 16.04 -55.72 15.52
C MET E 257 16.02 -54.21 15.68
N ASP E 258 16.97 -53.52 15.05
CA ASP E 258 16.99 -52.06 15.11
C ASP E 258 15.75 -51.47 14.46
N GLN E 259 15.33 -52.03 13.32
CA GLN E 259 14.12 -51.56 12.66
C GLN E 259 12.89 -51.80 13.53
N LEU E 260 12.83 -52.97 14.17
CA LEU E 260 11.70 -53.24 15.08
C LEU E 260 11.67 -52.25 16.23
N LYS E 261 12.84 -51.97 16.82
CA LYS E 261 12.91 -51.01 17.92
C LYS E 261 12.48 -49.62 17.45
N LEU E 262 12.93 -49.22 16.26
CA LEU E 262 12.54 -47.92 15.73
C LEU E 262 11.05 -47.84 15.49
N PHE E 263 10.44 -48.93 15.00
CA PHE E 263 8.98 -48.95 14.87
C PHE E 263 8.30 -48.83 16.22
N LEU E 264 8.83 -49.50 17.24
CA LEU E 264 8.26 -49.41 18.58
C LEU E 264 8.32 -48.01 19.14
N ASN E 265 9.20 -47.15 18.62
CA ASN E 265 9.33 -45.78 19.09
C ASN E 265 8.37 -44.83 18.39
N GLN E 266 7.67 -45.27 17.35
CA GLN E 266 6.73 -44.40 16.66
C GLN E 266 5.53 -44.11 17.56
N PRO E 267 5.06 -42.87 17.56
CA PRO E 267 3.88 -42.53 18.39
C PRO E 267 2.65 -43.31 17.95
N SER E 268 1.83 -43.68 18.94
CA SER E 268 0.58 -44.41 18.71
C SER E 268 0.80 -45.70 17.92
N ALA E 269 1.92 -46.38 18.19
CA ALA E 269 2.22 -47.62 17.50
C ALA E 269 1.25 -48.73 17.94
N ILE E 270 0.88 -49.58 16.98
CA ILE E 270 0.04 -50.73 17.25
C ILE E 270 0.75 -51.98 16.76
N LEU E 271 0.71 -53.02 17.58
CA LEU E 271 1.38 -54.27 17.27
C LEU E 271 0.53 -55.42 17.81
N ILE E 272 0.44 -56.48 17.01
CA ILE E 272 -0.37 -57.65 17.34
C ILE E 272 0.51 -58.88 17.21
N THR E 273 0.49 -59.75 18.23
CA THR E 273 1.24 -61.00 18.22
C THR E 273 0.28 -62.16 17.99
N CYS E 274 0.58 -62.98 17.00
CA CYS E 274 -0.26 -64.12 16.65
C CYS E 274 0.58 -65.39 16.73
N GLY E 275 0.20 -66.30 17.62
CA GLY E 275 0.88 -67.57 17.78
C GLY E 275 2.16 -67.52 18.56
N TYR E 276 2.56 -66.36 19.08
CA TYR E 276 3.80 -66.22 19.81
C TYR E 276 3.60 -66.64 21.26
N SER E 277 4.49 -67.50 21.75
CA SER E 277 4.45 -67.98 23.13
C SER E 277 5.37 -67.19 24.05
N TYR E 278 6.03 -66.15 23.53
CA TYR E 278 6.91 -65.29 24.31
C TYR E 278 8.02 -66.08 25.01
N LYS E 279 8.55 -67.10 24.33
CA LYS E 279 9.58 -67.96 24.89
C LYS E 279 11.00 -67.57 24.47
N ASP E 280 11.16 -66.46 23.76
CA ASP E 280 12.47 -65.99 23.34
C ASP E 280 12.87 -64.82 24.23
N GLN E 281 14.04 -64.93 24.86
CA GLN E 281 14.50 -63.89 25.78
C GLN E 281 14.80 -62.58 25.04
N HIS E 282 15.42 -62.67 23.87
CA HIS E 282 15.82 -61.46 23.15
C HIS E 282 14.60 -60.69 22.65
N ILE E 283 13.65 -61.39 22.04
CA ILE E 283 12.45 -60.72 21.54
C ILE E 283 11.66 -60.11 22.69
N ASN E 284 11.53 -60.86 23.79
CA ASN E 284 10.79 -60.35 24.94
C ASN E 284 11.46 -59.12 25.53
N GLU E 285 12.79 -59.14 25.68
CA GLU E 285 13.46 -57.98 26.25
C GLU E 285 13.41 -56.78 25.32
N VAL E 286 13.50 -57.01 24.00
CA VAL E 286 13.38 -55.90 23.06
C VAL E 286 11.98 -55.29 23.12
N LEU E 287 10.95 -56.13 23.18
CA LEU E 287 9.58 -55.63 23.27
C LEU E 287 9.37 -54.86 24.56
N SER E 288 9.90 -55.38 25.69
CA SER E 288 9.74 -54.71 26.96
C SER E 288 10.46 -53.35 26.95
N GLN E 289 11.67 -53.30 26.40
CA GLN E 289 12.40 -52.04 26.34
C GLN E 289 11.68 -51.03 25.45
N GLY E 290 11.17 -51.47 24.31
CA GLY E 290 10.43 -50.58 23.44
C GLY E 290 9.15 -50.06 24.08
N LEU E 291 8.44 -50.93 24.80
CA LEU E 291 7.21 -50.52 25.47
C LEU E 291 7.51 -49.54 26.61
N GLN E 292 8.59 -49.77 27.35
CA GLN E 292 8.96 -48.85 28.43
C GLN E 292 9.40 -47.51 27.88
N THR E 293 10.18 -47.52 26.80
CA THR E 293 10.67 -46.26 26.23
C THR E 293 9.53 -45.40 25.71
N ASN E 294 8.56 -46.00 25.03
CA ASN E 294 7.41 -45.27 24.49
C ASN E 294 6.14 -45.78 25.16
N PRO E 295 5.60 -45.07 26.14
CA PRO E 295 4.36 -45.53 26.79
C PRO E 295 3.16 -45.56 25.84
N ASN E 296 3.20 -44.78 24.76
CA ASN E 296 2.08 -44.76 23.83
C ASN E 296 1.95 -46.04 23.02
N ALA E 297 3.00 -46.85 22.97
CA ALA E 297 2.94 -48.11 22.25
C ALA E 297 1.96 -49.08 22.91
N LEU E 298 1.27 -49.85 22.09
CA LEU E 298 0.28 -50.81 22.56
C LEU E 298 0.56 -52.17 21.93
N ILE E 299 0.31 -53.22 22.71
CA ILE E 299 0.53 -54.60 22.29
C ILE E 299 -0.75 -55.37 22.58
N TYR E 300 -1.48 -55.75 21.53
CA TYR E 300 -2.71 -56.52 21.67
C TYR E 300 -2.43 -58.00 21.47
N GLY E 301 -1.60 -58.54 22.37
CA GLY E 301 -1.22 -59.94 22.32
C GLY E 301 -2.39 -60.90 22.40
N LEU E 302 -2.42 -61.88 21.50
CA LEU E 302 -3.46 -62.90 21.47
C LEU E 302 -2.82 -64.27 21.53
N GLN E 303 -3.32 -65.12 22.43
CA GLN E 303 -2.80 -66.47 22.61
C GLN E 303 -3.91 -67.47 22.36
N TYR E 304 -3.62 -68.46 21.50
CA TYR E 304 -4.61 -69.50 21.21
C TYR E 304 -4.77 -70.47 22.38
N ASP E 305 -3.72 -70.66 23.18
CA ASP E 305 -3.79 -71.54 24.33
C ASP E 305 -4.30 -70.79 25.56
N VAL E 306 -4.48 -71.54 26.65
CA VAL E 306 -4.97 -70.95 27.88
C VAL E 306 -3.88 -70.07 28.50
N LEU E 307 -4.30 -69.13 29.34
CA LEU E 307 -3.35 -68.20 29.96
C LEU E 307 -2.39 -68.92 30.91
N GLU E 308 -2.84 -69.99 31.55
CA GLU E 308 -2.03 -70.65 32.59
C GLU E 308 -0.73 -71.22 32.04
N ASN E 309 -0.68 -71.53 30.74
CA ASN E 309 0.53 -72.12 30.16
C ASN E 309 1.61 -71.12 29.85
N TYR E 310 1.34 -69.82 29.98
CA TYR E 310 2.30 -68.77 29.65
C TYR E 310 2.54 -67.90 30.88
N GLN E 311 3.51 -68.28 31.70
CA GLN E 311 3.87 -67.47 32.87
C GLN E 311 4.67 -66.23 32.45
N GLU E 312 5.51 -66.37 31.42
CA GLU E 312 6.25 -65.22 30.91
C GLU E 312 5.33 -64.14 30.39
N ALA E 313 4.25 -64.56 29.71
CA ALA E 313 3.25 -63.58 29.24
C ALA E 313 2.61 -62.86 30.41
N LYS E 314 2.28 -63.59 31.49
CA LYS E 314 1.73 -62.95 32.68
C LYS E 314 2.70 -61.95 33.28
N ASP E 315 3.98 -62.32 33.37
CA ASP E 315 4.98 -61.41 33.93
C ASP E 315 5.12 -60.16 33.08
N MET E 316 5.16 -60.33 31.75
CA MET E 316 5.27 -59.18 30.86
C MET E 316 4.05 -58.28 30.97
N ALA E 317 2.85 -58.87 31.06
CA ALA E 317 1.63 -58.07 31.17
C ALA E 317 1.58 -57.32 32.49
N LEU E 318 2.01 -57.96 33.59
CA LEU E 318 2.02 -57.30 34.88
C LEU E 318 3.13 -56.26 35.02
N LYS E 319 4.19 -56.38 34.22
CA LYS E 319 5.31 -55.45 34.32
C LYS E 319 5.02 -54.10 33.68
N ARG E 320 4.21 -54.06 32.62
CA ARG E 320 3.92 -52.83 31.91
C ARG E 320 2.41 -52.62 31.86
N SER E 321 2.00 -51.36 32.05
CA SER E 321 0.59 -51.02 32.11
C SER E 321 -0.02 -50.74 30.75
N ASN E 322 0.79 -50.69 29.69
CA ASN E 322 0.32 -50.41 28.33
C ASN E 322 0.42 -51.65 27.44
N LEU E 323 0.16 -52.83 28.00
CA LEU E 323 0.19 -54.09 27.26
C LEU E 323 -1.12 -54.82 27.54
N ILE E 324 -2.02 -54.79 26.57
CA ILE E 324 -3.34 -55.42 26.72
C ILE E 324 -3.21 -56.86 26.23
N LEU E 325 -2.91 -57.76 27.16
CA LEU E 325 -2.76 -59.18 26.82
C LEU E 325 -4.10 -59.90 26.91
N LEU E 326 -4.39 -60.71 25.90
CA LEU E 326 -5.61 -61.50 25.86
C LEU E 326 -5.26 -62.97 25.66
N ALA E 327 -6.08 -63.83 26.26
CA ALA E 327 -5.87 -65.28 26.16
C ALA E 327 -7.20 -65.96 25.89
N LYS E 328 -7.21 -67.29 25.96
CA LYS E 328 -8.42 -68.06 25.71
C LYS E 328 -9.41 -67.96 26.86
N ASP E 329 -8.91 -67.90 28.09
CA ASP E 329 -9.76 -67.90 29.28
C ASP E 329 -9.82 -66.52 29.95
N ARG E 330 -8.66 -65.97 30.31
CA ARG E 330 -8.58 -64.71 31.03
C ARG E 330 -7.82 -63.68 30.20
N ALA E 331 -7.66 -62.48 30.77
CA ALA E 331 -6.94 -61.40 30.10
C ALA E 331 -6.33 -60.50 31.15
N ILE E 332 -5.35 -59.70 30.73
CA ILE E 332 -4.70 -58.71 31.57
C ILE E 332 -4.71 -57.39 30.82
N ILE E 333 -5.50 -56.44 31.29
CA ILE E 333 -5.65 -55.14 30.64
C ILE E 333 -5.12 -54.10 31.62
N GLY E 334 -3.84 -53.74 31.48
CA GLY E 334 -3.26 -52.72 32.32
C GLY E 334 -2.89 -53.19 33.72
N LYS E 335 -2.03 -54.21 33.80
CA LYS E 335 -1.46 -54.75 35.02
C LYS E 335 -2.50 -55.40 35.95
N LYS E 336 -3.75 -55.52 35.53
CA LYS E 336 -4.77 -56.19 36.31
C LYS E 336 -5.32 -57.38 35.52
N GLU E 337 -5.53 -58.49 36.21
CA GLU E 337 -6.01 -59.73 35.60
C GLU E 337 -7.52 -59.85 35.79
N GLY E 338 -8.23 -60.11 34.71
CA GLY E 338 -9.66 -60.33 34.76
C GLY E 338 -10.03 -61.60 34.05
N GLU E 339 -11.15 -62.17 34.46
CA GLU E 339 -11.67 -63.42 33.91
C GLU E 339 -12.84 -63.11 32.97
N TRP E 340 -13.37 -64.17 32.36
CA TRP E 340 -14.49 -64.03 31.45
C TRP E 340 -15.76 -63.68 32.21
N LYS E 341 -16.48 -62.67 31.75
CA LYS E 341 -17.73 -62.29 32.37
C LYS E 341 -18.79 -63.35 32.11
N PRO E 342 -19.83 -63.42 32.95
CA PRO E 342 -20.87 -64.43 32.74
C PRO E 342 -21.69 -64.14 31.49
N ASP E 343 -21.51 -64.94 30.45
CA ASP E 343 -22.20 -64.78 29.19
C ASP E 343 -22.46 -66.15 28.60
N PRO E 344 -23.51 -66.31 27.79
CA PRO E 344 -23.80 -67.62 27.17
C PRO E 344 -22.85 -67.95 26.03
N GLN E 345 -21.57 -68.14 26.38
CA GLN E 345 -20.57 -68.49 25.38
C GLN E 345 -20.86 -69.85 24.76
N SER E 346 -21.24 -70.82 25.59
CA SER E 346 -21.58 -72.16 25.12
C SER E 346 -23.07 -72.40 25.33
N SER E 347 -23.77 -72.76 24.26
CA SER E 347 -25.20 -72.99 24.35
C SER E 347 -25.51 -74.24 25.17
N GLN E 348 -24.69 -75.28 25.04
CA GLN E 348 -24.92 -76.53 25.76
C GLN E 348 -24.73 -76.32 27.26
N ASP E 349 -25.65 -76.88 28.05
CA ASP E 349 -25.54 -76.79 29.49
C ASP E 349 -24.33 -77.53 30.02
N ASN E 350 -24.05 -78.71 29.45
CA ASN E 350 -22.92 -79.50 29.91
C ASN E 350 -21.60 -78.81 29.56
N ASP E 351 -20.69 -78.77 30.53
CA ASP E 351 -19.37 -78.13 30.39
C ASP E 351 -19.51 -76.70 29.89
N PRO E 352 -20.02 -75.77 30.70
CA PRO E 352 -20.17 -74.38 30.26
C PRO E 352 -18.85 -73.60 30.35
N LEU E 353 -17.86 -74.05 29.59
CA LEU E 353 -16.55 -73.42 29.59
C LEU E 353 -16.60 -72.10 28.83
N LEU E 354 -16.10 -71.04 29.46
CA LEU E 354 -16.05 -69.72 28.83
C LEU E 354 -14.67 -69.57 28.19
N PHE E 355 -14.57 -69.97 26.93
CA PHE E 355 -13.33 -69.92 26.17
C PHE E 355 -13.47 -68.94 25.02
N PHE E 356 -12.46 -68.08 24.86
CA PHE E 356 -12.46 -67.08 23.80
C PHE E 356 -11.97 -67.76 22.52
N LYS E 357 -12.89 -68.41 21.81
CA LYS E 357 -12.56 -69.12 20.58
C LYS E 357 -12.19 -68.18 19.44
N LEU E 358 -12.44 -66.87 19.59
CA LEU E 358 -12.11 -65.92 18.53
C LEU E 358 -10.61 -65.66 18.41
N GLY E 359 -9.81 -66.16 19.35
CA GLY E 359 -8.37 -65.99 19.29
C GLY E 359 -7.66 -66.89 18.29
N ASP E 360 -8.37 -67.82 17.69
CA ASP E 360 -7.77 -68.71 16.70
C ASP E 360 -7.45 -67.94 15.43
N PHE E 361 -6.46 -68.45 14.68
CA PHE E 361 -6.03 -67.79 13.46
C PHE E 361 -7.16 -67.73 12.43
N GLN E 362 -7.92 -68.83 12.30
CA GLN E 362 -9.06 -68.83 11.39
C GLN E 362 -10.11 -67.82 11.82
N HIS E 363 -10.42 -67.78 13.12
CA HIS E 363 -11.38 -66.80 13.62
C HIS E 363 -10.86 -65.38 13.45
N LEU E 364 -9.57 -65.17 13.67
CA LEU E 364 -8.98 -63.86 13.47
C LEU E 364 -9.09 -63.42 12.02
N ALA E 365 -8.81 -64.34 11.09
CA ALA E 365 -8.93 -64.02 9.66
C ALA E 365 -10.38 -63.71 9.30
N SER E 366 -11.33 -64.46 9.85
CA SER E 366 -12.74 -64.18 9.59
C SER E 366 -13.13 -62.81 10.13
N PHE E 367 -12.64 -62.46 11.32
CA PHE E 367 -12.93 -61.14 11.90
C PHE E 367 -12.34 -60.03 11.04
N LEU E 368 -11.10 -60.22 10.57
CA LEU E 368 -10.48 -59.21 9.71
C LEU E 368 -11.24 -59.06 8.39
N GLU E 369 -11.69 -60.19 7.82
CA GLU E 369 -12.48 -60.13 6.60
C GLU E 369 -13.80 -59.38 6.82
N GLU E 370 -14.45 -59.64 7.96
CA GLU E 370 -15.69 -58.93 8.27
C GLU E 370 -15.44 -57.44 8.44
N ILE E 371 -14.33 -57.08 9.08
CA ILE E 371 -13.99 -55.66 9.26
C ILE E 371 -13.74 -55.01 7.90
N SER E 372 -13.03 -55.72 7.01
CA SER E 372 -12.73 -55.15 5.70
C SER E 372 -14.00 -54.87 4.90
N GLN E 373 -14.95 -55.79 4.94
CA GLN E 373 -16.21 -55.61 4.22
C GLN E 373 -17.18 -54.78 5.04
N ASP F 11 60.81 -32.75 6.95
CA ASP F 11 59.44 -33.25 7.04
C ASP F 11 58.86 -33.00 8.43
N THR F 12 59.72 -32.95 9.44
CA THR F 12 59.27 -32.73 10.81
C THR F 12 58.63 -31.37 10.97
N THR F 13 59.23 -30.33 10.38
CA THR F 13 58.73 -28.97 10.56
C THR F 13 57.34 -28.80 9.97
N GLN F 14 57.12 -29.31 8.75
CA GLN F 14 55.81 -29.18 8.11
C GLN F 14 54.74 -29.94 8.87
N GLN F 15 55.05 -31.17 9.30
CA GLN F 15 54.09 -31.95 10.06
C GLN F 15 53.75 -31.27 11.38
N LEU F 16 54.77 -30.76 12.08
CA LEU F 16 54.51 -30.07 13.34
C LEU F 16 53.67 -28.82 13.13
N SER F 17 53.96 -28.05 12.07
CA SER F 17 53.19 -26.84 11.80
C SER F 17 51.73 -27.17 11.50
N LEU F 18 51.49 -28.18 10.66
CA LEU F 18 50.11 -28.53 10.32
C LEU F 18 49.37 -29.09 11.53
N LEU F 19 50.05 -29.89 12.35
CA LEU F 19 49.41 -30.39 13.56
C LEU F 19 49.07 -29.26 14.52
N LYS F 20 49.97 -28.30 14.68
CA LYS F 20 49.69 -27.15 15.52
C LYS F 20 48.50 -26.35 14.99
N HIS F 21 48.45 -26.15 13.68
CA HIS F 21 47.34 -25.40 13.10
C HIS F 21 46.01 -26.11 13.28
N VAL F 22 45.98 -27.43 13.06
CA VAL F 22 44.71 -28.14 13.18
C VAL F 22 44.28 -28.27 14.64
N LEU F 23 45.23 -28.40 15.56
CA LEU F 23 44.88 -28.51 16.98
C LEU F 23 44.48 -27.17 17.58
N SER F 24 45.06 -26.07 17.09
CA SER F 24 44.73 -24.76 17.63
C SER F 24 43.29 -24.37 17.33
N GLU F 25 42.77 -24.73 16.16
CA GLU F 25 41.41 -24.39 15.80
C GLU F 25 40.42 -25.15 16.68
N ASP F 26 39.39 -24.45 17.13
CA ASP F 26 38.35 -25.01 17.98
C ASP F 26 37.07 -25.30 17.22
N LYS F 27 37.10 -25.24 15.88
CA LYS F 27 35.91 -25.43 15.06
C LYS F 27 35.74 -26.88 14.60
N ARG F 28 36.60 -27.80 15.05
CA ARG F 28 36.48 -29.19 14.67
C ARG F 28 36.52 -30.08 15.90
N PRO F 29 35.75 -31.16 15.92
CA PRO F 29 35.81 -32.08 17.05
C PRO F 29 37.16 -32.77 17.15
N ILE F 30 37.54 -33.10 18.39
CA ILE F 30 38.81 -33.78 18.65
C ILE F 30 38.52 -35.04 19.46
N ALA F 31 39.25 -36.10 19.13
CA ALA F 31 39.13 -37.36 19.86
C ALA F 31 40.49 -38.05 19.87
N PHE F 32 40.64 -39.00 20.80
CA PHE F 32 41.87 -39.74 20.96
C PHE F 32 41.56 -41.21 21.20
N ILE F 33 42.52 -42.06 20.82
CA ILE F 33 42.47 -43.48 21.07
C ILE F 33 43.65 -43.85 21.96
N ILE F 34 43.36 -44.51 23.09
CA ILE F 34 44.37 -44.81 24.10
C ILE F 34 44.57 -46.32 24.15
N ALA F 35 45.81 -46.75 23.98
CA ALA F 35 46.20 -48.15 24.07
C ALA F 35 47.24 -48.30 25.19
N ALA F 36 47.81 -49.51 25.29
CA ALA F 36 48.79 -49.79 26.34
C ALA F 36 50.06 -48.97 26.19
N GLY F 37 50.27 -48.35 25.02
CA GLY F 37 51.45 -47.52 24.84
C GLY F 37 51.50 -46.35 25.80
N CYS F 38 50.34 -45.74 26.07
CA CYS F 38 50.31 -44.62 27.01
C CYS F 38 50.70 -45.03 28.43
N PRO F 39 50.12 -46.07 29.03
CA PRO F 39 50.62 -46.48 30.36
C PRO F 39 52.04 -47.01 30.35
N VAL F 40 52.47 -47.68 29.27
CA VAL F 40 53.83 -48.21 29.26
C VAL F 40 54.87 -47.11 29.15
N SER F 41 54.49 -45.91 28.71
CA SER F 41 55.44 -44.82 28.59
C SER F 41 55.82 -44.21 29.92
N ILE F 42 55.07 -44.48 30.98
CA ILE F 42 55.37 -43.95 32.30
C ILE F 42 56.49 -44.79 32.93
N ARG F 43 57.57 -44.13 33.34
CA ARG F 43 58.70 -44.81 33.93
C ARG F 43 58.59 -44.79 35.45
N HIS F 44 58.71 -45.95 36.08
CA HIS F 44 58.64 -46.06 37.52
C HIS F 44 59.63 -47.11 37.99
N ASN F 45 60.62 -46.69 38.77
CA ASN F 45 61.69 -47.57 39.25
C ASN F 45 62.44 -48.22 38.09
N ASP F 46 62.61 -47.49 36.99
CA ASP F 46 63.26 -47.98 35.78
C ASP F 46 62.56 -49.22 35.24
N ALA F 47 61.25 -49.31 35.45
CA ALA F 47 60.43 -50.41 34.99
C ALA F 47 59.12 -49.85 34.46
N PRO F 48 58.51 -50.51 33.47
CA PRO F 48 57.23 -50.02 32.95
C PRO F 48 56.14 -50.08 34.01
N LEU F 49 55.27 -49.07 34.01
CA LEU F 49 54.13 -49.07 34.92
C LEU F 49 53.19 -50.23 34.62
N ILE F 50 52.93 -50.48 33.34
CA ILE F 50 52.12 -51.61 32.91
C ILE F 50 52.90 -52.35 31.82
N PRO F 51 53.12 -53.66 31.97
CA PRO F 51 53.94 -54.39 30.99
C PRO F 51 53.20 -54.72 29.70
N ASP F 52 52.02 -54.12 29.52
CA ASP F 52 51.21 -54.28 28.31
C ASP F 52 50.76 -55.72 28.13
N VAL F 53 50.19 -56.01 26.95
CA VAL F 53 49.61 -57.33 26.70
C VAL F 53 50.69 -58.40 26.73
N ALA F 54 51.85 -58.15 26.10
CA ALA F 54 52.91 -59.13 26.09
C ALA F 54 53.44 -59.41 27.49
N GLY F 55 53.63 -58.35 28.28
CA GLY F 55 54.09 -58.55 29.65
C GLY F 55 53.07 -59.30 30.49
N LEU F 56 51.79 -58.99 30.33
CA LEU F 56 50.74 -59.72 31.03
C LEU F 56 50.69 -61.19 30.63
N THR F 57 50.87 -61.51 29.34
CA THR F 57 50.93 -62.89 28.90
C THR F 57 52.14 -63.62 29.50
N ARG F 58 53.31 -62.97 29.50
CA ARG F 58 54.48 -63.58 30.09
C ARG F 58 54.31 -63.83 31.59
N LYS F 59 53.75 -62.86 32.31
CA LYS F 59 53.54 -63.04 33.74
C LYS F 59 52.47 -64.08 34.01
N ILE F 60 51.43 -64.15 33.17
CA ILE F 60 50.41 -65.20 33.33
C ILE F 60 51.04 -66.57 33.13
N SER F 61 51.86 -66.72 32.09
CA SER F 61 52.52 -67.99 31.84
C SER F 61 53.46 -68.37 32.97
N ASP F 62 54.22 -67.41 33.49
CA ASP F 62 55.16 -67.70 34.56
C ASP F 62 54.46 -67.95 35.90
N SER F 63 53.23 -67.46 36.05
CA SER F 63 52.51 -67.66 37.32
C SER F 63 52.25 -69.13 37.58
N PHE F 64 51.84 -69.88 36.56
CA PHE F 64 51.56 -71.30 36.70
C PHE F 64 52.78 -72.17 36.44
N GLY F 65 53.92 -71.59 36.09
CA GLY F 65 55.13 -72.35 35.86
C GLY F 65 55.17 -73.00 34.50
N GLY F 66 56.27 -73.72 34.27
CA GLY F 66 56.50 -74.44 33.02
C GLY F 66 56.03 -75.86 33.00
N ASN F 67 55.28 -76.30 34.01
CA ASN F 67 54.83 -77.69 34.06
C ASN F 67 53.80 -77.94 32.96
N PRO F 68 54.02 -78.92 32.08
CA PRO F 68 53.03 -79.19 31.02
C PRO F 68 51.72 -79.77 31.54
N ASP F 69 51.68 -80.29 32.77
CA ASP F 69 50.46 -80.87 33.30
C ASP F 69 49.35 -79.85 33.51
N SER F 70 49.69 -78.57 33.65
CA SER F 70 48.69 -77.54 33.82
C SER F 70 47.90 -77.34 32.53
N LEU F 71 46.59 -77.12 32.68
CA LEU F 71 45.73 -76.93 31.51
C LEU F 71 46.04 -75.63 30.79
N LEU F 72 46.55 -74.63 31.51
CA LEU F 72 46.85 -73.34 30.87
C LEU F 72 47.93 -73.48 29.81
N MET F 73 48.99 -74.24 30.10
CA MET F 73 50.03 -74.48 29.10
C MET F 73 49.50 -75.28 27.92
N LYS F 74 48.61 -76.24 28.19
CA LYS F 74 48.01 -77.01 27.10
C LYS F 74 47.19 -76.10 26.18
N ILE F 75 46.43 -75.18 26.75
CA ILE F 75 45.66 -74.24 25.94
C ILE F 75 46.60 -73.31 25.17
N ILE F 76 47.69 -72.89 25.81
CA ILE F 76 48.64 -72.01 25.14
C ILE F 76 49.27 -72.70 23.93
N GLN F 77 49.67 -73.96 24.09
CA GLN F 77 50.27 -74.67 22.96
C GLN F 77 49.23 -74.99 21.89
N ASN F 78 47.99 -75.27 22.29
CA ASN F 78 46.93 -75.49 21.32
C ASN F 78 46.69 -74.23 20.48
N LEU F 79 46.70 -73.07 21.12
CA LEU F 79 46.61 -71.82 20.37
C LEU F 79 47.84 -71.59 19.50
N LYS F 80 49.02 -71.97 20.00
CA LYS F 80 50.24 -71.85 19.21
C LYS F 80 50.15 -72.65 17.92
N THR F 81 49.48 -73.81 17.97
CA THR F 81 49.31 -74.61 16.75
C THR F 81 48.51 -73.86 15.71
N THR F 82 47.52 -73.07 16.14
CA THR F 82 46.68 -72.29 15.23
C THR F 82 47.15 -70.85 15.09
N ILE F 83 47.21 -70.12 16.20
CA ILE F 83 47.62 -68.72 16.21
C ILE F 83 49.13 -68.67 16.43
N PRO F 84 49.90 -68.07 15.51
CA PRO F 84 51.37 -68.03 15.72
C PRO F 84 51.77 -67.30 17.00
N ASN F 85 51.04 -66.26 17.39
CA ASN F 85 51.34 -65.48 18.59
C ASN F 85 50.05 -65.34 19.40
N PRO F 86 49.85 -66.20 20.39
CA PRO F 86 48.62 -66.11 21.20
C PRO F 86 48.57 -64.82 22.00
N THR F 87 47.34 -64.35 22.23
CA THR F 87 47.08 -63.13 22.97
C THR F 87 46.22 -63.46 24.18
N ILE F 88 46.44 -62.72 25.27
CA ILE F 88 45.64 -62.93 26.48
C ILE F 88 44.17 -62.66 26.20
N GLU F 89 43.88 -61.70 25.33
CA GLU F 89 42.49 -61.47 24.90
C GLU F 89 41.94 -62.71 24.20
N ASP F 90 42.75 -63.30 23.31
CA ASP F 90 42.34 -64.53 22.64
C ASP F 90 42.19 -65.68 23.62
N ILE F 91 43.07 -65.75 24.62
CA ILE F 91 42.98 -66.79 25.63
C ILE F 91 41.67 -66.67 26.41
N LEU F 92 41.32 -65.44 26.82
CA LEU F 92 40.08 -65.21 27.53
C LEU F 92 38.87 -65.55 26.66
N SER F 93 38.93 -65.17 25.38
CA SER F 93 37.83 -65.48 24.47
C SER F 93 37.66 -66.98 24.32
N TYR F 94 38.77 -67.72 24.19
CA TYR F 94 38.70 -69.17 24.07
C TYR F 94 38.17 -69.81 25.33
N ILE F 95 38.59 -69.31 26.50
CA ILE F 95 38.10 -69.85 27.77
C ILE F 95 36.61 -69.61 27.91
N ARG F 96 36.14 -68.41 27.57
CA ARG F 96 34.71 -68.12 27.66
C ARG F 96 33.92 -68.96 26.65
N LEU F 97 34.50 -69.19 25.47
CA LEU F 97 33.84 -70.04 24.48
C LEU F 97 33.70 -71.47 24.99
N LEU F 98 34.75 -71.98 25.63
CA LEU F 98 34.66 -73.31 26.24
C LEU F 98 33.63 -73.33 27.36
N GLN F 99 33.58 -72.27 28.17
CA GLN F 99 32.63 -72.21 29.28
C GLN F 99 31.19 -72.12 28.79
N GLN F 100 30.95 -71.53 27.61
CA GLN F 100 29.60 -71.34 27.12
C GLN F 100 28.88 -72.67 26.85
N ILE F 101 29.61 -73.77 26.73
CA ILE F 101 29.01 -75.07 26.49
C ILE F 101 29.56 -76.08 27.51
N PRO F 102 28.83 -77.14 27.82
CA PRO F 102 29.37 -78.14 28.76
C PRO F 102 30.53 -78.93 28.16
N MET F 103 31.68 -78.27 28.05
CA MET F 103 32.88 -78.88 27.46
C MET F 103 33.63 -79.63 28.55
N SER F 104 33.20 -80.87 28.78
CA SER F 104 33.84 -81.76 29.75
C SER F 104 34.71 -82.82 29.09
N GLY F 105 35.07 -82.63 27.82
CA GLY F 105 35.80 -83.62 27.07
C GLY F 105 37.31 -83.49 27.21
N LYS F 106 38.01 -84.06 26.24
CA LYS F 106 39.48 -84.06 26.26
C LYS F 106 40.03 -82.64 26.20
N ILE F 107 39.29 -81.71 25.61
CA ILE F 107 39.72 -80.31 25.57
C ILE F 107 39.88 -79.78 26.99
N HIS F 108 38.96 -80.15 27.89
CA HIS F 108 39.03 -79.79 29.30
C HIS F 108 39.20 -81.03 30.18
N ASP F 109 39.96 -82.02 29.70
CA ASP F 109 40.17 -83.23 30.49
C ASP F 109 40.93 -82.95 31.77
N VAL F 110 41.95 -82.08 31.71
CA VAL F 110 42.72 -81.76 32.90
C VAL F 110 41.85 -81.06 33.94
N GLU F 111 41.00 -80.15 33.50
CA GLU F 111 40.09 -79.40 34.38
C GLU F 111 38.67 -79.65 33.93
N ASN F 112 38.03 -80.69 34.50
CA ASN F 112 36.64 -80.98 34.15
C ASN F 112 35.73 -79.84 34.57
N SER F 113 35.97 -79.26 35.75
CA SER F 113 35.20 -78.10 36.21
C SER F 113 36.11 -77.01 36.78
N VAL F 114 37.43 -77.18 36.74
CA VAL F 114 38.35 -76.17 37.26
C VAL F 114 38.67 -75.09 36.25
N ILE F 115 38.07 -75.11 35.07
CA ILE F 115 38.27 -74.03 34.11
C ILE F 115 37.70 -72.73 34.66
N ASN F 116 36.57 -72.82 35.37
CA ASN F 116 36.02 -71.64 36.02
C ASN F 116 36.99 -71.08 37.07
N ALA F 117 37.61 -71.96 37.86
CA ALA F 117 38.59 -71.49 38.83
C ALA F 117 39.79 -70.87 38.14
N LEU F 118 40.23 -71.45 37.02
CA LEU F 118 41.38 -70.91 36.30
C LEU F 118 41.08 -69.52 35.76
N GLU F 119 39.90 -69.34 35.15
CA GLU F 119 39.56 -68.03 34.62
C GLU F 119 39.33 -67.01 35.73
N GLU F 120 38.76 -67.42 36.85
CA GLU F 120 38.62 -66.53 37.99
C GLU F 120 39.99 -66.09 38.51
N SER F 121 40.93 -67.02 38.58
CA SER F 121 42.28 -66.68 39.01
C SER F 121 42.94 -65.71 38.04
N ILE F 122 42.75 -65.93 36.74
CA ILE F 122 43.31 -65.02 35.73
C ILE F 122 42.71 -63.63 35.90
N CYS F 123 41.39 -63.55 36.08
CA CYS F 123 40.74 -62.25 36.27
C CYS F 123 41.25 -61.56 37.52
N GLU F 124 41.40 -62.31 38.62
CA GLU F 124 41.91 -61.72 39.85
C GLU F 124 43.34 -61.20 39.66
N LEU F 125 44.18 -61.96 38.97
CA LEU F 125 45.54 -61.53 38.71
C LEU F 125 45.55 -60.25 37.87
N ILE F 126 44.68 -60.19 36.85
CA ILE F 126 44.60 -58.99 36.02
C ILE F 126 44.19 -57.79 36.87
N GLU F 127 43.16 -57.98 37.71
CA GLU F 127 42.69 -56.88 38.54
C GLU F 127 43.77 -56.40 39.49
N GLU F 128 44.50 -57.33 40.10
CA GLU F 128 45.56 -56.96 41.03
C GLU F 128 46.69 -56.22 40.31
N GLU F 129 47.06 -56.69 39.11
CA GLU F 129 48.20 -56.08 38.43
C GLU F 129 47.88 -54.73 37.81
N VAL F 130 46.62 -54.49 37.43
CA VAL F 130 46.26 -53.23 36.79
C VAL F 130 45.68 -52.23 37.78
N ASN F 131 45.68 -52.54 39.07
CA ASN F 131 45.12 -51.66 40.09
C ASN F 131 46.25 -50.81 40.68
N VAL F 132 46.57 -49.73 39.99
CA VAL F 132 47.59 -48.79 40.45
C VAL F 132 47.06 -47.37 40.33
N ASP F 133 47.87 -46.39 40.69
CA ASP F 133 47.49 -44.99 40.64
C ASP F 133 48.64 -44.18 40.06
N LEU F 134 48.30 -43.01 39.53
CA LEU F 134 49.30 -42.13 38.93
C LEU F 134 50.19 -41.52 40.02
N PRO F 135 51.50 -41.73 39.98
CA PRO F 135 52.37 -41.10 40.98
C PRO F 135 52.71 -39.66 40.63
N GLY F 136 52.36 -38.74 41.52
CA GLY F 136 52.65 -37.34 41.29
C GLY F 136 51.76 -36.71 40.22
N ASN F 137 52.16 -35.50 39.83
CA ASN F 137 51.44 -34.73 38.82
C ASN F 137 52.26 -34.52 37.56
N ALA F 138 53.37 -35.24 37.39
CA ALA F 138 54.24 -35.10 36.24
C ALA F 138 53.91 -36.08 35.13
N THR F 139 52.86 -36.88 35.29
CA THR F 139 52.49 -37.85 34.27
C THR F 139 51.97 -37.15 33.02
N PRO F 140 52.15 -37.75 31.85
CA PRO F 140 51.61 -37.13 30.62
C PRO F 140 50.11 -36.95 30.64
N TYR F 141 49.38 -37.77 31.40
CA TYR F 141 47.94 -37.62 31.51
C TYR F 141 47.57 -36.26 32.10
N HIS F 142 48.34 -35.81 33.10
CA HIS F 142 48.10 -34.50 33.69
C HIS F 142 48.30 -33.40 32.65
N LYS F 143 49.34 -33.52 31.81
CA LYS F 143 49.56 -32.55 30.75
C LYS F 143 48.41 -32.56 29.75
N ILE F 144 47.91 -33.74 29.41
CA ILE F 144 46.78 -33.84 28.49
C ILE F 144 45.55 -33.16 29.07
N ALA F 145 45.28 -33.40 30.36
CA ALA F 145 44.13 -32.78 31.00
C ALA F 145 44.30 -31.26 31.07
N ALA F 146 45.52 -30.79 31.34
CA ALA F 146 45.77 -29.36 31.37
C ALA F 146 45.53 -28.73 30.00
N TRP F 147 45.98 -29.40 28.94
CA TRP F 147 45.72 -28.91 27.59
C TRP F 147 44.22 -28.89 27.30
N ILE F 148 43.50 -29.92 27.75
CA ILE F 148 42.06 -30.01 27.48
C ILE F 148 41.31 -28.87 28.16
N ASN F 149 41.62 -28.63 29.43
CA ASN F 149 40.88 -27.62 30.19
C ASN F 149 41.46 -26.22 30.08
N SER F 150 42.59 -26.06 29.37
CA SER F 150 43.21 -24.75 29.26
C SER F 150 42.34 -23.79 28.45
N ILE F 151 41.78 -24.26 27.34
CA ILE F 151 40.99 -23.43 26.43
C ILE F 151 39.60 -24.02 26.32
N ASN F 152 38.58 -23.20 26.54
CA ASN F 152 37.20 -23.62 26.33
C ASN F 152 36.92 -23.77 24.85
N ARG F 153 36.29 -24.89 24.47
CA ARG F 153 36.05 -25.21 23.08
C ARG F 153 34.56 -25.42 22.85
N GLU F 154 34.08 -24.93 21.70
CA GLU F 154 32.67 -25.09 21.34
C GLU F 154 32.31 -26.54 21.06
N HIS F 155 33.29 -27.37 20.69
CA HIS F 155 33.08 -28.79 20.44
C HIS F 155 33.69 -29.60 21.57
N GLN F 156 32.91 -30.53 22.11
CA GLN F 156 33.38 -31.35 23.22
C GLN F 156 34.51 -32.27 22.77
N VAL F 157 35.43 -32.53 23.68
CA VAL F 157 36.58 -33.40 23.41
C VAL F 157 36.31 -34.76 24.05
N GLU F 158 36.29 -35.79 23.22
CA GLU F 158 36.06 -37.15 23.69
C GLU F 158 37.37 -37.95 23.67
N ILE F 159 37.43 -38.97 24.52
CA ILE F 159 38.61 -39.82 24.63
C ILE F 159 38.15 -41.27 24.59
N PHE F 160 38.80 -42.07 23.74
CA PHE F 160 38.51 -43.49 23.64
C PHE F 160 39.71 -44.28 24.13
N THR F 161 39.46 -45.27 24.98
CA THR F 161 40.52 -46.11 25.53
C THR F 161 40.07 -47.56 25.53
N THR F 162 41.00 -48.46 25.23
CA THR F 162 40.76 -49.89 25.29
C THR F 162 41.42 -50.54 26.49
N ASN F 163 42.00 -49.75 27.39
CA ASN F 163 42.68 -50.28 28.56
C ASN F 163 41.70 -50.44 29.72
N TYR F 164 42.18 -51.07 30.79
CA TYR F 164 41.36 -51.29 31.98
C TYR F 164 41.69 -50.35 33.13
N ASP F 165 42.87 -49.72 33.12
CA ASP F 165 43.27 -48.86 34.21
C ASP F 165 42.48 -47.54 34.16
N LEU F 166 42.37 -46.91 35.33
CA LEU F 166 41.62 -45.66 35.48
C LEU F 166 42.52 -44.44 35.55
N LEU F 167 43.67 -44.47 34.86
CA LEU F 167 44.60 -43.36 34.92
C LEU F 167 43.99 -42.09 34.35
N MET F 168 43.28 -42.20 33.22
CA MET F 168 42.68 -41.03 32.60
C MET F 168 41.63 -40.41 33.51
N GLU F 169 40.80 -41.24 34.15
CA GLU F 169 39.78 -40.72 35.04
C GLU F 169 40.38 -39.96 36.21
N GLN F 170 41.43 -40.53 36.82
CA GLN F 170 42.10 -39.87 37.93
C GLN F 170 42.73 -38.54 37.48
N ALA F 171 43.39 -38.55 36.31
CA ALA F 171 43.99 -37.33 35.81
C ALA F 171 42.96 -36.25 35.54
N LEU F 172 41.82 -36.62 34.95
CA LEU F 172 40.77 -35.65 34.68
C LEU F 172 40.15 -35.11 35.95
N GLU F 173 39.89 -35.97 36.94
CA GLU F 173 39.23 -35.52 38.16
C GLU F 173 40.17 -34.71 39.04
N GLU F 174 41.48 -34.99 38.98
CA GLU F 174 42.43 -34.20 39.77
C GLU F 174 42.49 -32.75 39.30
N LEU F 175 42.46 -32.54 37.99
CA LEU F 175 42.56 -31.20 37.42
C LEU F 175 41.20 -30.54 37.23
N ASN F 176 40.15 -31.06 37.88
CA ASN F 176 38.81 -30.49 37.82
C ASN F 176 38.30 -30.43 36.37
N VAL F 177 38.20 -31.61 35.77
CA VAL F 177 37.72 -31.75 34.39
C VAL F 177 36.44 -32.60 34.43
N PRO F 178 35.27 -32.00 34.31
CA PRO F 178 34.03 -32.79 34.26
C PRO F 178 33.98 -33.65 33.01
N TYR F 179 33.37 -34.83 33.16
CA TYR F 179 33.28 -35.77 32.05
C TYR F 179 32.10 -36.69 32.27
N PHE F 180 31.66 -37.32 31.20
CA PHE F 180 30.54 -38.26 31.21
C PHE F 180 30.99 -39.57 30.60
N ASP F 181 30.84 -40.67 31.35
CA ASP F 181 31.30 -41.98 30.92
C ASP F 181 30.15 -42.93 30.60
N GLY F 182 28.91 -42.43 30.60
CA GLY F 182 27.77 -43.27 30.30
C GLY F 182 27.03 -43.76 31.52
N PHE F 183 27.68 -43.72 32.69
CA PHE F 183 27.05 -44.17 33.92
C PHE F 183 26.61 -42.98 34.76
N VAL F 184 25.39 -43.07 35.29
CA VAL F 184 24.81 -42.00 36.11
C VAL F 184 24.36 -42.63 37.42
N GLY F 185 24.77 -42.04 38.53
CA GLY F 185 24.39 -42.54 39.83
C GLY F 185 25.48 -42.26 40.84
N SER F 186 25.16 -42.55 42.10
CA SER F 186 26.08 -42.33 43.21
C SER F 186 26.46 -43.63 43.92
N LYS F 187 25.48 -44.41 44.37
CA LYS F 187 25.79 -45.66 45.05
C LYS F 187 26.13 -46.76 44.04
N ARG F 188 25.19 -47.06 43.14
CA ARG F 188 25.39 -48.06 42.09
C ARG F 188 24.92 -47.41 40.78
N ALA F 189 25.82 -46.71 40.12
CA ALA F 189 25.47 -46.01 38.88
C ALA F 189 25.05 -47.01 37.81
N PHE F 190 23.86 -46.83 37.27
CA PHE F 190 23.37 -47.70 36.23
C PHE F 190 23.72 -47.14 34.85
N PHE F 191 23.57 -47.99 33.83
CA PHE F 191 23.90 -47.63 32.45
C PHE F 191 22.66 -47.03 31.80
N ASP F 192 22.54 -45.71 31.87
CA ASP F 192 21.44 -45.01 31.21
C ASP F 192 21.67 -44.99 29.71
N ILE F 193 20.63 -45.29 28.93
CA ILE F 193 20.73 -45.43 27.49
C ILE F 193 20.21 -44.19 26.77
N ARG F 194 19.10 -43.63 27.25
CA ARG F 194 18.44 -42.54 26.53
C ARG F 194 19.35 -41.33 26.39
N THR F 195 20.01 -40.93 27.48
CA THR F 195 20.84 -39.74 27.45
C THR F 195 22.01 -39.89 26.50
N ILE F 196 22.47 -41.12 26.25
CA ILE F 196 23.57 -41.34 25.32
C ILE F 196 23.21 -40.89 23.92
N GLU F 197 22.01 -41.26 23.46
CA GLU F 197 21.56 -40.84 22.13
C GLU F 197 20.89 -39.48 22.13
N GLU F 198 20.55 -38.93 23.30
CA GLU F 198 20.01 -37.57 23.32
C GLU F 198 21.04 -36.57 22.82
N ASN F 199 22.30 -36.72 23.25
CA ASN F 199 23.40 -35.86 22.82
C ASN F 199 23.08 -34.38 23.06
N LYS F 200 22.60 -34.08 24.26
CA LYS F 200 22.28 -32.72 24.66
C LYS F 200 22.99 -32.35 25.95
N LEU F 201 24.17 -32.91 26.16
CA LEU F 201 24.98 -32.57 27.32
C LEU F 201 25.56 -31.17 27.16
N PRO F 202 25.91 -30.51 28.27
CA PRO F 202 26.53 -29.18 28.18
C PRO F 202 27.82 -29.23 27.37
N SER F 203 28.06 -28.16 26.61
CA SER F 203 29.18 -28.13 25.68
C SER F 203 30.53 -28.15 26.38
N ARG F 204 30.59 -27.75 27.66
CA ARG F 204 31.86 -27.75 28.38
C ARG F 204 32.23 -29.13 28.91
N TRP F 205 31.29 -30.06 28.93
CA TRP F 205 31.55 -31.40 29.42
C TRP F 205 32.35 -32.22 28.40
N SER F 206 33.19 -33.11 28.90
CA SER F 206 33.92 -34.05 28.06
C SER F 206 33.29 -35.43 28.13
N LYS F 207 33.83 -36.36 27.35
CA LYS F 207 33.30 -37.72 27.30
C LYS F 207 34.46 -38.71 27.27
N LEU F 208 34.34 -39.78 28.04
CA LEU F 208 35.33 -40.86 28.08
C LEU F 208 34.59 -42.18 27.89
N TRP F 209 34.85 -42.85 26.78
CA TRP F 209 34.17 -44.11 26.45
C TRP F 209 35.12 -45.28 26.63
N LYS F 210 34.65 -46.31 27.33
CA LYS F 210 35.44 -47.51 27.62
C LYS F 210 35.08 -48.57 26.60
N LEU F 211 35.93 -48.71 25.56
CA LEU F 211 35.65 -49.67 24.50
C LEU F 211 35.73 -51.10 25.02
N HIS F 212 36.72 -51.41 25.85
CA HIS F 212 36.93 -52.76 26.35
C HIS F 212 36.47 -52.94 27.79
N GLY F 213 35.69 -52.01 28.32
CA GLY F 213 35.22 -52.12 29.68
C GLY F 213 36.18 -51.53 30.69
N SER F 214 35.89 -51.81 31.97
CA SER F 214 36.69 -51.29 33.06
C SER F 214 36.67 -52.30 34.21
N ILE F 215 37.63 -52.13 35.12
CA ILE F 215 37.75 -53.06 36.25
C ILE F 215 36.69 -52.81 37.32
N ASN F 216 36.10 -51.62 37.36
CA ASN F 216 35.09 -51.29 38.36
C ASN F 216 33.68 -51.63 37.91
N TRP F 217 33.48 -52.04 36.66
CA TRP F 217 32.17 -52.47 36.23
C TRP F 217 31.84 -53.84 36.82
N GLN F 218 30.58 -54.02 37.21
CA GLN F 218 30.12 -55.28 37.76
C GLN F 218 28.76 -55.62 37.18
N LEU F 219 28.41 -56.91 37.24
CA LEU F 219 27.15 -57.40 36.72
C LEU F 219 26.42 -58.19 37.81
N ASP F 220 25.13 -57.95 37.94
CA ASP F 220 24.27 -58.68 38.87
C ASP F 220 23.39 -59.64 38.07
N LYS F 221 23.47 -60.93 38.40
CA LYS F 221 22.71 -61.94 37.69
C LYS F 221 21.27 -62.04 38.17
N GLN F 222 20.95 -61.44 39.33
CA GLN F 222 19.58 -61.43 39.80
C GLN F 222 18.68 -60.69 38.83
N THR F 223 19.14 -59.54 38.34
CA THR F 223 18.45 -58.79 37.30
C THR F 223 19.23 -58.79 35.99
N GLN F 224 20.41 -59.41 35.96
CA GLN F 224 21.27 -59.43 34.78
C GLN F 224 21.55 -58.02 34.28
N THR F 225 21.91 -57.14 35.21
CA THR F 225 22.12 -55.74 34.90
C THR F 225 23.54 -55.33 35.28
N ILE F 226 24.11 -54.43 34.50
CA ILE F 226 25.47 -53.95 34.72
C ILE F 226 25.42 -52.63 35.45
N TRP F 227 26.48 -52.34 36.21
CA TRP F 227 26.58 -51.08 36.94
C TRP F 227 28.03 -50.80 37.26
N ARG F 228 28.36 -49.51 37.32
CA ARG F 228 29.71 -49.06 37.61
C ARG F 228 29.85 -48.83 39.12
N GLY F 229 30.81 -49.51 39.72
CA GLY F 229 31.04 -49.36 41.15
C GLY F 229 32.50 -49.22 41.50
N THR F 230 32.98 -50.06 42.42
CA THR F 230 34.35 -50.06 42.85
C THR F 230 34.96 -51.45 42.72
N PRO F 231 36.28 -51.55 42.55
CA PRO F 231 36.91 -52.88 42.36
C PRO F 231 36.62 -53.82 43.52
N SER F 232 35.88 -54.88 43.24
CA SER F 232 35.55 -55.92 44.20
C SER F 232 36.27 -57.21 43.80
N LYS F 233 36.02 -58.27 44.56
CA LYS F 233 36.68 -59.55 44.33
C LYS F 233 36.10 -60.21 43.09
N GLY F 234 36.58 -59.80 41.92
CA GLY F 234 36.10 -60.37 40.67
C GLY F 234 35.09 -59.50 39.95
N CYS F 235 35.51 -58.87 38.85
CA CYS F 235 34.63 -58.05 38.04
C CYS F 235 34.13 -58.86 36.86
N SER F 236 32.85 -58.71 36.54
CA SER F 236 32.20 -59.48 35.48
C SER F 236 32.30 -58.81 34.12
N LEU F 237 32.90 -57.63 34.03
CA LEU F 237 33.01 -56.94 32.75
C LEU F 237 34.47 -56.74 32.35
N ILE F 238 35.29 -57.76 32.63
CA ILE F 238 36.70 -57.74 32.21
C ILE F 238 36.88 -58.22 30.78
N HIS F 239 35.79 -58.54 30.08
CA HIS F 239 35.89 -59.14 28.76
C HIS F 239 36.48 -58.16 27.76
N PRO F 240 37.46 -58.57 26.95
CA PRO F 240 37.93 -57.73 25.84
C PRO F 240 36.97 -57.80 24.65
N SER F 241 35.78 -57.23 24.82
CA SER F 241 34.74 -57.20 23.79
C SER F 241 34.31 -58.61 23.37
N HIS F 242 34.01 -59.44 24.38
CA HIS F 242 33.52 -60.80 24.12
C HIS F 242 32.56 -61.15 25.26
N LEU F 243 31.27 -60.95 25.01
CA LEU F 243 30.25 -61.18 26.03
C LEU F 243 28.97 -61.62 25.33
N LYS F 244 27.84 -61.54 26.03
CA LYS F 244 26.56 -61.92 25.47
C LYS F 244 26.03 -60.82 24.55
N TYR F 245 24.78 -60.98 24.12
CA TYR F 245 24.15 -60.01 23.24
C TYR F 245 23.77 -58.75 24.01
N ASP F 246 23.18 -57.79 23.31
CA ASP F 246 22.77 -56.54 23.92
C ASP F 246 21.58 -56.73 24.85
N LYS F 250 22.60 -56.63 28.17
CA LYS F 250 23.58 -56.58 29.24
C LYS F 250 24.99 -56.39 28.69
N MET F 251 25.08 -55.71 27.56
CA MET F 251 26.38 -55.47 26.91
C MET F 251 26.40 -54.08 26.30
N PRO F 252 27.19 -53.16 26.84
CA PRO F 252 27.26 -51.79 26.31
C PRO F 252 28.28 -51.60 25.18
N TYR F 253 28.95 -52.66 24.74
CA TYR F 253 29.96 -52.52 23.69
C TYR F 253 29.35 -52.02 22.39
N LEU F 254 28.16 -52.52 22.04
CA LEU F 254 27.48 -52.07 20.84
C LEU F 254 27.17 -50.58 20.91
N VAL F 255 26.74 -50.09 22.07
CA VAL F 255 26.46 -48.68 22.22
C VAL F 255 27.71 -47.85 22.03
N MET F 256 28.84 -48.29 22.59
CA MET F 256 30.09 -47.56 22.43
C MET F 256 30.53 -47.54 20.97
N MET F 257 30.40 -48.67 20.27
CA MET F 257 30.76 -48.70 18.86
C MET F 257 29.84 -47.79 18.04
N ASP F 258 28.55 -47.78 18.36
CA ASP F 258 27.63 -46.90 17.66
C ASP F 258 27.97 -45.43 17.89
N GLN F 259 28.34 -45.08 19.12
CA GLN F 259 28.73 -43.70 19.41
C GLN F 259 30.01 -43.33 18.66
N LEU F 260 30.97 -44.26 18.59
CA LEU F 260 32.19 -44.00 17.84
C LEU F 260 31.89 -43.79 16.36
N LYS F 261 31.02 -44.62 15.79
CA LYS F 261 30.64 -44.48 14.39
C LYS F 261 29.94 -43.15 14.16
N LEU F 262 29.05 -42.76 15.07
CA LEU F 262 28.35 -41.48 14.95
C LEU F 262 29.33 -40.32 15.01
N PHE F 263 30.34 -40.40 15.87
CA PHE F 263 31.37 -39.37 15.90
C PHE F 263 32.13 -39.33 14.59
N LEU F 264 32.43 -40.49 14.02
CA LEU F 264 33.15 -40.53 12.75
C LEU F 264 32.35 -39.90 11.62
N ASN F 265 31.03 -39.79 11.77
CA ASN F 265 30.19 -39.18 10.75
C ASN F 265 30.09 -37.67 10.87
N GLN F 266 30.61 -37.09 11.96
CA GLN F 266 30.56 -35.65 12.11
C GLN F 266 31.48 -34.97 11.09
N PRO F 267 31.03 -33.86 10.49
CA PRO F 267 31.87 -33.15 9.52
C PRO F 267 33.15 -32.63 10.17
N SER F 268 34.24 -32.67 9.39
CA SER F 268 35.55 -32.19 9.83
C SER F 268 36.00 -32.85 11.13
N ALA F 269 35.70 -34.15 11.27
CA ALA F 269 36.11 -34.87 12.46
C ALA F 269 37.62 -35.06 12.49
N ILE F 270 38.19 -34.99 13.70
CA ILE F 270 39.60 -35.23 13.90
C ILE F 270 39.75 -36.32 14.96
N LEU F 271 40.67 -37.25 14.69
CA LEU F 271 40.90 -38.37 15.58
C LEU F 271 42.38 -38.72 15.55
N ILE F 272 42.93 -39.02 16.72
CA ILE F 272 44.34 -39.33 16.89
C ILE F 272 44.46 -40.65 17.62
N THR F 273 45.28 -41.56 17.11
CA THR F 273 45.54 -42.85 17.71
C THR F 273 46.92 -42.83 18.36
N CYS F 274 46.97 -43.19 19.64
CA CYS F 274 48.22 -43.20 20.41
C CYS F 274 48.44 -44.60 20.96
N GLY F 275 49.53 -45.23 20.54
CA GLY F 275 49.89 -46.55 21.03
C GLY F 275 49.13 -47.70 20.39
N TYR F 276 48.24 -47.44 19.45
CA TYR F 276 47.44 -48.47 18.83
C TYR F 276 48.22 -49.13 17.69
N SER F 277 48.27 -50.46 17.71
CA SER F 277 48.95 -51.23 16.69
C SER F 277 48.02 -51.71 15.58
N TYR F 278 46.75 -51.32 15.64
CA TYR F 278 45.76 -51.68 14.62
C TYR F 278 45.65 -53.19 14.44
N LYS F 279 45.74 -53.94 15.54
CA LYS F 279 45.69 -55.40 15.49
C LYS F 279 44.31 -55.97 15.80
N ASP F 280 43.30 -55.13 15.95
CA ASP F 280 41.93 -55.57 16.20
C ASP F 280 41.12 -55.45 14.92
N GLN F 281 40.51 -56.56 14.49
CA GLN F 281 39.76 -56.56 13.24
C GLN F 281 38.52 -55.66 13.34
N HIS F 282 37.82 -55.71 14.48
CA HIS F 282 36.57 -54.97 14.59
C HIS F 282 36.82 -53.46 14.62
N ILE F 283 37.80 -53.02 15.41
CA ILE F 283 38.11 -51.59 15.46
C ILE F 283 38.58 -51.10 14.10
N ASN F 284 39.46 -51.89 13.44
CA ASN F 284 39.96 -51.49 12.14
C ASN F 284 38.85 -51.39 11.10
N GLU F 285 37.94 -52.36 11.09
CA GLU F 285 36.85 -52.32 10.11
C GLU F 285 35.88 -51.18 10.40
N VAL F 286 35.62 -50.89 11.68
CA VAL F 286 34.76 -49.77 12.02
C VAL F 286 35.39 -48.45 11.59
N LEU F 287 36.69 -48.29 11.84
CA LEU F 287 37.38 -47.08 11.43
C LEU F 287 37.39 -46.94 9.92
N SER F 288 37.63 -48.03 9.20
CA SER F 288 37.63 -47.97 7.74
C SER F 288 36.25 -47.61 7.20
N GLN F 289 35.20 -48.20 7.76
CA GLN F 289 33.85 -47.90 7.31
C GLN F 289 33.49 -46.44 7.58
N GLY F 290 33.85 -45.95 8.77
CA GLY F 290 33.59 -44.55 9.09
C GLY F 290 34.35 -43.59 8.19
N LEU F 291 35.61 -43.91 7.90
CA LEU F 291 36.41 -43.06 7.01
C LEU F 291 35.86 -43.07 5.60
N GLN F 292 35.42 -44.23 5.11
CA GLN F 292 34.85 -44.31 3.76
C GLN F 292 33.52 -43.57 3.68
N THR F 293 32.68 -43.71 4.72
CA THR F 293 31.39 -43.05 4.70
C THR F 293 31.52 -41.53 4.68
N ASN F 294 32.43 -40.99 5.49
CA ASN F 294 32.65 -39.56 5.57
C ASN F 294 34.07 -39.24 5.10
N PRO F 295 34.26 -38.80 3.86
CA PRO F 295 35.63 -38.46 3.40
C PRO F 295 36.26 -37.31 4.17
N ASN F 296 35.46 -36.45 4.80
CA ASN F 296 36.01 -35.31 5.53
C ASN F 296 36.72 -35.74 6.81
N ALA F 297 36.47 -36.96 7.30
CA ALA F 297 37.12 -37.44 8.50
C ALA F 297 38.62 -37.60 8.26
N LEU F 298 39.41 -37.31 9.29
CA LEU F 298 40.85 -37.42 9.23
C LEU F 298 41.37 -38.22 10.41
N ILE F 299 42.42 -39.00 10.17
CA ILE F 299 43.03 -39.85 11.18
C ILE F 299 44.53 -39.58 11.18
N TYR F 300 45.01 -38.91 12.22
CA TYR F 300 46.43 -38.61 12.36
C TYR F 300 47.14 -39.66 13.21
N GLY F 301 47.11 -40.90 12.72
CA GLY F 301 47.71 -42.02 13.41
C GLY F 301 49.19 -41.84 13.68
N LEU F 302 49.61 -42.11 14.91
CA LEU F 302 51.01 -42.02 15.32
C LEU F 302 51.43 -43.34 15.93
N GLN F 303 52.57 -43.86 15.48
CA GLN F 303 53.10 -45.13 15.94
C GLN F 303 54.49 -44.90 16.54
N TYR F 304 54.69 -45.41 17.77
CA TYR F 304 55.99 -45.27 18.41
C TYR F 304 57.03 -46.20 17.78
N ASP F 305 56.60 -47.33 17.24
CA ASP F 305 57.50 -48.27 16.61
C ASP F 305 57.72 -47.91 15.14
N VAL F 306 58.61 -48.65 14.49
CA VAL F 306 58.92 -48.40 13.09
C VAL F 306 57.72 -48.82 12.23
N LEU F 307 57.64 -48.26 11.02
CA LEU F 307 56.53 -48.56 10.13
C LEU F 307 56.53 -50.01 9.67
N GLU F 308 57.71 -50.62 9.54
CA GLU F 308 57.81 -51.97 8.98
C GLU F 308 57.10 -53.01 9.82
N ASN F 309 56.91 -52.76 11.11
CA ASN F 309 56.27 -53.75 11.98
C ASN F 309 54.75 -53.75 11.89
N TYR F 310 54.15 -52.80 11.17
CA TYR F 310 52.70 -52.68 11.07
C TYR F 310 52.31 -52.75 9.60
N GLN F 311 52.07 -53.96 9.11
CA GLN F 311 51.58 -54.14 7.74
C GLN F 311 50.11 -53.75 7.62
N GLU F 312 49.32 -54.03 8.66
CA GLU F 312 47.90 -53.63 8.64
C GLU F 312 47.76 -52.12 8.57
N ALA F 313 48.63 -51.38 9.28
CA ALA F 313 48.60 -49.93 9.19
C ALA F 313 48.92 -49.46 7.78
N LYS F 314 49.88 -50.10 7.12
CA LYS F 314 50.20 -49.76 5.74
C LYS F 314 49.01 -50.02 4.83
N ASP F 315 48.34 -51.17 5.00
CA ASP F 315 47.19 -51.48 4.16
C ASP F 315 46.06 -50.48 4.38
N MET F 316 45.80 -50.12 5.64
CA MET F 316 44.75 -49.15 5.93
C MET F 316 45.09 -47.79 5.34
N ALA F 317 46.36 -47.37 5.43
CA ALA F 317 46.75 -46.09 4.89
C ALA F 317 46.66 -46.06 3.37
N LEU F 318 47.04 -47.16 2.72
CA LEU F 318 46.95 -47.23 1.26
C LEU F 318 45.52 -47.40 0.77
N LYS F 319 44.62 -47.90 1.61
CA LYS F 319 43.24 -48.12 1.19
C LYS F 319 42.42 -46.83 1.13
N ARG F 320 42.70 -45.88 2.00
CA ARG F 320 41.95 -44.63 2.07
C ARG F 320 42.88 -43.45 1.90
N SER F 321 42.43 -42.46 1.14
CA SER F 321 43.25 -41.29 0.83
C SER F 321 43.15 -40.18 1.87
N ASN F 322 42.27 -40.33 2.86
CA ASN F 322 42.09 -39.33 3.91
C ASN F 322 42.56 -39.85 5.26
N LEU F 323 43.64 -40.61 5.27
CA LEU F 323 44.24 -41.15 6.50
C LEU F 323 45.73 -40.81 6.48
N ILE F 324 46.12 -39.81 7.27
CA ILE F 324 47.50 -39.36 7.31
C ILE F 324 48.20 -40.17 8.40
N LEU F 325 48.81 -41.28 8.00
CA LEU F 325 49.51 -42.15 8.93
C LEU F 325 50.97 -41.71 9.09
N LEU F 326 51.43 -41.64 10.33
CA LEU F 326 52.81 -41.29 10.62
C LEU F 326 53.45 -42.37 11.47
N ALA F 327 54.74 -42.58 11.28
CA ALA F 327 55.48 -43.59 12.02
C ALA F 327 56.82 -43.00 12.47
N LYS F 328 57.69 -43.87 13.00
CA LYS F 328 58.98 -43.41 13.48
C LYS F 328 59.95 -43.11 12.34
N ASP F 329 59.86 -43.87 11.25
CA ASP F 329 60.78 -43.72 10.12
C ASP F 329 60.13 -43.06 8.91
N ARG F 330 59.03 -43.65 8.43
CA ARG F 330 58.35 -43.18 7.23
C ARG F 330 56.93 -42.76 7.57
N ALA F 331 56.20 -42.32 6.53
CA ALA F 331 54.81 -41.90 6.70
C ALA F 331 54.07 -42.13 5.40
N ILE F 332 52.74 -42.15 5.50
CA ILE F 332 51.85 -42.30 4.35
C ILE F 332 50.82 -41.17 4.43
N ILE F 333 50.91 -40.20 3.53
CA ILE F 333 50.01 -39.05 3.51
C ILE F 333 49.23 -39.13 2.21
N GLY F 334 48.04 -39.72 2.27
CA GLY F 334 47.17 -39.80 1.12
C GLY F 334 47.58 -40.86 0.11
N LYS F 335 47.62 -42.12 0.56
CA LYS F 335 47.88 -43.31 -0.25
C LYS F 335 49.27 -43.34 -0.86
N LYS F 336 50.15 -42.40 -0.52
CA LYS F 336 51.53 -42.40 -1.00
C LYS F 336 52.48 -42.48 0.19
N GLU F 337 53.53 -43.29 0.05
CA GLU F 337 54.49 -43.51 1.12
C GLU F 337 55.71 -42.63 0.89
N GLY F 338 56.11 -41.90 1.92
CA GLY F 338 57.30 -41.08 1.87
C GLY F 338 58.21 -41.35 3.05
N GLU F 339 59.49 -41.09 2.84
CA GLU F 339 60.51 -41.31 3.86
C GLU F 339 60.92 -39.98 4.47
N TRP F 340 61.83 -40.05 5.45
CA TRP F 340 62.30 -38.85 6.12
C TRP F 340 63.21 -38.06 5.19
N LYS F 341 62.96 -36.75 5.10
CA LYS F 341 63.79 -35.88 4.27
C LYS F 341 65.17 -35.72 4.90
N PRO F 342 66.17 -35.37 4.11
CA PRO F 342 67.52 -35.21 4.68
C PRO F 342 67.61 -34.00 5.59
N ASP F 343 67.71 -34.24 6.90
CA ASP F 343 67.79 -33.20 7.90
C ASP F 343 68.70 -33.66 9.01
N PRO F 344 69.34 -32.73 9.73
CA PRO F 344 70.23 -33.14 10.84
C PRO F 344 69.45 -33.58 12.08
N GLN F 345 68.74 -34.70 11.94
CA GLN F 345 67.97 -35.24 13.07
C GLN F 345 68.90 -35.67 14.21
N SER F 346 70.02 -36.31 13.88
CA SER F 346 70.99 -36.75 14.86
C SER F 346 72.27 -35.95 14.67
N SER F 347 72.73 -35.30 15.74
CA SER F 347 73.95 -34.50 15.66
C SER F 347 75.18 -35.38 15.46
N GLN F 348 75.21 -36.54 16.11
CA GLN F 348 76.36 -37.42 15.99
C GLN F 348 76.48 -37.98 14.59
N ASP F 349 77.72 -37.99 14.07
CA ASP F 349 77.96 -38.54 12.74
C ASP F 349 77.69 -40.04 12.70
N ASN F 350 78.09 -40.76 13.74
CA ASN F 350 77.90 -42.21 13.77
C ASN F 350 76.40 -42.54 13.88
N ASP F 351 75.97 -43.50 13.06
CA ASP F 351 74.58 -43.95 12.99
C ASP F 351 73.63 -42.78 12.80
N PRO F 352 73.63 -42.14 11.61
CA PRO F 352 72.72 -41.01 11.38
C PRO F 352 71.30 -41.46 11.05
N LEU F 353 70.66 -42.13 12.01
CA LEU F 353 69.32 -42.64 11.81
C LEU F 353 68.31 -41.49 11.90
N LEU F 354 67.44 -41.40 10.90
CA LEU F 354 66.39 -40.38 10.87
C LEU F 354 65.13 -40.99 11.48
N PHE F 355 64.99 -40.84 12.79
CA PHE F 355 63.86 -41.39 13.53
C PHE F 355 63.03 -40.25 14.12
N PHE F 356 61.71 -40.34 13.95
CA PHE F 356 60.79 -39.33 14.45
C PHE F 356 60.54 -39.62 15.93
N LYS F 357 61.44 -39.13 16.78
CA LYS F 357 61.33 -39.35 18.22
C LYS F 357 60.18 -38.59 18.85
N LEU F 358 59.56 -37.65 18.12
CA LEU F 358 58.44 -36.89 18.64
C LEU F 358 57.16 -37.71 18.76
N GLY F 359 57.13 -38.92 18.20
CA GLY F 359 55.96 -39.77 18.29
C GLY F 359 55.77 -40.46 19.63
N ASP F 360 56.73 -40.33 20.53
CA ASP F 360 56.60 -40.94 21.85
C ASP F 360 55.54 -40.21 22.67
N PHE F 361 54.96 -40.93 23.64
CA PHE F 361 53.91 -40.35 24.46
C PHE F 361 54.42 -39.17 25.28
N GLN F 362 55.64 -39.29 25.82
CA GLN F 362 56.22 -38.16 26.55
C GLN F 362 56.45 -36.96 25.64
N HIS F 363 56.98 -37.21 24.44
CA HIS F 363 57.19 -36.12 23.48
C HIS F 363 55.87 -35.53 23.04
N LEU F 364 54.85 -36.38 22.85
CA LEU F 364 53.53 -35.87 22.48
C LEU F 364 52.94 -34.99 23.58
N ALA F 365 53.09 -35.41 24.83
CA ALA F 365 52.62 -34.60 25.95
C ALA F 365 53.36 -33.28 26.03
N SER F 366 54.68 -33.30 25.81
CA SER F 366 55.45 -32.06 25.80
C SER F 366 54.99 -31.14 24.68
N PHE F 367 54.74 -31.68 23.50
CA PHE F 367 54.26 -30.88 22.39
C PHE F 367 52.89 -30.27 22.70
N LEU F 368 51.99 -31.06 23.29
CA LEU F 368 50.68 -30.54 23.65
C LEU F 368 50.78 -29.45 24.70
N GLU F 369 51.68 -29.62 25.68
CA GLU F 369 51.90 -28.59 26.69
C GLU F 369 52.43 -27.32 26.06
N GLU F 370 53.37 -27.44 25.11
CA GLU F 370 53.89 -26.25 24.43
C GLU F 370 52.80 -25.56 23.62
N ILE F 371 51.94 -26.34 22.97
CA ILE F 371 50.83 -25.75 22.21
C ILE F 371 49.88 -25.00 23.15
N SER F 372 49.58 -25.60 24.30
CA SER F 372 48.66 -24.96 25.25
C SER F 372 49.20 -23.63 25.74
N GLN F 373 50.49 -23.56 26.05
CA GLN F 373 51.09 -22.32 26.52
C GLN F 373 51.48 -21.43 25.33
N ASP G 11 -13.71 -32.05 54.51
CA ASP G 11 -12.48 -31.32 54.24
C ASP G 11 -11.49 -32.19 53.47
N THR G 12 -11.59 -33.51 53.67
CA THR G 12 -10.67 -34.43 53.00
C THR G 12 -10.86 -34.40 51.49
N THR G 13 -12.12 -34.38 51.03
CA THR G 13 -12.38 -34.45 49.61
C THR G 13 -11.83 -33.23 48.87
N GLN G 14 -12.05 -32.03 49.42
CA GLN G 14 -11.59 -30.81 48.76
C GLN G 14 -10.06 -30.77 48.72
N GLN G 15 -9.41 -31.11 49.84
CA GLN G 15 -7.95 -31.12 49.87
C GLN G 15 -7.39 -32.14 48.89
N LEU G 16 -7.98 -33.34 48.83
CA LEU G 16 -7.51 -34.34 47.89
C LEU G 16 -7.70 -33.88 46.45
N SER G 17 -8.84 -33.26 46.15
CA SER G 17 -9.09 -32.78 44.79
C SER G 17 -8.09 -31.70 44.39
N LEU G 18 -7.84 -30.74 45.28
CA LEU G 18 -6.91 -29.67 44.94
C LEU G 18 -5.49 -30.19 44.81
N LEU G 19 -5.09 -31.14 45.68
CA LEU G 19 -3.77 -31.74 45.56
C LEU G 19 -3.63 -32.50 44.25
N LYS G 20 -4.66 -33.25 43.86
CA LYS G 20 -4.62 -33.96 42.59
C LYS G 20 -4.51 -32.99 41.42
N HIS G 21 -5.26 -31.90 41.47
CA HIS G 21 -5.22 -30.92 40.38
C HIS G 21 -3.84 -30.26 40.28
N VAL G 22 -3.25 -29.88 41.42
CA VAL G 22 -1.95 -29.20 41.37
C VAL G 22 -0.84 -30.17 40.98
N LEU G 23 -0.94 -31.42 41.40
CA LEU G 23 0.10 -32.40 41.04
C LEU G 23 -0.02 -32.87 39.60
N SER G 24 -1.23 -32.92 39.06
CA SER G 24 -1.40 -33.37 37.68
C SER G 24 -0.78 -32.40 36.68
N GLU G 25 -0.86 -31.10 36.96
CA GLU G 25 -0.30 -30.11 36.05
C GLU G 25 1.23 -30.20 36.03
N ASP G 26 1.79 -30.13 34.83
CA ASP G 26 3.23 -30.19 34.63
C ASP G 26 3.85 -28.82 34.37
N LYS G 27 3.10 -27.75 34.58
CA LYS G 27 3.57 -26.40 34.30
C LYS G 27 4.20 -25.73 35.52
N ARG G 28 4.32 -26.44 36.64
CA ARG G 28 4.93 -25.87 37.83
C ARG G 28 6.01 -26.80 38.37
N PRO G 29 7.10 -26.25 38.89
CA PRO G 29 8.14 -27.09 39.49
C PRO G 29 7.63 -27.81 40.74
N ILE G 30 8.18 -29.00 40.97
CA ILE G 30 7.82 -29.81 42.12
C ILE G 30 9.08 -30.16 42.90
N ALA G 31 8.97 -30.12 44.23
CA ALA G 31 10.08 -30.49 45.09
C ALA G 31 9.54 -31.14 46.36
N PHE G 32 10.42 -31.86 47.06
CA PHE G 32 10.04 -32.57 48.27
C PHE G 32 11.14 -32.41 49.31
N ILE G 33 10.73 -32.49 50.58
CA ILE G 33 11.64 -32.48 51.71
C ILE G 33 11.50 -33.80 52.43
N ILE G 34 12.62 -34.49 52.65
CA ILE G 34 12.62 -35.83 53.21
C ILE G 34 13.30 -35.78 54.57
N ALA G 35 12.60 -36.25 55.60
CA ALA G 35 13.10 -36.34 56.96
C ALA G 35 13.06 -37.81 57.40
N ALA G 36 13.36 -38.04 58.69
CA ALA G 36 13.39 -39.39 59.21
C ALA G 36 12.02 -40.07 59.20
N GLY G 37 10.94 -39.30 59.00
CA GLY G 37 9.62 -39.89 58.92
C GLY G 37 9.48 -40.87 57.78
N CYS G 38 10.10 -40.56 56.63
CA CYS G 38 10.02 -41.47 55.50
C CYS G 38 10.71 -42.81 55.77
N PRO G 39 11.96 -42.86 56.25
CA PRO G 39 12.54 -44.18 56.59
C PRO G 39 11.84 -44.86 57.76
N VAL G 40 11.34 -44.10 58.74
CA VAL G 40 10.69 -44.75 59.87
C VAL G 40 9.35 -45.37 59.49
N SER G 41 8.75 -44.96 58.37
CA SER G 41 7.48 -45.52 57.95
C SER G 41 7.60 -46.93 57.37
N ILE G 42 8.81 -47.36 57.03
CA ILE G 42 9.01 -48.70 56.48
C ILE G 42 9.03 -49.70 57.64
N ARG G 43 8.17 -50.71 57.54
CA ARG G 43 8.07 -51.72 58.59
C ARG G 43 8.91 -52.93 58.22
N HIS G 44 9.77 -53.35 59.15
CA HIS G 44 10.63 -54.51 58.93
C HIS G 44 10.74 -55.28 60.23
N ASN G 45 10.27 -56.53 60.23
CA ASN G 45 10.25 -57.39 61.41
C ASN G 45 9.48 -56.72 62.56
N ASP G 46 8.41 -56.01 62.22
CA ASP G 46 7.59 -55.29 63.20
C ASP G 46 8.43 -54.30 64.00
N ALA G 47 9.47 -53.75 63.37
CA ALA G 47 10.34 -52.77 63.97
C ALA G 47 10.68 -51.70 62.94
N PRO G 48 10.90 -50.46 63.38
CA PRO G 48 11.25 -49.40 62.42
C PRO G 48 12.57 -49.69 61.73
N LEU G 49 12.63 -49.36 60.44
CA LEU G 49 13.89 -49.51 59.70
C LEU G 49 14.96 -48.59 60.26
N ILE G 50 14.61 -47.35 60.57
CA ILE G 50 15.51 -46.40 61.21
C ILE G 50 14.81 -45.82 62.43
N PRO G 51 15.42 -45.88 63.61
CA PRO G 51 14.72 -45.42 64.82
C PRO G 51 14.71 -43.90 64.96
N ASP G 52 15.11 -43.20 63.90
CA ASP G 52 15.11 -41.73 63.86
C ASP G 52 16.07 -41.14 64.88
N VAL G 53 15.99 -39.81 65.06
CA VAL G 53 16.93 -39.12 65.94
C VAL G 53 16.77 -39.57 67.38
N ALA G 54 15.53 -39.71 67.85
CA ALA G 54 15.31 -40.14 69.23
C ALA G 54 15.83 -41.55 69.46
N GLY G 55 15.57 -42.46 68.52
CA GLY G 55 16.09 -43.81 68.66
C GLY G 55 17.60 -43.87 68.62
N LEU G 56 18.21 -43.07 67.75
CA LEU G 56 19.67 -43.00 67.71
C LEU G 56 20.25 -42.44 69.00
N THR G 57 19.63 -41.43 69.59
CA THR G 57 20.08 -40.91 70.87
C THR G 57 19.94 -41.95 71.99
N ARG G 58 18.82 -42.66 72.02
CA ARG G 58 18.65 -43.70 73.03
C ARG G 58 19.67 -44.81 72.86
N LYS G 59 19.92 -45.25 71.63
CA LYS G 59 20.92 -46.31 71.41
C LYS G 59 22.33 -45.81 71.70
N ILE G 60 22.62 -44.55 71.38
CA ILE G 60 23.93 -43.99 71.72
C ILE G 60 24.12 -43.97 73.24
N SER G 61 23.09 -43.54 73.98
CA SER G 61 23.19 -43.50 75.43
C SER G 61 23.33 -44.90 76.01
N ASP G 62 22.59 -45.87 75.47
CA ASP G 62 22.66 -47.24 76.00
C ASP G 62 23.96 -47.93 75.60
N SER G 63 24.63 -47.46 74.54
CA SER G 63 25.87 -48.10 74.11
C SER G 63 26.96 -47.98 75.18
N PHE G 64 27.09 -46.82 75.79
CA PHE G 64 28.08 -46.59 76.83
C PHE G 64 27.58 -46.90 78.23
N GLY G 65 26.32 -47.30 78.38
CA GLY G 65 25.78 -47.67 79.67
C GLY G 65 25.37 -46.46 80.50
N GLY G 66 24.89 -46.76 81.70
CA GLY G 66 24.45 -45.76 82.64
C GLY G 66 25.51 -45.28 83.63
N ASN G 67 26.76 -45.66 83.43
CA ASN G 67 27.81 -45.28 84.36
C ASN G 67 28.07 -43.77 84.26
N PRO G 68 27.97 -43.03 85.36
CA PRO G 68 28.22 -41.58 85.30
C PRO G 68 29.68 -41.22 85.02
N ASP G 69 30.61 -42.16 85.20
CA ASP G 69 32.02 -41.86 85.00
C ASP G 69 32.35 -41.57 83.53
N SER G 70 31.53 -42.05 82.60
CA SER G 70 31.76 -41.80 81.19
C SER G 70 31.52 -40.32 80.87
N LEU G 71 32.36 -39.78 80.00
CA LEU G 71 32.24 -38.36 79.62
C LEU G 71 30.98 -38.10 78.82
N LEU G 72 30.48 -39.12 78.09
CA LEU G 72 29.29 -38.93 77.28
C LEU G 72 28.07 -38.60 78.14
N MET G 73 27.91 -39.30 79.26
CA MET G 73 26.80 -39.01 80.16
C MET G 73 26.96 -37.63 80.80
N LYS G 74 28.20 -37.24 81.11
CA LYS G 74 28.44 -35.91 81.66
C LYS G 74 28.04 -34.83 80.66
N ILE G 75 28.38 -35.02 79.38
CA ILE G 75 27.98 -34.06 78.37
C ILE G 75 26.47 -34.05 78.20
N ILE G 76 25.84 -35.23 78.27
CA ILE G 76 24.39 -35.31 78.12
C ILE G 76 23.70 -34.53 79.23
N GLN G 77 24.15 -34.72 80.48
CA GLN G 77 23.53 -34.00 81.59
C GLN G 77 23.85 -32.51 81.55
N ASN G 78 25.04 -32.14 81.09
CA ASN G 78 25.36 -30.72 80.92
C ASN G 78 24.43 -30.07 79.90
N LEU G 79 24.15 -30.77 78.79
CA LEU G 79 23.17 -30.27 77.83
C LEU G 79 21.77 -30.24 78.42
N LYS G 80 21.43 -31.24 79.25
CA LYS G 80 20.13 -31.25 79.91
C LYS G 80 19.93 -30.01 80.78
N THR G 81 21.01 -29.54 81.41
CA THR G 81 20.90 -28.33 82.22
C THR G 81 20.52 -27.13 81.38
N THR G 82 21.00 -27.06 80.13
CA THR G 82 20.69 -25.96 79.24
C THR G 82 19.54 -26.30 78.28
N ILE G 83 19.70 -27.35 77.49
CA ILE G 83 18.71 -27.76 76.51
C ILE G 83 17.78 -28.77 77.18
N PRO G 84 16.47 -28.51 77.24
CA PRO G 84 15.57 -29.48 77.89
C PRO G 84 15.58 -30.85 77.25
N ASN G 85 15.73 -30.92 75.92
CA ASN G 85 15.76 -32.19 75.19
C ASN G 85 16.98 -32.18 74.28
N PRO G 86 18.08 -32.79 74.71
CA PRO G 86 19.28 -32.81 73.88
C PRO G 86 19.07 -33.62 72.61
N THR G 87 19.78 -33.22 71.55
CA THR G 87 19.70 -33.87 70.25
C THR G 87 21.09 -34.36 69.86
N ILE G 88 21.14 -35.49 69.15
CA ILE G 88 22.41 -36.04 68.71
C ILE G 88 23.11 -35.04 67.79
N GLU G 89 22.36 -34.29 66.98
CA GLU G 89 22.96 -33.23 66.19
C GLU G 89 23.60 -32.18 67.08
N ASP G 90 22.90 -31.79 68.16
CA ASP G 90 23.46 -30.85 69.11
C ASP G 90 24.68 -31.43 69.82
N ILE G 91 24.64 -32.72 70.13
CA ILE G 91 25.79 -33.37 70.78
C ILE G 91 27.00 -33.33 69.87
N LEU G 92 26.81 -33.65 68.59
CA LEU G 92 27.91 -33.60 67.63
C LEU G 92 28.44 -32.18 67.47
N SER G 93 27.53 -31.20 67.42
CA SER G 93 27.97 -29.81 67.31
C SER G 93 28.79 -29.39 68.51
N TYR G 94 28.34 -29.78 69.72
CA TYR G 94 29.08 -29.44 70.94
C TYR G 94 30.44 -30.12 70.96
N ILE G 95 30.50 -31.39 70.53
CA ILE G 95 31.78 -32.11 70.52
C ILE G 95 32.75 -31.46 69.53
N ARG G 96 32.25 -31.09 68.35
CA ARG G 96 33.12 -30.43 67.37
C ARG G 96 33.56 -29.06 67.86
N LEU G 97 32.67 -28.34 68.57
CA LEU G 97 33.04 -27.05 69.14
C LEU G 97 34.15 -27.21 70.18
N LEU G 98 34.04 -28.25 71.03
CA LEU G 98 35.10 -28.52 71.98
C LEU G 98 36.40 -28.89 71.28
N GLN G 99 36.31 -29.68 70.21
CA GLN G 99 37.49 -30.10 69.47
C GLN G 99 38.17 -28.93 68.76
N GLN G 100 37.40 -27.91 68.37
CA GLN G 100 37.98 -26.80 67.62
C GLN G 100 39.00 -26.01 68.42
N ILE G 101 39.02 -26.15 69.74
CA ILE G 101 39.97 -25.45 70.59
C ILE G 101 40.65 -26.45 71.52
N PRO G 102 41.87 -26.17 72.00
CA PRO G 102 42.51 -27.10 72.94
C PRO G 102 41.81 -27.13 74.29
N MET G 103 40.63 -27.75 74.34
CA MET G 103 39.84 -27.81 75.56
C MET G 103 40.29 -29.02 76.37
N SER G 104 41.34 -28.82 77.16
CA SER G 104 41.88 -29.85 78.04
C SER G 104 41.49 -29.63 79.50
N GLY G 105 40.49 -28.78 79.76
CA GLY G 105 40.11 -28.41 81.11
C GLY G 105 39.10 -29.37 81.73
N LYS G 106 38.42 -28.86 82.75
CA LYS G 106 37.43 -29.66 83.47
C LYS G 106 36.29 -30.11 82.57
N ILE G 107 36.00 -29.34 81.52
CA ILE G 107 34.97 -29.73 80.57
C ILE G 107 35.32 -31.07 79.93
N HIS G 108 36.60 -31.26 79.61
CA HIS G 108 37.11 -32.53 79.09
C HIS G 108 38.09 -33.19 80.05
N ASP G 109 37.85 -33.07 81.35
CA ASP G 109 38.74 -33.67 82.34
C ASP G 109 38.75 -35.19 82.24
N VAL G 110 37.58 -35.80 82.02
CA VAL G 110 37.50 -37.25 81.92
C VAL G 110 38.28 -37.75 80.70
N GLU G 111 38.16 -37.03 79.59
CA GLU G 111 38.84 -37.38 78.33
C GLU G 111 39.70 -36.20 77.91
N ASN G 112 40.96 -36.20 78.36
CA ASN G 112 41.88 -35.13 77.97
C ASN G 112 42.12 -35.14 76.47
N SER G 113 42.27 -36.33 75.88
CA SER G 113 42.42 -36.45 74.44
C SER G 113 41.55 -37.57 73.86
N VAL G 114 40.72 -38.21 74.68
CA VAL G 114 39.85 -39.28 74.20
C VAL G 114 38.54 -38.77 73.63
N ILE G 115 38.35 -37.44 73.57
CA ILE G 115 37.15 -36.90 72.94
C ILE G 115 37.15 -37.24 71.45
N ASN G 116 38.32 -37.21 70.82
CA ASN G 116 38.42 -37.62 69.43
C ASN G 116 38.02 -39.07 69.25
N ALA G 117 38.47 -39.94 70.15
CA ALA G 117 38.08 -41.35 70.08
C ALA G 117 36.58 -41.51 70.27
N LEU G 118 36.00 -40.75 71.20
CA LEU G 118 34.56 -40.84 71.45
C LEU G 118 33.76 -40.40 70.23
N GLU G 119 34.15 -39.30 69.60
CA GLU G 119 33.42 -38.84 68.42
C GLU G 119 33.63 -39.78 67.24
N GLU G 120 34.83 -40.35 67.09
CA GLU G 120 35.04 -41.35 66.05
C GLU G 120 34.16 -42.57 66.27
N SER G 121 34.05 -43.02 67.52
CA SER G 121 33.18 -44.15 67.83
C SER G 121 31.72 -43.82 67.53
N ILE G 122 31.29 -42.60 67.86
CA ILE G 122 29.92 -42.20 67.56
C ILE G 122 29.67 -42.20 66.05
N CYS G 123 30.63 -41.65 65.29
CA CYS G 123 30.49 -41.64 63.83
C CYS G 123 30.45 -43.05 63.27
N GLU G 124 31.30 -43.94 63.77
CA GLU G 124 31.29 -45.32 63.30
C GLU G 124 29.96 -46.00 63.62
N LEU G 125 29.42 -45.78 64.82
CA LEU G 125 28.14 -46.35 65.17
C LEU G 125 27.04 -45.82 64.27
N ILE G 126 27.06 -44.52 63.97
CA ILE G 126 26.06 -43.95 63.07
C ILE G 126 26.16 -44.59 61.69
N GLU G 127 27.38 -44.71 61.17
CA GLU G 127 27.57 -45.30 59.84
C GLU G 127 27.08 -46.74 59.82
N GLU G 128 27.40 -47.51 60.86
CA GLU G 128 26.97 -48.90 60.89
C GLU G 128 25.45 -49.02 60.98
N GLU G 129 24.81 -48.15 61.77
CA GLU G 129 23.37 -48.29 61.98
C GLU G 129 22.56 -47.78 60.78
N VAL G 130 23.08 -46.82 60.02
CA VAL G 130 22.35 -46.26 58.90
C VAL G 130 22.73 -46.91 57.57
N ASN G 131 23.57 -47.94 57.60
CA ASN G 131 24.02 -48.61 56.38
C ASN G 131 23.13 -49.82 56.13
N VAL G 132 21.98 -49.56 55.51
CA VAL G 132 21.05 -50.62 55.14
C VAL G 132 20.61 -50.43 53.69
N ASP G 133 19.74 -51.31 53.21
CA ASP G 133 19.24 -51.25 51.84
C ASP G 133 17.74 -51.50 51.83
N LEU G 134 17.09 -51.03 50.78
CA LEU G 134 15.65 -51.20 50.65
C LEU G 134 15.31 -52.65 50.39
N PRO G 135 14.50 -53.30 51.22
CA PRO G 135 14.11 -54.68 50.95
C PRO G 135 12.95 -54.77 49.97
N GLY G 136 13.17 -55.44 48.84
CA GLY G 136 12.13 -55.60 47.86
C GLY G 136 11.84 -54.32 47.08
N ASN G 137 10.74 -54.38 46.33
CA ASN G 137 10.30 -53.26 45.51
C ASN G 137 8.97 -52.68 45.98
N ALA G 138 8.51 -53.04 47.17
CA ALA G 138 7.25 -52.56 47.70
C ALA G 138 7.40 -51.32 48.59
N THR G 139 8.61 -50.78 48.69
CA THR G 139 8.83 -49.61 49.52
C THR G 139 8.16 -48.39 48.89
N PRO G 140 7.75 -47.42 49.71
CA PRO G 140 7.14 -46.19 49.16
C PRO G 140 8.08 -45.43 48.24
N TYR G 141 9.40 -45.56 48.44
CA TYR G 141 10.35 -44.88 47.55
C TYR G 141 10.21 -45.38 46.11
N HIS G 142 9.97 -46.68 45.93
CA HIS G 142 9.76 -47.21 44.59
C HIS G 142 8.50 -46.61 43.96
N LYS G 143 7.44 -46.46 44.75
CA LYS G 143 6.22 -45.83 44.23
C LYS G 143 6.48 -44.38 43.85
N ILE G 144 7.26 -43.66 44.66
CA ILE G 144 7.59 -42.27 44.35
C ILE G 144 8.37 -42.19 43.04
N ALA G 145 9.36 -43.07 42.88
CA ALA G 145 10.14 -43.10 41.65
C ALA G 145 9.28 -43.43 40.44
N ALA G 146 8.36 -44.38 40.60
CA ALA G 146 7.45 -44.73 39.52
C ALA G 146 6.58 -43.56 39.13
N TRP G 147 6.07 -42.82 40.11
CA TRP G 147 5.29 -41.62 39.82
C TRP G 147 6.14 -40.58 39.10
N ILE G 148 7.40 -40.42 39.52
CA ILE G 148 8.27 -39.41 38.93
C ILE G 148 8.54 -39.74 37.47
N ASN G 149 8.88 -40.99 37.18
CA ASN G 149 9.25 -41.36 35.82
C ASN G 149 8.07 -41.78 34.95
N SER G 150 6.86 -41.81 35.50
CA SER G 150 5.70 -42.22 34.74
C SER G 150 5.36 -41.22 33.64
N ILE G 151 5.40 -39.92 33.97
CA ILE G 151 5.03 -38.86 33.04
C ILE G 151 6.23 -37.94 32.87
N ASN G 152 6.60 -37.68 31.61
CA ASN G 152 7.65 -36.72 31.32
C ASN G 152 7.15 -35.31 31.58
N ARG G 153 7.95 -34.51 32.27
CA ARG G 153 7.55 -33.17 32.69
C ARG G 153 8.55 -32.14 32.15
N GLU G 154 8.02 -31.00 31.71
CA GLU G 154 8.87 -29.93 31.21
C GLU G 154 9.71 -29.30 32.31
N HIS G 155 9.29 -29.41 33.57
CA HIS G 155 10.04 -28.89 34.71
C HIS G 155 10.64 -30.05 35.48
N GLN G 156 11.93 -29.96 35.78
CA GLN G 156 12.61 -31.01 36.50
C GLN G 156 12.09 -31.12 37.93
N VAL G 157 12.08 -32.34 38.45
CA VAL G 157 11.61 -32.62 39.81
C VAL G 157 12.84 -32.82 40.68
N GLU G 158 12.96 -31.98 41.71
CA GLU G 158 14.06 -32.07 42.66
C GLU G 158 13.58 -32.64 43.99
N ILE G 159 14.50 -33.24 44.72
CA ILE G 159 14.22 -33.86 46.00
C ILE G 159 15.25 -33.38 47.01
N PHE G 160 14.79 -32.91 48.17
CA PHE G 160 15.66 -32.47 49.25
C PHE G 160 15.52 -33.42 50.42
N THR G 161 16.64 -33.87 50.97
CA THR G 161 16.65 -34.77 52.12
C THR G 161 17.71 -34.34 53.11
N THR G 162 17.39 -34.46 54.39
CA THR G 162 18.33 -34.18 55.47
C THR G 162 18.84 -35.46 56.12
N ASN G 163 18.51 -36.62 55.58
CA ASN G 163 18.92 -37.89 56.15
C ASN G 163 20.29 -38.31 55.58
N TYR G 164 20.85 -39.37 56.15
CA TYR G 164 22.14 -39.89 55.70
C TYR G 164 22.02 -41.15 54.86
N ASP G 165 20.90 -41.86 54.93
CA ASP G 165 20.74 -43.10 54.18
C ASP G 165 20.57 -42.81 52.69
N LEU G 166 20.92 -43.81 51.88
CA LEU G 166 20.88 -43.70 50.42
C LEU G 166 19.67 -44.42 49.83
N LEU G 167 18.54 -44.46 50.56
CA LEU G 167 17.36 -45.16 50.08
C LEU G 167 16.82 -44.53 48.80
N MET G 168 16.77 -43.20 48.76
CA MET G 168 16.25 -42.51 47.59
C MET G 168 17.11 -42.77 46.36
N GLU G 169 18.43 -42.76 46.53
CA GLU G 169 19.32 -43.02 45.41
C GLU G 169 19.12 -44.42 44.86
N GLN G 170 19.03 -45.41 45.75
CA GLN G 170 18.82 -46.79 45.31
C GLN G 170 17.47 -46.93 44.61
N ALA G 171 16.42 -46.31 45.15
CA ALA G 171 15.11 -46.39 44.52
C ALA G 171 15.12 -45.75 43.13
N LEU G 172 15.77 -44.60 43.00
CA LEU G 172 15.83 -43.94 41.69
C LEU G 172 16.64 -44.74 40.68
N GLU G 173 17.77 -45.30 41.11
CA GLU G 173 18.62 -46.03 40.16
C GLU G 173 18.02 -47.38 39.79
N GLU G 174 17.26 -48.00 40.68
CA GLU G 174 16.62 -49.27 40.36
C GLU G 174 15.59 -49.11 39.25
N LEU G 175 14.80 -48.04 39.30
CA LEU G 175 13.75 -47.79 38.33
C LEU G 175 14.22 -46.99 37.12
N ASN G 176 15.53 -46.89 36.91
CA ASN G 176 16.12 -46.21 35.76
C ASN G 176 15.68 -44.74 35.73
N VAL G 177 16.04 -44.01 36.79
CA VAL G 177 15.73 -42.60 36.92
C VAL G 177 17.04 -41.82 36.99
N PRO G 178 17.47 -41.17 35.90
CA PRO G 178 18.69 -40.36 35.98
C PRO G 178 18.51 -39.17 36.91
N TYR G 179 19.62 -38.81 37.56
CA TYR G 179 19.58 -37.71 38.52
C TYR G 179 20.99 -37.13 38.66
N PHE G 180 21.05 -35.91 39.18
CA PHE G 180 22.30 -35.21 39.40
C PHE G 180 22.36 -34.75 40.85
N ASP G 181 23.42 -35.15 41.55
CA ASP G 181 23.56 -34.86 42.97
C ASP G 181 24.67 -33.84 43.26
N GLY G 182 25.25 -33.25 42.22
CA GLY G 182 26.30 -32.28 42.41
C GLY G 182 27.70 -32.82 42.22
N PHE G 183 27.84 -34.14 42.29
CA PHE G 183 29.15 -34.78 42.13
C PHE G 183 29.26 -35.40 40.75
N VAL G 184 30.41 -35.17 40.11
CA VAL G 184 30.68 -35.68 38.76
C VAL G 184 31.99 -36.45 38.82
N GLY G 185 31.99 -37.67 38.32
CA GLY G 185 33.18 -38.49 38.30
C GLY G 185 32.82 -39.95 38.43
N SER G 186 33.85 -40.78 38.29
CA SER G 186 33.70 -42.22 38.35
C SER G 186 34.48 -42.85 39.51
N LYS G 187 35.78 -42.60 39.59
CA LYS G 187 36.58 -43.15 40.67
C LYS G 187 36.40 -42.35 41.96
N ARG G 188 36.72 -41.05 41.92
CA ARG G 188 36.55 -40.14 43.05
C ARG G 188 35.86 -38.89 42.50
N ALA G 189 34.52 -38.92 42.50
CA ALA G 189 33.77 -37.80 41.96
C ALA G 189 34.00 -36.55 42.79
N PHE G 190 34.44 -35.48 42.14
CA PHE G 190 34.68 -34.22 42.83
C PHE G 190 33.42 -33.35 42.79
N PHE G 191 33.44 -32.31 43.62
CA PHE G 191 32.31 -31.39 43.74
C PHE G 191 32.49 -30.26 42.74
N ASP G 192 31.91 -30.43 41.55
CA ASP G 192 31.96 -29.39 40.53
C ASP G 192 31.00 -28.27 40.91
N ILE G 193 31.47 -27.03 40.78
CA ILE G 193 30.71 -25.86 41.22
C ILE G 193 30.05 -25.14 40.04
N ARG G 194 30.76 -25.02 38.92
CA ARG G 194 30.27 -24.22 37.81
C ARG G 194 28.95 -24.75 37.27
N THR G 195 28.87 -26.07 37.07
CA THR G 195 27.66 -26.65 36.48
C THR G 195 26.45 -26.47 37.37
N ILE G 196 26.65 -26.33 38.68
CA ILE G 196 25.53 -26.14 39.60
C ILE G 196 24.81 -24.83 39.30
N GLU G 197 25.57 -23.75 39.10
CA GLU G 197 24.97 -22.47 38.77
C GLU G 197 24.71 -22.28 37.29
N GLU G 198 25.27 -23.14 36.43
CA GLU G 198 24.95 -23.07 35.01
C GLU G 198 23.46 -23.34 34.78
N ASN G 199 22.92 -24.35 35.45
CA ASN G 199 21.50 -24.71 35.36
C ASN G 199 21.08 -24.92 33.91
N LYS G 200 21.87 -25.72 33.18
CA LYS G 200 21.59 -26.05 31.80
C LYS G 200 21.60 -27.57 31.61
N LEU G 201 21.20 -28.30 32.63
CA LEU G 201 21.08 -29.74 32.53
C LEU G 201 19.88 -30.12 31.67
N PRO G 202 19.88 -31.32 31.09
CA PRO G 202 18.72 -31.75 30.30
C PRO G 202 17.45 -31.77 31.13
N SER G 203 16.33 -31.41 30.50
CA SER G 203 15.08 -31.25 31.21
C SER G 203 14.54 -32.56 31.78
N ARG G 204 14.95 -33.70 31.23
CA ARG G 204 14.47 -34.98 31.73
C ARG G 204 15.21 -35.43 32.98
N TRP G 205 16.34 -34.81 33.30
CA TRP G 205 17.11 -35.19 34.47
C TRP G 205 16.47 -34.64 35.74
N SER G 206 16.63 -35.40 36.83
CA SER G 206 16.17 -34.98 38.14
C SER G 206 17.36 -34.51 38.98
N LYS G 207 17.07 -34.02 40.18
CA LYS G 207 18.10 -33.50 41.07
C LYS G 207 17.82 -33.97 42.50
N LEU G 208 18.86 -34.41 43.19
CA LEU G 208 18.77 -34.82 44.59
C LEU G 208 19.87 -34.09 45.37
N TRP G 209 19.46 -33.20 46.28
CA TRP G 209 20.39 -32.39 47.05
C TRP G 209 20.45 -32.90 48.49
N LYS G 210 21.67 -33.08 48.98
CA LYS G 210 21.91 -33.59 50.34
C LYS G 210 22.17 -32.40 51.26
N LEU G 211 21.12 -31.98 51.98
CA LEU G 211 21.26 -30.82 52.86
C LEU G 211 22.22 -31.09 54.01
N HIS G 212 22.13 -32.28 54.60
CA HIS G 212 22.96 -32.63 55.76
C HIS G 212 24.11 -33.54 55.42
N GLY G 213 24.44 -33.70 54.13
CA GLY G 213 25.53 -34.56 53.73
C GLY G 213 25.10 -36.00 53.53
N SER G 214 26.11 -36.86 53.39
CA SER G 214 25.87 -38.28 53.14
C SER G 214 26.99 -39.08 53.78
N ILE G 215 26.75 -40.38 53.95
CA ILE G 215 27.73 -41.26 54.58
C ILE G 215 28.87 -41.61 53.64
N ASN G 216 28.67 -41.49 52.32
CA ASN G 216 29.71 -41.82 51.35
C ASN G 216 30.61 -40.65 51.01
N TRP G 217 30.30 -39.45 51.49
CA TRP G 217 31.19 -38.31 51.28
C TRP G 217 32.43 -38.45 52.16
N GLN G 218 33.58 -38.06 51.61
CA GLN G 218 34.84 -38.11 52.33
C GLN G 218 35.64 -36.85 52.04
N LEU G 219 36.57 -36.54 52.94
CA LEU G 219 37.41 -35.36 52.82
C LEU G 219 38.87 -35.77 52.91
N ASP G 220 39.70 -35.20 52.04
CA ASP G 220 41.13 -35.42 52.05
C ASP G 220 41.81 -34.15 52.57
N LYS G 221 42.59 -34.30 53.64
CA LYS G 221 43.27 -33.16 54.24
C LYS G 221 44.54 -32.77 53.51
N GLN G 222 45.06 -33.65 52.64
CA GLN G 222 46.23 -33.30 51.84
C GLN G 222 45.94 -32.11 50.93
N THR G 223 44.78 -32.11 50.29
CA THR G 223 44.31 -30.97 49.52
C THR G 223 43.10 -30.30 50.16
N GLN G 224 42.60 -30.82 51.27
CA GLN G 224 41.42 -30.30 51.94
C GLN G 224 40.24 -30.23 50.99
N THR G 225 40.02 -31.31 50.25
CA THR G 225 38.99 -31.37 49.23
C THR G 225 38.02 -32.50 49.53
N ILE G 226 36.75 -32.28 49.19
CA ILE G 226 35.71 -33.26 49.44
C ILE G 226 35.44 -34.02 48.16
N TRP G 227 34.96 -35.26 48.31
CA TRP G 227 34.63 -36.08 47.17
C TRP G 227 33.66 -37.18 47.59
N ARG G 228 32.80 -37.58 46.66
CA ARG G 228 31.81 -38.61 46.90
C ARG G 228 32.38 -39.97 46.49
N GLY G 229 32.40 -40.90 47.43
CA GLY G 229 32.91 -42.23 47.16
C GLY G 229 32.03 -43.33 47.72
N THR G 230 32.62 -44.23 48.49
CA THR G 230 31.91 -45.34 49.10
C THR G 230 32.16 -45.35 50.60
N PRO G 231 31.23 -45.91 51.38
CA PRO G 231 31.40 -45.91 52.85
C PRO G 231 32.68 -46.59 53.29
N SER G 232 33.59 -45.81 53.86
CA SER G 232 34.85 -46.31 54.41
C SER G 232 34.83 -46.18 55.92
N LYS G 233 35.96 -46.53 56.55
CA LYS G 233 36.04 -46.53 58.00
C LYS G 233 36.14 -45.09 58.51
N GLY G 234 34.99 -44.42 58.62
CA GLY G 234 34.95 -43.05 59.09
C GLY G 234 34.80 -42.03 57.98
N CYS G 235 33.63 -41.43 57.88
CA CYS G 235 33.36 -40.39 56.88
C CYS G 235 33.51 -39.03 57.54
N SER G 236 34.13 -38.10 56.82
CA SER G 236 34.42 -36.77 57.34
C SER G 236 33.29 -35.77 57.09
N LEU G 237 32.22 -36.19 56.41
CA LEU G 237 31.12 -35.27 56.12
C LEU G 237 29.83 -35.74 56.77
N ILE G 238 29.94 -36.29 57.99
CA ILE G 238 28.77 -36.70 58.75
C ILE G 238 28.14 -35.54 59.52
N HIS G 239 28.68 -34.33 59.37
CA HIS G 239 28.24 -33.21 60.18
C HIS G 239 26.80 -32.82 59.83
N PRO G 240 25.93 -32.62 60.82
CA PRO G 240 24.60 -32.05 60.56
C PRO G 240 24.65 -30.54 60.36
N SER G 241 25.26 -30.13 59.25
CA SER G 241 25.41 -28.71 58.89
C SER G 241 26.21 -27.95 59.94
N HIS G 242 27.37 -28.50 60.30
CA HIS G 242 28.28 -27.84 61.24
C HIS G 242 29.70 -28.22 60.85
N LEU G 243 30.34 -27.35 60.08
CA LEU G 243 31.69 -27.61 59.57
C LEU G 243 32.41 -26.28 59.43
N LYS G 244 33.50 -26.27 58.66
CA LYS G 244 34.27 -25.07 58.45
C LYS G 244 33.58 -24.16 57.42
N TYR G 245 34.28 -23.11 57.01
CA TYR G 245 33.75 -22.17 56.05
C TYR G 245 33.75 -22.79 54.65
N ASP G 246 33.28 -22.02 53.67
CA ASP G 246 33.23 -22.48 52.29
C ASP G 246 34.62 -22.58 51.67
N LYS G 250 35.61 -25.90 51.48
CA LYS G 250 35.48 -27.33 51.73
C LYS G 250 34.14 -27.65 52.39
N MET G 251 33.13 -26.85 52.07
CA MET G 251 31.81 -27.05 52.64
C MET G 251 30.75 -26.73 51.59
N PRO G 252 30.01 -27.75 51.12
CA PRO G 252 28.97 -27.52 50.09
C PRO G 252 27.60 -27.15 50.65
N TYR G 253 27.47 -27.00 51.97
CA TYR G 253 26.17 -26.69 52.55
C TYR G 253 25.64 -25.34 52.06
N LEU G 254 26.53 -24.35 51.96
CA LEU G 254 26.11 -23.04 51.46
C LEU G 254 25.59 -23.13 50.03
N VAL G 255 26.23 -23.94 49.20
CA VAL G 255 25.78 -24.11 47.82
C VAL G 255 24.38 -24.74 47.79
N MET G 256 24.15 -25.75 48.63
CA MET G 256 22.84 -26.39 48.68
C MET G 256 21.77 -25.41 49.14
N MET G 257 22.08 -24.61 50.17
CA MET G 257 21.11 -23.62 50.64
C MET G 257 20.83 -22.57 49.57
N ASP G 258 21.87 -22.15 48.84
CA ASP G 258 21.68 -21.19 47.76
C ASP G 258 20.80 -21.76 46.67
N GLN G 259 21.02 -23.03 46.31
CA GLN G 259 20.17 -23.67 45.30
C GLN G 259 18.73 -23.78 45.77
N LEU G 260 18.53 -24.12 47.05
CA LEU G 260 17.18 -24.18 47.59
C LEU G 260 16.50 -22.82 47.53
N LYS G 261 17.23 -21.77 47.90
CA LYS G 261 16.67 -20.42 47.85
C LYS G 261 16.33 -20.02 46.42
N LEU G 262 17.21 -20.35 45.47
CA LEU G 262 16.96 -20.05 44.07
C LEU G 262 15.72 -20.79 43.57
N PHE G 263 15.54 -22.04 43.97
CA PHE G 263 14.32 -22.75 43.62
C PHE G 263 13.09 -22.08 44.22
N LEU G 264 13.19 -21.62 45.46
CA LEU G 264 12.07 -20.93 46.09
C LEU G 264 11.70 -19.65 45.37
N ASN G 265 12.60 -19.09 44.58
CA ASN G 265 12.32 -17.87 43.84
C ASN G 265 11.67 -18.12 42.49
N GLN G 266 11.59 -19.38 42.05
CA GLN G 266 10.94 -19.67 40.78
C GLN G 266 9.45 -19.41 40.86
N PRO G 267 8.86 -18.83 39.82
CA PRO G 267 7.41 -18.57 39.82
C PRO G 267 6.62 -19.86 39.91
N SER G 268 5.51 -19.80 40.63
CA SER G 268 4.59 -20.93 40.79
C SER G 268 5.30 -22.16 41.35
N ALA G 269 6.25 -21.95 42.26
CA ALA G 269 6.98 -23.05 42.85
C ALA G 269 6.07 -23.87 43.77
N ILE G 270 6.29 -25.19 43.76
CA ILE G 270 5.56 -26.10 44.64
C ILE G 270 6.57 -26.90 45.44
N LEU G 271 6.28 -27.04 46.73
CA LEU G 271 7.18 -27.75 47.63
C LEU G 271 6.34 -28.47 48.68
N ILE G 272 6.74 -29.70 48.99
CA ILE G 272 6.03 -30.56 49.92
C ILE G 272 7.03 -31.06 50.97
N THR G 273 6.66 -30.95 52.23
CA THR G 273 7.48 -31.42 53.35
C THR G 273 6.88 -32.70 53.90
N CYS G 274 7.69 -33.75 53.98
CA CYS G 274 7.26 -35.05 54.48
C CYS G 274 8.12 -35.43 55.67
N GLY G 275 7.49 -35.59 56.83
CA GLY G 275 8.18 -36.00 58.04
C GLY G 275 8.97 -34.92 58.75
N TYR G 276 8.94 -33.69 58.24
CA TYR G 276 9.68 -32.60 58.84
C TYR G 276 8.91 -31.99 60.00
N SER G 277 9.58 -31.84 61.14
CA SER G 277 8.99 -31.26 62.32
C SER G 277 9.29 -29.78 62.47
N TYR G 278 9.98 -29.18 61.49
CA TYR G 278 10.30 -27.76 61.48
C TYR G 278 11.07 -27.34 62.74
N LYS G 279 11.96 -28.19 63.21
CA LYS G 279 12.72 -27.94 64.43
C LYS G 279 14.12 -27.38 64.15
N ASP G 280 14.45 -27.08 62.90
CA ASP G 280 15.74 -26.48 62.56
C ASP G 280 15.55 -25.00 62.28
N GLN G 281 16.31 -24.16 62.99
CA GLN G 281 16.17 -22.73 62.83
C GLN G 281 16.59 -22.25 61.45
N HIS G 282 17.69 -22.82 60.92
CA HIS G 282 18.22 -22.35 59.64
C HIS G 282 17.27 -22.70 58.50
N ILE G 283 16.79 -23.95 58.47
CA ILE G 283 15.86 -24.35 57.41
C ILE G 283 14.58 -23.55 57.49
N ASN G 284 14.06 -23.37 58.70
CA ASN G 284 12.82 -22.60 58.87
C ASN G 284 12.99 -21.16 58.42
N GLU G 285 14.10 -20.52 58.79
CA GLU G 285 14.30 -19.13 58.39
C GLU G 285 14.52 -19.01 56.89
N VAL G 286 15.22 -19.96 56.27
CA VAL G 286 15.40 -19.93 54.82
C VAL G 286 14.05 -20.10 54.12
N LEU G 287 13.23 -21.03 54.59
CA LEU G 287 11.92 -21.23 53.99
C LEU G 287 11.04 -19.99 54.15
N SER G 288 11.07 -19.36 55.33
CA SER G 288 10.28 -18.17 55.57
C SER G 288 10.74 -17.02 54.67
N GLN G 289 12.05 -16.85 54.53
CA GLN G 289 12.57 -15.78 53.68
C GLN G 289 12.21 -16.02 52.21
N GLY G 290 12.33 -17.27 51.75
CA GLY G 290 11.95 -17.57 50.38
C GLY G 290 10.47 -17.38 50.12
N LEU G 291 9.62 -17.76 51.09
CA LEU G 291 8.18 -17.57 50.93
C LEU G 291 7.81 -16.10 50.94
N GLN G 292 8.46 -15.30 51.79
CA GLN G 292 8.18 -13.86 51.82
C GLN G 292 8.66 -13.17 50.53
N THR G 293 9.84 -13.56 50.04
CA THR G 293 10.37 -12.94 48.83
C THR G 293 9.48 -13.22 47.62
N ASN G 294 9.00 -14.45 47.47
CA ASN G 294 8.14 -14.83 46.36
C ASN G 294 6.78 -15.24 46.90
N PRO G 295 5.76 -14.38 46.84
CA PRO G 295 4.44 -14.77 47.34
C PRO G 295 3.81 -15.90 46.54
N ASN G 296 4.23 -16.12 45.29
CA ASN G 296 3.65 -17.18 44.48
C ASN G 296 4.06 -18.57 44.96
N ALA G 297 5.12 -18.67 45.74
CA ALA G 297 5.56 -19.96 46.27
C ALA G 297 4.51 -20.54 47.21
N LEU G 298 4.36 -21.87 47.16
CA LEU G 298 3.40 -22.58 47.99
C LEU G 298 4.09 -23.73 48.71
N ILE G 299 3.65 -23.99 49.94
CA ILE G 299 4.22 -25.04 50.77
C ILE G 299 3.05 -25.88 51.29
N TYR G 300 2.93 -27.10 50.79
CA TYR G 300 1.87 -28.01 51.21
C TYR G 300 2.40 -28.96 52.30
N GLY G 301 2.79 -28.36 53.42
CA GLY G 301 3.33 -29.12 54.53
C GLY G 301 2.38 -30.16 55.09
N LEU G 302 2.88 -31.38 55.29
CA LEU G 302 2.10 -32.48 55.84
C LEU G 302 2.82 -33.03 57.06
N GLN G 303 2.08 -33.20 58.15
CA GLN G 303 2.62 -33.71 59.39
C GLN G 303 1.88 -34.98 59.79
N TYR G 304 2.64 -36.04 60.09
CA TYR G 304 2.03 -37.29 60.51
C TYR G 304 1.49 -37.20 61.93
N ASP G 305 2.08 -36.36 62.77
CA ASP G 305 1.62 -36.19 64.14
C ASP G 305 0.51 -35.15 64.22
N VAL G 306 -0.04 -34.98 65.42
CA VAL G 306 -1.11 -34.00 65.62
C VAL G 306 -0.53 -32.59 65.54
N LEU G 307 -1.40 -31.62 65.25
CA LEU G 307 -0.95 -30.24 65.11
C LEU G 307 -0.45 -29.66 66.43
N GLU G 308 -1.00 -30.10 67.55
CA GLU G 308 -0.66 -29.50 68.84
C GLU G 308 0.81 -29.68 69.21
N ASN G 309 1.48 -30.69 68.66
CA ASN G 309 2.88 -30.94 69.01
C ASN G 309 3.86 -30.05 68.27
N TYR G 310 3.39 -29.26 67.29
CA TYR G 310 4.26 -28.41 66.48
C TYR G 310 3.79 -26.96 66.62
N GLN G 311 4.34 -26.26 67.62
CA GLN G 311 4.04 -24.83 67.77
C GLN G 311 4.78 -24.00 66.72
N GLU G 312 5.99 -24.39 66.37
CA GLU G 312 6.74 -23.68 65.33
C GLU G 312 6.02 -23.75 64.00
N ALA G 313 5.42 -24.89 63.68
CA ALA G 313 4.63 -25.01 62.46
C ALA G 313 3.44 -24.07 62.48
N LYS G 314 2.77 -23.95 63.64
CA LYS G 314 1.66 -23.01 63.76
C LYS G 314 2.12 -21.59 63.55
N ASP G 315 3.26 -21.22 64.14
CA ASP G 315 3.77 -19.85 64.00
C ASP G 315 4.12 -19.56 62.55
N MET G 316 4.78 -20.51 61.87
CA MET G 316 5.13 -20.33 60.47
C MET G 316 3.88 -20.20 59.60
N ALA G 317 2.87 -21.02 59.87
CA ALA G 317 1.63 -20.97 59.08
C ALA G 317 0.90 -19.65 59.30
N LEU G 318 0.87 -19.16 60.54
CA LEU G 318 0.21 -17.89 60.83
C LEU G 318 1.01 -16.69 60.35
N LYS G 319 2.31 -16.82 60.16
CA LYS G 319 3.14 -15.71 59.72
C LYS G 319 3.00 -15.40 58.25
N ARG G 320 2.76 -16.41 57.41
CA ARG G 320 2.66 -16.22 55.97
C ARG G 320 1.33 -16.75 55.47
N SER G 321 0.72 -16.01 54.55
CA SER G 321 -0.60 -16.34 54.04
C SER G 321 -0.56 -17.31 52.86
N ASN G 322 0.63 -17.64 52.36
CA ASN G 322 0.78 -18.55 51.22
C ASN G 322 1.44 -19.86 51.63
N LEU G 323 1.11 -20.35 52.83
CA LEU G 323 1.62 -21.61 53.35
C LEU G 323 0.43 -22.45 53.82
N ILE G 324 0.06 -23.44 53.02
CA ILE G 324 -1.10 -24.30 53.33
C ILE G 324 -0.58 -25.46 54.16
N LEU G 325 -0.63 -25.30 55.48
CA LEU G 325 -0.15 -26.34 56.39
C LEU G 325 -1.29 -27.31 56.72
N LEU G 326 -1.00 -28.60 56.67
CA LEU G 326 -1.96 -29.64 57.01
C LEU G 326 -1.37 -30.55 58.08
N ALA G 327 -2.25 -31.05 58.95
CA ALA G 327 -1.84 -31.93 60.04
C ALA G 327 -2.81 -33.10 60.13
N LYS G 328 -2.67 -33.90 61.19
CA LYS G 328 -3.54 -35.05 61.37
C LYS G 328 -4.94 -34.66 61.81
N ASP G 329 -5.06 -33.60 62.62
CA ASP G 329 -6.35 -33.18 63.16
C ASP G 329 -6.87 -31.91 62.51
N ARG G 330 -6.09 -30.84 62.53
CA ARG G 330 -6.50 -29.54 62.02
C ARG G 330 -5.58 -29.10 60.89
N ALA G 331 -5.85 -27.92 60.35
CA ALA G 331 -5.05 -27.37 59.26
C ALA G 331 -5.09 -25.86 59.33
N ILE G 332 -4.13 -25.22 58.65
CA ILE G 332 -4.06 -23.77 58.54
C ILE G 332 -3.90 -23.44 57.07
N ILE G 333 -4.94 -22.87 56.46
CA ILE G 333 -4.93 -22.53 55.04
C ILE G 333 -5.04 -21.01 54.96
N GLY G 334 -3.89 -20.34 54.85
CA GLY G 334 -3.88 -18.90 54.70
C GLY G 334 -4.13 -18.14 55.98
N LYS G 335 -3.27 -18.36 56.98
CA LYS G 335 -3.25 -17.66 58.27
C LYS G 335 -4.49 -17.90 59.11
N LYS G 336 -5.40 -18.78 58.70
CA LYS G 336 -6.58 -19.13 59.49
C LYS G 336 -6.56 -20.62 59.80
N GLU G 337 -6.91 -20.96 61.04
CA GLU G 337 -6.91 -22.33 61.51
C GLU G 337 -8.31 -22.92 61.43
N GLY G 338 -8.42 -24.09 60.81
CA GLY G 338 -9.68 -24.80 60.73
C GLY G 338 -9.52 -26.23 61.20
N GLU G 339 -10.64 -26.79 61.67
CA GLU G 339 -10.69 -28.14 62.17
C GLU G 339 -11.34 -29.06 61.13
N TRP G 340 -11.40 -30.35 61.46
CA TRP G 340 -12.00 -31.33 60.58
C TRP G 340 -13.51 -31.15 60.52
N LYS G 341 -14.06 -31.11 59.31
CA LYS G 341 -15.50 -31.00 59.15
C LYS G 341 -16.18 -32.29 59.60
N PRO G 342 -17.47 -32.21 59.95
CA PRO G 342 -18.17 -33.43 60.38
C PRO G 342 -18.38 -34.40 59.23
N ASP G 343 -17.64 -35.51 59.26
CA ASP G 343 -17.71 -36.52 58.21
C ASP G 343 -17.50 -37.88 58.86
N PRO G 344 -18.05 -38.95 58.27
CA PRO G 344 -17.86 -40.30 58.84
C PRO G 344 -16.46 -40.86 58.59
N GLN G 345 -15.46 -40.21 59.21
CA GLN G 345 -14.08 -40.66 59.06
C GLN G 345 -13.88 -42.04 59.68
N SER G 346 -14.47 -42.28 60.84
CA SER G 346 -14.40 -43.56 61.53
C SER G 346 -15.78 -44.20 61.53
N SER G 347 -15.87 -45.43 61.01
CA SER G 347 -17.15 -46.12 60.96
C SER G 347 -17.63 -46.50 62.36
N GLN G 348 -16.71 -46.89 63.23
CA GLN G 348 -17.09 -47.31 64.58
C GLN G 348 -17.62 -46.12 65.38
N ASP G 349 -18.72 -46.36 66.10
CA ASP G 349 -19.29 -45.30 66.93
C ASP G 349 -18.35 -44.92 68.07
N ASN G 350 -17.70 -45.90 68.68
CA ASN G 350 -16.81 -45.63 69.80
C ASN G 350 -15.57 -44.87 69.32
N ASP G 351 -15.21 -43.82 70.06
CA ASP G 351 -14.07 -42.96 69.75
C ASP G 351 -14.13 -42.44 68.33
N PRO G 352 -15.07 -41.55 68.01
CA PRO G 352 -15.18 -41.01 66.64
C PRO G 352 -14.16 -39.91 66.37
N LEU G 353 -12.88 -40.28 66.44
CA LEU G 353 -11.80 -39.33 66.22
C LEU G 353 -11.67 -39.01 64.74
N LEU G 354 -11.65 -37.73 64.41
CA LEU G 354 -11.48 -37.27 63.02
C LEU G 354 -9.99 -37.02 62.80
N PHE G 355 -9.29 -38.06 62.35
CA PHE G 355 -7.85 -37.99 62.11
C PHE G 355 -7.59 -38.19 60.62
N PHE G 356 -6.74 -37.32 60.06
CA PHE G 356 -6.37 -37.39 58.64
C PHE G 356 -5.28 -38.44 58.49
N LYS G 357 -5.70 -39.70 58.38
CA LYS G 357 -4.76 -40.81 58.24
C LYS G 357 -4.04 -40.80 56.89
N LEU G 358 -4.49 -40.00 55.93
CA LEU G 358 -3.85 -39.94 54.62
C LEU G 358 -2.50 -39.23 54.65
N GLY G 359 -2.14 -38.59 55.77
CA GLY G 359 -0.87 -37.92 55.88
C GLY G 359 0.32 -38.83 56.11
N ASP G 360 0.08 -40.13 56.32
CA ASP G 360 1.16 -41.07 56.52
C ASP G 360 1.94 -41.28 55.21
N PHE G 361 3.20 -41.67 55.35
CA PHE G 361 4.05 -41.87 54.18
C PHE G 361 3.50 -42.99 53.29
N GLN G 362 3.03 -44.07 53.89
CA GLN G 362 2.43 -45.15 53.11
C GLN G 362 1.19 -44.68 52.38
N HIS G 363 0.33 -43.94 53.08
CA HIS G 363 -0.88 -43.40 52.45
C HIS G 363 -0.53 -42.39 51.36
N LEU G 364 0.50 -41.57 51.60
CA LEU G 364 0.94 -40.62 50.58
C LEU G 364 1.45 -41.34 49.34
N ALA G 365 2.22 -42.41 49.54
CA ALA G 365 2.71 -43.19 48.40
C ALA G 365 1.56 -43.85 47.64
N SER G 366 0.57 -44.36 48.36
CA SER G 366 -0.60 -44.94 47.71
C SER G 366 -1.36 -43.89 46.90
N PHE G 367 -1.51 -42.69 47.46
CA PHE G 367 -2.18 -41.62 46.75
C PHE G 367 -1.42 -41.22 45.49
N LEU G 368 -0.09 -41.13 45.59
CA LEU G 368 0.72 -40.79 44.42
C LEU G 368 0.63 -41.88 43.36
N GLU G 369 0.62 -43.14 43.78
CA GLU G 369 0.47 -44.24 42.83
C GLU G 369 -0.89 -44.17 42.13
N GLU G 370 -1.95 -43.88 42.89
CA GLU G 370 -3.27 -43.75 42.28
C GLU G 370 -3.32 -42.59 41.30
N ILE G 371 -2.67 -41.48 41.64
CA ILE G 371 -2.63 -40.33 40.73
C ILE G 371 -1.88 -40.70 39.45
N SER G 372 -0.76 -41.42 39.58
CA SER G 372 0.02 -41.79 38.41
C SER G 372 -0.78 -42.67 37.46
N GLN G 373 -1.52 -43.63 37.99
CA GLN G 373 -2.33 -44.52 37.16
C GLN G 373 -3.67 -43.86 36.83
N ASP H 11 61.81 0.75 34.63
CA ASP H 11 60.58 0.02 34.90
C ASP H 11 59.50 0.94 35.45
N THR H 12 59.93 2.00 36.14
CA THR H 12 58.98 2.94 36.74
C THR H 12 58.17 3.66 35.67
N THR H 13 58.81 4.08 34.59
CA THR H 13 58.13 4.85 33.56
C THR H 13 57.03 4.04 32.88
N GLN H 14 57.33 2.79 32.52
CA GLN H 14 56.36 1.95 31.84
C GLN H 14 55.17 1.65 32.75
N GLN H 15 55.45 1.30 34.02
CA GLN H 15 54.37 1.02 34.95
C GLN H 15 53.50 2.25 35.18
N LEU H 16 54.13 3.42 35.34
CA LEU H 16 53.35 4.65 35.52
C LEU H 16 52.50 4.95 34.30
N SER H 17 53.05 4.76 33.10
CA SER H 17 52.30 5.03 31.88
C SER H 17 51.10 4.09 31.75
N LEU H 18 51.31 2.80 32.01
CA LEU H 18 50.21 1.86 31.88
C LEU H 18 49.14 2.11 32.95
N LEU H 19 49.56 2.44 34.17
CA LEU H 19 48.60 2.76 35.22
C LEU H 19 47.79 4.00 34.86
N LYS H 20 48.45 5.03 34.31
CA LYS H 20 47.75 6.23 33.90
C LYS H 20 46.75 5.91 32.78
N HIS H 21 47.15 5.09 31.82
CA HIS H 21 46.26 4.73 30.72
C HIS H 21 45.05 3.94 31.21
N VAL H 22 45.25 2.99 32.11
CA VAL H 22 44.12 2.18 32.57
C VAL H 22 43.21 2.98 33.49
N LEU H 23 43.77 3.90 34.28
CA LEU H 23 42.94 4.70 35.17
C LEU H 23 42.19 5.80 34.43
N SER H 24 42.76 6.33 33.35
CA SER H 24 42.11 7.40 32.60
C SER H 24 40.84 6.90 31.92
N GLU H 25 40.84 5.66 31.43
CA GLU H 25 39.67 5.12 30.76
C GLU H 25 38.53 4.92 31.74
N ASP H 26 37.33 5.31 31.33
CA ASP H 26 36.12 5.18 32.14
C ASP H 26 35.25 4.01 31.72
N LYS H 27 35.76 3.12 30.88
CA LYS H 27 35.00 1.99 30.37
C LYS H 27 35.17 0.73 31.20
N ARG H 28 35.91 0.80 32.31
CA ARG H 28 36.12 -0.37 33.16
C ARG H 28 35.81 -0.01 34.61
N PRO H 29 35.22 -0.94 35.36
CA PRO H 29 34.97 -0.69 36.78
C PRO H 29 36.26 -0.55 37.57
N ILE H 30 36.20 0.27 38.62
CA ILE H 30 37.35 0.50 39.48
C ILE H 30 36.95 0.20 40.93
N ALA H 31 37.87 -0.43 41.66
CA ALA H 31 37.64 -0.72 43.07
C ALA H 31 38.97 -0.65 43.81
N PHE H 32 38.87 -0.50 45.13
CA PHE H 32 40.06 -0.40 45.98
C PHE H 32 39.86 -1.23 47.24
N ILE H 33 40.99 -1.67 47.80
CA ILE H 33 41.02 -2.38 49.07
C ILE H 33 41.82 -1.54 50.06
N ILE H 34 41.23 -1.26 51.21
CA ILE H 34 41.82 -0.36 52.19
C ILE H 34 42.16 -1.17 53.44
N ALA H 35 43.42 -1.11 53.85
CA ALA H 35 43.92 -1.75 55.05
C ALA H 35 44.49 -0.68 55.99
N ALA H 36 45.12 -1.14 57.08
CA ALA H 36 45.68 -0.22 58.06
C ALA H 36 46.81 0.64 57.51
N GLY H 37 47.36 0.26 56.35
CA GLY H 37 48.42 1.06 55.75
C GLY H 37 47.96 2.47 55.41
N CYS H 38 46.73 2.62 54.94
CA CYS H 38 46.22 3.95 54.62
C CYS H 38 46.11 4.84 55.85
N PRO H 39 45.47 4.44 56.96
CA PRO H 39 45.49 5.31 58.15
C PRO H 39 46.87 5.47 58.76
N VAL H 40 47.74 4.47 58.69
CA VAL H 40 49.06 4.63 59.29
C VAL H 40 49.94 5.59 58.50
N SER H 41 49.60 5.86 57.24
CA SER H 41 50.40 6.79 56.44
C SER H 41 50.18 8.25 56.82
N ILE H 42 49.14 8.56 57.57
CA ILE H 42 48.87 9.93 58.00
C ILE H 42 49.76 10.26 59.19
N ARG H 43 50.54 11.34 59.07
CA ARG H 43 51.45 11.75 60.12
C ARG H 43 50.79 12.80 61.00
N HIS H 44 50.81 12.58 62.31
CA HIS H 44 50.22 13.51 63.26
C HIS H 44 51.11 13.55 64.50
N ASN H 45 51.67 14.73 64.78
CA ASN H 45 52.59 14.91 65.90
C ASN H 45 53.78 13.96 65.82
N ASP H 46 54.25 13.70 64.60
CA ASP H 46 55.36 12.76 64.35
C ASP H 46 55.06 11.38 64.91
N ALA H 47 53.79 11.01 64.91
CA ALA H 47 53.33 9.71 65.38
C ALA H 47 52.24 9.21 64.45
N PRO H 48 52.13 7.89 64.28
CA PRO H 48 51.07 7.36 63.41
C PRO H 48 49.69 7.68 63.95
N LEU H 49 48.77 7.98 63.03
CA LEU H 49 47.38 8.21 63.43
C LEU H 49 46.76 6.96 64.03
N ILE H 50 47.01 5.81 63.40
CA ILE H 50 46.57 4.52 63.93
C ILE H 50 47.77 3.58 63.97
N PRO H 51 48.08 2.97 65.11
CA PRO H 51 49.29 2.14 65.20
C PRO H 51 49.10 0.75 64.57
N ASP H 52 48.01 0.56 63.83
CA ASP H 52 47.73 -0.68 63.12
C ASP H 52 47.55 -1.85 64.07
N VAL H 53 47.49 -3.07 63.52
CA VAL H 53 47.21 -4.25 64.32
C VAL H 53 48.32 -4.50 65.33
N ALA H 54 49.59 -4.37 64.90
CA ALA H 54 50.69 -4.60 65.81
C ALA H 54 50.69 -3.59 66.95
N GLY H 55 50.46 -2.31 66.63
CA GLY H 55 50.40 -1.30 67.68
C GLY H 55 49.25 -1.52 68.63
N LEU H 56 48.09 -1.92 68.10
CA LEU H 56 46.96 -2.23 68.96
C LEU H 56 47.23 -3.43 69.86
N THR H 57 47.91 -4.47 69.36
CA THR H 57 48.29 -5.59 70.20
C THR H 57 49.27 -5.18 71.29
N ARG H 58 50.27 -4.37 70.94
CA ARG H 58 51.22 -3.91 71.95
C ARG H 58 50.54 -3.06 73.01
N LYS H 59 49.64 -2.16 72.61
CA LYS H 59 48.94 -1.33 73.59
C LYS H 59 47.98 -2.16 74.43
N ILE H 60 47.33 -3.16 73.83
CA ILE H 60 46.47 -4.06 74.60
C ILE H 60 47.28 -4.81 75.65
N SER H 61 48.44 -5.33 75.25
CA SER H 61 49.29 -6.06 76.19
C SER H 61 49.79 -5.15 77.29
N ASP H 62 50.19 -3.91 76.95
CA ASP H 62 50.69 -3.00 77.97
C ASP H 62 49.59 -2.47 78.87
N SER H 63 48.33 -2.50 78.42
CA SER H 63 47.24 -1.98 79.23
C SER H 63 47.08 -2.78 80.52
N PHE H 64 47.17 -4.10 80.42
CA PHE H 64 47.02 -4.97 81.59
C PHE H 64 48.35 -5.26 82.28
N GLY H 65 49.46 -4.74 81.77
CA GLY H 65 50.75 -4.93 82.40
C GLY H 65 51.37 -6.28 82.09
N GLY H 66 52.55 -6.48 82.66
CA GLY H 66 53.30 -7.71 82.51
C GLY H 66 53.05 -8.77 83.55
N ASN H 67 52.04 -8.59 84.40
CA ASN H 67 51.78 -9.56 85.46
C ASN H 67 51.26 -10.86 84.85
N PRO H 68 51.89 -12.00 85.11
CA PRO H 68 51.40 -13.27 84.56
C PRO H 68 50.08 -13.73 85.14
N ASP H 69 49.65 -13.17 86.28
CA ASP H 69 48.40 -13.60 86.90
C ASP H 69 47.18 -13.24 86.06
N SER H 70 47.29 -12.23 85.19
CA SER H 70 46.18 -11.84 84.35
C SER H 70 45.90 -12.92 83.30
N LEU H 71 44.61 -13.15 83.04
CA LEU H 71 44.22 -14.16 82.07
C LEU H 71 44.62 -13.77 80.66
N LEU H 72 44.71 -12.47 80.37
CA LEU H 72 45.06 -12.02 79.02
C LEU H 72 46.46 -12.49 78.63
N MET H 73 47.43 -12.36 79.56
CA MET H 73 48.77 -12.83 79.27
C MET H 73 48.81 -14.35 79.12
N LYS H 74 48.01 -15.07 79.91
CA LYS H 74 47.94 -16.52 79.77
C LYS H 74 47.42 -16.91 78.39
N ILE H 75 46.39 -16.22 77.92
CA ILE H 75 45.87 -16.49 76.58
C ILE H 75 46.90 -16.14 75.52
N ILE H 76 47.63 -15.04 75.72
CA ILE H 76 48.65 -14.63 74.75
C ILE H 76 49.74 -15.69 74.65
N GLN H 77 50.22 -16.19 75.79
CA GLN H 77 51.27 -17.20 75.74
C GLN H 77 50.74 -18.54 75.22
N ASN H 78 49.47 -18.87 75.50
CA ASN H 78 48.88 -20.07 74.94
C ASN H 78 48.81 -19.99 73.42
N LEU H 79 48.46 -18.81 72.89
CA LEU H 79 48.49 -18.62 71.44
C LEU H 79 49.92 -18.65 70.91
N LYS H 80 50.87 -18.11 71.68
CA LYS H 80 52.28 -18.16 71.27
C LYS H 80 52.75 -19.59 71.10
N THR H 81 52.26 -20.50 71.94
CA THR H 81 52.64 -21.91 71.82
C THR H 81 52.19 -22.48 70.48
N THR H 82 51.03 -22.06 69.99
CA THR H 82 50.50 -22.53 68.71
C THR H 82 50.81 -21.58 67.56
N ILE H 83 50.37 -20.33 67.67
CA ILE H 83 50.57 -19.32 66.63
C ILE H 83 51.88 -18.60 66.93
N PRO H 84 52.86 -18.60 66.02
CA PRO H 84 54.12 -17.89 66.31
C PRO H 84 53.95 -16.40 66.57
N ASN H 85 53.01 -15.76 65.89
CA ASN H 85 52.74 -14.33 66.04
C ASN H 85 51.24 -14.13 66.24
N PRO H 86 50.79 -14.02 67.49
CA PRO H 86 49.36 -13.84 67.74
C PRO H 86 48.87 -12.51 67.21
N THR H 87 47.59 -12.50 66.81
CA THR H 87 46.94 -11.33 66.27
C THR H 87 45.73 -10.98 67.13
N ILE H 88 45.44 -9.67 67.25
CA ILE H 88 44.30 -9.25 68.02
C ILE H 88 43.01 -9.80 67.44
N GLU H 89 42.94 -9.94 66.11
CA GLU H 89 41.80 -10.61 65.50
C GLU H 89 41.69 -12.05 65.97
N ASP H 90 42.83 -12.75 66.01
CA ASP H 90 42.85 -14.12 66.51
C ASP H 90 42.48 -14.17 67.99
N ILE H 91 42.94 -13.19 68.76
CA ILE H 91 42.61 -13.16 70.19
C ILE H 91 41.11 -12.99 70.37
N LEU H 92 40.50 -12.08 69.61
CA LEU H 92 39.05 -11.89 69.69
C LEU H 92 38.30 -13.14 69.25
N SER H 93 38.76 -13.79 68.19
CA SER H 93 38.14 -15.02 67.74
C SER H 93 38.20 -16.11 68.81
N TYR H 94 39.36 -16.25 69.45
CA TYR H 94 39.52 -17.25 70.51
C TYR H 94 38.63 -16.93 71.70
N ILE H 95 38.54 -15.64 72.08
CA ILE H 95 37.70 -15.25 73.19
C ILE H 95 36.23 -15.54 72.90
N ARG H 96 35.79 -15.21 71.68
CA ARG H 96 34.40 -15.50 71.31
C ARG H 96 34.14 -17.00 71.25
N LEU H 97 35.13 -17.77 70.79
CA LEU H 97 34.99 -19.22 70.77
C LEU H 97 34.84 -19.78 72.18
N LEU H 98 35.64 -19.26 73.12
CA LEU H 98 35.50 -19.67 74.52
C LEU H 98 34.13 -19.27 75.07
N GLN H 99 33.67 -18.07 74.73
CA GLN H 99 32.38 -17.59 75.21
C GLN H 99 31.21 -18.39 74.64
N GLN H 100 31.36 -18.95 73.45
CA GLN H 100 30.26 -19.68 72.82
C GLN H 100 29.86 -20.92 73.59
N ILE H 101 30.71 -21.41 74.48
CA ILE H 101 30.41 -22.61 75.27
C ILE H 101 30.65 -22.30 76.75
N PRO H 102 30.00 -22.99 77.67
CA PRO H 102 30.27 -22.74 79.10
C PRO H 102 31.66 -23.22 79.52
N MET H 103 32.68 -22.48 79.10
CA MET H 103 34.07 -22.84 79.38
C MET H 103 34.46 -22.25 80.74
N SER H 104 34.13 -23.00 81.79
CA SER H 104 34.46 -22.63 83.15
C SER H 104 35.65 -23.42 83.71
N GLY H 105 36.41 -24.08 82.85
CA GLY H 105 37.48 -24.95 83.26
C GLY H 105 38.80 -24.23 83.46
N LYS H 106 39.88 -25.02 83.42
CA LYS H 106 41.22 -24.47 83.62
C LYS H 106 41.59 -23.45 82.56
N ILE H 107 41.00 -23.57 81.36
CA ILE H 107 41.26 -22.59 80.30
C ILE H 107 40.81 -21.20 80.77
N HIS H 108 39.68 -21.13 81.47
CA HIS H 108 39.19 -19.89 82.05
C HIS H 108 39.18 -19.95 83.58
N ASP H 109 40.17 -20.62 84.17
CA ASP H 109 40.22 -20.72 85.63
C ASP H 109 40.42 -19.36 86.29
N VAL H 110 41.27 -18.52 85.71
CA VAL H 110 41.51 -17.19 86.28
C VAL H 110 40.24 -16.36 86.25
N GLU H 111 39.51 -16.42 85.14
CA GLU H 111 38.27 -15.67 84.96
C GLU H 111 37.14 -16.65 84.69
N ASN H 112 36.47 -17.11 85.75
CA ASN H 112 35.35 -18.02 85.59
C ASN H 112 34.21 -17.36 84.83
N SER H 113 33.93 -16.09 85.11
CA SER H 113 32.93 -15.34 84.38
C SER H 113 33.42 -13.94 84.00
N VAL H 114 34.68 -13.60 84.27
CA VAL H 114 35.21 -12.29 83.94
C VAL H 114 35.75 -12.22 82.52
N ILE H 115 35.63 -13.30 81.74
CA ILE H 115 36.03 -13.25 80.34
C ILE H 115 35.15 -12.27 79.58
N ASN H 116 33.86 -12.23 79.92
CA ASN H 116 32.98 -11.25 79.31
C ASN H 116 33.42 -9.82 79.63
N ALA H 117 33.80 -9.57 80.88
CA ALA H 117 34.30 -8.25 81.25
C ALA H 117 35.58 -7.92 80.50
N LEU H 118 36.47 -8.90 80.35
CA LEU H 118 37.73 -8.67 79.65
C LEU H 118 37.48 -8.33 78.18
N GLU H 119 36.59 -9.07 77.52
CA GLU H 119 36.32 -8.77 76.12
C GLU H 119 35.57 -7.45 75.95
N GLU H 120 34.69 -7.11 76.89
CA GLU H 120 34.04 -5.80 76.84
C GLU H 120 35.06 -4.68 77.01
N SER H 121 36.02 -4.86 77.91
CA SER H 121 37.06 -3.86 78.09
C SER H 121 37.91 -3.72 76.83
N ILE H 122 38.23 -4.85 76.18
CA ILE H 122 39.00 -4.81 74.95
C ILE H 122 38.23 -4.06 73.86
N CYS H 123 36.93 -4.35 73.74
CA CYS H 123 36.11 -3.67 72.74
C CYS H 123 36.03 -2.17 73.03
N GLU H 124 35.87 -1.80 74.30
CA GLU H 124 35.82 -0.38 74.65
C GLU H 124 37.13 0.31 74.33
N LEU H 125 38.26 -0.34 74.62
CA LEU H 125 39.56 0.23 74.31
C LEU H 125 39.73 0.41 72.80
N ILE H 126 39.30 -0.58 72.02
CA ILE H 126 39.37 -0.47 70.57
C ILE H 126 38.54 0.71 70.09
N GLU H 127 37.31 0.82 70.58
CA GLU H 127 36.42 1.92 70.16
C GLU H 127 37.02 3.26 70.51
N GLU H 128 37.59 3.39 71.72
CA GLU H 128 38.18 4.65 72.13
C GLU H 128 39.40 5.00 71.27
N GLU H 129 40.23 4.01 70.96
CA GLU H 129 41.47 4.29 70.24
C GLU H 129 41.23 4.57 68.76
N VAL H 130 40.18 4.00 68.16
CA VAL H 130 39.93 4.16 66.74
C VAL H 130 38.92 5.28 66.47
N ASN H 131 38.49 6.00 67.50
CA ASN H 131 37.48 7.06 67.34
C ASN H 131 38.21 8.39 67.19
N VAL H 132 38.64 8.68 65.97
CA VAL H 132 39.29 9.94 65.65
C VAL H 132 38.66 10.53 64.39
N ASP H 133 39.18 11.68 63.96
CA ASP H 133 38.67 12.36 62.77
C ASP H 133 39.84 12.86 61.94
N LEU H 134 39.59 13.06 60.66
CA LEU H 134 40.62 13.54 59.74
C LEU H 134 40.97 14.99 60.05
N PRO H 135 42.22 15.31 60.36
CA PRO H 135 42.58 16.71 60.60
C PRO H 135 42.85 17.47 59.31
N GLY H 136 42.09 18.53 59.07
CA GLY H 136 42.27 19.32 57.87
C GLY H 136 41.78 18.63 56.61
N ASN H 137 42.13 19.24 55.48
CA ASN H 137 41.76 18.73 54.16
C ASN H 137 42.95 18.27 53.35
N ALA H 138 44.11 18.10 53.97
CA ALA H 138 45.32 17.68 53.27
C ALA H 138 45.55 16.18 53.33
N THR H 139 44.60 15.43 53.90
CA THR H 139 44.75 13.99 54.01
C THR H 139 44.65 13.35 52.63
N PRO H 140 45.32 12.21 52.41
CA PRO H 140 45.19 11.53 51.11
C PRO H 140 43.77 11.11 50.77
N TYR H 141 42.93 10.89 51.78
CA TYR H 141 41.54 10.54 51.52
C TYR H 141 40.81 11.65 50.78
N HIS H 142 41.10 12.91 51.13
CA HIS H 142 40.52 14.03 50.41
C HIS H 142 40.95 14.04 48.95
N LYS H 143 42.23 13.75 48.69
CA LYS H 143 42.70 13.67 47.31
C LYS H 143 42.02 12.55 46.55
N ILE H 144 41.81 11.41 47.21
CA ILE H 144 41.13 10.29 46.57
C ILE H 144 39.69 10.68 46.22
N ALA H 145 39.00 11.33 47.16
CA ALA H 145 37.63 11.77 46.90
C ALA H 145 37.58 12.78 45.78
N ALA H 146 38.55 13.71 45.74
CA ALA H 146 38.60 14.68 44.66
C ALA H 146 38.80 14.01 43.32
N TRP H 147 39.69 13.01 43.26
CA TRP H 147 39.87 12.27 42.02
C TRP H 147 38.59 11.54 41.62
N ILE H 148 37.90 10.97 42.60
CA ILE H 148 36.68 10.21 42.31
C ILE H 148 35.60 11.11 41.73
N ASN H 149 35.39 12.27 42.35
CA ASN H 149 34.30 13.15 41.92
C ASN H 149 34.72 14.13 40.83
N SER H 150 35.99 14.14 40.43
CA SER H 150 36.45 15.07 39.42
C SER H 150 35.84 14.77 38.05
N ILE H 151 35.77 13.49 37.68
CA ILE H 151 35.28 13.08 36.38
C ILE H 151 34.11 12.14 36.58
N ASN H 152 32.99 12.43 35.91
CA ASN H 152 31.84 11.53 35.95
C ASN H 152 32.15 10.28 35.12
N ARG H 153 31.83 9.12 35.69
CA ARG H 153 32.16 7.85 35.06
C ARG H 153 30.89 7.02 34.87
N GLU H 154 30.81 6.33 33.74
CA GLU H 154 29.66 5.48 33.46
C GLU H 154 29.62 4.26 34.37
N HIS H 155 30.75 3.85 34.93
CA HIS H 155 30.82 2.74 35.86
C HIS H 155 31.06 3.26 37.27
N GLN H 156 30.26 2.80 38.21
CA GLN H 156 30.39 3.25 39.59
C GLN H 156 31.71 2.78 40.20
N VAL H 157 32.25 3.59 41.09
CA VAL H 157 33.51 3.30 41.76
C VAL H 157 33.18 2.82 43.17
N GLU H 158 33.60 1.59 43.49
CA GLU H 158 33.39 1.02 44.81
C GLU H 158 34.69 1.00 45.59
N ILE H 159 34.56 1.00 46.91
CA ILE H 159 35.70 0.99 47.81
C ILE H 159 35.48 -0.10 48.86
N PHE H 160 36.47 -0.95 49.07
CA PHE H 160 36.42 -1.99 50.08
C PHE H 160 37.44 -1.70 51.16
N THR H 161 37.02 -1.78 52.42
CA THR H 161 37.89 -1.53 53.56
C THR H 161 37.66 -2.57 54.63
N THR H 162 38.74 -2.99 55.28
CA THR H 162 38.66 -3.91 56.41
C THR H 162 38.91 -3.22 57.74
N ASN H 163 39.02 -1.90 57.74
CA ASN H 163 39.29 -1.14 58.95
C ASN H 163 37.98 -0.78 59.65
N TYR H 164 38.10 -0.22 60.86
CA TYR H 164 36.94 0.19 61.63
C TYR H 164 36.71 1.69 61.64
N ASP H 165 37.73 2.49 61.30
CA ASP H 165 37.59 3.94 61.33
C ASP H 165 36.72 4.42 60.16
N LEU H 166 36.12 5.59 60.35
CA LEU H 166 35.22 6.18 59.37
C LEU H 166 35.88 7.31 58.58
N LEU H 167 37.19 7.20 58.35
CA LEU H 167 37.90 8.26 57.63
C LEU H 167 37.39 8.41 56.20
N MET H 168 37.16 7.29 55.52
CA MET H 168 36.70 7.35 54.14
C MET H 168 35.32 7.98 54.05
N GLU H 169 34.42 7.64 54.98
CA GLU H 169 33.08 8.21 54.98
C GLU H 169 33.13 9.73 55.18
N GLN H 170 33.94 10.19 56.12
CA GLN H 170 34.08 11.62 56.36
C GLN H 170 34.66 12.32 55.14
N ALA H 171 35.69 11.73 54.53
CA ALA H 171 36.29 12.35 53.36
C ALA H 171 35.30 12.44 52.20
N LEU H 172 34.51 11.38 51.98
CA LEU H 172 33.53 11.41 50.91
C LEU H 172 32.42 12.41 51.18
N GLU H 173 31.93 12.49 52.41
CA GLU H 173 30.83 13.40 52.71
C GLU H 173 31.26 14.85 52.73
N GLU H 174 32.53 15.11 53.09
CA GLU H 174 33.02 16.49 53.09
C GLU H 174 33.07 17.06 51.67
N LEU H 175 33.51 16.25 50.71
CA LEU H 175 33.64 16.70 49.32
C LEU H 175 32.38 16.47 48.50
N ASN H 176 31.24 16.24 49.16
CA ASN H 176 29.95 16.06 48.49
C ASN H 176 30.01 14.89 47.50
N VAL H 177 30.28 13.71 48.04
CA VAL H 177 30.34 12.47 47.26
C VAL H 177 29.26 11.53 47.77
N PRO H 178 28.15 11.38 47.06
CA PRO H 178 27.12 10.43 47.49
C PRO H 178 27.62 9.00 47.40
N TYR H 179 27.16 8.17 48.33
CA TYR H 179 27.59 6.78 48.38
C TYR H 179 26.52 5.95 49.09
N PHE H 180 26.59 4.64 48.86
CA PHE H 180 25.66 3.69 49.46
C PHE H 180 26.46 2.61 50.18
N ASP H 181 26.18 2.43 51.46
CA ASP H 181 26.92 1.49 52.30
C ASP H 181 26.09 0.27 52.69
N GLY H 182 24.89 0.13 52.13
CA GLY H 182 24.05 -1.00 52.45
C GLY H 182 22.97 -0.70 53.47
N PHE H 183 23.14 0.38 54.24
CA PHE H 183 22.17 0.76 55.25
C PHE H 183 21.31 1.91 54.76
N VAL H 184 20.00 1.80 54.99
CA VAL H 184 19.03 2.81 54.57
C VAL H 184 18.22 3.20 55.79
N GLY H 185 18.12 4.49 56.05
CA GLY H 185 17.35 4.98 57.18
C GLY H 185 17.95 6.25 57.72
N SER H 186 17.23 6.84 58.67
CA SER H 186 17.65 8.09 59.30
C SER H 186 17.90 7.94 60.78
N LYS H 187 16.93 7.43 61.55
CA LYS H 187 17.11 7.26 62.98
C LYS H 187 17.93 6.01 63.28
N ARG H 188 17.43 4.85 62.85
CA ARG H 188 18.11 3.57 63.01
C ARG H 188 18.07 2.87 61.65
N ALA H 189 19.07 3.15 60.82
CA ALA H 189 19.11 2.57 59.48
C ALA H 189 19.24 1.06 59.56
N PHE H 190 18.30 0.35 58.92
CA PHE H 190 18.35 -1.10 58.91
C PHE H 190 19.11 -1.60 57.69
N PHE H 191 19.44 -2.89 57.73
CA PHE H 191 20.21 -3.52 56.65
C PHE H 191 19.23 -4.06 55.61
N ASP H 192 18.94 -3.26 54.59
CA ASP H 192 18.08 -3.70 53.51
C ASP H 192 18.85 -4.66 52.60
N ILE H 193 18.19 -5.76 52.24
CA ILE H 193 18.83 -6.83 51.48
C ILE H 193 18.47 -6.78 50.00
N ARG H 194 17.19 -6.49 49.70
CA ARG H 194 16.72 -6.58 48.32
C ARG H 194 17.46 -5.61 47.41
N THR H 195 17.63 -4.36 47.85
CA THR H 195 18.27 -3.36 47.01
C THR H 195 19.72 -3.70 46.71
N ILE H 196 20.37 -4.47 47.58
CA ILE H 196 21.76 -4.85 47.36
C ILE H 196 21.87 -5.71 46.10
N GLU H 197 20.99 -6.69 45.95
CA GLU H 197 21.01 -7.55 44.76
C GLU H 197 20.23 -6.96 43.60
N GLU H 198 19.42 -5.92 43.83
CA GLU H 198 18.76 -5.26 42.70
C GLU H 198 19.77 -4.64 41.75
N ASN H 199 20.79 -3.97 42.30
CA ASN H 199 21.86 -3.36 41.52
C ASN H 199 21.29 -2.41 40.46
N LYS H 200 20.38 -1.54 40.88
CA LYS H 200 19.77 -0.55 40.02
C LYS H 200 19.90 0.84 40.60
N LEU H 201 20.99 1.07 41.34
CA LEU H 201 21.27 2.39 41.88
C LEU H 201 21.69 3.35 40.76
N PRO H 202 21.54 4.65 40.96
CA PRO H 202 21.99 5.61 39.95
C PRO H 202 23.47 5.48 39.67
N SER H 203 23.85 5.67 38.41
CA SER H 203 25.22 5.44 37.98
C SER H 203 26.21 6.42 38.60
N ARG H 204 25.75 7.58 39.07
CA ARG H 204 26.66 8.54 39.68
C ARG H 204 26.97 8.22 41.13
N TRP H 205 26.21 7.32 41.75
CA TRP H 205 26.43 6.95 43.14
C TRP H 205 27.64 6.02 43.26
N SER H 206 28.34 6.13 44.39
CA SER H 206 29.44 5.24 44.71
C SER H 206 28.99 4.22 45.76
N LYS H 207 29.89 3.29 46.09
CA LYS H 207 29.59 2.24 47.05
C LYS H 207 30.78 2.03 47.96
N LEU H 208 30.52 1.88 49.26
CA LEU H 208 31.54 1.60 50.26
C LEU H 208 31.08 0.41 51.08
N TRP H 209 31.81 -0.70 50.98
CA TRP H 209 31.46 -1.94 51.66
C TRP H 209 32.41 -2.18 52.83
N LYS H 210 31.85 -2.49 53.99
CA LYS H 210 32.61 -2.72 55.21
C LYS H 210 32.78 -4.23 55.38
N LEU H 211 33.95 -4.73 54.98
CA LEU H 211 34.21 -6.17 55.05
C LEU H 211 34.26 -6.65 56.50
N HIS H 212 34.91 -5.89 57.38
CA HIS H 212 35.09 -6.28 58.77
C HIS H 212 34.15 -5.54 59.72
N GLY H 213 33.12 -4.87 59.21
CA GLY H 213 32.21 -4.15 60.05
C GLY H 213 32.65 -2.72 60.33
N SER H 214 31.96 -2.10 61.27
CA SER H 214 32.22 -0.72 61.64
C SER H 214 31.92 -0.54 63.13
N ILE H 215 32.44 0.55 63.69
CA ILE H 215 32.25 0.84 65.10
C ILE H 215 30.86 1.36 65.41
N ASN H 216 30.16 1.91 64.41
CA ASN H 216 28.82 2.46 64.62
C ASN H 216 27.71 1.43 64.43
N TRP H 217 28.04 0.22 63.97
CA TRP H 217 27.04 -0.84 63.86
C TRP H 217 26.69 -1.36 65.25
N GLN H 218 25.40 -1.65 65.45
CA GLN H 218 24.93 -2.19 66.72
C GLN H 218 23.92 -3.30 66.44
N LEU H 219 23.73 -4.15 67.45
CA LEU H 219 22.81 -5.28 67.34
C LEU H 219 21.84 -5.25 68.51
N ASP H 220 20.57 -5.48 68.23
CA ASP H 220 19.53 -5.57 69.24
C ASP H 220 19.13 -7.04 69.39
N LYS H 221 19.24 -7.56 70.62
CA LYS H 221 18.92 -8.96 70.87
C LYS H 221 17.42 -9.18 71.04
N GLN H 222 16.64 -8.11 71.24
CA GLN H 222 15.19 -8.28 71.32
C GLN H 222 14.63 -8.83 70.03
N THR H 223 15.08 -8.31 68.89
CA THR H 223 14.75 -8.85 67.58
C THR H 223 15.94 -9.49 66.90
N GLN H 224 17.12 -9.46 67.53
CA GLN H 224 18.35 -10.01 66.95
C GLN H 224 18.62 -9.40 65.57
N THR H 225 18.51 -8.08 65.50
CA THR H 225 18.64 -7.36 64.23
C THR H 225 19.78 -6.34 64.35
N ILE H 226 20.47 -6.14 63.24
CA ILE H 226 21.58 -5.20 63.19
C ILE H 226 21.11 -3.89 62.59
N TRP H 227 21.79 -2.81 62.97
CA TRP H 227 21.45 -1.49 62.43
C TRP H 227 22.64 -0.56 62.60
N ARG H 228 22.77 0.38 61.67
CA ARG H 228 23.85 1.35 61.68
C ARG H 228 23.41 2.60 62.43
N GLY H 229 24.15 2.97 63.47
CA GLY H 229 23.82 4.14 64.25
C GLY H 229 25.02 5.01 64.55
N THR H 230 25.23 5.31 65.82
CA THR H 230 26.35 6.12 66.28
C THR H 230 27.12 5.39 67.37
N PRO H 231 28.42 5.69 67.53
CA PRO H 231 29.22 4.97 68.54
C PRO H 231 28.65 5.11 69.95
N SER H 232 28.19 4.00 70.50
CA SER H 232 27.66 3.93 71.85
C SER H 232 28.63 3.12 72.72
N LYS H 233 28.24 2.92 73.99
CA LYS H 233 29.09 2.23 74.94
C LYS H 233 29.09 0.73 74.63
N GLY H 234 29.91 0.33 73.66
CA GLY H 234 29.99 -1.07 73.28
C GLY H 234 29.22 -1.41 72.03
N CYS H 235 29.94 -1.67 70.93
CA CYS H 235 29.32 -2.05 69.67
C CYS H 235 29.39 -3.56 69.53
N SER H 236 28.30 -4.15 69.04
CA SER H 236 28.18 -5.60 68.91
C SER H 236 28.69 -6.13 67.58
N LEU H 237 29.14 -5.25 66.68
CA LEU H 237 29.63 -5.70 65.38
C LEU H 237 31.09 -5.34 65.19
N ILE H 238 31.88 -5.47 66.27
CA ILE H 238 33.32 -5.25 66.20
C ILE H 238 34.07 -6.49 65.73
N HIS H 239 33.36 -7.56 65.41
CA HIS H 239 34.01 -8.83 65.10
C HIS H 239 34.79 -8.73 63.80
N PRO H 240 36.05 -9.19 63.77
CA PRO H 240 36.79 -9.32 62.50
C PRO H 240 36.35 -10.54 61.70
N SER H 241 35.11 -10.49 61.20
CA SER H 241 34.53 -11.57 60.41
C SER H 241 34.46 -12.88 61.20
N HIS H 242 33.91 -12.79 62.42
CA HIS H 242 33.71 -13.97 63.27
C HIS H 242 32.45 -13.73 64.10
N LEU H 243 31.33 -14.25 63.62
CA LEU H 243 30.04 -14.03 64.26
C LEU H 243 29.17 -15.27 64.01
N LYS H 244 27.86 -15.11 64.22
CA LYS H 244 26.93 -16.21 64.01
C LYS H 244 26.65 -16.38 62.51
N TYR H 245 25.67 -17.22 62.20
CA TYR H 245 25.30 -17.49 60.82
C TYR H 245 24.51 -16.30 60.25
N ASP H 246 24.11 -16.43 59.00
CA ASP H 246 23.37 -15.37 58.32
C ASP H 246 21.94 -15.27 58.87
N LYS H 250 21.66 -12.50 60.94
CA LYS H 250 22.16 -11.35 61.68
C LYS H 250 23.64 -11.13 61.40
N MET H 251 24.07 -11.48 60.19
CA MET H 251 25.46 -11.32 59.79
C MET H 251 25.54 -10.90 58.33
N PRO H 252 25.96 -9.67 58.04
CA PRO H 252 26.06 -9.20 56.65
C PRO H 252 27.38 -9.50 55.97
N TYR H 253 28.30 -10.24 56.62
CA TYR H 253 29.59 -10.52 56.02
C TYR H 253 29.44 -11.36 54.75
N LEU H 254 28.53 -12.33 54.78
CA LEU H 254 28.30 -13.16 53.59
C LEU H 254 27.80 -12.32 52.42
N VAL H 255 26.93 -11.35 52.70
CA VAL H 255 26.43 -10.47 51.63
C VAL H 255 27.57 -9.66 51.04
N MET H 256 28.46 -9.12 51.89
CA MET H 256 29.59 -8.36 51.39
C MET H 256 30.51 -9.21 50.54
N MET H 257 30.79 -10.44 50.99
CA MET H 257 31.64 -11.33 50.20
C MET H 257 30.99 -11.69 48.88
N ASP H 258 29.68 -11.91 48.89
CA ASP H 258 28.97 -12.21 47.64
C ASP H 258 29.04 -11.02 46.68
N GLN H 259 28.87 -9.81 47.19
CA GLN H 259 28.97 -8.63 46.34
C GLN H 259 30.38 -8.48 45.78
N LEU H 260 31.40 -8.73 46.59
CA LEU H 260 32.78 -8.69 46.10
C LEU H 260 33.00 -9.71 45.00
N LYS H 261 32.51 -10.93 45.19
CA LYS H 261 32.66 -11.97 44.18
C LYS H 261 31.93 -11.58 42.90
N LEU H 262 30.73 -11.01 43.02
CA LEU H 262 29.99 -10.57 41.85
C LEU H 262 30.72 -9.47 41.11
N PHE H 263 31.34 -8.55 41.84
CA PHE H 263 32.16 -7.53 41.19
C PHE H 263 33.34 -8.16 40.46
N LEU H 264 33.98 -9.16 41.08
CA LEU H 264 35.11 -9.82 40.44
C LEU H 264 34.71 -10.53 39.15
N ASN H 265 33.42 -10.83 38.97
CA ASN H 265 32.94 -11.48 37.76
C ASN H 265 32.62 -10.50 36.64
N GLN H 266 32.63 -9.21 36.91
CA GLN H 266 32.36 -8.23 35.85
C GLN H 266 33.49 -8.22 34.84
N PRO H 267 33.16 -8.13 33.55
CA PRO H 267 34.22 -8.08 32.52
C PRO H 267 35.09 -6.85 32.68
N SER H 268 36.38 -7.02 32.39
CA SER H 268 37.37 -5.95 32.45
C SER H 268 37.40 -5.28 33.82
N ALA H 269 37.23 -6.07 34.88
CA ALA H 269 37.26 -5.52 36.23
C ALA H 269 38.66 -5.07 36.60
N ILE H 270 38.73 -3.98 37.36
CA ILE H 270 39.99 -3.46 37.86
C ILE H 270 39.88 -3.33 39.38
N LEU H 271 40.94 -3.76 40.07
CA LEU H 271 40.96 -3.72 41.52
C LEU H 271 42.38 -3.42 41.98
N ILE H 272 42.49 -2.58 43.00
CA ILE H 272 43.78 -2.14 43.54
C ILE H 272 43.76 -2.38 45.04
N THR H 273 44.83 -3.00 45.54
CA THR H 273 45.00 -3.26 46.96
C THR H 273 46.03 -2.30 47.53
N CYS H 274 45.65 -1.59 48.59
CA CYS H 274 46.52 -0.61 49.24
C CYS H 274 46.69 -1.00 50.70
N GLY H 275 47.94 -1.28 51.09
CA GLY H 275 48.25 -1.62 52.46
C GLY H 275 47.91 -3.03 52.88
N TYR H 276 47.40 -3.85 51.97
CA TYR H 276 47.02 -5.22 52.30
C TYR H 276 48.24 -6.13 52.25
N SER H 277 48.42 -6.92 53.31
CA SER H 277 49.54 -7.86 53.39
C SER H 277 49.13 -9.27 52.98
N TYR H 278 47.88 -9.46 52.52
CA TYR H 278 47.39 -10.75 52.05
C TYR H 278 47.54 -11.84 53.11
N LYS H 279 47.31 -11.49 54.37
CA LYS H 279 47.45 -12.42 55.48
C LYS H 279 46.14 -13.04 55.92
N ASP H 280 45.04 -12.79 55.21
CA ASP H 280 43.75 -13.38 55.53
C ASP H 280 43.46 -14.49 54.55
N GLN H 281 43.17 -15.70 55.08
CA GLN H 281 42.94 -16.84 54.21
C GLN H 281 41.66 -16.68 53.41
N HIS H 282 40.60 -16.16 54.03
CA HIS H 282 39.32 -16.07 53.35
C HIS H 282 39.36 -15.04 52.21
N ILE H 283 39.92 -13.87 52.48
CA ILE H 283 40.01 -12.85 51.43
C ILE H 283 40.90 -13.34 50.29
N ASN H 284 42.03 -13.97 50.62
CA ASN H 284 42.92 -14.46 49.60
C ASN H 284 42.26 -15.54 48.75
N GLU H 285 41.55 -16.48 49.37
CA GLU H 285 40.90 -17.53 48.59
C GLU H 285 39.76 -16.97 47.75
N VAL H 286 39.01 -16.00 48.26
CA VAL H 286 37.95 -15.38 47.46
C VAL H 286 38.55 -14.66 46.26
N LEU H 287 39.64 -13.91 46.46
CA LEU H 287 40.28 -13.22 45.36
C LEU H 287 40.81 -14.20 44.33
N SER H 288 41.43 -15.29 44.79
CA SER H 288 41.96 -16.29 43.86
C SER H 288 40.85 -16.93 43.06
N GLN H 289 39.74 -17.29 43.72
CA GLN H 289 38.62 -17.90 43.02
C GLN H 289 38.01 -16.96 42.00
N GLY H 290 37.85 -15.68 42.38
CA GLY H 290 37.33 -14.71 41.43
C GLY H 290 38.24 -14.47 40.25
N LEU H 291 39.55 -14.43 40.49
CA LEU H 291 40.51 -14.25 39.41
C LEU H 291 40.53 -15.46 38.47
N GLN H 292 40.43 -16.66 39.03
CA GLN H 292 40.41 -17.87 38.20
C GLN H 292 39.12 -17.95 37.38
N THR H 293 37.99 -17.61 38.00
CA THR H 293 36.72 -17.69 37.30
C THR H 293 36.67 -16.72 36.12
N ASN H 294 37.15 -15.50 36.32
CA ASN H 294 37.15 -14.49 35.26
C ASN H 294 38.60 -14.12 34.93
N PRO H 295 39.17 -14.66 33.85
CA PRO H 295 40.55 -14.29 33.50
C PRO H 295 40.72 -12.82 33.15
N ASN H 296 39.65 -12.14 32.74
CA ASN H 296 39.76 -10.74 32.38
C ASN H 296 39.99 -9.83 33.58
N ALA H 297 39.73 -10.31 34.79
CA ALA H 297 39.95 -9.51 35.98
C ALA H 297 41.44 -9.25 36.18
N LEU H 298 41.75 -8.06 36.69
CA LEU H 298 43.12 -7.65 36.93
C LEU H 298 43.26 -7.12 38.35
N ILE H 299 44.41 -7.38 38.95
CA ILE H 299 44.70 -6.97 40.31
C ILE H 299 46.06 -6.27 40.30
N TYR H 300 46.04 -4.95 40.48
CA TYR H 300 47.28 -4.15 40.51
C TYR H 300 47.73 -3.93 41.96
N GLY H 301 48.05 -5.06 42.62
CA GLY H 301 48.48 -5.02 44.00
C GLY H 301 49.72 -4.20 44.23
N LEU H 302 49.69 -3.33 45.25
CA LEU H 302 50.81 -2.48 45.62
C LEU H 302 51.15 -2.71 47.08
N GLN H 303 52.43 -2.94 47.36
CA GLN H 303 52.90 -3.18 48.72
C GLN H 303 53.93 -2.13 49.10
N TYR H 304 53.74 -1.49 50.26
CA TYR H 304 54.68 -0.49 50.72
C TYR H 304 55.97 -1.12 51.22
N ASP H 305 55.91 -2.35 51.71
CA ASP H 305 57.09 -3.04 52.19
C ASP H 305 57.79 -3.78 51.05
N VAL H 306 58.95 -4.38 51.36
CA VAL H 306 59.70 -5.11 50.35
C VAL H 306 58.97 -6.40 50.01
N LEU H 307 59.26 -6.94 48.83
CA LEU H 307 58.60 -8.16 48.37
C LEU H 307 58.95 -9.36 49.23
N GLU H 308 60.16 -9.40 49.78
CA GLU H 308 60.62 -10.58 50.52
C GLU H 308 59.77 -10.88 51.75
N ASN H 309 59.09 -9.89 52.31
CA ASN H 309 58.31 -10.09 53.53
C ASN H 309 56.94 -10.70 53.26
N TYR H 310 56.54 -10.85 51.99
CA TYR H 310 55.22 -11.37 51.65
C TYR H 310 55.40 -12.59 50.75
N GLN H 311 55.50 -13.77 51.38
CA GLN H 311 55.57 -15.01 50.61
C GLN H 311 54.21 -15.40 50.04
N GLU H 312 53.13 -15.11 50.78
CA GLU H 312 51.79 -15.39 50.26
C GLU H 312 51.51 -14.57 49.02
N ALA H 313 51.96 -13.32 48.98
CA ALA H 313 51.79 -12.50 47.79
C ALA H 313 52.54 -13.11 46.61
N LYS H 314 53.76 -13.61 46.84
CA LYS H 314 54.50 -14.27 45.78
C LYS H 314 53.77 -15.50 45.27
N ASP H 315 53.23 -16.31 46.18
CA ASP H 315 52.51 -17.51 45.77
C ASP H 315 51.27 -17.15 44.96
N MET H 316 50.52 -16.14 45.40
CA MET H 316 49.34 -15.72 44.67
C MET H 316 49.70 -15.18 43.29
N ALA H 317 50.78 -14.42 43.20
CA ALA H 317 51.20 -13.87 41.91
C ALA H 317 51.66 -14.97 40.96
N LEU H 318 52.39 -15.96 41.48
CA LEU H 318 52.83 -17.06 40.65
C LEU H 318 51.72 -18.04 40.28
N LYS H 319 50.65 -18.08 41.06
CA LYS H 319 49.55 -19.00 40.78
C LYS H 319 48.66 -18.55 39.64
N ARG H 320 48.50 -17.25 39.44
CA ARG H 320 47.61 -16.72 38.40
C ARG H 320 48.40 -15.77 37.51
N SER H 321 48.15 -15.87 36.20
CA SER H 321 48.87 -15.09 35.21
C SER H 321 48.26 -13.71 34.97
N ASN H 322 47.10 -13.41 35.55
CA ASN H 322 46.43 -12.14 35.37
C ASN H 322 46.43 -11.32 36.67
N LEU H 323 47.53 -11.39 37.42
CA LEU H 323 47.69 -10.64 38.67
C LEU H 323 49.03 -9.91 38.59
N ILE H 324 48.98 -8.61 38.34
CA ILE H 324 50.20 -7.80 38.21
C ILE H 324 50.54 -7.27 39.59
N LEU H 325 51.38 -8.01 40.30
CA LEU H 325 51.79 -7.62 41.65
C LEU H 325 53.03 -6.73 41.59
N LEU H 326 52.99 -5.64 42.36
CA LEU H 326 54.12 -4.72 42.44
C LEU H 326 54.51 -4.55 43.90
N ALA H 327 55.81 -4.34 44.13
CA ALA H 327 56.34 -4.17 45.47
C ALA H 327 57.35 -3.02 45.47
N LYS H 328 58.06 -2.86 46.58
CA LYS H 328 59.03 -1.76 46.70
C LYS H 328 60.29 -2.05 45.90
N ASP H 329 60.71 -3.31 45.82
CA ASP H 329 61.95 -3.69 45.15
C ASP H 329 61.71 -4.38 43.81
N ARG H 330 60.94 -5.47 43.83
CA ARG H 330 60.70 -6.28 42.64
C ARG H 330 59.21 -6.30 42.31
N ALA H 331 58.86 -7.02 41.25
CA ALA H 331 57.47 -7.15 40.83
C ALA H 331 57.28 -8.48 40.13
N ILE H 332 56.02 -8.89 40.01
CA ILE H 332 55.65 -10.12 39.31
C ILE H 332 54.52 -9.74 38.34
N ILE H 333 54.82 -9.76 37.05
CA ILE H 333 53.86 -9.40 36.01
C ILE H 333 53.62 -10.64 35.17
N GLY H 334 52.58 -11.39 35.51
CA GLY H 334 52.21 -12.57 34.76
C GLY H 334 53.08 -13.78 35.03
N LYS H 335 53.10 -14.22 36.29
CA LYS H 335 53.78 -15.42 36.78
C LYS H 335 55.30 -15.37 36.63
N LYS H 336 55.88 -14.25 36.22
CA LYS H 336 57.31 -14.08 36.12
C LYS H 336 57.77 -12.95 37.03
N GLU H 337 58.88 -13.16 37.73
CA GLU H 337 59.41 -12.20 38.68
C GLU H 337 60.52 -11.38 38.02
N GLY H 338 60.42 -10.06 38.11
CA GLY H 338 61.44 -9.17 37.60
C GLY H 338 61.88 -8.18 38.67
N GLU H 339 63.10 -7.70 38.52
CA GLU H 339 63.70 -6.75 39.43
C GLU H 339 63.70 -5.37 38.81
N TRP H 340 64.18 -4.39 39.59
CA TRP H 340 64.23 -3.02 39.11
C TRP H 340 65.31 -2.86 38.05
N LYS H 341 64.95 -2.22 36.95
CA LYS H 341 65.91 -1.97 35.88
C LYS H 341 66.94 -0.93 36.33
N PRO H 342 68.12 -0.92 35.71
CA PRO H 342 69.13 0.06 36.11
C PRO H 342 68.73 1.47 35.72
N ASP H 343 68.38 2.28 36.72
CA ASP H 343 67.95 3.66 36.51
C ASP H 343 68.45 4.49 37.68
N PRO H 344 68.67 5.79 37.48
CA PRO H 344 69.13 6.66 38.58
C PRO H 344 68.01 6.98 39.56
N GLN H 345 67.55 5.95 40.27
CA GLN H 345 66.49 6.14 41.27
C GLN H 345 66.97 7.02 42.42
N SER H 346 68.20 6.80 42.88
CA SER H 346 68.80 7.58 43.95
C SER H 346 69.96 8.40 43.39
N SER H 347 69.91 9.71 43.59
CA SER H 347 70.97 10.57 43.07
C SER H 347 72.28 10.34 43.82
N GLN H 348 72.22 10.10 45.12
CA GLN H 348 73.42 9.90 45.91
C GLN H 348 74.11 8.60 45.51
N ASP H 349 75.44 8.67 45.37
CA ASP H 349 76.22 7.49 45.03
C ASP H 349 76.17 6.45 46.14
N ASN H 350 76.24 6.89 47.39
CA ASN H 350 76.22 5.97 48.52
C ASN H 350 74.86 5.30 48.65
N ASP H 351 74.86 3.98 48.84
CA ASP H 351 73.66 3.16 48.97
C ASP H 351 72.71 3.40 47.79
N PRO H 352 73.07 2.95 46.59
CA PRO H 352 72.18 3.14 45.42
C PRO H 352 71.04 2.12 45.38
N LEU H 353 70.19 2.16 46.40
CA LEU H 353 69.08 1.24 46.49
C LEU H 353 67.97 1.64 45.52
N LEU H 354 67.52 0.66 44.72
CA LEU H 354 66.45 0.89 43.76
C LEU H 354 65.14 0.50 44.43
N PHE H 355 64.51 1.47 45.09
CA PHE H 355 63.25 1.26 45.81
C PHE H 355 62.15 2.06 45.16
N PHE H 356 61.00 1.41 44.94
CA PHE H 356 59.84 2.06 44.32
C PHE H 356 59.11 2.83 45.41
N LYS H 357 59.57 4.05 45.66
CA LYS H 357 58.97 4.90 46.69
C LYS H 357 57.58 5.39 46.32
N LEU H 358 57.17 5.22 45.06
CA LEU H 358 55.84 5.65 44.62
C LEU H 358 54.71 4.77 45.15
N GLY H 359 55.04 3.63 45.77
CA GLY H 359 54.04 2.76 46.34
C GLY H 359 53.45 3.22 47.65
N ASP H 360 53.99 4.28 48.23
CA ASP H 360 53.46 4.80 49.49
C ASP H 360 52.09 5.44 49.26
N PHE H 361 51.30 5.48 50.33
CA PHE H 361 49.95 6.04 50.23
C PHE H 361 49.99 7.52 49.87
N GLN H 362 50.92 8.27 50.45
CA GLN H 362 51.07 9.68 50.09
C GLN H 362 51.46 9.84 48.64
N HIS H 363 52.43 9.04 48.18
CA HIS H 363 52.83 9.09 46.78
C HIS H 363 51.70 8.66 45.85
N LEU H 364 50.94 7.65 46.26
CA LEU H 364 49.79 7.22 45.46
C LEU H 364 48.75 8.33 45.35
N ALA H 365 48.48 9.02 46.47
CA ALA H 365 47.53 10.12 46.44
C ALA H 365 48.03 11.25 45.55
N SER H 366 49.34 11.55 45.62
CA SER H 366 49.89 12.58 44.75
C SER H 366 49.77 12.19 43.28
N PHE H 367 50.03 10.92 42.97
CA PHE H 367 49.89 10.46 41.59
C PHE H 367 48.45 10.56 41.11
N LEU H 368 47.50 10.17 41.96
CA LEU H 368 46.09 10.27 41.59
C LEU H 368 45.67 11.72 41.39
N GLU H 369 46.16 12.63 42.25
CA GLU H 369 45.88 14.04 42.08
C GLU H 369 46.44 14.57 40.76
N GLU H 370 47.66 14.17 40.42
CA GLU H 370 48.26 14.58 39.15
C GLU H 370 47.46 14.05 37.97
N ILE H 371 47.00 12.80 38.06
CA ILE H 371 46.18 12.22 36.99
C ILE H 371 44.88 12.99 36.84
N SER H 372 44.25 13.34 37.97
CA SER H 372 42.98 14.06 37.92
C SER H 372 43.14 15.42 37.24
N GLN H 373 44.20 16.14 37.55
CA GLN H 373 44.44 17.45 36.94
C GLN H 373 45.12 17.29 35.58
N ASP I 11 -25.68 8.28 53.84
CA ASP I 11 -24.54 8.97 53.25
C ASP I 11 -23.24 8.24 53.55
N THR I 12 -23.22 7.54 54.70
CA THR I 12 -22.01 6.82 55.10
C THR I 12 -21.67 5.70 54.12
N THR I 13 -22.69 4.96 53.67
CA THR I 13 -22.44 3.81 52.80
C THR I 13 -21.84 4.23 51.47
N GLN I 14 -22.40 5.29 50.85
CA GLN I 14 -21.90 5.74 49.56
C GLN I 14 -20.47 6.27 49.67
N GLN I 15 -20.20 7.08 50.71
CA GLN I 15 -18.86 7.60 50.91
C GLN I 15 -17.86 6.48 51.15
N LEU I 16 -18.23 5.50 51.97
CA LEU I 16 -17.34 4.37 52.22
C LEU I 16 -17.08 3.58 50.95
N SER I 17 -18.13 3.35 50.15
CA SER I 17 -17.95 2.60 48.91
C SER I 17 -17.04 3.33 47.94
N LEU I 18 -17.24 4.64 47.77
CA LEU I 18 -16.40 5.39 46.84
C LEU I 18 -14.96 5.47 47.34
N LEU I 19 -14.76 5.63 48.65
CA LEU I 19 -13.41 5.64 49.20
C LEU I 19 -12.73 4.30 48.99
N LYS I 20 -13.45 3.20 49.21
CA LYS I 20 -12.89 1.89 48.98
C LYS I 20 -12.51 1.70 47.52
N HIS I 21 -13.38 2.15 46.60
CA HIS I 21 -13.09 2.00 45.17
C HIS I 21 -11.87 2.82 44.76
N VAL I 22 -11.76 4.06 45.25
CA VAL I 22 -10.63 4.89 44.83
C VAL I 22 -9.33 4.42 45.47
N LEU I 23 -9.39 3.89 46.70
CA LEU I 23 -8.18 3.41 47.35
C LEU I 23 -7.72 2.06 46.80
N SER I 24 -8.66 1.23 46.36
CA SER I 24 -8.30 -0.09 45.84
C SER I 24 -7.51 0.02 44.54
N GLU I 25 -7.85 1.00 43.70
CA GLU I 25 -7.15 1.16 42.43
C GLU I 25 -5.71 1.62 42.67
N ASP I 26 -4.78 1.02 41.92
CA ASP I 26 -3.37 1.34 42.03
C ASP I 26 -2.88 2.21 40.87
N LYS I 27 -3.80 2.78 40.08
CA LYS I 27 -3.46 3.58 38.92
C LYS I 27 -3.37 5.07 39.23
N ARG I 28 -3.54 5.46 40.49
CA ARG I 28 -3.47 6.87 40.86
C ARG I 28 -2.52 7.04 42.03
N PRO I 29 -1.77 8.14 42.07
CA PRO I 29 -0.89 8.39 43.21
C PRO I 29 -1.68 8.66 44.48
N ILE I 30 -1.10 8.29 45.61
CA ILE I 30 -1.72 8.46 46.91
C ILE I 30 -0.77 9.25 47.81
N ALA I 31 -1.32 10.16 48.60
CA ALA I 31 -0.54 10.93 49.55
C ALA I 31 -1.39 11.22 50.77
N PHE I 32 -0.72 11.58 51.86
CA PHE I 32 -1.38 11.87 53.13
C PHE I 32 -0.75 13.09 53.77
N ILE I 33 -1.55 13.78 54.58
CA ILE I 33 -1.10 14.92 55.38
C ILE I 33 -1.30 14.56 56.84
N ILE I 34 -0.24 14.67 57.63
CA ILE I 34 -0.24 14.25 59.02
C ILE I 34 -0.09 15.48 59.91
N ALA I 35 -1.03 15.66 60.83
CA ALA I 35 -1.01 16.73 61.81
C ALA I 35 -1.00 16.14 63.21
N ALA I 36 -1.14 17.00 64.22
CA ALA I 36 -1.11 16.55 65.60
C ALA I 36 -2.28 15.64 65.96
N GLY I 37 -3.31 15.60 65.11
CA GLY I 37 -4.44 14.71 65.37
C GLY I 37 -4.04 13.26 65.40
N CYS I 38 -3.13 12.86 64.52
CA CYS I 38 -2.68 11.46 64.52
C CYS I 38 -1.95 11.07 65.80
N PRO I 39 -0.95 11.81 66.29
CA PRO I 39 -0.36 11.44 67.58
C PRO I 39 -1.31 11.61 68.75
N VAL I 40 -2.21 12.59 68.72
CA VAL I 40 -3.12 12.76 69.85
C VAL I 40 -4.15 11.64 69.94
N SER I 41 -4.37 10.90 68.85
CA SER I 41 -5.34 9.81 68.88
C SER I 41 -4.84 8.58 69.62
N ILE I 42 -3.53 8.49 69.88
CA ILE I 42 -2.98 7.35 70.61
C ILE I 42 -3.23 7.55 72.10
N ARG I 43 -3.86 6.56 72.73
CA ARG I 43 -4.18 6.64 74.15
C ARG I 43 -3.09 5.93 74.96
N HIS I 44 -2.56 6.62 75.96
CA HIS I 44 -1.52 6.06 76.82
C HIS I 44 -1.77 6.53 78.24
N ASN I 45 -2.03 5.59 79.15
CA ASN I 45 -2.35 5.90 80.54
C ASN I 45 -3.54 6.84 80.66
N ASP I 46 -4.52 6.67 79.77
CA ASP I 46 -5.72 7.53 79.72
C ASP I 46 -5.34 8.99 79.54
N ALA I 47 -4.23 9.24 78.86
CA ALA I 47 -3.76 10.59 78.57
C ALA I 47 -3.24 10.63 77.14
N PRO I 48 -3.35 11.78 76.48
CA PRO I 48 -2.83 11.88 75.11
C PRO I 48 -1.33 11.68 75.05
N LEU I 49 -0.88 11.00 74.00
CA LEU I 49 0.56 10.81 73.79
C LEU I 49 1.25 12.16 73.56
N ILE I 50 0.64 13.02 72.75
CA ILE I 50 1.14 14.37 72.51
C ILE I 50 -0.02 15.34 72.74
N PRO I 51 0.14 16.35 73.60
CA PRO I 51 -0.97 17.25 73.91
C PRO I 51 -1.24 18.28 72.82
N ASP I 52 -0.59 18.11 71.66
CA ASP I 52 -0.78 18.97 70.50
C ASP I 52 -0.32 20.40 70.78
N VAL I 53 -0.64 21.32 69.86
CA VAL I 53 -0.15 22.69 69.97
C VAL I 53 -0.73 23.37 71.20
N ALA I 54 -2.03 23.19 71.46
CA ALA I 54 -2.66 23.82 72.62
C ALA I 54 -2.05 23.30 73.92
N GLY I 55 -1.85 21.99 74.01
CA GLY I 55 -1.24 21.42 75.20
C GLY I 55 0.19 21.89 75.40
N LEU I 56 0.95 21.98 74.32
CA LEU I 56 2.31 22.50 74.40
C LEU I 56 2.33 23.96 74.84
N THR I 57 1.41 24.78 74.35
CA THR I 57 1.32 26.17 74.79
C THR I 57 0.96 26.26 76.27
N ARG I 58 -0.01 25.45 76.72
CA ARG I 58 -0.36 25.47 78.13
C ARG I 58 0.79 25.02 79.02
N LYS I 59 1.51 23.97 78.61
CA LYS I 59 2.65 23.50 79.41
C LYS I 59 3.80 24.51 79.37
N ILE I 60 4.00 25.17 78.23
CA ILE I 60 5.02 26.21 78.17
C ILE I 60 4.68 27.36 79.11
N SER I 61 3.41 27.79 79.11
CA SER I 61 2.99 28.87 79.99
C SER I 61 3.13 28.47 81.46
N ASP I 62 2.75 27.23 81.79
CA ASP I 62 2.83 26.78 83.18
C ASP I 62 4.26 26.53 83.62
N SER I 63 5.19 26.30 82.68
CA SER I 63 6.57 26.05 83.06
C SER I 63 7.20 27.24 83.74
N PHE I 64 6.94 28.44 83.24
CA PHE I 64 7.49 29.67 83.82
C PHE I 64 6.58 30.28 84.88
N GLY I 65 5.42 29.70 85.13
CA GLY I 65 4.53 30.19 86.15
C GLY I 65 3.69 31.38 85.69
N GLY I 66 2.87 31.87 86.60
CA GLY I 66 2.00 33.00 86.37
C GLY I 66 2.59 34.35 86.74
N ASN I 67 3.87 34.42 87.05
CA ASN I 67 4.48 35.68 87.45
C ASN I 67 4.55 36.63 86.26
N PRO I 68 3.98 37.84 86.35
CA PRO I 68 4.04 38.77 85.21
C PRO I 68 5.44 39.31 84.94
N ASP I 69 6.37 39.18 85.89
CA ASP I 69 7.71 39.72 85.69
C ASP I 69 8.48 38.97 84.59
N SER I 70 8.10 37.74 84.30
CA SER I 70 8.77 36.98 83.24
C SER I 70 8.46 37.58 81.88
N LEU I 71 9.46 37.59 81.01
CA LEU I 71 9.29 38.15 79.68
C LEU I 71 8.35 37.31 78.82
N LEU I 72 8.28 36.00 79.09
CA LEU I 72 7.42 35.12 78.30
C LEU I 72 5.95 35.51 78.44
N MET I 73 5.51 35.81 79.67
CA MET I 73 4.13 36.23 79.87
C MET I 73 3.87 37.59 79.22
N LYS I 74 4.87 38.49 79.25
CA LYS I 74 4.72 39.78 78.59
C LYS I 74 4.54 39.60 77.08
N ILE I 75 5.33 38.71 76.48
CA ILE I 75 5.18 38.43 75.05
C ILE I 75 3.82 37.80 74.76
N ILE I 76 3.38 36.90 75.65
CA ILE I 76 2.09 36.24 75.45
C ILE I 76 0.95 37.27 75.47
N GLN I 77 0.97 38.19 76.44
CA GLN I 77 -0.08 39.20 76.50
C GLN I 77 0.03 40.20 75.34
N ASN I 78 1.25 40.51 74.91
CA ASN I 78 1.41 41.38 73.75
C ASN I 78 0.81 40.74 72.51
N LEU I 79 1.02 39.44 72.33
CA LEU I 79 0.38 38.72 71.23
C LEU I 79 -1.14 38.66 71.42
N LYS I 80 -1.60 38.51 72.65
CA LYS I 80 -3.04 38.52 72.92
C LYS I 80 -3.68 39.83 72.49
N THR I 81 -2.96 40.94 72.64
CA THR I 81 -3.50 42.22 72.19
C THR I 81 -3.74 42.23 70.69
N THR I 82 -2.87 41.56 69.92
CA THR I 82 -3.00 41.50 68.47
C THR I 82 -3.69 40.22 68.00
N ILE I 83 -3.12 39.07 68.35
CA ILE I 83 -3.66 37.78 67.94
C ILE I 83 -4.62 37.31 69.04
N PRO I 84 -5.89 37.04 68.72
CA PRO I 84 -6.82 36.59 69.76
C PRO I 84 -6.41 35.30 70.43
N ASN I 85 -5.80 34.38 69.69
CA ASN I 85 -5.35 33.08 70.21
C ASN I 85 -3.91 32.87 69.79
N PRO I 86 -2.95 33.18 70.65
CA PRO I 86 -1.54 33.00 70.29
C PRO I 86 -1.19 31.53 70.10
N THR I 87 -0.23 31.29 69.22
CA THR I 87 0.24 29.94 68.91
C THR I 87 1.72 29.85 69.22
N ILE I 88 2.16 28.66 69.65
CA ILE I 88 3.57 28.46 69.94
C ILE I 88 4.41 28.68 68.69
N GLU I 89 3.88 28.30 67.51
CA GLU I 89 4.57 28.62 66.26
C GLU I 89 4.71 30.11 66.09
N ASP I 90 3.65 30.86 66.37
CA ASP I 90 3.72 32.32 66.29
C ASP I 90 4.68 32.89 67.33
N ILE I 91 4.70 32.29 68.52
CA ILE I 91 5.64 32.75 69.56
C ILE I 91 7.07 32.56 69.10
N LEU I 92 7.37 31.39 68.54
CA LEU I 92 8.72 31.14 68.03
C LEU I 92 9.08 32.08 66.89
N SER I 93 8.13 32.34 65.99
CA SER I 93 8.38 33.26 64.89
C SER I 93 8.66 34.66 65.42
N TYR I 94 7.90 35.11 66.41
CA TYR I 94 8.12 36.44 66.99
C TYR I 94 9.47 36.51 67.69
N ILE I 95 9.84 35.45 68.41
CA ILE I 95 11.13 35.43 69.10
C ILE I 95 12.27 35.49 68.11
N ARG I 96 12.18 34.70 67.03
CA ARG I 96 13.22 34.73 66.00
C ARG I 96 13.28 36.08 65.30
N LEU I 97 12.12 36.70 65.08
CA LEU I 97 12.10 38.03 64.48
C LEU I 97 12.79 39.05 65.38
N LEU I 98 12.53 38.98 66.69
CA LEU I 98 13.23 39.86 67.63
C LEU I 98 14.73 39.57 67.62
N GLN I 99 15.12 38.31 67.57
CA GLN I 99 16.53 37.94 67.56
C GLN I 99 17.24 38.39 66.31
N GLN I 100 16.53 38.49 65.17
CA GLN I 100 17.16 38.84 63.91
C GLN I 100 17.74 40.26 63.92
N ILE I 101 17.31 41.10 64.86
CA ILE I 101 17.81 42.47 64.95
C ILE I 101 18.27 42.74 66.38
N PRO I 102 19.20 43.67 66.60
CA PRO I 102 19.60 43.99 67.98
C PRO I 102 18.50 44.68 68.76
N MET I 103 17.47 43.92 69.13
CA MET I 103 16.31 44.46 69.85
C MET I 103 16.62 44.45 71.34
N SER I 104 17.30 45.50 71.81
CA SER I 104 17.63 45.68 73.20
C SER I 104 16.74 46.71 73.90
N GLY I 105 15.61 47.06 73.29
CA GLY I 105 14.75 48.10 73.79
C GLY I 105 13.73 47.60 74.79
N LYS I 106 12.66 48.39 74.96
CA LYS I 106 11.62 48.06 75.92
C LYS I 106 10.92 46.75 75.57
N ILE I 107 10.90 46.38 74.29
CA ILE I 107 10.32 45.10 73.89
C ILE I 107 11.06 43.95 74.56
N HIS I 108 12.38 44.06 74.67
CA HIS I 108 13.20 43.09 75.38
C HIS I 108 13.88 43.70 76.60
N ASP I 109 13.18 44.61 77.29
CA ASP I 109 13.76 45.24 78.47
C ASP I 109 14.00 44.24 79.59
N VAL I 110 13.08 43.31 79.79
CA VAL I 110 13.24 42.31 80.84
C VAL I 110 14.44 41.41 80.56
N GLU I 111 14.62 41.02 79.30
CA GLU I 111 15.72 40.16 78.88
C GLU I 111 16.51 40.90 77.80
N ASN I 112 17.53 41.66 78.22
CA ASN I 112 18.36 42.36 77.25
C ASN I 112 19.12 41.38 76.36
N SER I 113 19.61 40.29 76.93
CA SER I 113 20.27 39.25 76.15
C SER I 113 19.81 37.85 76.55
N VAL I 114 18.84 37.73 77.47
CA VAL I 114 18.35 36.43 77.90
C VAL I 114 17.25 35.89 76.99
N ILE I 115 16.90 36.59 75.91
CA ILE I 115 15.94 36.06 74.95
C ILE I 115 16.49 34.81 74.29
N ASN I 116 17.80 34.79 74.02
CA ASN I 116 18.42 33.60 73.47
C ASN I 116 18.31 32.42 74.44
N ALA I 117 18.54 32.68 75.74
CA ALA I 117 18.39 31.64 76.74
C ALA I 117 16.95 31.14 76.80
N LEU I 118 15.99 32.07 76.72
CA LEU I 118 14.58 31.69 76.78
C LEU I 118 14.20 30.81 75.59
N GLU I 119 14.63 31.19 74.39
CA GLU I 119 14.29 30.39 73.22
C GLU I 119 15.01 29.04 73.23
N GLU I 120 16.25 29.01 73.73
CA GLU I 120 16.94 27.73 73.88
C GLU I 120 16.22 26.83 74.86
N SER I 121 15.74 27.39 75.97
CA SER I 121 14.98 26.61 76.93
C SER I 121 13.69 26.09 76.33
N ILE I 122 13.00 26.92 75.54
CA ILE I 122 11.77 26.48 74.88
C ILE I 122 12.07 25.33 73.92
N CYS I 123 13.14 25.46 73.13
CA CYS I 123 13.51 24.40 72.20
C CYS I 123 13.85 23.12 72.93
N GLU I 124 14.60 23.21 74.04
CA GLU I 124 14.93 22.03 74.82
C GLU I 124 13.68 21.37 75.39
N LEU I 125 12.74 22.17 75.88
CA LEU I 125 11.50 21.61 76.41
C LEU I 125 10.71 20.91 75.32
N ILE I 126 10.66 21.51 74.12
CA ILE I 126 9.97 20.89 73.00
C ILE I 126 10.62 19.55 72.66
N GLU I 127 11.94 19.54 72.56
CA GLU I 127 12.66 18.30 72.22
C GLU I 127 12.41 17.22 73.26
N GLU I 128 12.46 17.59 74.55
CA GLU I 128 12.22 16.61 75.59
C GLU I 128 10.80 16.06 75.56
N GLU I 129 9.82 16.94 75.31
CA GLU I 129 8.43 16.49 75.37
C GLU I 129 8.02 15.69 74.15
N VAL I 130 8.64 15.93 72.99
CA VAL I 130 8.25 15.21 71.77
C VAL I 130 9.16 14.02 71.49
N ASN I 131 10.07 13.69 72.41
CA ASN I 131 11.00 12.58 72.23
C ASN I 131 10.42 11.35 72.90
N VAL I 132 9.53 10.65 72.18
CA VAL I 132 8.93 9.42 72.66
C VAL I 132 9.00 8.37 71.56
N ASP I 133 8.47 7.18 71.85
CA ASP I 133 8.47 6.08 70.89
C ASP I 133 7.11 5.40 70.91
N LEU I 134 6.80 4.72 69.82
CA LEU I 134 5.52 4.02 69.70
C LEU I 134 5.50 2.81 70.62
N PRO I 135 4.55 2.72 71.55
CA PRO I 135 4.47 1.54 72.40
C PRO I 135 3.73 0.38 71.73
N GLY I 136 4.41 -0.74 71.58
CA GLY I 136 3.81 -1.90 70.97
C GLY I 136 3.63 -1.76 69.47
N ASN I 137 2.88 -2.70 68.91
CA ASN I 137 2.59 -2.75 67.47
C ASN I 137 1.12 -2.53 67.16
N ALA I 138 0.34 -2.06 68.14
CA ALA I 138 -1.09 -1.83 67.95
C ALA I 138 -1.41 -0.40 67.56
N THR I 139 -0.40 0.43 67.35
CA THR I 139 -0.64 1.82 66.97
C THR I 139 -1.21 1.90 65.56
N PRO I 140 -2.02 2.92 65.27
CA PRO I 140 -2.54 3.08 63.90
C PRO I 140 -1.46 3.23 62.84
N TYR I 141 -0.28 3.74 63.23
CA TYR I 141 0.81 3.87 62.26
C TYR I 141 1.23 2.51 61.74
N HIS I 142 1.26 1.49 62.60
CA HIS I 142 1.59 0.15 62.16
C HIS I 142 0.56 -0.37 61.16
N LYS I 143 -0.72 -0.09 61.40
CA LYS I 143 -1.76 -0.50 60.46
C LYS I 143 -1.59 0.22 59.12
N ILE I 144 -1.24 1.51 59.16
CA ILE I 144 -1.01 2.26 57.92
C ILE I 144 0.15 1.67 57.15
N ALA I 145 1.25 1.35 57.85
CA ALA I 145 2.40 0.75 57.18
C ALA I 145 2.06 -0.61 56.60
N ALA I 146 1.27 -1.41 57.33
CA ALA I 146 0.85 -2.71 56.82
C ALA I 146 0.01 -2.57 55.56
N TRP I 147 -0.90 -1.59 55.55
CA TRP I 147 -1.69 -1.33 54.34
C TRP I 147 -0.79 -0.90 53.19
N ILE I 148 0.21 -0.06 53.48
CA ILE I 148 1.09 0.45 52.43
C ILE I 148 1.88 -0.69 51.80
N ASN I 149 2.47 -1.55 52.63
CA ASN I 149 3.33 -2.61 52.12
C ASN I 149 2.58 -3.89 51.76
N SER I 150 1.27 -3.94 51.99
CA SER I 150 0.52 -5.15 51.70
C SER I 150 0.44 -5.41 50.20
N ILE I 151 0.20 -4.37 49.41
CA ILE I 151 0.03 -4.51 47.97
C ILE I 151 1.07 -3.64 47.27
N ASN I 152 1.81 -4.22 46.34
CA ASN I 152 2.76 -3.48 45.54
C ASN I 152 2.00 -2.59 44.54
N ARG I 153 2.41 -1.33 44.45
CA ARG I 153 1.73 -0.35 43.63
C ARG I 153 2.69 0.25 42.61
N GLU I 154 2.19 0.46 41.39
CA GLU I 154 3.01 1.07 40.36
C GLU I 154 3.34 2.53 40.65
N HIS I 155 2.52 3.20 41.45
CA HIS I 155 2.76 4.57 41.85
C HIS I 155 3.20 4.62 43.31
N GLN I 156 4.29 5.34 43.57
CA GLN I 156 4.82 5.43 44.91
C GLN I 156 3.87 6.19 45.82
N VAL I 157 3.84 5.80 47.09
CA VAL I 157 2.99 6.42 48.09
C VAL I 157 3.84 7.35 48.94
N GLU I 158 3.49 8.63 48.94
CA GLU I 158 4.20 9.63 49.72
C GLU I 158 3.38 10.04 50.93
N ILE I 159 4.07 10.51 51.96
CA ILE I 159 3.44 10.94 53.21
C ILE I 159 4.00 12.31 53.57
N PHE I 160 3.11 13.24 53.88
CA PHE I 160 3.49 14.58 54.32
C PHE I 160 3.08 14.78 55.76
N THR I 161 4.00 15.29 56.58
CA THR I 161 3.74 15.54 57.98
C THR I 161 4.33 16.88 58.39
N THR I 162 3.59 17.59 59.25
CA THR I 162 4.07 18.85 59.81
C THR I 162 4.49 18.71 61.27
N ASN I 163 4.53 17.49 61.79
CA ASN I 163 4.89 17.25 63.18
C ASN I 163 6.40 17.07 63.30
N TYR I 164 6.89 17.01 64.54
CA TYR I 164 8.30 16.82 64.82
C TYR I 164 8.66 15.41 65.26
N ASP I 165 7.68 14.63 65.72
CA ASP I 165 7.96 13.28 66.20
C ASP I 165 8.27 12.35 65.03
N LEU I 166 9.01 11.28 65.34
CA LEU I 166 9.45 10.30 64.35
C LEU I 166 8.63 9.03 64.40
N LEU I 167 7.34 9.12 64.75
CA LEU I 167 6.50 7.94 64.86
C LEU I 167 6.35 7.24 63.51
N MET I 168 6.13 8.01 62.45
CA MET I 168 5.96 7.43 61.13
C MET I 168 7.22 6.70 60.67
N GLU I 169 8.39 7.29 60.92
CA GLU I 169 9.64 6.65 60.53
C GLU I 169 9.83 5.32 61.25
N GLN I 170 9.58 5.31 62.56
CA GLN I 170 9.70 4.07 63.33
C GLN I 170 8.72 3.02 62.85
N ALA I 171 7.48 3.43 62.58
CA ALA I 171 6.48 2.47 62.09
C ALA I 171 6.87 1.89 60.75
N LEU I 172 7.37 2.74 59.84
CA LEU I 172 7.78 2.25 58.53
C LEU I 172 8.99 1.32 58.62
N GLU I 173 9.98 1.67 59.45
CA GLU I 173 11.19 0.85 59.53
C GLU I 173 10.95 -0.46 60.27
N GLU I 174 10.01 -0.47 61.21
CA GLU I 174 9.70 -1.72 61.92
C GLU I 174 9.09 -2.75 60.99
N LEU I 175 8.21 -2.33 60.09
CA LEU I 175 7.52 -3.23 59.18
C LEU I 175 8.27 -3.42 57.86
N ASN I 176 9.55 -3.06 57.81
CA ASN I 176 10.39 -3.23 56.63
C ASN I 176 9.79 -2.50 55.42
N VAL I 177 9.67 -1.18 55.57
CA VAL I 177 9.14 -0.33 54.51
C VAL I 177 10.23 0.66 54.10
N PRO I 178 10.91 0.45 52.98
CA PRO I 178 11.92 1.42 52.54
C PRO I 178 11.28 2.75 52.18
N TYR I 179 12.03 3.83 52.42
CA TYR I 179 11.52 5.17 52.17
C TYR I 179 12.70 6.12 51.98
N PHE I 180 12.42 7.25 51.35
CA PHE I 180 13.40 8.29 51.08
C PHE I 180 12.89 9.60 51.65
N ASP I 181 13.69 10.23 52.51
CA ASP I 181 13.30 11.46 53.19
C ASP I 181 14.09 12.67 52.70
N GLY I 182 14.91 12.50 51.67
CA GLY I 182 15.69 13.61 51.14
C GLY I 182 17.13 13.62 51.61
N PHE I 183 17.42 12.92 52.70
CA PHE I 183 18.77 12.86 53.25
C PHE I 183 19.44 11.55 52.88
N VAL I 184 20.69 11.64 52.44
CA VAL I 184 21.48 10.48 52.03
C VAL I 184 22.78 10.50 52.81
N GLY I 185 23.11 9.39 53.45
CA GLY I 185 24.34 9.29 54.21
C GLY I 185 24.16 8.35 55.39
N SER I 186 25.29 8.10 56.06
CA SER I 186 25.31 7.20 57.21
C SER I 186 25.72 7.89 58.49
N LYS I 187 26.87 8.57 58.50
CA LYS I 187 27.32 9.27 59.70
C LYS I 187 26.60 10.60 59.85
N ARG I 188 26.73 11.49 58.85
CA ARG I 188 26.07 12.78 58.84
C ARG I 188 25.44 12.93 57.45
N ALA I 189 24.21 12.45 57.31
CA ALA I 189 23.53 12.49 56.02
C ALA I 189 23.30 13.93 55.59
N PHE I 190 23.78 14.28 54.41
CA PHE I 190 23.60 15.63 53.89
C PHE I 190 22.33 15.71 53.05
N PHE I 191 21.92 16.94 52.76
CA PHE I 191 20.70 17.19 51.99
C PHE I 191 21.07 17.24 50.51
N ASP I 192 20.96 16.11 49.84
CA ASP I 192 21.21 16.05 48.40
C ASP I 192 20.04 16.67 47.65
N ILE I 193 20.35 17.51 46.67
CA ILE I 193 19.34 18.27 45.95
C ILE I 193 19.02 17.65 44.59
N ARG I 194 20.06 17.19 43.88
CA ARG I 194 19.87 16.73 42.51
C ARG I 194 18.91 15.55 42.44
N THR I 195 19.08 14.57 43.32
CA THR I 195 18.23 13.37 43.27
C THR I 195 16.77 13.69 43.54
N ILE I 196 16.50 14.78 44.27
CA ILE I 196 15.12 15.15 44.56
C ILE I 196 14.38 15.49 43.27
N GLU I 197 15.00 16.28 42.40
CA GLU I 197 14.38 16.64 41.13
C GLU I 197 14.62 15.61 40.04
N GLU I 198 15.55 14.67 40.24
CA GLU I 198 15.72 13.60 39.26
C GLU I 198 14.47 12.75 39.16
N ASN I 199 13.86 12.42 40.29
CA ASN I 199 12.62 11.64 40.35
C ASN I 199 12.76 10.33 39.57
N LYS I 200 13.85 9.61 39.82
CA LYS I 200 14.12 8.32 39.19
C LYS I 200 14.39 7.26 40.24
N LEU I 201 13.76 7.39 41.41
CA LEU I 201 13.88 6.38 42.45
C LEU I 201 13.11 5.12 42.06
N PRO I 202 13.48 3.97 42.63
CA PRO I 202 12.73 2.74 42.33
C PRO I 202 11.26 2.88 42.72
N SER I 203 10.40 2.26 41.92
CA SER I 203 8.96 2.43 42.09
C SER I 203 8.44 1.82 43.39
N ARG I 204 9.17 0.88 43.99
CA ARG I 204 8.72 0.27 45.24
C ARG I 204 9.04 1.13 46.45
N TRP I 205 9.91 2.14 46.30
CA TRP I 205 10.27 3.01 47.41
C TRP I 205 9.16 4.01 47.71
N SER I 206 9.04 4.36 48.98
CA SER I 206 8.11 5.39 49.41
C SER I 206 8.86 6.69 49.71
N LYS I 207 8.11 7.73 50.05
CA LYS I 207 8.70 9.04 50.32
C LYS I 207 8.01 9.66 51.53
N LEU I 208 8.80 10.25 52.43
CA LEU I 208 8.29 10.95 53.59
C LEU I 208 8.94 12.33 53.64
N TRP I 209 8.13 13.37 53.48
CA TRP I 209 8.62 14.74 53.43
C TRP I 209 8.26 15.45 54.73
N LYS I 210 9.23 16.13 55.32
CA LYS I 210 9.06 16.85 56.59
C LYS I 210 8.83 18.32 56.26
N LEU I 211 7.56 18.74 56.26
CA LEU I 211 7.22 20.11 55.92
C LEU I 211 7.76 21.09 56.96
N HIS I 212 7.64 20.75 58.24
CA HIS I 212 8.05 21.63 59.33
C HIS I 212 9.38 21.23 59.96
N GLY I 213 10.13 20.35 59.32
CA GLY I 213 11.40 19.91 59.86
C GLY I 213 11.27 18.73 60.80
N SER I 214 12.37 18.45 61.50
CA SER I 214 12.43 17.32 62.42
C SER I 214 13.36 17.67 63.57
N ILE I 215 13.25 16.90 64.65
CA ILE I 215 14.07 17.14 65.84
C ILE I 215 15.50 16.66 65.65
N ASN I 216 15.75 15.74 64.72
CA ASN I 216 17.08 15.22 64.50
C ASN I 216 17.89 16.01 63.48
N TRP I 217 17.27 16.98 62.81
CA TRP I 217 18.01 17.85 61.91
C TRP I 217 18.89 18.82 62.70
N GLN I 218 20.09 19.07 62.19
CA GLN I 218 21.02 19.99 62.83
C GLN I 218 21.69 20.84 61.76
N LEU I 219 22.21 21.99 62.19
CA LEU I 219 22.87 22.93 61.29
C LEU I 219 24.25 23.26 61.84
N ASP I 220 25.24 23.28 60.96
CA ASP I 220 26.61 23.66 61.30
C ASP I 220 26.88 25.04 60.71
N LYS I 221 27.27 25.98 61.58
CA LYS I 221 27.53 27.34 61.15
C LYS I 221 28.91 27.50 60.54
N GLN I 222 29.82 26.52 60.74
CA GLN I 222 31.13 26.60 60.12
C GLN I 222 31.01 26.60 58.60
N THR I 223 30.15 25.73 58.06
CA THR I 223 29.83 25.72 56.64
C THR I 223 28.39 26.16 56.37
N GLN I 224 27.62 26.46 57.43
CA GLN I 224 26.21 26.84 57.30
C GLN I 224 25.43 25.79 56.51
N THR I 225 25.64 24.52 56.87
CA THR I 225 25.03 23.42 56.15
C THR I 225 24.18 22.59 57.11
N ILE I 226 23.09 22.04 56.58
CA ILE I 226 22.16 21.25 57.37
C ILE I 226 22.45 19.78 57.14
N TRP I 227 22.13 18.96 58.14
CA TRP I 227 22.32 17.52 58.03
C TRP I 227 21.43 16.81 59.02
N ARG I 228 21.00 15.61 58.65
CA ARG I 228 20.13 14.79 59.49
C ARG I 228 20.98 13.87 60.35
N GLY I 229 20.80 13.96 61.66
CA GLY I 229 21.56 13.13 62.59
C GLY I 229 20.70 12.53 63.67
N THR I 230 21.11 12.73 64.93
CA THR I 230 20.39 12.22 66.08
C THR I 230 20.10 13.36 67.06
N PRO I 231 19.05 13.24 67.87
CA PRO I 231 18.71 14.34 68.80
C PRO I 231 19.84 14.68 69.75
N SER I 232 20.38 15.87 69.61
CA SER I 232 21.44 16.39 70.47
C SER I 232 20.88 17.53 71.31
N LYS I 233 21.75 18.15 72.10
CA LYS I 233 21.34 19.22 73.01
C LYS I 233 21.06 20.49 72.21
N GLY I 234 19.86 20.57 71.64
CA GLY I 234 19.48 21.74 70.86
C GLY I 234 19.58 21.53 69.36
N CYS I 235 18.44 21.42 68.70
CA CYS I 235 18.40 21.27 67.25
C CYS I 235 18.12 22.63 66.61
N SER I 236 18.82 22.92 65.52
CA SER I 236 18.73 24.20 64.84
C SER I 236 17.63 24.24 63.79
N LEU I 237 16.93 23.13 63.55
CA LEU I 237 15.88 23.11 62.54
C LEU I 237 14.53 22.82 63.17
N ILE I 238 14.28 23.39 64.35
CA ILE I 238 12.98 23.26 65.02
C ILE I 238 11.99 24.30 64.51
N HIS I 239 12.37 25.12 63.55
CA HIS I 239 11.53 26.24 63.13
C HIS I 239 10.27 25.73 62.45
N PRO I 240 9.09 26.24 62.80
CA PRO I 240 7.85 25.94 62.05
C PRO I 240 7.77 26.76 60.76
N SER I 241 8.67 26.44 59.82
CA SER I 241 8.74 27.11 58.52
C SER I 241 9.02 28.60 58.67
N HIS I 242 10.04 28.92 59.46
CA HIS I 242 10.47 30.31 59.65
C HIS I 242 11.99 30.29 59.86
N LEU I 243 12.73 30.52 58.78
CA LEU I 243 14.18 30.46 58.82
C LEU I 243 14.73 31.44 57.78
N LYS I 244 16.00 31.29 57.43
CA LYS I 244 16.64 32.15 56.44
C LYS I 244 16.22 31.74 55.03
N TYR I 245 16.87 32.35 54.04
CA TYR I 245 16.57 32.06 52.65
C TYR I 245 17.15 30.70 52.26
N ASP I 246 16.94 30.32 51.00
CA ASP I 246 17.42 29.04 50.49
C ASP I 246 18.94 29.04 50.35
N LYS I 250 20.38 27.20 52.92
CA LYS I 250 20.37 26.44 54.18
C LYS I 250 18.95 26.25 54.68
N MET I 251 18.00 26.15 53.74
CA MET I 251 16.60 25.98 54.09
C MET I 251 15.93 25.05 53.07
N PRO I 252 15.55 23.84 53.47
CA PRO I 252 14.91 22.90 52.54
C PRO I 252 13.39 23.04 52.45
N TYR I 253 12.79 24.02 53.13
CA TYR I 253 11.34 24.16 53.11
C TYR I 253 10.84 24.46 51.70
N LEU I 254 11.56 25.31 50.96
CA LEU I 254 11.17 25.62 49.59
C LEU I 254 11.19 24.38 48.72
N VAL I 255 12.18 23.51 48.91
CA VAL I 255 12.24 22.28 48.12
C VAL I 255 11.05 21.39 48.43
N MET I 256 10.69 21.27 49.71
CA MET I 256 9.54 20.45 50.08
C MET I 256 8.25 21.01 49.49
N MET I 257 8.07 22.33 49.54
CA MET I 257 6.88 22.93 48.95
C MET I 257 6.85 22.73 47.44
N ASP I 258 8.00 22.84 46.78
CA ASP I 258 8.06 22.61 45.34
C ASP I 258 7.70 21.17 45.00
N GLN I 259 8.19 20.21 45.80
CA GLN I 259 7.85 18.82 45.57
C GLN I 259 6.36 18.57 45.77
N LEU I 260 5.78 19.19 46.81
CA LEU I 260 4.34 19.06 47.03
C LEU I 260 3.55 19.63 45.85
N LYS I 261 3.95 20.80 45.36
CA LYS I 261 3.27 21.40 44.22
C LYS I 261 3.40 20.52 42.97
N LEU I 262 4.58 19.95 42.76
CA LEU I 262 4.78 19.05 41.62
C LEU I 262 3.91 17.81 41.73
N PHE I 263 3.77 17.26 42.94
CA PHE I 263 2.85 16.15 43.13
C PHE I 263 1.42 16.55 42.83
N LEU I 264 1.02 17.75 43.26
CA LEU I 264 -0.33 18.22 42.99
C LEU I 264 -0.61 18.38 41.50
N ASN I 265 0.43 18.49 40.68
CA ASN I 265 0.27 18.62 39.24
C ASN I 265 0.16 17.28 38.52
N GLN I 266 0.39 16.18 39.22
CA GLN I 266 0.28 14.88 38.59
C GLN I 266 -1.19 14.57 38.26
N PRO I 267 -1.44 13.98 37.09
CA PRO I 267 -2.82 13.64 36.72
C PRO I 267 -3.42 12.62 37.68
N SER I 268 -4.71 12.78 37.95
CA SER I 268 -5.47 11.88 38.83
C SER I 268 -4.82 11.76 40.20
N ALA I 269 -4.28 12.87 40.72
CA ALA I 269 -3.67 12.85 42.03
C ALA I 269 -4.72 12.68 43.12
N ILE I 270 -4.34 11.95 44.17
CA ILE I 270 -5.19 11.74 45.34
C ILE I 270 -4.41 12.16 46.57
N LEU I 271 -5.11 12.89 47.45
CA LEU I 271 -4.48 13.39 48.66
C LEU I 271 -5.52 13.39 49.77
N ILE I 272 -5.09 12.99 50.96
CA ILE I 272 -5.95 12.88 52.13
C ILE I 272 -5.32 13.65 53.28
N THR I 273 -6.12 14.48 53.94
CA THR I 273 -5.66 15.26 55.09
C THR I 273 -6.24 14.65 56.36
N CYS I 274 -5.37 14.35 57.32
CA CYS I 274 -5.76 13.75 58.59
C CYS I 274 -5.32 14.65 59.73
N GLY I 275 -6.29 15.15 60.49
CA GLY I 275 -6.00 15.99 61.64
C GLY I 275 -5.66 17.43 61.32
N TYR I 276 -5.68 17.83 60.05
CA TYR I 276 -5.33 19.19 59.67
C TYR I 276 -6.53 20.11 59.84
N SER I 277 -6.32 21.24 60.50
CA SER I 277 -7.37 22.22 60.73
C SER I 277 -7.33 23.35 59.69
N TYR I 278 -6.44 23.26 58.71
CA TYR I 278 -6.33 24.25 57.64
C TYR I 278 -6.11 25.66 58.18
N LYS I 279 -5.31 25.78 59.23
CA LYS I 279 -5.06 27.06 59.89
C LYS I 279 -3.74 27.70 59.44
N ASP I 280 -3.05 27.12 58.47
CA ASP I 280 -1.82 27.68 57.94
C ASP I 280 -2.10 28.34 56.60
N GLN I 281 -1.74 29.62 56.48
CA GLN I 281 -2.02 30.36 55.26
C GLN I 281 -1.21 29.82 54.08
N HIS I 282 0.06 29.49 54.32
CA HIS I 282 0.92 29.05 53.21
C HIS I 282 0.49 27.69 52.67
N ILE I 283 0.22 26.74 53.56
CA ILE I 283 -0.22 25.42 53.11
C ILE I 283 -1.55 25.53 52.39
N ASN I 284 -2.48 26.31 52.93
CA ASN I 284 -3.79 26.46 52.31
C ASN I 284 -3.68 27.10 50.93
N GLU I 285 -2.85 28.15 50.79
CA GLU I 285 -2.72 28.79 49.49
C GLU I 285 -2.02 27.88 48.49
N VAL I 286 -1.03 27.10 48.93
CA VAL I 286 -0.37 26.16 48.02
C VAL I 286 -1.35 25.10 47.55
N LEU I 287 -2.16 24.56 48.48
CA LEU I 287 -3.15 23.56 48.10
C LEU I 287 -4.18 24.13 47.15
N SER I 288 -4.63 25.36 47.40
CA SER I 288 -5.61 25.99 46.52
C SER I 288 -5.04 26.22 45.13
N GLN I 289 -3.79 26.70 45.06
CA GLN I 289 -3.17 26.93 43.76
C GLN I 289 -2.96 25.63 43.00
N GLY I 290 -2.53 24.57 43.70
CA GLY I 290 -2.38 23.28 43.04
C GLY I 290 -3.69 22.70 42.56
N LEU I 291 -4.75 22.85 43.36
CA LEU I 291 -6.06 22.36 42.94
C LEU I 291 -6.60 23.14 41.75
N GLN I 292 -6.40 24.46 41.73
CA GLN I 292 -6.86 25.27 40.61
C GLN I 292 -6.08 24.96 39.34
N THR I 293 -4.76 24.77 39.47
CA THR I 293 -3.94 24.50 38.30
C THR I 293 -4.31 23.17 37.66
N ASN I 294 -4.53 22.13 38.47
CA ASN I 294 -4.90 20.82 37.96
C ASN I 294 -6.29 20.46 38.46
N PRO I 295 -7.34 20.60 37.64
CA PRO I 295 -8.69 20.24 38.10
C PRO I 295 -8.85 18.76 38.41
N ASN I 296 -8.00 17.90 37.85
CA ASN I 296 -8.11 16.47 38.10
C ASN I 296 -7.70 16.08 39.52
N ALA I 297 -6.98 16.96 40.22
CA ALA I 297 -6.58 16.67 41.58
C ALA I 297 -7.80 16.61 42.50
N LEU I 298 -7.73 15.71 43.48
CA LEU I 298 -8.82 15.52 44.43
C LEU I 298 -8.26 15.56 45.85
N ILE I 299 -9.05 16.11 46.77
CA ILE I 299 -8.68 16.25 48.17
C ILE I 299 -9.82 15.70 49.01
N TYR I 300 -9.60 14.54 49.62
CA TYR I 300 -10.60 13.90 50.48
C TYR I 300 -10.36 14.27 51.94
N GLY I 301 -10.46 15.57 52.22
CA GLY I 301 -10.24 16.08 53.56
C GLY I 301 -11.18 15.49 54.60
N LEU I 302 -10.61 15.05 55.73
CA LEU I 302 -11.37 14.49 56.83
C LEU I 302 -11.05 15.25 58.10
N GLN I 303 -12.10 15.66 58.82
CA GLN I 303 -11.95 16.42 60.06
C GLN I 303 -12.60 15.66 61.21
N TYR I 304 -11.85 15.48 62.29
CA TYR I 304 -12.40 14.78 63.45
C TYR I 304 -13.40 15.65 64.21
N ASP I 305 -13.25 16.97 64.14
CA ASP I 305 -14.17 17.88 64.82
C ASP I 305 -15.36 18.19 63.92
N VAL I 306 -16.32 18.94 64.47
CA VAL I 306 -17.50 19.32 63.71
C VAL I 306 -17.13 20.34 62.64
N LEU I 307 -17.96 20.43 61.60
CA LEU I 307 -17.70 21.33 60.50
C LEU I 307 -17.76 22.80 60.92
N GLU I 308 -18.60 23.13 61.91
CA GLU I 308 -18.80 24.52 62.29
C GLU I 308 -17.54 25.19 62.83
N ASN I 309 -16.59 24.42 63.35
CA ASN I 309 -15.38 24.99 63.92
C ASN I 309 -14.34 25.36 62.87
N TYR I 310 -14.54 25.00 61.61
CA TYR I 310 -13.57 25.26 60.54
C TYR I 310 -14.24 26.08 59.45
N GLN I 311 -14.18 27.41 59.58
CA GLN I 311 -14.70 28.30 58.54
C GLN I 311 -13.77 28.33 57.33
N GLU I 312 -12.46 28.26 57.56
CA GLU I 312 -11.51 28.23 56.45
C GLU I 312 -11.72 27.00 55.59
N ALA I 313 -12.00 25.86 56.22
CA ALA I 313 -12.30 24.64 55.44
C ALA I 313 -13.55 24.83 54.59
N LYS I 314 -14.58 25.47 55.14
CA LYS I 314 -15.78 25.75 54.36
C LYS I 314 -15.47 26.65 53.18
N ASP I 315 -14.68 27.70 53.39
CA ASP I 315 -14.34 28.61 52.31
C ASP I 315 -13.54 27.90 51.22
N MET I 316 -12.58 27.05 51.62
CA MET I 316 -11.79 26.31 50.65
C MET I 316 -12.68 25.34 49.86
N ALA I 317 -13.60 24.67 50.54
CA ALA I 317 -14.48 23.72 49.87
C ALA I 317 -15.41 24.42 48.89
N LEU I 318 -15.94 25.60 49.28
CA LEU I 318 -16.82 26.35 48.40
C LEU I 318 -16.08 27.03 47.26
N LYS I 319 -14.78 27.27 47.41
CA LYS I 319 -14.01 27.95 46.37
C LYS I 319 -13.68 27.04 45.19
N ARG I 320 -13.48 25.74 45.43
CA ARG I 320 -13.10 24.81 44.38
C ARG I 320 -14.10 23.66 44.33
N SER I 321 -14.45 23.26 43.11
CA SER I 321 -15.45 22.22 42.90
C SER I 321 -14.88 20.82 42.92
N ASN I 322 -13.56 20.67 43.00
CA ASN I 322 -12.90 19.37 43.01
C ASN I 322 -12.26 19.08 44.37
N LEU I 323 -12.92 19.50 45.45
CA LEU I 323 -12.45 19.27 46.81
C LEU I 323 -13.60 18.66 47.61
N ILE I 324 -13.53 17.36 47.85
CA ILE I 324 -14.59 16.66 48.56
C ILE I 324 -14.24 16.70 50.05
N LEU I 325 -14.76 17.72 50.74
CA LEU I 325 -14.50 17.87 52.16
C LEU I 325 -15.54 17.12 52.98
N LEU I 326 -15.06 16.39 53.99
CA LEU I 326 -15.94 15.64 54.89
C LEU I 326 -15.64 16.05 56.33
N ALA I 327 -16.68 16.04 57.16
CA ALA I 327 -16.54 16.40 58.56
C ALA I 327 -17.33 15.42 59.41
N LYS I 328 -17.46 15.72 60.70
CA LYS I 328 -18.17 14.82 61.61
C LYS I 328 -19.68 14.88 61.42
N ASP I 329 -20.21 16.07 61.09
CA ASP I 329 -21.65 16.26 60.95
C ASP I 329 -22.08 16.40 59.49
N ARG I 330 -21.50 17.35 58.77
CA ARG I 330 -21.89 17.66 57.39
C ARG I 330 -20.70 17.44 56.47
N ALA I 331 -20.93 17.70 55.17
CA ALA I 331 -19.89 17.55 54.17
C ALA I 331 -20.16 18.52 53.03
N ILE I 332 -19.12 18.77 52.23
CA ILE I 332 -19.21 19.62 51.05
C ILE I 332 -18.60 18.84 49.89
N ILE I 333 -19.44 18.40 48.95
CA ILE I 333 -19.00 17.61 47.81
C ILE I 333 -19.26 18.44 46.56
N GLY I 334 -18.26 19.19 46.12
CA GLY I 334 -18.38 19.97 44.90
C GLY I 334 -19.15 21.26 45.09
N LYS I 335 -18.67 22.13 45.97
CA LYS I 335 -19.19 23.48 46.24
C LYS I 335 -20.60 23.48 46.80
N LYS I 336 -21.18 22.34 47.12
CA LYS I 336 -22.50 22.26 47.74
C LYS I 336 -22.40 21.57 49.09
N GLU I 337 -23.10 22.12 50.08
CA GLU I 337 -23.06 21.59 51.44
C GLU I 337 -24.26 20.69 51.68
N GLY I 338 -23.99 19.49 52.19
CA GLY I 338 -25.04 18.55 52.55
C GLY I 338 -24.87 18.06 53.97
N GLU I 339 -25.98 17.65 54.56
CA GLU I 339 -26.03 17.15 55.93
C GLU I 339 -26.15 15.62 55.91
N TRP I 340 -26.14 15.05 57.11
CA TRP I 340 -26.26 13.60 57.24
C TRP I 340 -27.67 13.15 56.90
N LYS I 341 -27.78 12.13 56.06
CA LYS I 341 -29.07 11.58 55.70
C LYS I 341 -29.69 10.86 56.89
N PRO I 342 -31.02 10.71 56.91
CA PRO I 342 -31.65 10.02 58.05
C PRO I 342 -31.32 8.53 58.06
N ASP I 343 -30.48 8.12 59.01
CA ASP I 343 -30.07 6.74 59.14
C ASP I 343 -29.91 6.42 60.63
N PRO I 344 -30.07 5.16 61.02
CA PRO I 344 -29.90 4.80 62.44
C PRO I 344 -28.44 4.77 62.88
N GLN I 345 -27.82 5.95 62.87
CA GLN I 345 -26.41 6.06 63.30
C GLN I 345 -26.26 5.70 64.77
N SER I 346 -27.18 6.17 65.61
CA SER I 346 -27.17 5.88 67.04
C SER I 346 -28.37 5.01 67.38
N SER I 347 -28.10 3.86 68.00
CA SER I 347 -29.19 2.95 68.36
C SER I 347 -30.06 3.52 69.46
N GLN I 348 -29.45 4.22 70.42
CA GLN I 348 -30.20 4.79 71.53
C GLN I 348 -31.14 5.90 71.04
N ASP I 349 -32.38 5.89 71.54
CA ASP I 349 -33.34 6.91 71.17
C ASP I 349 -32.90 8.28 71.69
N ASN I 350 -32.38 8.34 72.91
CA ASN I 350 -31.96 9.60 73.50
C ASN I 350 -30.75 10.16 72.76
N ASP I 351 -30.81 11.46 72.44
CA ASP I 351 -29.76 12.17 71.73
C ASP I 351 -29.40 11.47 70.43
N PRO I 352 -30.29 11.47 69.42
CA PRO I 352 -29.99 10.79 68.15
C PRO I 352 -29.09 11.63 67.24
N LEU I 353 -27.89 11.91 67.73
CA LEU I 353 -26.94 12.72 66.97
C LEU I 353 -26.34 11.91 65.83
N LEU I 354 -26.39 12.48 64.62
CA LEU I 354 -25.81 11.84 63.44
C LEU I 354 -24.39 12.36 63.27
N PHE I 355 -23.44 11.65 63.88
CA PHE I 355 -22.04 12.01 63.85
C PHE I 355 -21.25 10.95 63.11
N PHE I 356 -20.39 11.38 62.19
CA PHE I 356 -19.55 10.47 61.40
C PHE I 356 -18.34 10.10 62.25
N LYS I 357 -18.52 9.09 63.10
CA LYS I 357 -17.45 8.64 63.98
C LYS I 357 -16.33 7.94 63.23
N LEU I 358 -16.52 7.61 61.95
CA LEU I 358 -15.49 6.94 61.17
C LEU I 358 -14.34 7.88 60.79
N GLY I 359 -14.48 9.17 61.04
CA GLY I 359 -13.42 10.12 60.74
C GLY I 359 -12.27 10.13 61.73
N ASP I 360 -12.38 9.40 62.83
CA ASP I 360 -11.31 9.33 63.81
C ASP I 360 -10.13 8.56 63.24
N PHE I 361 -8.94 8.85 63.78
CA PHE I 361 -7.73 8.20 63.30
C PHE I 361 -7.78 6.70 63.56
N GLN I 362 -8.28 6.28 64.73
CA GLN I 362 -8.42 4.85 65.00
C GLN I 362 -9.39 4.20 64.03
N HIS I 363 -10.54 4.85 63.79
CA HIS I 363 -11.51 4.32 62.85
C HIS I 363 -10.95 4.29 61.43
N LEU I 364 -10.19 5.33 61.06
CA LEU I 364 -9.55 5.35 59.75
C LEU I 364 -8.56 4.20 59.60
N ALA I 365 -7.76 3.95 60.63
CA ALA I 365 -6.82 2.85 60.60
C ALA I 365 -7.54 1.51 60.49
N SER I 366 -8.64 1.35 61.23
CA SER I 366 -9.42 0.12 61.13
C SER I 366 -9.98 -0.06 59.73
N PHE I 367 -10.49 1.02 59.13
CA PHE I 367 -11.01 0.94 57.77
C PHE I 367 -9.92 0.56 56.78
N LEU I 368 -8.74 1.16 56.92
CA LEU I 368 -7.63 0.83 56.03
C LEU I 368 -7.20 -0.63 56.20
N GLU I 369 -7.18 -1.11 57.44
CA GLU I 369 -6.85 -2.52 57.69
C GLU I 369 -7.87 -3.43 57.04
N GLU I 370 -9.17 -3.10 57.16
CA GLU I 370 -10.20 -3.91 56.52
C GLU I 370 -10.06 -3.90 55.01
N ILE I 371 -9.73 -2.74 54.43
CA ILE I 371 -9.53 -2.66 52.98
C ILE I 371 -8.35 -3.53 52.56
N SER I 372 -7.26 -3.49 53.34
CA SER I 372 -6.08 -4.27 52.99
C SER I 372 -6.37 -5.76 52.98
N GLN I 373 -7.12 -6.24 53.98
CA GLN I 373 -7.47 -7.65 54.05
C GLN I 373 -8.69 -7.96 53.19
N ASP J 11 44.06 38.95 21.97
CA ASP J 11 42.88 38.38 22.61
C ASP J 11 41.62 39.17 22.25
N THR J 12 41.79 40.46 21.97
CA THR J 12 40.66 41.31 21.64
C THR J 12 40.00 40.86 20.34
N THR J 13 40.80 40.53 19.33
CA THR J 13 40.26 40.18 18.03
C THR J 13 39.41 38.92 18.09
N GLN J 14 39.90 37.88 18.78
CA GLN J 14 39.15 36.63 18.86
C GLN J 14 37.85 36.81 19.63
N GLN J 15 37.91 37.53 20.76
CA GLN J 15 36.71 37.77 21.54
C GLN J 15 35.69 38.58 20.75
N LEU J 16 36.15 39.61 20.03
CA LEU J 16 35.24 40.40 19.22
C LEU J 16 34.60 39.57 18.11
N SER J 17 35.40 38.71 17.46
CA SER J 17 34.88 37.87 16.38
C SER J 17 33.83 36.89 16.91
N LEU J 18 34.12 36.24 18.05
CA LEU J 18 33.16 35.28 18.59
C LEU J 18 31.89 35.98 19.07
N LEU J 19 32.02 37.16 19.68
CA LEU J 19 30.85 37.90 20.09
C LEU J 19 30.01 38.32 18.89
N LYS J 20 30.65 38.78 17.82
CA LYS J 20 29.92 39.13 16.61
C LYS J 20 29.20 37.92 16.03
N HIS J 21 29.87 36.77 16.00
CA HIS J 21 29.25 35.57 15.46
C HIS J 21 28.05 35.13 16.28
N VAL J 22 28.17 35.16 17.62
CA VAL J 22 27.07 34.68 18.45
C VAL J 22 25.91 35.69 18.43
N LEU J 23 26.21 36.98 18.33
CA LEU J 23 25.13 37.98 18.30
C LEU J 23 24.44 38.04 16.95
N SER J 24 25.17 37.76 15.86
CA SER J 24 24.56 37.80 14.53
C SER J 24 23.51 36.72 14.36
N GLU J 25 23.73 35.54 14.93
CA GLU J 25 22.77 34.45 14.79
C GLU J 25 21.48 34.77 15.54
N ASP J 26 20.36 34.48 14.89
CA ASP J 26 19.04 34.71 15.47
C ASP J 26 18.39 33.45 15.99
N LYS J 27 19.14 32.35 16.10
CA LYS J 27 18.62 31.08 16.53
C LYS J 27 18.75 30.84 18.03
N ARG J 28 19.25 31.82 18.78
CA ARG J 28 19.40 31.69 20.22
C ARG J 28 18.77 32.87 20.93
N PRO J 29 18.15 32.66 22.08
CA PRO J 29 17.60 33.78 22.84
C PRO J 29 18.68 34.70 23.35
N ILE J 30 18.35 35.98 23.48
CA ILE J 30 19.27 37.01 23.96
C ILE J 30 18.63 37.72 25.14
N ALA J 31 19.44 38.02 26.15
CA ALA J 31 18.98 38.77 27.31
C ALA J 31 20.11 39.63 27.83
N PHE J 32 19.75 40.63 28.62
CA PHE J 32 20.72 41.56 29.20
C PHE J 32 20.36 41.84 30.65
N ILE J 33 21.39 42.18 31.42
CA ILE J 33 21.25 42.61 32.81
C ILE J 33 21.75 44.03 32.92
N ILE J 34 20.92 44.92 33.46
CA ILE J 34 21.21 46.35 33.51
C ILE J 34 21.39 46.75 34.97
N ALA J 35 22.53 47.35 35.28
CA ALA J 35 22.84 47.87 36.60
C ALA J 35 23.10 49.37 36.49
N ALA J 36 23.56 49.97 37.60
CA ALA J 36 23.81 51.40 37.64
C ALA J 36 24.93 51.82 36.70
N GLY J 37 25.73 50.88 36.22
CA GLY J 37 26.80 51.22 35.29
C GLY J 37 26.28 51.83 34.00
N CYS J 38 25.16 51.34 33.50
CA CYS J 38 24.58 51.91 32.28
C CYS J 38 24.15 53.35 32.46
N PRO J 39 23.35 53.73 33.47
CA PRO J 39 23.06 55.16 33.65
C PRO J 39 24.26 56.00 34.02
N VAL J 40 25.23 55.45 34.76
CA VAL J 40 26.39 56.26 35.14
C VAL J 40 27.29 56.55 33.95
N SER J 41 27.18 55.77 32.87
CA SER J 41 28.02 55.99 31.69
C SER J 41 27.59 57.21 30.89
N ILE J 42 26.38 57.72 31.10
CA ILE J 42 25.91 58.90 30.37
C ILE J 42 26.52 60.15 31.00
N ARG J 43 27.17 60.95 30.17
CA ARG J 43 27.83 62.17 30.64
C ARG J 43 26.89 63.36 30.44
N HIS J 44 26.68 64.14 31.49
CA HIS J 44 25.82 65.31 31.43
C HIS J 44 26.44 66.41 32.29
N ASN J 45 26.82 67.52 31.66
CA ASN J 45 27.48 68.63 32.34
C ASN J 45 28.75 68.19 33.05
N ASP J 46 29.48 67.24 32.44
CA ASP J 46 30.70 66.67 33.02
C ASP J 46 30.44 66.06 34.40
N ALA J 47 29.23 65.55 34.58
CA ALA J 47 28.82 64.90 35.83
C ALA J 47 28.00 63.67 35.50
N PRO J 48 28.06 62.64 36.33
CA PRO J 48 27.25 61.44 36.07
C PRO J 48 25.76 61.74 36.12
N LEU J 49 25.01 61.11 35.22
CA LEU J 49 23.56 61.25 35.23
C LEU J 49 22.97 60.69 36.52
N ILE J 50 23.45 59.54 36.95
CA ILE J 50 23.04 58.93 38.22
C ILE J 50 24.30 58.58 39.00
N PRO J 51 24.44 59.05 40.24
CA PRO J 51 25.69 58.80 40.99
C PRO J 51 25.78 57.39 41.55
N ASP J 52 24.87 56.51 41.13
CA ASP J 52 24.87 55.10 41.53
C ASP J 52 24.62 54.94 43.02
N VAL J 53 24.79 53.72 43.52
CA VAL J 53 24.48 53.42 44.93
C VAL J 53 25.40 54.20 45.86
N ALA J 54 26.69 54.26 45.55
CA ALA J 54 27.63 54.99 46.41
C ALA J 54 27.30 56.47 46.44
N GLY J 55 27.00 57.06 45.28
CA GLY J 55 26.64 58.47 45.24
C GLY J 55 25.34 58.75 45.99
N LEU J 56 24.35 57.87 45.85
CA LEU J 56 23.12 58.01 46.60
C LEU J 56 23.34 57.90 48.11
N THR J 57 24.19 56.98 48.56
CA THR J 57 24.51 56.89 49.97
C THR J 57 25.22 58.15 50.48
N ARG J 58 26.18 58.66 49.71
CA ARG J 58 26.86 59.90 50.11
C ARG J 58 25.89 61.07 50.17
N LYS J 59 25.01 61.21 49.19
CA LYS J 59 24.05 62.31 49.21
C LYS J 59 23.03 62.14 50.32
N ILE J 60 22.62 60.91 50.61
CA ILE J 60 21.72 60.66 51.73
C ILE J 60 22.39 61.06 53.04
N SER J 61 23.65 60.67 53.22
CA SER J 61 24.36 61.02 54.44
C SER J 61 24.54 62.54 54.57
N ASP J 62 24.87 63.20 53.46
CA ASP J 62 25.07 64.65 53.50
C ASP J 62 23.76 65.41 53.67
N SER J 63 22.63 64.80 53.31
CA SER J 63 21.35 65.49 53.42
C SER J 63 21.02 65.82 54.87
N PHE J 64 21.26 64.89 55.77
CA PHE J 64 20.98 65.09 57.19
C PHE J 64 22.16 65.68 57.96
N GLY J 65 23.29 65.90 57.29
CA GLY J 65 24.45 66.49 57.93
C GLY J 65 25.25 65.50 58.75
N GLY J 66 26.31 66.01 59.36
CA GLY J 66 27.20 65.23 60.20
C GLY J 66 26.86 65.20 61.67
N ASN J 67 25.69 65.71 62.05
CA ASN J 67 25.31 65.74 63.46
C ASN J 67 25.06 64.33 63.97
N PRO J 68 25.75 63.88 65.02
CA PRO J 68 25.51 62.52 65.54
C PRO J 68 24.15 62.34 66.18
N ASP J 69 23.46 63.43 66.53
CA ASP J 69 22.16 63.31 67.18
C ASP J 69 21.09 62.70 66.27
N SER J 70 21.27 62.80 64.96
CA SER J 70 20.31 62.22 64.03
C SER J 70 20.35 60.70 64.10
N LEU J 71 19.17 60.09 63.99
CA LEU J 71 19.08 58.64 64.06
C LEU J 71 19.71 57.97 62.84
N LEU J 72 19.72 58.68 61.70
CA LEU J 72 20.28 58.10 60.48
C LEU J 72 21.77 57.81 60.64
N MET J 73 22.52 58.75 61.22
CA MET J 73 23.94 58.52 61.46
C MET J 73 24.16 57.40 62.47
N LYS J 74 23.29 57.31 63.48
CA LYS J 74 23.40 56.22 64.44
C LYS J 74 23.21 54.87 63.76
N ILE J 75 22.22 54.77 62.86
CA ILE J 75 22.01 53.53 62.14
C ILE J 75 23.19 53.24 61.22
N ILE J 76 23.75 54.28 60.60
CA ILE J 76 24.88 54.09 59.69
C ILE J 76 26.08 53.54 60.46
N GLN J 77 26.37 54.11 61.63
CA GLN J 77 27.51 53.61 62.41
C GLN J 77 27.23 52.22 62.99
N ASN J 78 25.97 51.94 63.35
CA ASN J 78 25.63 50.60 63.81
C ASN J 78 25.85 49.57 62.71
N LEU J 79 25.50 49.90 61.47
CA LEU J 79 25.79 49.03 60.35
C LEU J 79 27.29 48.93 60.09
N LYS J 80 28.01 50.04 60.27
CA LYS J 80 29.47 50.02 60.12
C LYS J 80 30.11 49.03 61.09
N THR J 81 29.56 48.91 62.29
CA THR J 81 30.09 47.95 63.26
C THR J 81 29.98 46.53 62.74
N THR J 82 28.90 46.22 62.03
CA THR J 82 28.69 44.88 61.47
C THR J 82 29.11 44.79 60.01
N ILE J 83 28.54 45.61 59.15
CA ILE J 83 28.84 45.60 57.72
C ILE J 83 29.98 46.58 57.47
N PRO J 84 31.11 46.14 56.91
CA PRO J 84 32.22 47.09 56.67
C PRO J 84 31.84 48.24 55.76
N ASN J 85 31.00 47.99 54.76
CA ASN J 85 30.57 49.01 53.80
C ASN J 85 29.04 48.97 53.70
N PRO J 86 28.34 49.83 54.44
CA PRO J 86 26.88 49.82 54.39
C PRO J 86 26.37 50.23 53.02
N THR J 87 25.21 49.70 52.67
CA THR J 87 24.55 49.97 51.40
C THR J 87 23.17 50.55 51.66
N ILE J 88 22.74 51.45 50.77
CA ILE J 88 21.42 52.05 50.92
C ILE J 88 20.33 50.99 50.85
N GLU J 89 20.54 49.94 50.05
CA GLU J 89 19.62 48.81 50.04
C GLU J 89 19.57 48.15 51.41
N ASP J 90 20.75 47.95 52.02
CA ASP J 90 20.80 47.38 53.36
C ASP J 90 20.16 48.31 54.38
N ILE J 91 20.36 49.62 54.22
CA ILE J 91 19.75 50.58 55.14
C ILE J 91 18.22 50.50 55.06
N LEU J 92 17.69 50.44 53.83
CA LEU J 92 16.24 50.32 53.66
C LEU J 92 15.73 49.01 54.24
N SER J 93 16.46 47.92 54.01
CA SER J 93 16.05 46.64 54.57
C SER J 93 16.02 46.68 56.09
N TYR J 94 17.04 47.28 56.70
CA TYR J 94 17.10 47.39 58.16
C TYR J 94 15.95 48.26 58.69
N ILE J 95 15.67 49.36 58.00
CA ILE J 95 14.58 50.24 58.42
C ILE J 95 13.24 49.52 58.34
N ARG J 96 13.01 48.79 57.25
CA ARG J 96 11.76 48.04 57.12
C ARG J 96 11.67 46.93 58.16
N LEU J 97 12.80 46.29 58.47
CA LEU J 97 12.82 45.27 59.51
C LEU J 97 12.45 45.87 60.86
N LEU J 98 12.99 47.04 61.17
CA LEU J 98 12.61 47.72 62.42
C LEU J 98 11.14 48.09 62.41
N GLN J 99 10.63 48.57 61.27
CA GLN J 99 9.23 48.95 61.17
C GLN J 99 8.28 47.76 61.30
N GLN J 100 8.72 46.57 60.91
CA GLN J 100 7.86 45.40 60.94
C GLN J 100 7.44 45.02 62.35
N ILE J 101 8.13 45.50 63.37
CA ILE J 101 7.80 45.19 64.76
C ILE J 101 7.73 46.49 65.55
N PRO J 102 6.97 46.54 66.65
CA PRO J 102 6.93 47.77 67.46
C PRO J 102 8.25 48.04 68.17
N MET J 103 9.27 48.46 67.40
CA MET J 103 10.59 48.72 67.95
C MET J 103 10.65 50.14 68.48
N SER J 104 10.19 50.31 69.71
CA SER J 104 10.22 51.60 70.39
C SER J 104 11.34 51.71 71.41
N GLY J 105 12.32 50.81 71.35
CA GLY J 105 13.37 50.75 72.34
C GLY J 105 14.55 51.66 72.02
N LYS J 106 15.69 51.33 72.64
CA LYS J 106 16.90 52.13 72.46
C LYS J 106 17.36 52.14 71.01
N ILE J 107 17.05 51.09 70.25
CA ILE J 107 17.39 51.07 68.83
C ILE J 107 16.73 52.23 68.11
N HIS J 108 15.49 52.54 68.46
CA HIS J 108 14.76 53.68 67.93
C HIS J 108 14.45 54.71 69.01
N ASP J 109 15.37 54.90 69.96
CA ASP J 109 15.15 55.87 71.03
C ASP J 109 15.07 57.29 70.50
N VAL J 110 15.94 57.63 69.54
CA VAL J 110 15.93 58.98 68.98
C VAL J 110 14.61 59.25 68.26
N GLU J 111 14.11 58.27 67.51
CA GLU J 111 12.86 58.39 66.76
C GLU J 111 11.91 57.30 67.23
N ASN J 112 11.10 57.60 68.25
CA ASN J 112 10.13 56.63 68.73
C ASN J 112 9.11 56.28 67.65
N SER J 113 8.65 57.30 66.91
CA SER J 113 7.74 57.06 65.80
C SER J 113 8.15 57.83 64.55
N VAL J 114 9.29 58.54 64.58
CA VAL J 114 9.74 59.29 63.41
C VAL J 114 10.53 58.46 62.44
N ILE J 115 10.68 57.15 62.68
CA ILE J 115 11.34 56.28 61.72
C ILE J 115 10.54 56.22 60.43
N ASN J 116 9.20 56.21 60.54
CA ASN J 116 8.36 56.26 59.36
C ASN J 116 8.59 57.54 58.56
N ALA J 117 8.68 58.68 59.26
CA ALA J 117 8.97 59.94 58.58
C ALA J 117 10.34 59.90 57.90
N LEU J 118 11.34 59.31 58.57
CA LEU J 118 12.67 59.24 58.00
C LEU J 118 12.68 58.40 56.74
N GLU J 119 12.02 57.24 56.77
CA GLU J 119 12.00 56.38 55.59
C GLU J 119 11.17 57.01 54.46
N GLU J 120 10.09 57.71 54.80
CA GLU J 120 9.33 58.41 53.77
C GLU J 120 10.18 59.50 53.13
N SER J 121 10.95 60.23 53.94
CA SER J 121 11.84 61.25 53.39
C SER J 121 12.89 60.63 52.49
N ILE J 122 13.45 59.49 52.89
CA ILE J 122 14.44 58.81 52.06
C ILE J 122 13.83 58.39 50.73
N CYS J 123 12.62 57.82 50.78
CA CYS J 123 11.95 57.41 49.56
C CYS J 123 11.66 58.61 48.65
N GLU J 124 11.21 59.72 49.23
CA GLU J 124 10.95 60.91 48.43
C GLU J 124 12.22 61.43 47.79
N LEU J 125 13.33 61.43 48.54
CA LEU J 125 14.61 61.88 47.97
C LEU J 125 15.05 60.97 46.83
N ILE J 126 14.88 59.66 47.00
CA ILE J 126 15.22 58.72 45.94
C ILE J 126 14.39 59.00 44.69
N GLU J 127 13.07 59.17 44.88
CA GLU J 127 12.19 59.42 43.74
C GLU J 127 12.57 60.71 43.03
N GLU J 128 12.86 61.77 43.79
CA GLU J 128 13.24 63.04 43.18
C GLU J 128 14.56 62.93 42.42
N GLU J 129 15.53 62.21 42.98
CA GLU J 129 16.85 62.16 42.35
C GLU J 129 16.89 61.24 41.14
N VAL J 130 16.04 60.21 41.09
CA VAL J 130 16.05 59.27 39.97
C VAL J 130 15.00 59.61 38.92
N ASN J 131 14.31 60.74 39.07
CA ASN J 131 13.25 61.13 38.13
C ASN J 131 13.86 62.08 37.10
N VAL J 132 14.48 61.50 36.08
CA VAL J 132 15.06 62.26 34.98
C VAL J 132 14.64 61.64 33.65
N ASP J 133 15.11 62.22 32.55
CA ASP J 133 14.78 61.73 31.22
C ASP J 133 16.03 61.73 30.37
N LEU J 134 16.01 60.91 29.31
CA LEU J 134 17.15 60.81 28.42
C LEU J 134 17.28 62.08 27.58
N PRO J 135 18.41 62.78 27.64
CA PRO J 135 18.57 63.98 26.80
C PRO J 135 19.01 63.63 25.38
N GLY J 136 18.21 64.02 24.40
CA GLY J 136 18.54 63.75 23.02
C GLY J 136 18.38 62.28 22.63
N ASN J 137 18.89 61.97 21.45
CA ASN J 137 18.82 60.61 20.90
C ASN J 137 20.19 59.97 20.76
N ALA J 138 21.23 60.55 21.37
CA ALA J 138 22.58 60.04 21.27
C ALA J 138 22.95 59.11 22.43
N THR J 139 21.99 58.81 23.31
CA THR J 139 22.27 57.94 24.43
C THR J 139 22.49 56.51 23.95
N PRO J 140 23.31 55.73 24.68
CA PRO J 140 23.51 54.33 24.30
C PRO J 140 22.24 53.51 24.29
N TYR J 141 21.24 53.89 25.08
CA TYR J 141 19.97 53.17 25.08
C TYR J 141 19.29 53.25 23.71
N HIS J 142 19.39 54.40 23.05
CA HIS J 142 18.83 54.53 21.70
C HIS J 142 19.54 53.61 20.73
N LYS J 143 20.87 53.49 20.85
CA LYS J 143 21.61 52.57 19.99
C LYS J 143 21.20 51.13 20.25
N ILE J 144 20.99 50.77 21.53
CA ILE J 144 20.56 49.42 21.86
C ILE J 144 19.20 49.13 21.25
N ALA J 145 18.27 50.08 21.38
CA ALA J 145 16.94 49.91 20.80
C ALA J 145 17.01 49.79 19.28
N ALA J 146 17.86 50.58 18.64
CA ALA J 146 18.03 50.51 17.20
C ALA J 146 18.56 49.13 16.79
N TRP J 147 19.53 48.62 17.53
CA TRP J 147 20.03 47.27 17.25
C TRP J 147 18.95 46.23 17.44
N ILE J 148 18.12 46.39 18.47
CA ILE J 148 17.07 45.41 18.76
C ILE J 148 16.05 45.38 17.63
N ASN J 149 15.59 46.55 17.19
CA ASN J 149 14.53 46.62 16.19
C ASN J 149 15.05 46.60 14.75
N SER J 150 16.37 46.59 14.57
CA SER J 150 16.92 46.60 13.21
C SER J 150 16.62 45.31 12.47
N ILE J 151 16.78 44.16 13.15
CA ILE J 151 16.58 42.85 12.53
C ILE J 151 15.49 42.12 13.29
N ASN J 152 14.51 41.61 12.56
CA ASN J 152 13.47 40.78 13.16
C ASN J 152 14.06 39.42 13.53
N ARG J 153 13.76 38.96 14.75
CA ARG J 153 14.33 37.73 15.28
C ARG J 153 13.21 36.77 15.67
N GLU J 154 13.43 35.49 15.39
CA GLU J 154 12.46 34.47 15.76
C GLU J 154 12.35 34.29 17.26
N HIS J 155 13.38 34.64 18.01
CA HIS J 155 13.38 34.56 19.47
C HIS J 155 13.29 35.96 20.05
N GLN J 156 12.37 36.15 20.99
CA GLN J 156 12.18 37.46 21.60
C GLN J 156 13.39 37.84 22.44
N VAL J 157 13.67 39.14 22.48
CA VAL J 157 14.79 39.68 23.23
C VAL J 157 14.25 40.29 24.52
N GLU J 158 14.71 39.77 25.65
CA GLU J 158 14.31 40.26 26.95
C GLU J 158 15.42 41.08 27.59
N ILE J 159 15.04 41.98 28.48
CA ILE J 159 15.98 42.85 29.18
C ILE J 159 15.66 42.82 30.66
N PHE J 160 16.67 42.60 31.49
CA PHE J 160 16.53 42.60 32.94
C PHE J 160 17.29 43.79 33.52
N THR J 161 16.63 44.53 34.41
CA THR J 161 17.23 45.68 35.04
C THR J 161 16.90 45.69 36.53
N THR J 162 17.87 46.09 37.34
CA THR J 162 17.67 46.25 38.78
C THR J 162 17.58 47.71 39.19
N ASN J 163 17.55 48.63 38.22
CA ASN J 163 17.50 50.05 38.51
C ASN J 163 16.05 50.51 38.65
N TYR J 164 15.87 51.76 39.08
CA TYR J 164 14.54 52.34 39.23
C TYR J 164 14.17 53.31 38.12
N ASP J 165 15.14 53.83 37.37
CA ASP J 165 14.86 54.80 36.32
C ASP J 165 14.20 54.12 35.13
N LEU J 166 13.45 54.91 34.36
CA LEU J 166 12.70 54.42 33.21
C LEU J 166 13.39 54.77 31.89
N LEU J 167 14.72 54.82 31.89
CA LEU J 167 15.45 55.17 30.67
C LEU J 167 15.21 54.16 29.56
N MET J 168 15.25 52.87 29.90
CA MET J 168 15.05 51.83 28.89
C MET J 168 13.66 51.91 28.28
N GLU J 169 12.64 52.14 29.11
CA GLU J 169 11.28 52.24 28.61
C GLU J 169 11.13 53.41 27.63
N GLN J 170 11.69 54.57 28.00
CA GLN J 170 11.62 55.73 27.13
C GLN J 170 12.36 55.48 25.81
N ALA J 171 13.54 54.86 25.89
CA ALA J 171 14.31 54.57 24.68
C ALA J 171 13.55 53.61 23.76
N LEU J 172 12.94 52.57 24.34
CA LEU J 172 12.18 51.62 23.53
C LEU J 172 10.96 52.25 22.91
N GLU J 173 10.23 53.08 23.67
CA GLU J 173 8.99 53.65 23.14
C GLU J 173 9.27 54.75 22.12
N GLU J 174 10.41 55.45 22.25
CA GLU J 174 10.75 56.48 21.27
C GLU J 174 11.02 55.87 19.89
N LEU J 175 11.71 54.74 19.86
CA LEU J 175 12.06 54.09 18.60
C LEU J 175 11.02 53.09 18.13
N ASN J 176 9.81 53.16 18.67
CA ASN J 176 8.70 52.29 18.27
C ASN J 176 9.06 50.81 18.45
N VAL J 177 9.35 50.45 19.71
CA VAL J 177 9.68 49.09 20.07
C VAL J 177 8.63 48.58 21.05
N PRO J 178 7.69 47.75 20.60
CA PRO J 178 6.71 47.18 21.54
C PRO J 178 7.36 46.27 22.55
N TYR J 179 6.80 46.25 23.76
CA TYR J 179 7.37 45.45 24.84
C TYR J 179 6.27 45.16 25.85
N PHE J 180 6.52 44.13 26.66
CA PHE J 180 5.59 43.71 27.70
C PHE J 180 6.34 43.67 29.03
N ASP J 181 5.83 44.38 30.02
CA ASP J 181 6.47 44.50 31.33
C ASP J 181 5.71 43.78 32.42
N GLY J 182 4.67 43.03 32.07
CA GLY J 182 3.90 42.31 33.07
C GLY J 182 2.61 43.02 33.48
N PHE J 183 2.52 44.32 33.22
CA PHE J 183 1.33 45.08 33.58
C PHE J 183 0.48 45.33 32.34
N VAL J 184 -0.84 45.13 32.50
CA VAL J 184 -1.79 45.31 31.42
C VAL J 184 -2.88 46.25 31.92
N GLY J 185 -3.15 47.30 31.15
CA GLY J 185 -4.17 48.26 31.50
C GLY J 185 -3.81 49.64 30.98
N SER J 186 -4.77 50.55 31.16
CA SER J 186 -4.61 51.92 30.69
C SER J 186 -4.64 52.93 31.83
N LYS J 187 -5.69 52.92 32.65
CA LYS J 187 -5.78 53.85 33.77
C LYS J 187 -4.91 53.39 34.94
N ARG J 188 -5.20 52.19 35.45
CA ARG J 188 -4.43 51.59 36.55
C ARG J 188 -4.13 50.16 36.13
N ALA J 189 -3.02 49.96 35.42
CA ALA J 189 -2.66 48.64 34.93
C ALA J 189 -2.39 47.69 36.10
N PHE J 190 -3.11 46.57 36.13
CA PHE J 190 -2.93 45.59 37.18
C PHE J 190 -1.89 44.56 36.77
N PHE J 191 -1.44 43.77 37.75
CA PHE J 191 -0.42 42.76 37.53
C PHE J 191 -1.12 41.45 37.16
N ASP J 192 -1.27 41.21 35.86
CA ASP J 192 -1.86 39.97 35.39
C ASP J 192 -0.83 38.84 35.53
N ILE J 193 -1.29 37.70 36.04
CA ILE J 193 -0.40 36.58 36.35
C ILE J 193 -0.48 35.50 35.29
N ARG J 194 -1.69 35.20 34.79
CA ARG J 194 -1.87 34.07 33.89
C ARG J 194 -1.06 34.24 32.61
N THR J 195 -1.11 35.43 32.01
CA THR J 195 -0.42 35.64 30.73
C THR J 195 1.08 35.51 30.87
N ILE J 196 1.62 35.75 32.07
CA ILE J 196 3.06 35.62 32.28
C ILE J 196 3.52 34.19 32.05
N GLU J 197 2.78 33.23 32.61
CA GLU J 197 3.11 31.82 32.43
C GLU J 197 2.53 31.23 31.15
N GLU J 198 1.59 31.92 30.51
CA GLU J 198 1.09 31.42 29.22
C GLU J 198 2.20 31.39 28.18
N ASN J 199 3.01 32.45 28.13
CA ASN J 199 4.15 32.54 27.22
C ASN J 199 3.72 32.31 25.77
N LYS J 200 2.65 33.00 25.37
CA LYS J 200 2.13 32.92 24.02
C LYS J 200 2.01 34.31 23.41
N LEU J 201 2.90 35.21 23.80
CA LEU J 201 2.93 36.54 23.22
C LEU J 201 3.46 36.49 21.79
N PRO J 202 3.14 37.49 20.97
CA PRO J 202 3.67 37.51 19.60
C PRO J 202 5.19 37.55 19.61
N SER J 203 5.79 36.87 18.62
CA SER J 203 7.23 36.70 18.59
C SER J 203 7.98 38.01 18.36
N ARG J 204 7.33 39.03 17.80
CA ARG J 204 7.99 40.29 17.56
C ARG J 204 8.03 41.17 18.81
N TRP J 205 7.26 40.83 19.85
CA TRP J 205 7.25 41.62 21.07
C TRP J 205 8.49 41.33 21.92
N SER J 206 8.94 42.34 22.64
CA SER J 206 10.04 42.21 23.57
C SER J 206 9.51 42.16 25.00
N LYS J 207 10.40 41.96 25.96
CA LYS J 207 10.03 41.87 27.37
C LYS J 207 11.04 42.62 28.21
N LEU J 208 10.54 43.38 29.18
CA LEU J 208 11.37 44.12 30.13
C LEU J 208 10.88 43.80 31.54
N TRP J 209 11.73 43.12 32.32
CA TRP J 209 11.38 42.70 33.66
C TRP J 209 12.10 43.56 34.69
N LYS J 210 11.36 44.05 35.67
CA LYS J 210 11.89 44.93 36.72
C LYS J 210 12.17 44.06 37.95
N LEU J 211 13.44 43.69 38.11
CA LEU J 211 13.82 42.83 39.23
C LEU J 211 13.64 43.54 40.56
N HIS J 212 14.02 44.80 40.65
CA HIS J 212 13.96 45.56 41.89
C HIS J 212 12.79 46.54 41.94
N GLY J 213 11.82 46.40 41.04
CA GLY J 213 10.68 47.29 41.04
C GLY J 213 10.91 48.54 40.21
N SER J 214 9.98 49.48 40.35
CA SER J 214 10.03 50.74 39.62
C SER J 214 9.43 51.84 40.47
N ILE J 215 9.72 53.09 40.09
CA ILE J 215 9.23 54.23 40.83
C ILE J 215 7.75 54.51 40.57
N ASN J 216 7.20 54.02 39.45
CA ASN J 216 5.81 54.25 39.12
C ASN J 216 4.87 53.19 39.67
N TRP J 217 5.40 52.12 40.26
CA TRP J 217 4.56 51.12 40.89
C TRP J 217 4.00 51.67 42.19
N GLN J 218 2.73 51.35 42.47
CA GLN J 218 2.07 51.78 43.69
C GLN J 218 1.26 50.62 44.25
N LEU J 219 0.96 50.70 45.55
CA LEU J 219 0.20 49.67 46.24
C LEU J 219 -0.97 50.32 46.96
N ASP J 220 -2.14 49.68 46.86
CA ASP J 220 -3.35 50.12 47.55
C ASP J 220 -3.61 49.16 48.70
N LYS J 221 -3.70 49.69 49.92
CA LYS J 221 -3.93 48.85 51.10
C LYS J 221 -5.39 48.50 51.28
N GLN J 222 -6.31 49.19 50.59
CA GLN J 222 -7.71 48.84 50.67
C GLN J 222 -7.95 47.43 50.17
N THR J 223 -7.33 47.08 49.04
CA THR J 223 -7.34 45.72 48.52
C THR J 223 -5.98 45.05 48.60
N GLN J 224 -4.96 45.77 49.08
CA GLN J 224 -3.59 45.25 49.15
C GLN J 224 -3.12 44.75 47.79
N THR J 225 -3.35 45.57 46.77
CA THR J 225 -3.03 45.19 45.40
C THR J 225 -2.07 46.19 44.79
N ILE J 226 -1.19 45.70 43.94
CA ILE J 226 -0.19 46.54 43.29
C ILE J 226 -0.66 46.89 41.89
N TRP J 227 -0.20 48.04 41.40
CA TRP J 227 -0.55 48.48 40.07
C TRP J 227 0.49 49.48 39.56
N ARG J 228 0.70 49.49 38.25
CA ARG J 228 1.66 50.38 37.62
C ARG J 228 0.95 51.65 37.19
N GLY J 229 1.43 52.79 37.67
CA GLY J 229 0.84 54.07 37.32
C GLY J 229 1.86 55.12 36.97
N THR J 230 1.78 56.27 37.62
CA THR J 230 2.70 57.38 37.40
C THR J 230 3.31 57.81 38.73
N PRO J 231 4.51 58.40 38.70
CA PRO J 231 5.17 58.80 39.96
C PRO J 231 4.32 59.77 40.78
N SER J 232 3.88 59.31 41.94
CA SER J 232 3.11 60.12 42.88
C SER J 232 3.96 60.40 44.12
N LYS J 233 3.35 61.06 45.10
CA LYS J 233 4.07 61.44 46.32
C LYS J 233 4.28 60.21 47.19
N GLY J 234 5.31 59.43 46.89
CA GLY J 234 5.61 58.24 47.65
C GLY J 234 5.13 56.96 47.00
N CYS J 235 6.08 56.17 46.48
CA CYS J 235 5.76 54.88 45.87
C CYS J 235 6.00 53.77 46.87
N SER J 236 5.09 52.80 46.91
CA SER J 236 5.16 51.71 47.88
C SER J 236 5.98 50.53 47.38
N LEU J 237 6.50 50.58 46.16
CA LEU J 237 7.27 49.45 45.63
C LEU J 237 8.71 49.87 45.34
N ILE J 238 9.27 50.72 46.21
CA ILE J 238 10.66 51.13 46.08
C ILE J 238 11.62 50.11 46.71
N HIS J 239 11.10 49.01 47.24
CA HIS J 239 11.92 48.08 47.99
C HIS J 239 12.94 47.39 47.08
N PRO J 240 14.21 47.32 47.49
CA PRO J 240 15.19 46.50 46.75
C PRO J 240 15.05 45.02 47.07
N SER J 241 13.94 44.43 46.63
CA SER J 241 13.63 43.01 46.84
C SER J 241 13.53 42.69 48.34
N HIS J 242 12.75 43.49 49.06
CA HIS J 242 12.52 43.25 50.48
C HIS J 242 11.10 43.72 50.80
N LEU J 243 10.15 42.80 50.77
CA LEU J 243 8.74 43.13 50.99
C LEU J 243 8.07 41.93 51.66
N LYS J 244 6.74 41.90 51.61
CA LYS J 244 5.98 40.81 52.21
C LYS J 244 6.01 39.59 51.29
N TYR J 245 5.22 38.59 51.65
CA TYR J 245 5.14 37.36 50.88
C TYR J 245 4.37 37.59 49.58
N ASP J 246 4.24 36.52 48.79
CA ASP J 246 3.54 36.61 47.52
C ASP J 246 2.04 36.76 47.73
N LYS J 250 1.06 40.03 47.09
CA LYS J 250 1.30 41.44 46.79
C LYS J 250 2.78 41.70 46.52
N MET J 251 3.46 40.70 45.98
CA MET J 251 4.88 40.82 45.69
C MET J 251 5.21 40.09 44.39
N PRO J 252 5.55 40.81 43.33
CA PRO J 252 5.87 40.17 42.04
C PRO J 252 7.32 39.75 41.88
N TYR J 253 8.16 39.93 42.90
CA TYR J 253 9.57 39.58 42.79
C TYR J 253 9.75 38.09 42.52
N LEU J 254 8.97 37.25 43.20
CA LEU J 254 9.05 35.81 42.98
C LEU J 254 8.72 35.45 41.54
N VAL J 255 7.71 36.11 40.96
CA VAL J 255 7.35 35.84 39.58
C VAL J 255 8.49 36.21 38.65
N MET J 256 9.14 37.37 38.89
CA MET J 256 10.25 37.77 38.05
C MET J 256 11.41 36.80 38.16
N MET J 257 11.73 36.34 39.38
CA MET J 257 12.79 35.37 39.55
C MET J 257 12.46 34.05 38.87
N ASP J 258 11.20 33.62 38.96
CA ASP J 258 10.78 32.40 38.29
C ASP J 258 10.91 32.53 36.77
N GLN J 259 10.53 33.68 36.21
CA GLN J 259 10.68 33.90 34.78
C GLN J 259 12.15 33.89 34.38
N LEU J 260 13.01 34.51 35.18
CA LEU J 260 14.43 34.50 34.89
C LEU J 260 14.99 33.08 34.91
N LYS J 261 14.59 32.28 35.90
CA LYS J 261 15.04 30.90 35.97
C LYS J 261 14.55 30.10 34.77
N LEU J 262 13.29 30.31 34.38
CA LEU J 262 12.74 29.62 33.21
C LEU J 262 13.50 30.01 31.95
N PHE J 263 13.86 31.28 31.80
CA PHE J 263 14.69 31.68 30.67
C PHE J 263 16.05 30.99 30.71
N LEU J 264 16.65 30.89 31.89
CA LEU J 264 17.94 30.22 32.02
C LEU J 264 17.87 28.75 31.63
N ASN J 265 16.68 28.15 31.64
CA ASN J 265 16.52 26.75 31.27
C ASN J 265 16.33 26.54 29.78
N GLN J 266 16.16 27.62 29.01
CA GLN J 266 16.00 27.47 27.58
C GLN J 266 17.31 27.01 26.93
N PRO J 267 17.23 26.10 25.97
CA PRO J 267 18.45 25.62 25.30
C PRO J 267 19.16 26.75 24.56
N SER J 268 20.49 26.70 24.57
CA SER J 268 21.33 27.68 23.90
C SER J 268 21.02 29.11 24.34
N ALA J 269 20.73 29.29 25.61
CA ALA J 269 20.43 30.61 26.14
C ALA J 269 21.68 31.49 26.15
N ILE J 270 21.49 32.77 25.86
CA ILE J 270 22.57 33.74 25.91
C ILE J 270 22.14 34.88 26.84
N LEU J 271 23.09 35.30 27.69
CA LEU J 271 22.82 36.35 28.64
C LEU J 271 24.08 37.18 28.82
N ILE J 272 23.90 38.49 28.92
CA ILE J 272 25.00 39.44 29.04
C ILE J 272 24.73 40.34 30.23
N THR J 273 25.73 40.50 31.09
CA THR J 273 25.64 41.36 32.26
C THR J 273 26.44 42.64 32.00
N CYS J 274 25.78 43.79 32.19
CA CYS J 274 26.41 45.08 31.97
C CYS J 274 26.33 45.90 33.25
N GLY J 275 27.49 46.24 33.80
CA GLY J 275 27.56 47.06 35.00
C GLY J 275 27.30 46.33 36.30
N TYR J 276 27.06 45.02 36.26
CA TYR J 276 26.77 44.24 37.45
C TYR J 276 28.05 43.85 38.16
N SER J 277 28.10 44.11 39.46
CA SER J 277 29.26 43.76 40.28
C SER J 277 29.09 42.43 40.99
N TYR J 278 27.99 41.73 40.74
CA TYR J 278 27.73 40.41 41.34
C TYR J 278 27.78 40.45 42.87
N LYS J 279 27.27 41.54 43.45
CA LYS J 279 27.29 41.72 44.90
C LYS J 279 25.98 41.33 45.57
N ASP J 280 25.02 40.78 44.84
CA ASP J 280 23.76 40.32 45.40
C ASP J 280 23.78 38.81 45.54
N GLN J 281 23.53 38.31 46.75
CA GLN J 281 23.59 36.88 46.99
C GLN J 281 22.47 36.14 46.25
N HIS J 282 21.27 36.71 46.22
CA HIS J 282 20.14 36.02 45.61
C HIS J 282 20.31 35.92 44.10
N ILE J 283 20.68 37.02 43.45
CA ILE J 283 20.88 36.99 42.01
C ILE J 283 22.00 36.04 41.65
N ASN J 284 23.11 36.09 42.39
CA ASN J 284 24.24 35.22 42.12
C ASN J 284 23.87 33.75 42.28
N GLU J 285 23.14 33.41 43.34
CA GLU J 285 22.77 32.01 43.54
C GLU J 285 21.77 31.54 42.49
N VAL J 286 20.84 32.41 42.08
CA VAL J 286 19.90 32.03 41.03
C VAL J 286 20.64 31.80 39.71
N LEU J 287 21.59 32.68 39.38
CA LEU J 287 22.36 32.51 38.16
C LEU J 287 23.19 31.23 38.20
N SER J 288 23.81 30.95 39.35
CA SER J 288 24.61 29.74 39.49
C SER J 288 23.75 28.49 39.34
N GLN J 289 22.58 28.49 39.98
CA GLN J 289 21.69 27.34 39.88
C GLN J 289 21.19 27.13 38.46
N GLY J 290 20.83 28.22 37.78
CA GLY J 290 20.41 28.10 36.39
C GLY J 290 21.51 27.62 35.47
N LEU J 291 22.74 28.09 35.69
CA LEU J 291 23.86 27.65 34.88
C LEU J 291 24.19 26.19 35.13
N GLN J 292 24.12 25.73 36.38
CA GLN J 292 24.38 24.34 36.69
C GLN J 292 23.29 23.43 36.12
N THR J 293 22.03 23.86 36.22
CA THR J 293 20.93 23.04 35.72
C THR J 293 21.01 22.84 34.21
N ASN J 294 21.32 23.91 33.48
CA ASN J 294 21.43 23.85 32.02
C ASN J 294 22.86 24.18 31.62
N PRO J 295 23.69 23.17 31.31
CA PRO J 295 25.07 23.48 30.89
C PRO J 295 25.16 24.25 29.59
N ASN J 296 24.12 24.19 28.75
CA ASN J 296 24.16 24.91 27.48
C ASN J 296 24.06 26.41 27.65
N ALA J 297 23.61 26.88 28.81
CA ALA J 297 23.51 28.32 29.05
C ALA J 297 24.90 28.95 29.09
N LEU J 298 24.98 30.18 28.58
CA LEU J 298 26.23 30.92 28.53
C LEU J 298 26.03 32.31 29.11
N ILE J 299 27.06 32.80 29.79
CA ILE J 299 27.04 34.11 30.43
C ILE J 299 28.29 34.86 29.99
N TYR J 300 28.11 35.88 29.15
CA TYR J 300 29.22 36.70 28.67
C TYR J 300 29.36 37.96 29.52
N GLY J 301 29.64 37.74 30.80
CA GLY J 301 29.79 38.83 31.75
C GLY J 301 30.88 39.81 31.38
N LEU J 302 30.56 41.11 31.43
CA LEU J 302 31.50 42.17 31.13
C LEU J 302 31.56 43.13 32.32
N GLN J 303 32.77 43.45 32.75
CA GLN J 303 32.99 44.34 33.89
C GLN J 303 33.82 45.54 33.43
N TYR J 304 33.33 46.74 33.75
CA TYR J 304 34.07 47.95 33.39
C TYR J 304 35.29 48.15 34.26
N ASP J 305 35.25 47.65 35.49
CA ASP J 305 36.38 47.78 36.40
C ASP J 305 37.37 46.62 36.20
N VAL J 306 38.49 46.68 36.91
CA VAL J 306 39.50 45.64 36.82
C VAL J 306 38.98 44.37 37.48
N LEU J 307 39.56 43.23 37.09
CA LEU J 307 39.12 41.95 37.62
C LEU J 307 39.41 41.81 39.11
N GLU J 308 40.50 42.44 39.60
CA GLU J 308 40.92 42.25 40.98
C GLU J 308 39.88 42.75 41.99
N ASN J 309 39.01 43.67 41.60
CA ASN J 309 38.02 44.22 42.53
C ASN J 309 36.81 43.32 42.71
N TYR J 310 36.67 42.26 41.94
CA TYR J 310 35.51 41.37 41.99
C TYR J 310 35.99 39.95 42.30
N GLN J 311 36.08 39.62 43.58
CA GLN J 311 36.43 38.26 43.98
C GLN J 311 35.25 37.31 43.78
N GLU J 312 34.03 37.79 44.01
CA GLU J 312 32.85 36.96 43.78
C GLU J 312 32.73 36.56 42.32
N ALA J 313 33.05 37.49 41.41
CA ALA J 313 33.04 37.15 39.99
C ALA J 313 34.07 36.07 39.68
N LYS J 314 35.26 36.16 40.28
CA LYS J 314 36.26 35.12 40.08
C LYS J 314 35.78 33.77 40.59
N ASP J 315 35.15 33.75 41.77
CA ASP J 315 34.65 32.50 42.32
C ASP J 315 33.56 31.90 41.44
N MET J 316 32.65 32.74 40.95
CA MET J 316 31.59 32.25 40.07
C MET J 316 32.16 31.72 38.77
N ALA J 317 33.15 32.41 38.21
CA ALA J 317 33.76 31.96 36.95
C ALA J 317 34.51 30.64 37.14
N LEU J 318 35.20 30.49 38.26
CA LEU J 318 35.93 29.25 38.53
C LEU J 318 35.01 28.11 38.92
N LYS J 319 33.81 28.40 39.41
CA LYS J 319 32.89 27.35 39.84
C LYS J 319 32.21 26.65 38.67
N ARG J 320 31.95 27.35 37.57
CA ARG J 320 31.25 26.79 36.42
C ARG J 320 32.09 26.97 35.18
N SER J 321 32.10 25.92 34.34
CA SER J 321 32.93 25.91 33.14
C SER J 321 32.25 26.54 31.94
N ASN J 322 30.97 26.89 32.05
CA ASN J 322 30.22 27.49 30.95
C ASN J 322 29.88 28.95 31.24
N LEU J 323 30.81 29.68 31.86
CA LEU J 323 30.64 31.10 32.17
C LEU J 323 31.90 31.83 31.67
N ILE J 324 31.77 32.52 30.54
CA ILE J 324 32.89 33.23 29.94
C ILE J 324 32.90 34.63 30.52
N LEU J 325 33.66 34.82 31.60
CA LEU J 325 33.75 36.11 32.24
C LEU J 325 34.88 36.94 31.64
N LEU J 326 34.59 38.21 31.36
CA LEU J 326 35.57 39.14 30.82
C LEU J 326 35.65 40.37 31.71
N ALA J 327 36.86 40.94 31.79
CA ALA J 327 37.09 42.12 32.60
C ALA J 327 37.95 43.10 31.83
N LYS J 328 38.40 44.16 32.50
CA LYS J 328 39.22 45.17 31.84
C LYS J 328 40.64 44.69 31.59
N ASP J 329 41.19 43.87 32.48
CA ASP J 329 42.57 43.41 32.38
C ASP J 329 42.66 41.94 31.96
N ARG J 330 42.03 41.05 32.71
CA ARG J 330 42.11 39.61 32.49
C ARG J 330 40.72 39.06 32.18
N ALA J 331 40.66 37.75 31.97
CA ALA J 331 39.41 37.06 31.69
C ALA J 331 39.49 35.63 32.17
N ILE J 332 38.32 35.00 32.32
CA ILE J 332 38.22 33.60 32.72
C ILE J 332 37.28 32.93 31.71
N ILE J 333 37.84 32.07 30.87
CA ILE J 333 37.06 31.38 29.84
C ILE J 333 37.11 29.89 30.16
N GLY J 334 36.10 29.40 30.88
CA GLY J 334 36.02 28.00 31.20
C GLY J 334 36.93 27.56 32.33
N LYS J 335 36.76 28.17 33.50
CA LYS J 335 37.44 27.83 34.75
C LYS J 335 38.95 28.09 34.71
N LYS J 336 39.47 28.68 33.64
CA LYS J 336 40.89 29.02 33.54
C LYS J 336 41.03 30.53 33.36
N GLU J 337 42.00 31.11 34.07
CA GLU J 337 42.23 32.55 34.03
C GLU J 337 43.36 32.87 33.05
N GLY J 338 43.10 33.80 32.16
CA GLY J 338 44.11 34.26 31.22
C GLY J 338 44.23 35.78 31.25
N GLU J 339 45.41 36.25 30.87
CA GLU J 339 45.71 37.67 30.84
C GLU J 339 45.69 38.17 29.39
N TRP J 340 45.90 39.47 29.24
CA TRP J 340 45.91 40.09 27.93
C TRP J 340 47.16 39.67 27.15
N LYS J 341 46.97 39.24 25.91
CA LYS J 341 48.08 38.86 25.06
C LYS J 341 48.89 40.10 24.67
N PRO J 342 50.16 39.92 24.30
CA PRO J 342 50.97 41.08 23.92
C PRO J 342 50.51 41.68 22.61
N ASP J 343 49.90 42.85 22.68
CA ASP J 343 49.38 43.54 21.50
C ASP J 343 49.55 45.04 21.72
N PRO J 344 49.67 45.82 20.64
CA PRO J 344 49.81 47.28 20.79
C PRO J 344 48.49 47.97 21.16
N GLN J 345 48.01 47.66 22.36
CA GLN J 345 46.76 48.28 22.83
C GLN J 345 46.91 49.78 23.00
N SER J 346 48.05 50.21 23.55
CA SER J 346 48.34 51.62 23.75
C SER J 346 49.50 52.02 22.85
N SER J 347 49.27 53.05 22.01
CA SER J 347 50.32 53.49 21.10
C SER J 347 51.47 54.14 21.85
N GLN J 348 51.18 54.88 22.91
CA GLN J 348 52.23 55.56 23.66
C GLN J 348 53.11 54.55 24.38
N ASP J 349 54.43 54.78 24.32
CA ASP J 349 55.37 53.90 25.00
C ASP J 349 55.20 53.98 26.51
N ASN J 350 54.99 55.18 27.05
CA ASN J 350 54.85 55.34 28.49
C ASN J 350 53.56 54.69 28.98
N ASP J 351 53.66 53.94 30.07
CA ASP J 351 52.55 53.22 30.69
C ASP J 351 51.83 52.35 29.66
N PRO J 352 52.45 51.26 29.19
CA PRO J 352 51.80 50.38 28.20
C PRO J 352 50.80 49.43 28.84
N LEU J 353 49.77 50.00 29.46
CA LEU J 353 48.75 49.19 30.14
C LEU J 353 47.83 48.54 29.11
N LEU J 354 47.65 47.23 29.24
CA LEU J 354 46.76 46.47 28.36
C LEU J 354 45.39 46.41 29.02
N PHE J 355 44.55 47.39 28.73
CA PHE J 355 43.21 47.49 29.30
C PHE J 355 42.18 47.34 28.20
N PHE J 356 41.17 46.49 28.45
CA PHE J 356 40.10 46.25 27.49
C PHE J 356 39.08 47.39 27.63
N LYS J 357 39.36 48.49 26.93
CA LYS J 357 38.49 49.66 26.97
C LYS J 357 37.15 49.43 26.27
N LEU J 358 37.02 48.34 25.51
CA LEU J 358 35.77 48.05 24.82
C LEU J 358 34.66 47.59 25.76
N GLY J 359 34.97 47.32 27.02
CA GLY J 359 33.97 46.91 27.99
C GLY J 359 33.09 48.03 28.51
N ASP J 360 33.39 49.27 28.16
CA ASP J 360 32.58 50.40 28.61
C ASP J 360 31.22 50.38 27.90
N PHE J 361 30.23 50.99 28.55
CA PHE J 361 28.89 51.01 28.00
C PHE J 361 28.85 51.76 26.66
N GLN J 362 29.56 52.88 26.57
CA GLN J 362 29.62 53.61 25.31
C GLN J 362 30.28 52.77 24.22
N HIS J 363 31.40 52.10 24.56
CA HIS J 363 32.06 51.24 23.59
C HIS J 363 31.19 50.07 23.21
N LEU J 364 30.46 49.50 24.17
CA LEU J 364 29.54 48.41 23.88
C LEU J 364 28.43 48.86 22.94
N ALA J 365 27.88 50.05 23.18
CA ALA J 365 26.85 50.58 22.29
C ALA J 365 27.39 50.82 20.89
N SER J 366 28.62 51.34 20.79
CA SER J 366 29.24 51.55 19.49
C SER J 366 29.44 50.22 18.76
N PHE J 367 29.89 49.19 19.49
CA PHE J 367 30.08 47.88 18.89
C PHE J 367 28.75 47.30 18.40
N LEU J 368 27.70 47.44 19.20
CA LEU J 368 26.39 46.94 18.80
C LEU J 368 25.87 47.70 17.57
N GLU J 369 26.09 49.01 17.53
CA GLU J 369 25.70 49.79 16.35
C GLU J 369 26.46 49.33 15.11
N GLU J 370 27.76 49.08 15.25
CA GLU J 370 28.54 48.60 14.11
C GLU J 370 28.05 47.23 13.65
N ILE J 371 27.71 46.35 14.60
CA ILE J 371 27.18 45.03 14.24
C ILE J 371 25.85 45.17 13.51
N SER J 372 24.99 46.07 13.97
CA SER J 372 23.69 46.25 13.33
C SER J 372 23.83 46.72 11.89
N GLN J 373 24.74 47.66 11.64
CA GLN J 373 24.96 48.15 10.28
C GLN J 373 25.91 47.24 9.52
N ASP K 11 -46.41 40.96 24.83
CA ASP K 11 -45.25 41.24 23.99
C ASP K 11 -43.97 41.19 24.81
N THR K 12 -44.07 41.49 26.10
CA THR K 12 -42.90 41.49 26.97
C THR K 12 -42.30 40.09 27.09
N THR K 13 -43.15 39.08 27.24
CA THR K 13 -42.65 37.72 27.46
C THR K 13 -41.87 37.21 26.25
N GLN K 14 -42.41 37.42 25.04
CA GLN K 14 -41.75 36.93 23.85
C GLN K 14 -40.42 37.65 23.62
N GLN K 15 -40.40 38.97 23.80
CA GLN K 15 -39.16 39.72 23.64
C GLN K 15 -38.12 39.29 24.66
N LEU K 16 -38.53 39.11 25.92
CA LEU K 16 -37.60 38.66 26.95
C LEU K 16 -37.05 37.28 26.63
N SER K 17 -37.92 36.37 26.17
CA SER K 17 -37.47 35.02 25.84
C SER K 17 -36.47 35.03 24.69
N LEU K 18 -36.76 35.79 23.63
CA LEU K 18 -35.85 35.83 22.49
C LEU K 18 -34.53 36.50 22.86
N LEU K 19 -34.58 37.56 23.68
CA LEU K 19 -33.35 38.20 24.13
C LEU K 19 -32.52 37.23 24.98
N LYS K 20 -33.16 36.49 25.88
CA LYS K 20 -32.44 35.51 26.68
C LYS K 20 -31.80 34.44 25.80
N HIS K 21 -32.54 33.96 24.80
CA HIS K 21 -32.01 32.93 23.92
C HIS K 21 -30.81 33.45 23.11
N VAL K 22 -30.89 34.67 22.58
CA VAL K 22 -29.80 35.18 21.76
C VAL K 22 -28.59 35.52 22.62
N LEU K 23 -28.80 35.99 23.85
CA LEU K 23 -27.69 36.33 24.72
C LEU K 23 -27.02 35.09 25.32
N SER K 24 -27.79 34.03 25.56
CA SER K 24 -27.22 32.82 26.14
C SER K 24 -26.24 32.15 25.19
N GLU K 25 -26.51 32.18 23.89
CA GLU K 25 -25.63 31.56 22.91
C GLU K 25 -24.31 32.30 22.84
N ASP K 26 -23.21 31.55 22.79
CA ASP K 26 -21.86 32.10 22.72
C ASP K 26 -21.28 32.01 21.32
N LYS K 27 -22.09 31.68 20.31
CA LYS K 27 -21.62 31.50 18.94
C LYS K 27 -21.74 32.77 18.11
N ARG K 28 -22.15 33.88 18.71
CA ARG K 28 -22.28 35.14 17.97
C ARG K 28 -21.56 36.25 18.72
N PRO K 29 -20.92 37.18 18.02
CA PRO K 29 -20.28 38.32 18.68
C PRO K 29 -21.31 39.22 19.35
N ILE K 30 -20.89 39.86 20.45
CA ILE K 30 -21.74 40.77 21.19
C ILE K 30 -21.03 42.10 21.32
N ALA K 31 -21.80 43.19 21.20
CA ALA K 31 -21.26 44.53 21.37
C ALA K 31 -22.34 45.43 21.96
N PHE K 32 -21.90 46.54 22.52
CA PHE K 32 -22.79 47.49 23.16
C PHE K 32 -22.40 48.92 22.78
N ILE K 33 -23.38 49.80 22.81
CA ILE K 33 -23.17 51.23 22.59
C ILE K 33 -23.60 51.96 23.87
N ILE K 34 -22.69 52.78 24.41
CA ILE K 34 -22.90 53.45 25.69
C ILE K 34 -23.02 54.94 25.43
N ALA K 35 -24.11 55.52 25.90
CA ALA K 35 -24.36 56.96 25.82
C ALA K 35 -24.54 57.52 27.24
N ALA K 36 -24.93 58.78 27.33
CA ALA K 36 -25.09 59.44 28.63
C ALA K 36 -26.22 58.82 29.45
N GLY K 37 -27.09 58.02 28.83
CA GLY K 37 -28.16 57.38 29.57
C GLY K 37 -27.64 56.45 30.65
N CYS K 38 -26.55 55.73 30.37
CA CYS K 38 -25.98 54.84 31.38
C CYS K 38 -25.46 55.59 32.60
N PRO K 39 -24.62 56.63 32.47
CA PRO K 39 -24.23 57.37 33.68
C PRO K 39 -25.38 58.12 34.33
N VAL K 40 -26.35 58.61 33.56
CA VAL K 40 -27.45 59.34 34.18
C VAL K 40 -28.36 58.43 34.98
N SER K 41 -28.33 57.12 34.74
CA SER K 41 -29.19 56.20 35.46
C SER K 41 -28.71 55.95 36.89
N ILE K 42 -27.47 56.30 37.22
CA ILE K 42 -26.94 56.12 38.56
C ILE K 42 -27.46 57.24 39.45
N ARG K 43 -28.09 56.88 40.56
CA ARG K 43 -28.65 57.84 41.49
C ARG K 43 -27.67 58.10 42.62
N HIS K 44 -27.38 59.38 42.86
CA HIS K 44 -26.46 59.77 43.92
C HIS K 44 -26.99 61.05 44.58
N ASN K 45 -27.33 60.96 45.86
CA ASN K 45 -27.90 62.08 46.61
C ASN K 45 -29.18 62.60 45.95
N ASP K 46 -29.97 61.68 45.39
CA ASP K 46 -31.20 62.01 44.68
C ASP K 46 -30.95 63.00 43.54
N ALA K 47 -29.77 62.90 42.94
CA ALA K 47 -29.37 63.73 41.81
C ALA K 47 -28.63 62.87 40.81
N PRO K 48 -28.72 63.19 39.52
CA PRO K 48 -27.99 62.41 38.52
C PRO K 48 -26.49 62.52 38.70
N LEU K 49 -25.80 61.39 38.47
CA LEU K 49 -24.34 61.40 38.54
C LEU K 49 -23.74 62.30 37.46
N ILE K 50 -24.28 62.22 36.25
CA ILE K 50 -23.88 63.10 35.16
C ILE K 50 -25.14 63.72 34.56
N PRO K 51 -25.22 65.05 34.45
CA PRO K 51 -26.46 65.68 33.97
C PRO K 51 -26.62 65.60 32.45
N ASP K 52 -25.78 64.80 31.80
CA ASP K 52 -25.84 64.57 30.36
C ASP K 52 -25.56 65.85 29.57
N VAL K 53 -25.79 65.79 28.27
CA VAL K 53 -25.47 66.91 27.39
C VAL K 53 -26.32 68.14 27.74
N ALA K 54 -27.61 67.94 27.97
CA ALA K 54 -28.48 69.08 28.31
C ALA K 54 -28.07 69.72 29.63
N GLY K 55 -27.76 68.90 30.64
CA GLY K 55 -27.32 69.45 31.90
C GLY K 55 -26.00 70.18 31.79
N LEU K 56 -25.07 69.63 31.01
CA LEU K 56 -23.80 70.31 30.78
C LEU K 56 -23.98 71.63 30.04
N THR K 57 -24.88 71.69 29.06
CA THR K 57 -25.17 72.96 28.39
C THR K 57 -25.79 73.98 29.35
N ARG K 58 -26.74 73.54 30.18
CA ARG K 58 -27.33 74.46 31.14
C ARG K 58 -26.31 74.97 32.14
N LYS K 59 -25.44 74.09 32.65
CA LYS K 59 -24.42 74.53 33.59
C LYS K 59 -23.38 75.42 32.93
N ILE K 60 -23.03 75.13 31.67
CA ILE K 60 -22.12 76.01 30.94
C ILE K 60 -22.73 77.40 30.77
N SER K 61 -24.01 77.46 30.40
CA SER K 61 -24.67 78.74 30.22
C SER K 61 -24.75 79.50 31.55
N ASP K 62 -25.07 78.79 32.64
CA ASP K 62 -25.18 79.45 33.94
C ASP K 62 -23.84 79.86 34.51
N SER K 63 -22.75 79.22 34.06
CA SER K 63 -21.42 79.55 34.58
C SER K 63 -21.05 80.99 34.26
N PHE K 64 -21.32 81.43 33.03
CA PHE K 64 -20.99 82.78 32.61
C PHE K 64 -22.12 83.77 32.86
N GLY K 65 -23.25 83.32 33.38
CA GLY K 65 -24.35 84.21 33.70
C GLY K 65 -25.19 84.57 32.49
N GLY K 66 -26.20 85.39 32.74
CA GLY K 66 -27.11 85.85 31.72
C GLY K 66 -26.73 87.15 31.05
N ASN K 67 -25.54 87.67 31.30
CA ASN K 67 -25.13 88.94 30.71
C ASN K 67 -24.93 88.79 29.21
N PRO K 68 -25.62 89.59 28.39
CA PRO K 68 -25.44 89.47 26.92
C PRO K 68 -24.08 89.91 26.43
N ASP K 69 -23.32 90.65 27.24
CA ASP K 69 -22.01 91.14 26.80
C ASP K 69 -21.01 90.01 26.60
N SER K 70 -21.21 88.86 27.25
CA SER K 70 -20.31 87.73 27.08
C SER K 70 -20.44 87.15 25.68
N LEU K 71 -19.30 86.75 25.11
CA LEU K 71 -19.29 86.19 23.76
C LEU K 71 -19.99 84.83 23.71
N LEU K 72 -19.99 84.09 24.83
CA LEU K 72 -20.61 82.78 24.85
C LEU K 72 -22.11 82.87 24.59
N MET K 73 -22.78 83.84 25.22
CA MET K 73 -24.21 84.02 24.97
C MET K 73 -24.48 84.48 23.54
N LYS K 74 -23.59 85.31 22.99
CA LYS K 74 -23.74 85.73 21.59
C LYS K 74 -23.63 84.53 20.65
N ILE K 75 -22.68 83.62 20.91
CA ILE K 75 -22.55 82.43 20.09
C ILE K 75 -23.78 81.53 20.27
N ILE K 76 -24.29 81.43 21.49
CA ILE K 76 -25.46 80.59 21.74
C ILE K 76 -26.66 81.11 20.97
N GLN K 77 -26.90 82.43 21.00
CA GLN K 77 -28.03 82.97 20.27
C GLN K 77 -27.82 82.90 18.76
N ASN K 78 -26.58 83.05 18.30
CA ASN K 78 -26.30 82.88 16.87
C ASN K 78 -26.61 81.46 16.42
N LEU K 79 -26.26 80.47 17.24
CA LEU K 79 -26.64 79.09 16.92
C LEU K 79 -28.15 78.90 17.01
N LYS K 80 -28.80 79.56 17.97
CA LYS K 80 -30.25 79.48 18.07
C LYS K 80 -30.93 79.97 16.80
N THR K 81 -30.35 80.98 16.15
CA THR K 81 -30.92 81.48 14.90
C THR K 81 -30.90 80.40 13.83
N THR K 82 -29.85 79.57 13.81
CA THR K 82 -29.74 78.50 12.82
C THR K 82 -30.21 77.15 13.37
N ILE K 83 -29.61 76.69 14.46
CA ILE K 83 -29.95 75.41 15.07
C ILE K 83 -31.04 75.66 16.11
N PRO K 84 -32.20 75.01 15.99
CA PRO K 84 -33.26 75.25 17.00
C PRO K 84 -32.85 74.89 18.41
N ASN K 85 -32.03 73.83 18.58
CA ASN K 85 -31.57 73.38 19.89
C ASN K 85 -30.06 73.21 19.83
N PRO K 86 -29.30 74.20 20.26
CA PRO K 86 -27.83 74.09 20.22
C PRO K 86 -27.33 73.00 21.15
N THR K 87 -26.21 72.39 20.76
CA THR K 87 -25.57 71.32 21.52
C THR K 87 -24.15 71.75 21.88
N ILE K 88 -23.69 71.31 23.05
CA ILE K 88 -22.34 71.63 23.48
C ILE K 88 -21.32 71.07 22.50
N GLU K 89 -21.61 69.91 21.91
CA GLU K 89 -20.75 69.38 20.86
C GLU K 89 -20.70 70.34 19.67
N ASP K 90 -21.87 70.85 19.27
CA ASP K 90 -21.92 71.83 18.19
C ASP K 90 -21.21 73.12 18.57
N ILE K 91 -21.34 73.54 19.84
CA ILE K 91 -20.64 74.74 20.30
C ILE K 91 -19.13 74.56 20.18
N LEU K 92 -18.63 73.41 20.63
CA LEU K 92 -17.21 73.14 20.54
C LEU K 92 -16.75 73.08 19.09
N SER K 93 -17.55 72.45 18.22
CA SER K 93 -17.20 72.39 16.81
C SER K 93 -17.13 73.79 16.19
N TYR K 94 -18.10 74.64 16.53
CA TYR K 94 -18.10 76.00 16.01
C TYR K 94 -16.90 76.80 16.53
N ILE K 95 -16.57 76.62 17.81
CA ILE K 95 -15.43 77.33 18.38
C ILE K 95 -14.13 76.89 17.71
N ARG K 96 -13.97 75.59 17.50
CA ARG K 96 -12.77 75.09 16.82
C ARG K 96 -12.72 75.56 15.37
N LEU K 97 -13.88 75.62 14.71
CA LEU K 97 -13.93 76.13 13.34
C LEU K 97 -13.49 77.60 13.29
N LEU K 98 -13.96 78.41 14.25
CA LEU K 98 -13.51 79.79 14.33
C LEU K 98 -12.01 79.87 14.60
N GLN K 99 -11.51 79.02 15.49
CA GLN K 99 -10.09 79.03 15.82
C GLN K 99 -9.22 78.59 14.66
N GLN K 100 -9.73 77.75 13.76
CA GLN K 100 -8.93 77.25 12.66
C GLN K 100 -8.50 78.35 11.69
N ILE K 101 -9.15 79.51 11.72
CA ILE K 101 -8.80 80.61 10.84
C ILE K 101 -8.63 81.88 11.68
N PRO K 102 -7.84 82.86 11.23
CA PRO K 102 -7.71 84.11 12.00
C PRO K 102 -8.98 84.93 12.00
N MET K 103 -10.00 84.46 12.73
CA MET K 103 -11.30 85.12 12.80
C MET K 103 -11.26 86.20 13.87
N SER K 104 -10.76 87.37 13.48
CA SER K 104 -10.69 88.54 14.36
C SER K 104 -11.78 89.55 14.07
N GLY K 105 -12.81 89.17 13.32
CA GLY K 105 -13.84 90.10 12.89
C GLY K 105 -14.97 90.25 13.90
N LYS K 106 -16.11 90.71 13.39
CA LYS K 106 -17.28 90.95 14.24
C LYS K 106 -17.78 89.67 14.88
N ILE K 107 -17.54 88.52 14.23
CA ILE K 107 -17.92 87.23 14.83
C ILE K 107 -17.21 87.04 16.16
N HIS K 108 -15.94 87.44 16.24
CA HIS K 108 -15.17 87.39 17.48
C HIS K 108 -14.77 88.79 17.93
N ASP K 109 -15.66 89.78 17.74
CA ASP K 109 -15.35 91.14 18.15
C ASP K 109 -15.22 91.26 19.66
N VAL K 110 -16.07 90.57 20.41
CA VAL K 110 -16.00 90.64 21.87
C VAL K 110 -14.69 90.04 22.36
N GLU K 111 -14.26 88.92 21.77
CA GLU K 111 -13.03 88.24 22.15
C GLU K 111 -12.14 88.15 20.92
N ASN K 112 -11.28 89.16 20.73
CA ASN K 112 -10.36 89.15 19.60
C ASN K 112 -9.38 87.98 19.71
N SER K 113 -8.89 87.71 20.92
CA SER K 113 -8.02 86.56 21.14
C SER K 113 -8.42 85.78 22.39
N VAL K 114 -9.51 86.15 23.06
CA VAL K 114 -9.95 85.44 24.26
C VAL K 114 -10.81 84.23 23.94
N ILE K 115 -11.03 83.92 22.66
CA ILE K 115 -11.76 82.70 22.31
C ILE K 115 -10.99 81.48 22.77
N ASN K 116 -9.67 81.52 22.67
CA ASN K 116 -8.85 80.42 23.16
C ASN K 116 -9.03 80.26 24.67
N ALA K 117 -9.05 81.37 25.41
CA ALA K 117 -9.26 81.29 26.85
C ALA K 117 -10.65 80.74 27.16
N LEU K 118 -11.66 81.14 26.39
CA LEU K 118 -13.02 80.66 26.62
C LEU K 118 -13.11 79.15 26.39
N GLU K 119 -12.52 78.66 25.30
CA GLU K 119 -12.57 77.23 25.03
C GLU K 119 -11.74 76.44 26.03
N GLU K 120 -10.61 76.99 26.48
CA GLU K 120 -9.83 76.32 27.52
C GLU K 120 -10.63 76.24 28.82
N SER K 121 -11.35 77.31 29.17
CA SER K 121 -12.18 77.29 30.36
C SER K 121 -13.30 76.25 30.23
N ILE K 122 -13.91 76.17 29.04
CA ILE K 122 -14.96 75.18 28.82
C ILE K 122 -14.40 73.76 28.98
N CYS K 123 -13.23 73.52 28.39
CA CYS K 123 -12.62 72.20 28.51
C CYS K 123 -12.28 71.87 29.96
N GLU K 124 -11.75 72.84 30.71
CA GLU K 124 -11.44 72.61 32.11
C GLU K 124 -12.70 72.31 32.92
N LEU K 125 -13.79 73.04 32.65
CA LEU K 125 -15.05 72.78 33.34
C LEU K 125 -15.56 71.39 33.02
N ILE K 126 -15.47 70.98 31.75
CA ILE K 126 -15.90 69.64 31.37
C ILE K 126 -15.07 68.59 32.11
N GLU K 127 -13.75 68.76 32.14
CA GLU K 127 -12.88 67.80 32.81
C GLU K 127 -13.20 67.71 34.29
N GLU K 128 -13.42 68.87 34.93
CA GLU K 128 -13.74 68.86 36.36
C GLU K 128 -15.08 68.19 36.63
N GLU K 129 -16.08 68.44 35.78
CA GLU K 129 -17.41 67.91 36.06
C GLU K 129 -17.53 66.43 35.75
N VAL K 130 -16.75 65.92 34.80
CA VAL K 130 -16.84 64.51 34.43
C VAL K 130 -15.81 63.65 35.13
N ASN K 131 -15.04 64.22 36.07
CA ASN K 131 -13.99 63.49 36.77
C ASN K 131 -14.56 62.98 38.10
N VAL K 132 -15.24 61.84 38.03
CA VAL K 132 -15.80 61.20 39.21
C VAL K 132 -15.45 59.72 39.19
N ASP K 133 -15.91 58.98 40.20
CA ASP K 133 -15.65 57.56 40.30
C ASP K 133 -16.92 56.84 40.73
N LEU K 134 -16.98 55.55 40.42
CA LEU K 134 -18.14 54.74 40.76
C LEU K 134 -18.22 54.53 42.27
N PRO K 135 -19.30 54.93 42.93
CA PRO K 135 -19.42 54.68 44.37
C PRO K 135 -19.91 53.27 44.68
N GLY K 136 -19.11 52.51 45.40
CA GLY K 136 -19.50 51.15 45.77
C GLY K 136 -19.43 50.19 44.59
N ASN K 137 -19.99 49.01 44.83
CA ASN K 137 -20.02 47.93 43.84
C ASN K 137 -21.42 47.60 43.38
N ALA K 138 -22.40 48.44 43.68
CA ALA K 138 -23.79 48.21 43.31
C ALA K 138 -24.17 48.88 42.00
N THR K 139 -23.22 49.50 41.32
CA THR K 139 -23.52 50.16 40.07
C THR K 139 -23.85 49.15 38.98
N PRO K 140 -24.67 49.52 38.00
CA PRO K 140 -24.97 48.58 36.91
C PRO K 140 -23.74 48.16 36.12
N TYR K 141 -22.71 49.00 36.08
CA TYR K 141 -21.49 48.63 35.38
C TYR K 141 -20.85 47.39 36.00
N HIS K 142 -20.88 47.28 37.34
CA HIS K 142 -20.35 46.09 37.99
C HIS K 142 -21.14 44.85 37.60
N LYS K 143 -22.47 44.97 37.50
CA LYS K 143 -23.28 43.85 37.06
C LYS K 143 -22.96 43.46 35.62
N ILE K 144 -22.74 44.45 34.76
CA ILE K 144 -22.37 44.16 33.37
C ILE K 144 -21.04 43.42 33.31
N ALA K 145 -20.06 43.89 34.09
CA ALA K 145 -18.76 43.23 34.11
C ALA K 145 -18.87 41.81 34.65
N ALA K 146 -19.69 41.61 35.68
CA ALA K 146 -19.90 40.28 36.22
C ALA K 146 -20.52 39.36 35.18
N TRP K 147 -21.50 39.85 34.43
CA TRP K 147 -22.09 39.06 33.36
C TRP K 147 -21.05 38.73 32.29
N ILE K 148 -20.19 39.70 31.96
CA ILE K 148 -19.20 39.50 30.91
C ILE K 148 -18.21 38.42 31.32
N ASN K 149 -17.69 38.49 32.55
CA ASN K 149 -16.67 37.56 32.99
C ASN K 149 -17.22 36.29 33.60
N SER K 150 -18.55 36.17 33.73
CA SER K 150 -19.12 34.97 34.34
C SER K 150 -18.91 33.74 33.47
N ILE K 151 -19.11 33.88 32.16
CA ILE K 151 -19.02 32.76 31.23
C ILE K 151 -17.95 33.08 30.19
N ASN K 152 -17.01 32.16 29.99
CA ASN K 152 -16.02 32.31 28.94
C ASN K 152 -16.67 32.09 27.59
N ARG K 153 -16.36 32.99 26.65
CA ARG K 153 -16.99 32.97 25.33
C ARG K 153 -15.92 32.88 24.25
N GLU K 154 -16.23 32.09 23.22
CA GLU K 154 -15.29 31.95 22.10
C GLU K 154 -15.16 33.23 21.28
N HIS K 155 -16.16 34.10 21.33
CA HIS K 155 -16.12 35.38 20.64
C HIS K 155 -15.94 36.50 21.67
N GLN K 156 -14.98 37.38 21.40
CA GLN K 156 -14.70 38.48 22.31
C GLN K 156 -15.87 39.46 22.35
N VAL K 157 -16.07 40.06 23.52
CA VAL K 157 -17.14 41.03 23.74
C VAL K 157 -16.54 42.42 23.72
N GLU K 158 -16.99 43.24 22.79
CA GLU K 158 -16.53 44.62 22.67
C GLU K 158 -17.58 45.59 23.19
N ILE K 159 -17.11 46.76 23.61
CA ILE K 159 -17.98 47.79 24.14
C ILE K 159 -17.63 49.12 23.47
N PHE K 160 -18.64 49.82 22.97
CA PHE K 160 -18.47 51.12 22.35
C PHE K 160 -19.14 52.18 23.21
N THR K 161 -18.42 53.27 23.46
CA THR K 161 -18.94 54.36 24.27
C THR K 161 -18.56 55.70 23.63
N THR K 162 -19.48 56.65 23.68
CA THR K 162 -19.24 58.01 23.21
C THR K 162 -19.06 58.99 24.37
N ASN K 163 -18.99 58.51 25.60
CA ASN K 163 -18.86 59.37 26.76
C ASN K 163 -17.38 59.61 27.06
N TYR K 164 -17.12 60.51 28.01
CA TYR K 164 -15.75 60.84 28.42
C TYR K 164 -15.35 60.22 29.74
N ASP K 165 -16.32 59.81 30.57
CA ASP K 165 -16.00 59.26 31.87
C ASP K 165 -15.41 57.85 31.73
N LEU K 166 -14.64 57.46 32.75
CA LEU K 166 -13.95 56.18 32.78
C LEU K 166 -14.65 55.16 33.66
N LEU K 167 -15.98 55.24 33.76
CA LEU K 167 -16.71 54.32 34.64
C LEU K 167 -16.56 52.88 34.18
N MET K 168 -16.67 52.64 32.87
CA MET K 168 -16.56 51.29 32.35
C MET K 168 -15.18 50.70 32.62
N GLU K 169 -14.13 51.50 32.44
CA GLU K 169 -12.78 51.02 32.69
C GLU K 169 -12.59 50.63 34.15
N GLN K 170 -13.06 51.47 35.06
CA GLN K 170 -12.96 51.16 36.49
C GLN K 170 -13.74 49.91 36.84
N ALA K 171 -14.96 49.78 36.29
CA ALA K 171 -15.76 48.59 36.58
C ALA K 171 -15.08 47.32 36.06
N LEU K 172 -14.51 47.38 34.85
CA LEU K 172 -13.85 46.21 34.30
C LEU K 172 -12.59 45.86 35.09
N GLU K 173 -11.80 46.85 35.48
CA GLU K 173 -10.55 46.56 36.18
C GLU K 173 -10.79 46.11 37.62
N GLU K 174 -11.88 46.58 38.25
CA GLU K 174 -12.18 46.15 39.61
C GLU K 174 -12.52 44.66 39.65
N LEU K 175 -13.28 44.17 38.67
CA LEU K 175 -13.71 42.78 38.63
C LEU K 175 -12.74 41.88 37.89
N ASN K 176 -11.50 42.34 37.66
CA ASN K 176 -10.46 41.56 37.00
C ASN K 176 -10.90 41.12 35.60
N VAL K 177 -11.17 42.12 34.76
CA VAL K 177 -11.58 41.89 33.39
C VAL K 177 -10.54 42.50 32.46
N PRO K 178 -9.65 41.71 31.86
CA PRO K 178 -8.69 42.27 30.91
C PRO K 178 -9.37 42.83 29.67
N TYR K 179 -8.78 43.90 29.14
CA TYR K 179 -9.35 44.56 27.97
C TYR K 179 -8.26 45.31 27.24
N PHE K 180 -8.53 45.62 25.97
CA PHE K 180 -7.60 46.34 25.11
C PHE K 180 -8.32 47.55 24.53
N ASP K 181 -7.74 48.73 24.75
CA ASP K 181 -8.36 49.99 24.33
C ASP K 181 -7.61 50.65 23.17
N GLY K 182 -6.62 49.96 22.61
CA GLY K 182 -5.86 50.53 21.50
C GLY K 182 -4.54 51.13 21.90
N PHE K 183 -4.37 51.45 23.19
CA PHE K 183 -3.13 52.03 23.68
C PHE K 183 -2.29 50.98 24.40
N VAL K 184 -1.00 50.97 24.10
CA VAL K 184 -0.05 50.03 24.68
C VAL K 184 1.09 50.82 25.28
N GLY K 185 1.40 50.55 26.54
CA GLY K 185 2.49 51.23 27.21
C GLY K 185 2.21 51.35 28.69
N SER K 186 3.21 51.85 29.41
CA SER K 186 3.12 52.02 30.85
C SER K 186 3.24 53.48 31.28
N LYS K 187 4.30 54.16 30.88
CA LYS K 187 4.47 55.56 31.24
C LYS K 187 3.62 56.47 30.37
N ARG K 188 3.84 56.42 29.05
CA ARG K 188 3.07 57.19 28.08
C ARG K 188 2.68 56.22 26.96
N ALA K 189 1.54 55.56 27.14
CA ALA K 189 1.10 54.56 26.16
C ALA K 189 0.80 55.24 24.83
N PHE K 190 1.45 54.76 23.77
CA PHE K 190 1.24 55.31 22.45
C PHE K 190 0.13 54.55 21.73
N PHE K 191 -0.34 55.13 20.63
CA PHE K 191 -1.42 54.54 19.84
C PHE K 191 -0.81 53.63 18.79
N ASP K 192 -0.70 52.34 19.11
CA ASP K 192 -0.21 51.36 18.15
C ASP K 192 -1.28 51.06 17.12
N ILE K 193 -0.89 51.02 15.86
CA ILE K 193 -1.82 50.87 14.75
C ILE K 193 -1.84 49.44 14.21
N ARG K 194 -0.66 48.81 14.11
CA ARG K 194 -0.57 47.52 13.46
C ARG K 194 -1.39 46.47 14.18
N THR K 195 -1.29 46.42 15.51
CA THR K 195 -2.00 45.39 16.28
C THR K 195 -3.50 45.53 16.15
N ILE K 196 -4.00 46.73 15.89
CA ILE K 196 -5.43 46.94 15.75
C ILE K 196 -5.97 46.16 14.57
N GLU K 197 -5.28 46.23 13.43
CA GLU K 197 -5.71 45.48 12.25
C GLU K 197 -5.19 44.05 12.22
N GLU K 198 -4.23 43.70 13.08
CA GLU K 198 -3.79 42.32 13.16
C GLU K 198 -4.93 41.41 13.62
N ASN K 199 -5.68 41.86 14.63
CA ASN K 199 -6.84 41.11 15.15
C ASN K 199 -6.45 39.69 15.53
N LYS K 200 -5.36 39.57 16.29
CA LYS K 200 -4.87 38.28 16.76
C LYS K 200 -4.68 38.32 18.28
N LEU K 201 -5.52 39.09 18.97
CA LEU K 201 -5.48 39.13 20.41
C LEU K 201 -6.05 37.83 20.99
N PRO K 202 -5.68 37.50 22.23
CA PRO K 202 -6.26 36.30 22.86
C PRO K 202 -7.78 36.39 22.95
N SER K 203 -8.43 35.24 22.78
CA SER K 203 -9.89 35.21 22.70
C SER K 203 -10.56 35.59 24.01
N ARG K 204 -9.87 35.47 25.14
CA ARG K 204 -10.46 35.83 26.41
C ARG K 204 -10.43 37.33 26.68
N TRP K 205 -9.65 38.08 25.91
CA TRP K 205 -9.56 39.52 26.10
C TRP K 205 -10.79 40.22 25.53
N SER K 206 -11.16 41.33 26.16
CA SER K 206 -12.25 42.17 25.69
C SER K 206 -11.68 43.42 25.02
N LYS K 207 -12.57 44.25 24.47
CA LYS K 207 -12.16 45.46 23.77
C LYS K 207 -13.10 46.60 24.14
N LEU K 208 -12.53 47.77 24.39
CA LEU K 208 -13.29 48.98 24.70
C LEU K 208 -12.79 50.09 23.78
N TRP K 209 -13.66 50.56 22.88
CA TRP K 209 -13.30 51.58 21.91
C TRP K 209 -13.94 52.91 22.29
N LYS K 210 -13.14 53.97 22.29
CA LYS K 210 -13.60 55.31 22.64
C LYS K 210 -13.90 56.07 21.37
N LEU K 211 -15.19 56.13 21.00
CA LEU K 211 -15.58 56.80 19.76
C LEU K 211 -15.33 58.29 19.83
N HIS K 212 -15.64 58.92 20.96
CA HIS K 212 -15.50 60.36 21.12
C HIS K 212 -14.27 60.76 21.93
N GLY K 213 -13.34 59.84 22.15
CA GLY K 213 -12.15 60.15 22.92
C GLY K 213 -12.32 59.95 24.40
N SER K 214 -11.34 60.44 25.15
CA SER K 214 -11.33 60.29 26.60
C SER K 214 -10.65 61.51 27.22
N ILE K 215 -10.87 61.70 28.52
CA ILE K 215 -10.30 62.84 29.23
C ILE K 215 -8.82 62.65 29.52
N ASN K 216 -8.33 61.40 29.53
CA ASN K 216 -6.93 61.13 29.82
C ASN K 216 -6.04 61.13 28.59
N TRP K 217 -6.62 61.23 27.39
CA TRP K 217 -5.82 61.35 26.19
C TRP K 217 -5.19 62.74 26.11
N GLN K 218 -3.94 62.79 25.65
CA GLN K 218 -3.23 64.04 25.49
C GLN K 218 -2.47 64.03 24.16
N LEU K 219 -2.13 65.22 23.68
CA LEU K 219 -1.42 65.38 22.43
C LEU K 219 -0.19 66.25 22.66
N ASP K 220 0.93 65.83 22.08
CA ASP K 220 2.17 66.59 22.13
C ASP K 220 2.43 67.20 20.76
N LYS K 221 2.57 68.53 20.72
CA LYS K 221 2.78 69.23 19.46
C LYS K 221 4.22 69.19 19.00
N GLN K 222 5.16 68.81 19.87
CA GLN K 222 6.55 68.67 19.46
C GLN K 222 6.69 67.60 18.39
N THR K 223 6.03 66.46 18.58
CA THR K 223 5.94 65.42 17.57
C THR K 223 4.55 65.27 16.99
N GLN K 224 3.58 66.06 17.47
CA GLN K 224 2.18 65.98 17.04
C GLN K 224 1.65 64.55 17.18
N THR K 225 1.91 63.96 18.34
CA THR K 225 1.53 62.57 18.59
C THR K 225 0.61 62.50 19.80
N ILE K 226 -0.32 61.55 19.75
CA ILE K 226 -1.29 61.37 20.81
C ILE K 226 -0.82 60.23 21.72
N TRP K 227 -1.24 60.29 22.99
CA TRP K 227 -0.90 59.24 23.94
C TRP K 227 -1.89 59.27 25.09
N ARG K 228 -2.12 58.09 25.66
CA ARG K 228 -3.05 57.95 26.77
C ARG K 228 -2.28 58.05 28.08
N GLY K 229 -2.68 58.99 28.93
CA GLY K 229 -2.03 59.19 30.21
C GLY K 229 -3.00 59.36 31.36
N THR K 230 -2.83 60.43 32.12
CA THR K 230 -3.69 60.75 33.24
C THR K 230 -4.25 62.17 33.10
N PRO K 231 -5.41 62.44 33.69
CA PRO K 231 -6.00 63.78 33.55
C PRO K 231 -5.09 64.89 34.05
N SER K 232 -4.63 65.73 33.13
CA SER K 232 -3.80 66.88 33.42
C SER K 232 -4.60 68.16 33.18
N LYS K 233 -3.94 69.29 33.35
CA LYS K 233 -4.60 70.59 33.21
C LYS K 233 -4.85 70.88 31.73
N GLY K 234 -5.93 70.32 31.19
CA GLY K 234 -6.29 70.52 29.81
C GLY K 234 -5.90 69.37 28.91
N CYS K 235 -6.90 68.62 28.45
CA CYS K 235 -6.68 67.50 27.54
C CYS K 235 -6.95 67.96 26.12
N SER K 236 -6.11 67.54 25.17
CA SER K 236 -6.20 67.95 23.79
C SER K 236 -7.10 67.05 22.96
N LEU K 237 -7.65 65.98 23.53
CA LEU K 237 -8.50 65.07 22.78
C LEU K 237 -9.92 65.05 23.34
N ILE K 238 -10.41 66.21 23.76
CA ILE K 238 -11.78 66.34 24.24
C ILE K 238 -12.77 66.54 23.11
N HIS K 239 -12.31 66.53 21.86
CA HIS K 239 -13.17 66.85 20.73
C HIS K 239 -14.24 65.78 20.54
N PRO K 240 -15.50 66.17 20.36
CA PRO K 240 -16.55 65.22 19.97
C PRO K 240 -16.49 64.87 18.49
N SER K 241 -15.42 64.17 18.10
CA SER K 241 -15.19 63.75 16.71
C SER K 241 -15.07 64.96 15.78
N HIS K 242 -14.24 65.92 16.16
CA HIS K 242 -13.98 67.10 15.33
C HIS K 242 -12.52 67.51 15.57
N LEU K 243 -11.63 67.06 14.70
CA LEU K 243 -10.21 67.33 14.85
C LEU K 243 -9.58 67.38 13.46
N LYS K 244 -8.26 67.27 13.39
CA LYS K 244 -7.55 67.32 12.12
C LYS K 244 -7.67 65.98 11.40
N TYR K 245 -6.93 65.84 10.31
CA TYR K 245 -6.94 64.62 9.52
C TYR K 245 -6.19 63.51 10.25
N ASP K 246 -6.14 62.34 9.61
CA ASP K 246 -5.48 61.18 10.20
C ASP K 246 -3.95 61.36 10.19
N LYS K 250 -2.81 62.12 13.38
CA LYS K 250 -2.98 62.46 14.79
C LYS K 250 -4.44 62.40 15.20
N MET K 251 -5.19 61.51 14.55
CA MET K 251 -6.61 61.37 14.85
C MET K 251 -7.01 59.90 14.75
N PRO K 252 -7.34 59.25 15.87
CA PRO K 252 -7.73 57.84 15.85
C PRO K 252 -9.21 57.58 15.60
N TYR K 253 -10.01 58.62 15.35
CA TYR K 253 -11.44 58.43 15.15
C TYR K 253 -11.72 57.58 13.92
N LEU K 254 -10.96 57.81 12.83
CA LEU K 254 -11.14 57.01 11.63
C LEU K 254 -10.85 55.54 11.90
N VAL K 255 -9.83 55.24 12.70
CA VAL K 255 -9.52 53.85 13.03
C VAL K 255 -10.66 53.21 13.82
N MET K 256 -11.23 53.95 14.77
CA MET K 256 -12.35 53.42 15.55
C MET K 256 -13.56 53.16 14.67
N MET K 257 -13.87 54.09 13.75
CA MET K 257 -14.99 53.88 12.85
C MET K 257 -14.74 52.69 11.93
N ASP K 258 -13.50 52.53 11.45
CA ASP K 258 -13.18 51.38 10.60
C ASP K 258 -13.35 50.07 11.37
N GLN K 259 -12.90 50.05 12.63
CA GLN K 259 -13.07 48.85 13.44
C GLN K 259 -14.55 48.55 13.67
N LEU K 260 -15.35 49.58 13.92
CA LEU K 260 -16.79 49.38 14.10
C LEU K 260 -17.42 48.82 12.82
N LYS K 261 -17.04 49.36 11.67
CA LYS K 261 -17.57 48.87 10.41
C LYS K 261 -17.15 47.42 10.17
N LEU K 262 -15.89 47.10 10.48
CA LEU K 262 -15.43 45.72 10.33
C LEU K 262 -16.19 44.77 11.24
N PHE K 263 -16.49 45.19 12.47
CA PHE K 263 -17.31 44.37 13.35
C PHE K 263 -18.71 44.19 12.77
N LEU K 264 -19.28 45.24 12.19
CA LEU K 264 -20.61 45.13 11.60
C LEU K 264 -20.63 44.16 10.42
N ASN K 265 -19.48 43.86 9.82
CA ASN K 265 -19.41 42.93 8.71
C ASN K 265 -19.28 41.49 9.15
N GLN K 266 -19.06 41.23 10.44
CA GLN K 266 -18.95 39.86 10.91
C GLN K 266 -20.29 39.15 10.81
N PRO K 267 -20.29 37.89 10.39
CA PRO K 267 -21.56 37.14 10.30
C PRO K 267 -22.21 36.97 11.66
N SER K 268 -23.54 37.03 11.67
CA SER K 268 -24.35 36.87 12.88
C SER K 268 -23.94 37.86 13.96
N ALA K 269 -23.60 39.08 13.57
CA ALA K 269 -23.21 40.09 14.54
C ALA K 269 -24.41 40.53 15.37
N ILE K 270 -24.16 40.81 16.65
CA ILE K 270 -25.18 41.32 17.56
C ILE K 270 -24.67 42.62 18.18
N LEU K 271 -25.55 43.61 18.24
CA LEU K 271 -25.21 44.90 18.77
C LEU K 271 -26.41 45.48 19.50
N ILE K 272 -26.15 46.10 20.63
CA ILE K 272 -27.20 46.66 21.49
C ILE K 272 -26.85 48.12 21.79
N THR K 273 -27.81 49.00 21.61
CA THR K 273 -27.64 50.43 21.89
C THR K 273 -28.37 50.77 23.18
N CYS K 274 -27.65 51.38 24.12
CA CYS K 274 -28.20 51.76 25.41
C CYS K 274 -28.04 53.26 25.60
N GLY K 275 -29.17 53.96 25.72
CA GLY K 275 -29.16 55.40 25.96
C GLY K 275 -28.91 56.24 24.74
N TYR K 276 -28.74 55.65 23.57
CA TYR K 276 -28.46 56.39 22.35
C TYR K 276 -29.76 56.93 21.74
N SER K 277 -29.76 58.21 21.42
CA SER K 277 -30.91 58.87 20.82
C SER K 277 -30.81 58.95 19.30
N TYR K 278 -29.75 58.37 18.72
CA TYR K 278 -29.55 58.35 17.27
C TYR K 278 -29.56 59.75 16.66
N LYS K 279 -28.97 60.71 17.37
CA LYS K 279 -28.95 62.09 16.93
C LYS K 279 -27.65 62.48 16.23
N ASP K 280 -26.75 61.53 15.99
CA ASP K 280 -25.49 61.79 15.30
C ASP K 280 -25.60 61.28 13.88
N GLN K 281 -25.35 62.16 12.91
CA GLN K 281 -25.48 61.77 11.50
C GLN K 281 -24.44 60.73 11.10
N HIS K 282 -23.20 60.89 11.58
CA HIS K 282 -22.12 60.00 11.16
C HIS K 282 -22.33 58.59 11.72
N ILE K 283 -22.66 58.49 13.01
CA ILE K 283 -22.89 57.17 13.61
C ILE K 283 -24.08 56.50 12.95
N ASN K 284 -25.16 57.26 12.71
CA ASN K 284 -26.35 56.69 12.09
C ASN K 284 -26.05 56.20 10.68
N GLU K 285 -25.33 56.98 9.90
CA GLU K 285 -25.03 56.56 8.53
C GLU K 285 -24.09 55.36 8.50
N VAL K 286 -23.12 55.31 9.43
CA VAL K 286 -22.24 54.15 9.49
C VAL K 286 -23.01 52.90 9.87
N LEU K 287 -23.92 53.01 10.85
CA LEU K 287 -24.73 51.87 11.24
C LEU K 287 -25.63 51.41 10.10
N SER K 288 -26.23 52.36 9.39
CA SER K 288 -27.10 52.01 8.27
C SER K 288 -26.32 51.31 7.16
N GLN K 289 -25.13 51.83 6.84
CA GLN K 289 -24.31 51.22 5.80
C GLN K 289 -23.87 49.82 6.20
N GLY K 290 -23.46 49.64 7.46
CA GLY K 290 -23.08 48.32 7.92
C GLY K 290 -24.24 47.34 7.92
N LEU K 291 -25.42 47.79 8.32
CA LEU K 291 -26.60 46.92 8.30
C LEU K 291 -26.99 46.54 6.88
N GLN K 292 -26.92 47.49 5.94
CA GLN K 292 -27.25 47.20 4.55
C GLN K 292 -26.23 46.24 3.93
N THR K 293 -24.95 46.45 4.23
CA THR K 293 -23.90 45.60 3.65
C THR K 293 -24.04 44.16 4.12
N ASN K 294 -24.30 43.96 5.41
CA ASN K 294 -24.46 42.62 5.96
C ASN K 294 -25.88 42.45 6.49
N PRO K 295 -26.77 41.80 5.75
CA PRO K 295 -28.15 41.61 6.25
C PRO K 295 -28.21 40.76 7.52
N ASN K 296 -27.21 39.93 7.78
CA ASN K 296 -27.23 39.08 8.97
C ASN K 296 -27.04 39.87 10.25
N ALA K 297 -26.53 41.09 10.17
CA ALA K 297 -26.35 41.91 11.35
C ALA K 297 -27.69 42.28 11.97
N LEU K 298 -27.72 42.34 13.30
CA LEU K 298 -28.92 42.67 14.05
C LEU K 298 -28.63 43.76 15.05
N ILE K 299 -29.62 44.64 15.25
CA ILE K 299 -29.51 45.77 16.16
C ILE K 299 -30.71 45.75 17.07
N TYR K 300 -30.49 45.41 18.34
CA TYR K 300 -31.58 45.37 19.34
C TYR K 300 -31.62 46.69 20.12
N GLY K 301 -31.89 47.76 19.39
CA GLY K 301 -31.95 49.09 19.99
C GLY K 301 -32.99 49.22 21.08
N LEU K 302 -32.59 49.80 22.21
CA LEU K 302 -33.47 50.02 23.35
C LEU K 302 -33.44 51.50 23.72
N GLN K 303 -34.63 52.09 23.87
CA GLN K 303 -34.77 53.50 24.20
C GLN K 303 -35.53 53.63 25.51
N TYR K 304 -34.96 54.40 26.45
CA TYR K 304 -35.63 54.62 27.72
C TYR K 304 -36.83 55.55 27.59
N ASP K 305 -36.79 56.46 26.61
CA ASP K 305 -37.88 57.39 26.39
C ASP K 305 -38.94 56.76 25.47
N VAL K 306 -40.03 57.50 25.27
CA VAL K 306 -41.11 57.01 24.40
C VAL K 306 -40.65 57.05 22.95
N LEU K 307 -41.30 56.24 22.11
CA LEU K 307 -40.93 56.16 20.71
C LEU K 307 -41.19 57.47 19.96
N GLU K 308 -42.21 58.22 20.37
CA GLU K 308 -42.61 59.42 19.64
C GLU K 308 -41.52 60.49 19.61
N ASN K 309 -40.61 60.48 20.58
CA ASN K 309 -39.58 61.51 20.65
C ASN K 309 -38.41 61.24 19.71
N TYR K 310 -38.36 60.08 19.06
CA TYR K 310 -37.25 59.70 18.18
C TYR K 310 -37.79 59.40 16.79
N GLN K 311 -37.87 60.43 15.95
CA GLN K 311 -38.29 60.23 14.56
C GLN K 311 -37.18 59.60 13.73
N GLU K 312 -35.92 59.94 14.02
CA GLU K 312 -34.80 59.34 13.32
C GLU K 312 -34.74 57.84 13.58
N ALA K 313 -35.03 57.42 14.81
CA ALA K 313 -35.08 56.00 15.11
C ALA K 313 -36.16 55.30 14.31
N LYS K 314 -37.33 55.94 14.18
CA LYS K 314 -38.41 55.37 13.37
C LYS K 314 -37.98 55.24 11.91
N ASP K 315 -37.32 56.28 11.37
CA ASP K 315 -36.89 56.22 9.98
C ASP K 315 -35.86 55.12 9.77
N MET K 316 -34.91 54.99 10.69
CA MET K 316 -33.90 53.93 10.59
C MET K 316 -34.54 52.55 10.68
N ALA K 317 -35.51 52.39 11.58
CA ALA K 317 -36.17 51.09 11.72
C ALA K 317 -36.98 50.74 10.49
N LEU K 318 -37.66 51.72 9.91
CA LEU K 318 -38.46 51.48 8.70
C LEU K 318 -37.59 51.30 7.46
N LYS K 319 -36.36 51.81 7.47
CA LYS K 319 -35.49 51.71 6.30
C LYS K 319 -34.88 50.33 6.13
N ARG K 320 -34.60 49.62 7.23
CA ARG K 320 -33.97 48.32 7.17
C ARG K 320 -34.83 47.30 7.89
N SER K 321 -34.93 46.10 7.31
CA SER K 321 -35.79 45.05 7.83
C SER K 321 -35.10 44.19 8.88
N ASN K 322 -33.80 44.38 9.11
CA ASN K 322 -33.04 43.61 10.09
C ASN K 322 -32.62 44.46 11.28
N LEU K 323 -33.48 45.38 11.70
CA LEU K 323 -33.24 46.25 12.85
C LEU K 323 -34.45 46.16 13.77
N ILE K 324 -34.32 45.42 14.86
CA ILE K 324 -35.41 45.23 15.82
C ILE K 324 -35.32 46.36 16.84
N LEU K 325 -36.04 47.44 16.58
CA LEU K 325 -36.04 48.58 17.48
C LEU K 325 -37.13 48.43 18.54
N LEU K 326 -36.77 48.70 19.79
CA LEU K 326 -37.72 48.64 20.89
C LEU K 326 -37.70 49.97 21.64
N ALA K 327 -38.87 50.34 22.17
CA ALA K 327 -39.02 51.59 22.90
C ALA K 327 -39.83 51.35 24.16
N LYS K 328 -40.22 52.42 24.84
CA LYS K 328 -40.99 52.30 26.08
C LYS K 328 -42.44 51.92 25.80
N ASP K 329 -43.01 52.42 24.71
CA ASP K 329 -44.42 52.19 24.40
C ASP K 329 -44.60 51.20 23.25
N ARG K 330 -44.01 51.49 22.10
CA ARG K 330 -44.17 50.67 20.89
C ARG K 330 -42.82 50.10 20.46
N ALA K 331 -42.85 49.35 19.36
CA ALA K 331 -41.65 48.74 18.82
C ALA K 331 -41.80 48.59 17.32
N ILE K 332 -40.66 48.40 16.64
CA ILE K 332 -40.63 48.15 15.20
C ILE K 332 -39.76 46.92 14.97
N ILE K 333 -40.38 45.82 14.57
CA ILE K 333 -39.68 44.56 14.36
C ILE K 333 -39.81 44.23 12.87
N GLY K 334 -38.81 44.62 12.09
CA GLY K 334 -38.80 44.31 10.68
C GLY K 334 -39.70 45.20 9.85
N LYS K 335 -39.47 46.50 9.89
CA LYS K 335 -40.14 47.53 9.08
C LYS K 335 -41.62 47.67 9.40
N LYS K 336 -42.15 46.97 10.40
CA LYS K 336 -43.54 47.11 10.81
C LYS K 336 -43.61 47.57 12.26
N GLU K 337 -44.51 48.50 12.53
CA GLU K 337 -44.66 49.09 13.85
C GLU K 337 -45.80 48.39 14.60
N GLY K 338 -45.51 47.97 15.82
CA GLY K 338 -46.51 47.37 16.67
C GLY K 338 -46.54 48.03 18.03
N GLU K 339 -47.70 47.94 18.68
CA GLU K 339 -47.93 48.52 19.99
C GLU K 339 -47.90 47.43 21.05
N TRP K 340 -48.06 47.85 22.31
CA TRP K 340 -48.06 46.92 23.41
C TRP K 340 -49.35 46.10 23.41
N LYS K 341 -49.20 44.79 23.55
CA LYS K 341 -50.36 43.91 23.61
C LYS K 341 -51.12 44.12 24.92
N PRO K 342 -52.40 43.77 24.96
CA PRO K 342 -53.15 43.95 26.21
C PRO K 342 -52.69 42.99 27.30
N ASP K 343 -52.00 43.52 28.31
CA ASP K 343 -51.48 42.72 29.41
C ASP K 343 -51.55 43.56 30.68
N PRO K 344 -51.66 42.92 31.84
CA PRO K 344 -51.71 43.68 33.12
C PRO K 344 -50.36 44.24 33.52
N GLN K 345 -49.85 45.17 32.71
CA GLN K 345 -48.56 45.80 33.01
C GLN K 345 -48.63 46.59 34.31
N SER K 346 -49.71 47.33 34.52
CA SER K 346 -49.92 48.12 35.72
C SER K 346 -51.08 47.52 36.51
N SER K 347 -50.82 47.19 37.78
CA SER K 347 -51.85 46.60 38.62
C SER K 347 -52.96 47.60 38.93
N GLN K 348 -52.59 48.87 39.14
CA GLN K 348 -53.58 49.88 39.48
C GLN K 348 -54.50 50.15 38.30
N ASP K 349 -55.80 50.25 38.59
CA ASP K 349 -56.78 50.55 37.55
C ASP K 349 -56.57 51.94 36.97
N ASN K 350 -56.27 52.92 37.81
CA ASN K 350 -56.07 54.29 37.36
C ASN K 350 -54.81 54.39 36.50
N ASP K 351 -54.93 55.08 35.36
CA ASP K 351 -53.85 55.27 34.41
C ASP K 351 -53.21 53.94 34.02
N PRO K 352 -53.91 53.08 33.26
CA PRO K 352 -53.33 51.79 32.86
C PRO K 352 -52.37 51.93 31.68
N LEU K 353 -51.29 52.67 31.90
CA LEU K 353 -50.31 52.89 30.84
C LEU K 353 -49.46 51.65 30.64
N LEU K 354 -49.35 51.20 29.39
CA LEU K 354 -48.52 50.04 29.04
C LEU K 354 -47.14 50.55 28.64
N PHE K 355 -46.25 50.66 29.62
CA PHE K 355 -44.90 51.16 29.42
C PHE K 355 -43.91 50.04 29.70
N PHE K 356 -42.95 49.87 28.80
CA PHE K 356 -41.91 48.86 28.94
C PHE K 356 -40.83 49.40 29.86
N LYS K 357 -41.05 49.25 31.17
CA LYS K 357 -40.12 49.74 32.17
C LYS K 357 -38.82 48.94 32.20
N LEU K 358 -38.77 47.79 31.53
CA LEU K 358 -37.56 46.99 31.51
C LEU K 358 -36.45 47.59 30.65
N GLY K 359 -36.75 48.63 29.89
CA GLY K 359 -35.73 49.29 29.07
C GLY K 359 -34.79 50.20 29.82
N ASP K 360 -35.03 50.41 31.10
CA ASP K 360 -34.13 51.25 31.90
C ASP K 360 -32.81 50.54 32.12
N PHE K 361 -31.76 51.34 32.36
CA PHE K 361 -30.43 50.79 32.56
C PHE K 361 -30.38 49.90 33.80
N GLN K 362 -31.03 50.32 34.89
CA GLN K 362 -31.09 49.49 36.08
C GLN K 362 -31.82 48.18 35.82
N HIS K 363 -32.95 48.25 35.12
CA HIS K 363 -33.69 47.04 34.78
C HIS K 363 -32.90 46.16 33.83
N LEU K 364 -32.19 46.76 32.88
CA LEU K 364 -31.34 45.99 31.97
C LEU K 364 -30.24 45.27 32.74
N ALA K 365 -29.61 45.96 33.69
CA ALA K 365 -28.57 45.34 34.50
C ALA K 365 -29.14 44.20 35.34
N SER K 366 -30.33 44.39 35.90
CA SER K 366 -30.96 43.32 36.66
C SER K 366 -31.27 42.12 35.78
N PHE K 367 -31.76 42.37 34.56
CA PHE K 367 -32.04 41.27 33.64
C PHE K 367 -30.76 40.53 33.26
N LEU K 368 -29.67 41.27 33.01
CA LEU K 368 -28.41 40.62 32.67
C LEU K 368 -27.88 39.80 33.85
N GLU K 369 -28.03 40.32 35.07
CA GLU K 369 -27.61 39.57 36.26
C GLU K 369 -28.43 38.29 36.40
N GLU K 370 -29.74 38.37 36.17
CA GLU K 370 -30.58 37.18 36.25
C GLU K 370 -30.18 36.16 35.18
N ILE K 371 -29.86 36.63 33.98
CA ILE K 371 -29.42 35.72 32.91
C ILE K 371 -28.11 35.05 33.29
N SER K 372 -27.19 35.81 33.88
CA SER K 372 -25.89 35.25 34.25
C SER K 372 -26.05 34.15 35.30
N GLN K 373 -26.90 34.36 36.28
CA GLN K 373 -27.13 33.36 37.32
C GLN K 373 -28.15 32.32 36.85
N ASP L 11 -58.55 -6.22 -28.69
CA ASP L 11 -57.21 -6.40 -29.26
C ASP L 11 -56.63 -5.07 -29.73
N THR L 12 -57.53 -4.14 -30.10
CA THR L 12 -57.08 -2.84 -30.59
C THR L 12 -56.35 -2.06 -29.50
N THR L 13 -56.88 -2.09 -28.28
CA THR L 13 -56.29 -1.29 -27.20
C THR L 13 -54.89 -1.75 -26.86
N GLN L 14 -54.67 -3.07 -26.75
CA GLN L 14 -53.35 -3.58 -26.41
C GLN L 14 -52.34 -3.28 -27.50
N GLN L 15 -52.73 -3.49 -28.77
CA GLN L 15 -51.83 -3.20 -29.89
C GLN L 15 -51.49 -1.72 -29.94
N LEU L 16 -52.48 -0.85 -29.74
CA LEU L 16 -52.21 0.58 -29.75
C LEU L 16 -51.28 0.97 -28.60
N SER L 17 -51.50 0.40 -27.42
CA SER L 17 -50.65 0.73 -26.27
C SER L 17 -49.21 0.28 -26.51
N LEU L 18 -49.02 -0.94 -27.02
CA LEU L 18 -47.66 -1.42 -27.25
C LEU L 18 -46.98 -0.63 -28.36
N LEU L 19 -47.72 -0.27 -29.42
CA LEU L 19 -47.14 0.55 -30.48
C LEU L 19 -46.74 1.92 -29.95
N LYS L 20 -47.59 2.53 -29.12
CA LYS L 20 -47.25 3.82 -28.53
C LYS L 20 -46.00 3.71 -27.66
N HIS L 21 -45.92 2.64 -26.86
CA HIS L 21 -44.75 2.47 -25.99
C HIS L 21 -43.46 2.28 -26.80
N VAL L 22 -43.51 1.47 -27.86
CA VAL L 22 -42.30 1.21 -28.63
C VAL L 22 -41.90 2.43 -29.45
N LEU L 23 -42.88 3.20 -29.93
CA LEU L 23 -42.55 4.39 -30.71
C LEU L 23 -42.09 5.55 -29.85
N SER L 24 -42.59 5.64 -28.62
CA SER L 24 -42.18 6.74 -27.73
C SER L 24 -40.72 6.64 -27.35
N GLU L 25 -40.20 5.42 -27.15
CA GLU L 25 -38.81 5.25 -26.77
C GLU L 25 -37.89 5.63 -27.92
N ASP L 26 -36.82 6.36 -27.58
CA ASP L 26 -35.84 6.83 -28.55
C ASP L 26 -34.56 6.00 -28.52
N LYS L 27 -34.57 4.86 -27.84
CA LYS L 27 -33.39 4.02 -27.70
C LYS L 27 -33.29 2.93 -28.77
N ARG L 28 -34.22 2.91 -29.73
CA ARG L 28 -34.19 1.92 -30.78
C ARG L 28 -34.30 2.59 -32.14
N PRO L 29 -33.61 2.07 -33.16
CA PRO L 29 -33.74 2.64 -34.51
C PRO L 29 -35.13 2.42 -35.06
N ILE L 30 -35.56 3.36 -35.91
CA ILE L 30 -36.87 3.30 -36.54
C ILE L 30 -36.69 3.40 -38.05
N ALA L 31 -37.47 2.62 -38.79
CA ALA L 31 -37.45 2.66 -40.24
C ALA L 31 -38.84 2.38 -40.77
N PHE L 32 -39.07 2.75 -42.03
CA PHE L 32 -40.36 2.57 -42.67
C PHE L 32 -40.15 2.08 -44.10
N ILE L 33 -41.16 1.36 -44.60
CA ILE L 33 -41.20 0.91 -45.98
C ILE L 33 -42.42 1.53 -46.65
N ILE L 34 -42.19 2.20 -47.77
CA ILE L 34 -43.23 2.98 -48.45
C ILE L 34 -43.53 2.30 -49.78
N ALA L 35 -44.79 1.98 -50.00
CA ALA L 35 -45.28 1.40 -51.25
C ALA L 35 -46.34 2.32 -51.85
N ALA L 36 -46.99 1.86 -52.91
CA ALA L 36 -48.00 2.66 -53.60
C ALA L 36 -49.22 2.94 -52.72
N GLY L 37 -49.37 2.20 -51.61
CA GLY L 37 -50.49 2.45 -50.71
C GLY L 37 -50.48 3.84 -50.12
N CYS L 38 -49.29 4.36 -49.80
CA CYS L 38 -49.20 5.71 -49.26
C CYS L 38 -49.65 6.77 -50.27
N PRO L 39 -49.15 6.81 -51.51
CA PRO L 39 -49.69 7.80 -52.46
C PRO L 39 -51.15 7.55 -52.83
N VAL L 40 -51.59 6.29 -52.89
CA VAL L 40 -52.99 6.05 -53.25
C VAL L 40 -53.96 6.49 -52.16
N SER L 41 -53.49 6.66 -50.93
CA SER L 41 -54.37 7.08 -49.84
C SER L 41 -54.73 8.55 -49.92
N ILE L 42 -54.01 9.35 -50.70
CA ILE L 42 -54.31 10.77 -50.84
C ILE L 42 -55.48 10.94 -51.80
N ARG L 43 -56.52 11.62 -51.35
CA ARG L 43 -57.72 11.84 -52.15
C ARG L 43 -57.62 13.20 -52.85
N HIS L 44 -57.84 13.19 -54.16
CA HIS L 44 -57.80 14.42 -54.94
C HIS L 44 -58.87 14.35 -56.02
N ASN L 45 -59.84 15.26 -55.96
CA ASN L 45 -60.98 15.28 -56.88
C ASN L 45 -61.74 13.96 -56.87
N ASP L 46 -61.84 13.34 -55.68
CA ASP L 46 -62.50 12.04 -55.51
C ASP L 46 -61.87 10.98 -56.40
N ALA L 47 -60.58 11.11 -56.66
CA ALA L 47 -59.82 10.16 -57.45
C ALA L 47 -58.46 9.93 -56.80
N PRO L 48 -57.88 8.74 -56.95
CA PRO L 48 -56.56 8.50 -56.36
C PRO L 48 -55.49 9.39 -56.99
N LEU L 49 -54.56 9.85 -56.15
CA LEU L 49 -53.45 10.64 -56.67
C LEU L 49 -52.57 9.82 -57.60
N ILE L 50 -52.30 8.57 -57.23
CA ILE L 50 -51.57 7.64 -58.08
C ILE L 50 -52.37 6.34 -58.18
N PRO L 51 -52.68 5.86 -59.38
CA PRO L 51 -53.53 4.67 -59.50
C PRO L 51 -52.79 3.36 -59.23
N ASP L 52 -51.56 3.47 -58.70
CA ASP L 52 -50.75 2.31 -58.32
C ASP L 52 -50.38 1.47 -59.52
N VAL L 53 -49.81 0.29 -59.26
CA VAL L 53 -49.33 -0.56 -60.34
C VAL L 53 -50.47 -1.04 -61.23
N ALA L 54 -51.59 -1.44 -60.63
CA ALA L 54 -52.72 -1.91 -61.42
C ALA L 54 -53.29 -0.80 -62.29
N GLY L 55 -53.43 0.40 -61.73
CA GLY L 55 -53.92 1.52 -62.51
C GLY L 55 -52.97 1.90 -63.64
N LEU L 56 -51.67 1.88 -63.37
CA LEU L 56 -50.68 2.14 -64.41
C LEU L 56 -50.72 1.08 -65.52
N THR L 57 -50.90 -0.19 -65.18
CA THR L 57 -51.03 -1.22 -66.19
C THR L 57 -52.30 -1.03 -67.03
N ARG L 58 -53.42 -0.71 -66.37
CA ARG L 58 -54.65 -0.46 -67.12
C ARG L 58 -54.52 0.74 -68.05
N LYS L 59 -53.91 1.82 -67.58
CA LYS L 59 -53.74 3.00 -68.43
C LYS L 59 -52.74 2.73 -69.55
N ILE L 60 -51.69 1.95 -69.28
CA ILE L 60 -50.75 1.58 -70.32
C ILE L 60 -51.46 0.76 -71.40
N SER L 61 -52.28 -0.20 -70.99
CA SER L 61 -53.00 -1.03 -71.95
C SER L 61 -53.99 -0.19 -72.76
N ASP L 62 -54.69 0.73 -72.11
CA ASP L 62 -55.67 1.56 -72.81
C ASP L 62 -55.00 2.60 -73.70
N SER L 63 -53.75 2.95 -73.43
CA SER L 63 -53.07 3.96 -74.23
C SER L 63 -52.91 3.50 -75.68
N PHE L 64 -52.54 2.23 -75.89
CA PHE L 64 -52.35 1.69 -77.22
C PHE L 64 -53.62 1.05 -77.78
N GLY L 65 -54.70 1.04 -77.02
CA GLY L 65 -55.96 0.51 -77.51
C GLY L 65 -56.03 -1.01 -77.44
N GLY L 66 -57.15 -1.53 -77.89
CA GLY L 66 -57.42 -2.96 -77.91
C GLY L 66 -57.03 -3.67 -79.20
N ASN L 67 -56.34 -3.00 -80.11
CA ASN L 67 -55.97 -3.61 -81.37
C ASN L 67 -54.94 -4.71 -81.16
N PRO L 68 -55.20 -5.95 -81.58
CA PRO L 68 -54.22 -7.02 -81.39
C PRO L 68 -52.95 -6.86 -82.22
N ASP L 69 -52.98 -6.01 -83.26
CA ASP L 69 -51.80 -5.84 -84.10
C ASP L 69 -50.63 -5.20 -83.37
N SER L 70 -50.91 -4.46 -82.30
CA SER L 70 -49.84 -3.84 -81.53
C SER L 70 -49.01 -4.89 -80.81
N LEU L 71 -47.70 -4.67 -80.76
CA LEU L 71 -46.81 -5.63 -80.11
C LEU L 71 -47.02 -5.65 -78.60
N LEU L 72 -47.48 -4.53 -78.02
CA LEU L 72 -47.68 -4.48 -76.58
C LEU L 72 -48.74 -5.48 -76.12
N MET L 73 -49.85 -5.56 -76.86
CA MET L 73 -50.89 -6.53 -76.52
C MET L 73 -50.39 -7.96 -76.72
N LYS L 74 -49.57 -8.20 -77.74
CA LYS L 74 -48.99 -9.52 -77.94
C LYS L 74 -48.11 -9.92 -76.76
N ILE L 75 -47.29 -8.98 -76.27
CA ILE L 75 -46.46 -9.27 -75.11
C ILE L 75 -47.32 -9.49 -73.88
N ILE L 76 -48.39 -8.72 -73.74
CA ILE L 76 -49.28 -8.88 -72.58
C ILE L 76 -49.91 -10.26 -72.57
N GLN L 77 -50.41 -10.71 -73.72
CA GLN L 77 -51.03 -12.04 -73.78
C GLN L 77 -49.99 -13.14 -73.63
N ASN L 78 -48.78 -12.94 -74.15
CA ASN L 78 -47.71 -13.91 -73.95
C ASN L 78 -47.38 -14.07 -72.47
N LEU L 79 -47.33 -12.94 -71.74
CA LEU L 79 -47.14 -13.02 -70.30
C LEU L 79 -48.34 -13.66 -69.60
N LYS L 80 -49.55 -13.39 -70.09
CA LYS L 80 -50.75 -14.01 -69.55
C LYS L 80 -50.68 -15.53 -69.64
N THR L 81 -50.10 -16.04 -70.72
CA THR L 81 -49.96 -17.49 -70.87
C THR L 81 -49.08 -18.07 -69.76
N THR L 82 -48.05 -17.33 -69.34
CA THR L 82 -47.15 -17.79 -68.29
C THR L 82 -47.53 -17.22 -66.92
N ILE L 83 -47.56 -15.89 -66.79
CA ILE L 83 -47.88 -15.23 -65.54
C ILE L 83 -49.38 -14.98 -65.50
N PRO L 84 -50.10 -15.49 -64.50
CA PRO L 84 -51.56 -15.27 -64.45
C PRO L 84 -51.94 -13.80 -64.39
N ASN L 85 -51.16 -12.97 -63.71
CA ASN L 85 -51.42 -11.54 -63.57
C ASN L 85 -50.15 -10.78 -63.91
N PRO L 86 -50.01 -10.30 -65.15
CA PRO L 86 -48.81 -9.57 -65.53
C PRO L 86 -48.68 -8.26 -64.77
N THR L 87 -47.43 -7.85 -64.56
CA THR L 87 -47.12 -6.63 -63.85
C THR L 87 -46.28 -5.73 -64.76
N ILE L 88 -46.48 -4.41 -64.62
CA ILE L 88 -45.72 -3.47 -65.42
C ILE L 88 -44.23 -3.60 -65.15
N GLU L 89 -43.85 -3.92 -63.91
CA GLU L 89 -42.46 -4.21 -63.60
C GLU L 89 -41.97 -5.42 -64.39
N ASP L 90 -42.80 -6.47 -64.44
CA ASP L 90 -42.45 -7.65 -65.23
C ASP L 90 -42.39 -7.32 -66.72
N ILE L 91 -43.30 -6.46 -67.19
CA ILE L 91 -43.29 -6.07 -68.60
C ILE L 91 -41.99 -5.34 -68.93
N LEU L 92 -41.59 -4.41 -68.08
CA LEU L 92 -40.33 -3.70 -68.29
C LEU L 92 -39.13 -4.64 -68.24
N SER L 93 -39.14 -5.58 -67.31
CA SER L 93 -38.04 -6.55 -67.23
C SER L 93 -37.98 -7.39 -68.50
N TYR L 94 -39.13 -7.84 -69.00
CA TYR L 94 -39.15 -8.64 -70.22
C TYR L 94 -38.68 -7.82 -71.42
N ILE L 95 -39.09 -6.55 -71.50
CA ILE L 95 -38.67 -5.70 -72.61
C ILE L 95 -37.15 -5.48 -72.57
N ARG L 96 -36.61 -5.22 -71.38
CA ARG L 96 -35.17 -5.03 -71.27
C ARG L 96 -34.41 -6.32 -71.57
N LEU L 97 -34.98 -7.47 -71.17
CA LEU L 97 -34.36 -8.75 -71.50
C LEU L 97 -34.33 -8.97 -73.01
N LEU L 98 -35.41 -8.63 -73.70
CA LEU L 98 -35.43 -8.72 -75.16
C LEU L 98 -34.41 -7.77 -75.77
N GLN L 99 -34.31 -6.55 -75.23
CA GLN L 99 -33.38 -5.56 -75.76
C GLN L 99 -31.93 -5.96 -75.54
N GLN L 100 -31.64 -6.72 -74.49
CA GLN L 100 -30.26 -7.10 -74.18
C GLN L 100 -29.63 -7.96 -75.26
N ILE L 101 -30.43 -8.58 -76.12
CA ILE L 101 -29.91 -9.42 -77.20
C ILE L 101 -30.53 -8.99 -78.52
N PRO L 102 -29.88 -9.23 -79.66
CA PRO L 102 -30.50 -8.86 -80.94
C PRO L 102 -31.70 -9.73 -81.27
N MET L 103 -32.81 -9.51 -80.57
CA MET L 103 -34.03 -10.30 -80.75
C MET L 103 -34.84 -9.69 -81.89
N SER L 104 -34.51 -10.07 -83.11
CA SER L 104 -35.22 -9.63 -84.30
C SER L 104 -36.15 -10.69 -84.86
N GLY L 105 -36.46 -11.72 -84.07
CA GLY L 105 -37.24 -12.85 -84.54
C GLY L 105 -38.74 -12.63 -84.40
N LYS L 106 -39.46 -13.76 -84.40
CA LYS L 106 -40.92 -13.70 -84.31
C LYS L 106 -41.39 -13.08 -83.00
N ILE L 107 -40.57 -13.18 -81.94
CA ILE L 107 -40.92 -12.54 -80.67
C ILE L 107 -41.06 -11.04 -80.86
N HIS L 108 -40.19 -10.45 -81.67
CA HIS L 108 -40.26 -9.03 -82.02
C HIS L 108 -40.53 -8.83 -83.50
N ASP L 109 -41.34 -9.70 -84.11
CA ASP L 109 -41.64 -9.59 -85.53
C ASP L 109 -42.41 -8.30 -85.84
N VAL L 110 -43.36 -7.94 -84.97
CA VAL L 110 -44.14 -6.71 -85.20
C VAL L 110 -43.24 -5.49 -85.13
N GLU L 111 -42.32 -5.46 -84.18
CA GLU L 111 -41.39 -4.34 -83.99
C GLU L 111 -39.97 -4.88 -84.10
N ASN L 112 -39.42 -4.88 -85.31
CA ASN L 112 -38.05 -5.33 -85.50
C ASN L 112 -37.06 -4.43 -84.76
N SER L 113 -37.29 -3.13 -84.79
CA SER L 113 -36.47 -2.19 -84.04
C SER L 113 -37.30 -1.15 -83.29
N VAL L 114 -38.63 -1.26 -83.32
CA VAL L 114 -39.49 -0.30 -82.63
C VAL L 114 -39.73 -0.67 -81.18
N ILE L 115 -39.11 -1.75 -80.69
CA ILE L 115 -39.21 -2.08 -79.26
C ILE L 115 -38.57 -0.99 -78.42
N ASN L 116 -37.47 -0.41 -78.91
CA ASN L 116 -36.86 0.71 -78.21
C ASN L 116 -37.80 1.91 -78.14
N ALA L 117 -38.49 2.20 -79.25
CA ALA L 117 -39.46 3.28 -79.25
C ALA L 117 -40.60 2.99 -78.28
N LEU L 118 -41.06 1.75 -78.25
CA LEU L 118 -42.16 1.38 -77.35
C LEU L 118 -41.75 1.55 -75.89
N GLU L 119 -40.56 1.08 -75.53
CA GLU L 119 -40.12 1.22 -74.14
C GLU L 119 -39.85 2.67 -73.78
N GLU L 120 -39.33 3.47 -74.72
CA GLU L 120 -39.15 4.89 -74.46
C GLU L 120 -40.49 5.58 -74.25
N SER L 121 -41.50 5.21 -75.04
CA SER L 121 -42.83 5.78 -74.86
C SER L 121 -43.41 5.38 -73.49
N ILE L 122 -43.21 4.12 -73.09
CA ILE L 122 -43.68 3.69 -71.78
C ILE L 122 -43.00 4.47 -70.67
N CYS L 123 -41.69 4.65 -70.78
CA CYS L 123 -40.97 5.42 -69.77
C CYS L 123 -41.44 6.86 -69.72
N GLU L 124 -41.67 7.48 -70.88
CA GLU L 124 -42.16 8.85 -70.91
C GLU L 124 -43.55 8.95 -70.27
N LEU L 125 -44.42 7.98 -70.57
CA LEU L 125 -45.75 7.99 -69.96
C LEU L 125 -45.66 7.84 -68.45
N ILE L 126 -44.78 6.96 -67.97
CA ILE L 126 -44.59 6.79 -66.53
C ILE L 126 -44.12 8.10 -65.91
N GLU L 127 -43.12 8.74 -66.52
CA GLU L 127 -42.59 9.99 -65.98
C GLU L 127 -43.66 11.07 -65.94
N GLU L 128 -44.46 11.18 -67.01
CA GLU L 128 -45.52 12.18 -67.03
C GLU L 128 -46.58 11.91 -65.98
N GLU L 129 -46.96 10.65 -65.79
CA GLU L 129 -48.04 10.35 -64.87
C GLU L 129 -47.63 10.44 -63.41
N VAL L 130 -46.35 10.19 -63.10
CA VAL L 130 -45.90 10.21 -61.72
C VAL L 130 -45.27 11.55 -61.33
N ASN L 131 -45.32 12.55 -62.22
CA ASN L 131 -44.72 13.85 -61.96
C ASN L 131 -45.80 14.78 -61.43
N VAL L 132 -46.04 14.68 -60.12
CA VAL L 132 -47.01 15.55 -59.45
C VAL L 132 -46.38 16.11 -58.18
N ASP L 133 -47.14 16.91 -57.44
CA ASP L 133 -46.66 17.51 -56.21
C ASP L 133 -47.75 17.41 -55.14
N LEU L 134 -47.32 17.48 -53.89
CA LEU L 134 -48.25 17.39 -52.76
C LEU L 134 -49.11 18.64 -52.69
N PRO L 135 -50.44 18.52 -52.76
CA PRO L 135 -51.29 19.72 -52.63
C PRO L 135 -51.52 20.10 -51.17
N GLY L 136 -51.13 21.31 -50.80
CA GLY L 136 -51.33 21.78 -49.45
C GLY L 136 -50.39 21.11 -48.45
N ASN L 137 -50.69 21.34 -47.17
CA ASN L 137 -49.91 20.80 -46.06
C ASN L 137 -50.70 19.80 -45.23
N ALA L 138 -51.84 19.34 -45.71
CA ALA L 138 -52.68 18.40 -44.98
C ALA L 138 -52.40 16.94 -45.35
N THR L 139 -51.39 16.70 -46.20
CA THR L 139 -51.08 15.34 -46.59
C THR L 139 -50.49 14.56 -45.41
N PRO L 140 -50.68 13.24 -45.38
CA PRO L 140 -50.09 12.44 -44.30
C PRO L 140 -48.57 12.53 -44.25
N TYR L 141 -47.92 12.80 -45.38
CA TYR L 141 -46.47 12.95 -45.38
C TYR L 141 -46.03 14.10 -44.50
N HIS L 142 -46.78 15.20 -44.52
CA HIS L 142 -46.46 16.33 -43.66
C HIS L 142 -46.58 15.94 -42.19
N LYS L 143 -47.60 15.16 -41.84
CA LYS L 143 -47.75 14.70 -40.46
C LYS L 143 -46.59 13.79 -40.07
N ILE L 144 -46.15 12.93 -40.99
CA ILE L 144 -45.01 12.05 -40.71
C ILE L 144 -43.76 12.87 -40.46
N ALA L 145 -43.52 13.88 -41.31
CA ALA L 145 -42.36 14.73 -41.14
C ALA L 145 -42.42 15.50 -39.83
N ALA L 146 -43.61 15.98 -39.46
CA ALA L 146 -43.76 16.69 -38.19
C ALA L 146 -43.46 15.77 -37.02
N TRP L 147 -43.94 14.53 -37.08
CA TRP L 147 -43.61 13.57 -36.03
C TRP L 147 -42.12 13.30 -35.97
N ILE L 148 -41.47 13.20 -37.14
CA ILE L 148 -40.05 12.90 -37.18
C ILE L 148 -39.23 14.02 -36.55
N ASN L 149 -39.54 15.27 -36.91
CA ASN L 149 -38.75 16.40 -36.45
C ASN L 149 -39.25 16.97 -35.12
N SER L 150 -40.34 16.44 -34.57
CA SER L 150 -40.88 16.96 -33.32
C SER L 150 -39.93 16.69 -32.14
N ILE L 151 -39.39 15.48 -32.08
CA ILE L 151 -38.53 15.07 -30.97
C ILE L 151 -37.17 14.66 -31.53
N ASN L 152 -36.11 15.23 -30.97
CA ASN L 152 -34.76 14.83 -31.34
C ASN L 152 -34.46 13.44 -30.79
N ARG L 153 -33.89 12.59 -31.63
CA ARG L 153 -33.64 11.19 -31.29
C ARG L 153 -32.17 10.87 -31.45
N GLU L 154 -31.64 10.08 -30.51
CA GLU L 154 -30.25 9.67 -30.58
C GLU L 154 -29.97 8.73 -31.74
N HIS L 155 -30.99 8.03 -32.23
CA HIS L 155 -30.87 7.14 -33.37
C HIS L 155 -31.55 7.76 -34.58
N GLN L 156 -30.84 7.79 -35.71
CA GLN L 156 -31.39 8.38 -36.92
C GLN L 156 -32.56 7.56 -37.44
N VAL L 157 -33.52 8.26 -38.05
CA VAL L 157 -34.71 7.64 -38.60
C VAL L 157 -34.54 7.55 -40.12
N GLU L 158 -34.58 6.33 -40.64
CA GLU L 158 -34.44 6.10 -42.07
C GLU L 158 -35.79 5.73 -42.67
N ILE L 159 -35.94 6.00 -43.96
CA ILE L 159 -37.17 5.71 -44.69
C ILE L 159 -36.80 4.98 -45.98
N PHE L 160 -37.49 3.87 -46.24
CA PHE L 160 -37.29 3.10 -47.46
C PHE L 160 -38.56 3.17 -48.30
N THR L 161 -38.38 3.46 -49.60
CA THR L 161 -39.50 3.56 -50.51
C THR L 161 -39.15 2.87 -51.83
N THR L 162 -40.13 2.19 -52.41
CA THR L 162 -39.98 1.56 -53.72
C THR L 162 -40.71 2.33 -54.81
N ASN L 163 -41.25 3.51 -54.50
CA ASN L 163 -41.99 4.30 -55.47
C ASN L 163 -41.04 5.22 -56.23
N TYR L 164 -41.57 5.88 -57.26
CA TYR L 164 -40.79 6.82 -58.06
C TYR L 164 -41.09 8.28 -57.76
N ASP L 165 -42.22 8.58 -57.13
CA ASP L 165 -42.58 9.95 -56.84
C ASP L 165 -41.72 10.52 -55.72
N LEU L 166 -41.58 11.85 -55.72
CA LEU L 166 -40.76 12.57 -54.74
C LEU L 166 -41.58 13.21 -53.65
N LEU L 167 -42.71 12.61 -53.28
CA LEU L 167 -43.57 13.20 -52.26
C LEU L 167 -42.87 13.29 -50.91
N MET L 168 -42.15 12.23 -50.53
CA MET L 168 -41.46 12.23 -49.25
C MET L 168 -40.38 13.30 -49.19
N GLU L 169 -39.63 13.46 -50.29
CA GLU L 169 -38.58 14.48 -50.32
C GLU L 169 -39.17 15.88 -50.15
N GLN L 170 -40.26 16.15 -50.88
CA GLN L 170 -40.91 17.46 -50.77
C GLN L 170 -41.44 17.69 -49.36
N ALA L 171 -42.06 16.67 -48.77
CA ALA L 171 -42.60 16.82 -47.42
C ALA L 171 -41.47 17.08 -46.41
N LEU L 172 -40.36 16.36 -46.53
CA LEU L 172 -39.25 16.57 -45.61
C LEU L 172 -38.61 17.94 -45.79
N GLU L 173 -38.43 18.39 -47.03
CA GLU L 173 -37.77 19.67 -47.25
C GLU L 173 -38.67 20.85 -46.89
N GLU L 174 -39.99 20.69 -47.01
CA GLU L 174 -40.90 21.77 -46.64
C GLU L 174 -40.85 22.04 -45.14
N LEU L 175 -40.80 20.99 -44.33
CA LEU L 175 -40.79 21.11 -42.88
C LEU L 175 -39.39 21.22 -42.30
N ASN L 176 -38.39 21.54 -43.13
CA ASN L 176 -37.01 21.74 -42.68
C ASN L 176 -36.48 20.49 -41.99
N VAL L 177 -36.44 19.39 -42.74
CA VAL L 177 -35.94 18.11 -42.25
C VAL L 177 -34.73 17.72 -43.09
N PRO L 178 -33.51 17.88 -42.59
CA PRO L 178 -32.33 17.46 -43.35
C PRO L 178 -32.31 15.94 -43.52
N TYR L 179 -31.79 15.51 -44.66
CA TYR L 179 -31.74 14.09 -44.97
C TYR L 179 -30.61 13.84 -45.97
N PHE L 180 -30.20 12.57 -46.04
CA PHE L 180 -29.14 12.13 -46.95
C PHE L 180 -29.66 10.98 -47.78
N ASP L 181 -29.60 11.13 -49.11
CA ASP L 181 -30.14 10.13 -50.03
C ASP L 181 -29.04 9.38 -50.79
N GLY L 182 -27.78 9.61 -50.44
CA GLY L 182 -26.69 8.93 -51.11
C GLY L 182 -26.00 9.77 -52.17
N PHE L 183 -26.66 10.81 -52.64
CA PHE L 183 -26.10 11.69 -53.65
C PHE L 183 -25.59 12.98 -53.04
N VAL L 184 -24.40 13.39 -53.44
CA VAL L 184 -23.75 14.60 -52.93
C VAL L 184 -23.37 15.46 -54.13
N GLY L 185 -23.76 16.72 -54.10
CA GLY L 185 -23.44 17.63 -55.17
C GLY L 185 -24.53 18.66 -55.34
N SER L 186 -24.25 19.63 -56.22
CA SER L 186 -25.17 20.73 -56.49
C SER L 186 -25.66 20.74 -57.93
N LYS L 187 -24.73 20.76 -58.89
CA LYS L 187 -25.14 20.78 -60.30
C LYS L 187 -25.53 19.37 -60.76
N ARG L 188 -24.59 18.42 -60.66
CA ARG L 188 -24.83 17.02 -61.03
C ARG L 188 -24.30 16.17 -59.88
N ALA L 189 -25.15 15.93 -58.89
CA ALA L 189 -24.72 15.17 -57.71
C ALA L 189 -24.35 13.74 -58.12
N PHE L 190 -23.14 13.33 -57.78
CA PHE L 190 -22.68 11.99 -58.09
C PHE L 190 -22.98 11.04 -56.93
N PHE L 191 -22.86 9.75 -57.21
CA PHE L 191 -23.14 8.72 -56.21
C PHE L 191 -21.86 8.41 -55.46
N ASP L 192 -21.66 9.08 -54.33
CA ASP L 192 -20.50 8.82 -53.48
C ASP L 192 -20.70 7.50 -52.73
N ILE L 193 -19.67 6.68 -52.71
CA ILE L 193 -19.76 5.34 -52.14
C ILE L 193 -19.14 5.28 -50.75
N ARG L 194 -18.00 5.95 -50.55
CA ARG L 194 -17.26 5.82 -49.30
C ARG L 194 -18.09 6.28 -48.11
N THR L 195 -18.74 7.43 -48.23
CA THR L 195 -19.50 7.98 -47.11
C THR L 195 -20.66 7.08 -46.71
N ILE L 196 -21.17 6.29 -47.65
CA ILE L 196 -22.28 5.40 -47.33
C ILE L 196 -21.86 4.36 -46.30
N GLU L 197 -20.69 3.76 -46.48
CA GLU L 197 -20.19 2.78 -45.53
C GLU L 197 -19.43 3.41 -44.37
N GLU L 198 -19.07 4.69 -44.46
CA GLU L 198 -18.46 5.35 -43.32
C GLU L 198 -19.40 5.39 -42.13
N ASN L 199 -20.68 5.72 -42.38
CA ASN L 199 -21.71 5.76 -41.35
C ASN L 199 -21.30 6.67 -40.18
N LYS L 200 -20.83 7.86 -40.51
CA LYS L 200 -20.42 8.85 -39.53
C LYS L 200 -21.13 10.17 -39.77
N LEU L 201 -22.35 10.11 -40.28
CA LEU L 201 -23.16 11.31 -40.47
C LEU L 201 -23.64 11.84 -39.13
N PRO L 202 -23.97 13.13 -39.05
CA PRO L 202 -24.50 13.68 -37.80
C PRO L 202 -25.78 12.97 -37.38
N SER L 203 -25.93 12.80 -36.06
CA SER L 203 -27.03 12.01 -35.54
C SER L 203 -28.40 12.65 -35.78
N ARG L 204 -28.45 13.96 -36.02
CA ARG L 204 -29.73 14.60 -36.28
C ARG L 204 -30.20 14.44 -37.72
N TRP L 205 -29.32 14.00 -38.62
CA TRP L 205 -29.69 13.80 -40.01
C TRP L 205 -30.50 12.53 -40.19
N SER L 206 -31.41 12.57 -41.16
CA SER L 206 -32.19 11.40 -41.53
C SER L 206 -31.65 10.79 -42.83
N LYS L 207 -32.23 9.67 -43.24
CA LYS L 207 -31.79 8.98 -44.45
C LYS L 207 -33.01 8.50 -45.23
N LEU L 208 -32.98 8.68 -46.55
CA LEU L 208 -34.03 8.21 -47.44
C LEU L 208 -33.38 7.42 -48.57
N TRP L 209 -33.65 6.12 -48.62
CA TRP L 209 -33.05 5.22 -49.60
C TRP L 209 -34.09 4.85 -50.66
N LYS L 210 -33.69 4.97 -51.92
CA LYS L 210 -34.57 4.67 -53.06
C LYS L 210 -34.25 3.25 -53.54
N LEU L 211 -35.08 2.30 -53.12
CA LEU L 211 -34.86 0.90 -53.48
C LEU L 211 -35.03 0.68 -54.99
N HIS L 212 -36.06 1.29 -55.58
CA HIS L 212 -36.37 1.10 -56.98
C HIS L 212 -35.94 2.27 -57.86
N GLY L 213 -35.12 3.18 -57.34
CA GLY L 213 -34.67 4.31 -58.11
C GLY L 213 -35.62 5.50 -58.01
N SER L 214 -35.37 6.48 -58.88
CA SER L 214 -36.14 7.71 -58.88
C SER L 214 -36.23 8.23 -60.31
N ILE L 215 -37.19 9.14 -60.54
CA ILE L 215 -37.38 9.69 -61.87
C ILE L 215 -36.33 10.73 -62.22
N ASN L 216 -35.67 11.33 -61.23
CA ASN L 216 -34.66 12.34 -61.47
C ASN L 216 -33.26 11.78 -61.66
N TRP L 217 -33.07 10.48 -61.45
CA TRP L 217 -31.77 9.87 -61.71
C TRP L 217 -31.55 9.75 -63.21
N GLN L 218 -30.31 9.98 -63.64
CA GLN L 218 -29.95 9.87 -65.05
C GLN L 218 -28.59 9.18 -65.15
N LEU L 219 -28.33 8.63 -66.33
CA LEU L 219 -27.09 7.91 -66.60
C LEU L 219 -26.44 8.50 -67.85
N ASP L 220 -25.13 8.69 -67.79
CA ASP L 220 -24.34 9.16 -68.92
C ASP L 220 -23.52 7.99 -69.45
N LYS L 221 -23.69 7.68 -70.73
CA LYS L 221 -22.98 6.56 -71.33
C LYS L 221 -21.56 6.92 -71.75
N GLN L 222 -21.22 8.22 -71.79
CA GLN L 222 -19.85 8.61 -72.10
C GLN L 222 -18.90 8.10 -71.04
N THR L 223 -19.27 8.22 -69.77
CA THR L 223 -18.53 7.64 -68.66
C THR L 223 -19.28 6.50 -68.00
N GLN L 224 -20.49 6.19 -68.45
CA GLN L 224 -21.33 5.15 -67.85
C GLN L 224 -21.50 5.39 -66.36
N THR L 225 -21.82 6.62 -66.00
CA THR L 225 -21.94 7.02 -64.60
C THR L 225 -23.34 7.57 -64.34
N ILE L 226 -23.84 7.31 -63.13
CA ILE L 226 -25.16 7.74 -62.73
C ILE L 226 -25.04 9.03 -61.92
N TRP L 227 -26.09 9.84 -61.95
CA TRP L 227 -26.12 11.08 -61.18
C TRP L 227 -27.56 11.51 -60.99
N ARG L 228 -27.81 12.17 -59.87
CA ARG L 228 -29.13 12.66 -59.52
C ARG L 228 -29.28 14.10 -60.01
N GLY L 229 -30.30 14.34 -60.83
CA GLY L 229 -30.54 15.66 -61.37
C GLY L 229 -32.00 16.07 -61.31
N THR L 230 -32.54 16.48 -62.45
CA THR L 230 -33.93 16.89 -62.56
C THR L 230 -34.61 16.12 -63.68
N PRO L 231 -35.93 15.94 -63.61
CA PRO L 231 -36.64 15.17 -64.64
C PRO L 231 -36.44 15.72 -66.04
N SER L 232 -35.75 14.97 -66.89
CA SER L 232 -35.53 15.33 -68.28
C SER L 232 -36.31 14.38 -69.18
N LYS L 233 -36.14 14.54 -70.48
CA LYS L 233 -36.88 13.74 -71.46
C LYS L 233 -36.32 12.33 -71.50
N GLY L 234 -36.75 11.50 -70.55
CA GLY L 234 -36.29 10.12 -70.49
C GLY L 234 -35.22 9.89 -69.44
N CYS L 235 -35.58 9.22 -68.35
CA CYS L 235 -34.64 8.88 -67.30
C CYS L 235 -34.16 7.44 -67.49
N SER L 236 -32.86 7.22 -67.29
CA SER L 236 -32.25 5.92 -67.51
C SER L 236 -32.28 5.03 -66.27
N LEU L 237 -32.80 5.52 -65.15
CA LEU L 237 -32.84 4.72 -63.94
C LEU L 237 -34.27 4.47 -63.49
N ILE L 238 -35.18 4.25 -64.45
CA ILE L 238 -36.56 3.92 -64.15
C ILE L 238 -36.75 2.43 -63.88
N HIS L 239 -35.67 1.65 -63.91
CA HIS L 239 -35.79 0.20 -63.81
C HIS L 239 -36.29 -0.22 -62.43
N PRO L 240 -37.28 -1.10 -62.35
CA PRO L 240 -37.67 -1.69 -61.06
C PRO L 240 -36.70 -2.79 -60.61
N SER L 241 -35.48 -2.38 -60.28
CA SER L 241 -34.42 -3.28 -59.83
C SER L 241 -34.07 -4.31 -60.90
N HIS L 242 -33.85 -3.83 -62.13
CA HIS L 242 -33.44 -4.70 -63.23
C HIS L 242 -32.52 -3.88 -64.14
N LEU L 243 -31.22 -4.03 -63.94
CA LEU L 243 -30.23 -3.25 -64.68
C LEU L 243 -28.97 -4.10 -64.81
N LYS L 244 -27.85 -3.45 -65.15
CA LYS L 244 -26.59 -4.15 -65.31
C LYS L 244 -25.98 -4.45 -63.94
N TYR L 245 -24.74 -4.92 -63.96
CA TYR L 245 -24.03 -5.25 -62.73
C TYR L 245 -23.58 -3.97 -62.02
N ASP L 246 -22.91 -4.15 -60.89
CA ASP L 246 -22.45 -3.03 -60.09
C ASP L 246 -21.28 -2.32 -60.78
N LYS L 250 -22.35 0.67 -62.18
CA LYS L 250 -23.34 1.66 -62.58
C LYS L 250 -24.73 1.27 -62.08
N MET L 251 -24.77 0.60 -60.93
CA MET L 251 -26.02 0.17 -60.33
C MET L 251 -25.94 0.28 -58.82
N PRO L 252 -26.68 1.20 -58.21
CA PRO L 252 -26.65 1.37 -56.75
C PRO L 252 -27.63 0.49 -55.98
N TYR L 253 -28.36 -0.39 -56.67
CA TYR L 253 -29.35 -1.23 -55.98
C TYR L 253 -28.67 -2.15 -54.96
N LEU L 254 -27.52 -2.71 -55.33
CA LEU L 254 -26.79 -3.57 -54.40
C LEU L 254 -26.39 -2.82 -53.15
N VAL L 255 -25.96 -1.56 -53.30
CA VAL L 255 -25.58 -0.76 -52.14
C VAL L 255 -26.78 -0.52 -51.24
N MET L 256 -27.94 -0.22 -51.82
CA MET L 256 -29.14 -0.01 -51.02
C MET L 256 -29.54 -1.27 -50.27
N MET L 257 -29.48 -2.42 -50.94
CA MET L 257 -29.81 -3.68 -50.28
C MET L 257 -28.83 -3.99 -49.17
N ASP L 258 -27.54 -3.72 -49.39
CA ASP L 258 -26.54 -3.94 -48.35
C ASP L 258 -26.80 -3.03 -47.15
N GLN L 259 -27.16 -1.77 -47.39
CA GLN L 259 -27.48 -0.87 -46.29
C GLN L 259 -28.72 -1.34 -45.53
N LEU L 260 -29.73 -1.82 -46.25
CA LEU L 260 -30.92 -2.35 -45.59
C LEU L 260 -30.57 -3.55 -44.72
N LYS L 261 -29.74 -4.46 -45.24
CA LYS L 261 -29.34 -5.63 -44.48
C LYS L 261 -28.54 -5.22 -43.24
N LEU L 262 -27.64 -4.24 -43.39
CA LEU L 262 -26.87 -3.77 -42.25
C LEU L 262 -27.77 -3.15 -41.20
N PHE L 263 -28.80 -2.39 -41.62
CA PHE L 263 -29.76 -1.87 -40.66
C PHE L 263 -30.50 -3.01 -39.94
N LEU L 264 -30.87 -4.04 -40.68
CA LEU L 264 -31.55 -5.18 -40.07
C LEU L 264 -30.70 -5.89 -39.04
N ASN L 265 -29.38 -5.72 -39.09
CA ASN L 265 -28.48 -6.35 -38.14
C ASN L 265 -28.29 -5.53 -36.87
N GLN L 266 -28.78 -4.30 -36.83
CA GLN L 266 -28.65 -3.48 -35.64
C GLN L 266 -29.50 -4.04 -34.50
N PRO L 267 -28.97 -4.05 -33.28
CA PRO L 267 -29.75 -4.56 -32.14
C PRO L 267 -30.99 -3.73 -31.91
N SER L 268 -32.07 -4.41 -31.50
CA SER L 268 -33.36 -3.78 -31.20
C SER L 268 -33.87 -2.95 -32.36
N ALA L 269 -33.66 -3.43 -33.59
CA ALA L 269 -34.14 -2.72 -34.76
C ALA L 269 -35.66 -2.76 -34.85
N ILE L 270 -36.23 -1.66 -35.31
CA ILE L 270 -37.67 -1.56 -35.53
C ILE L 270 -37.92 -1.15 -36.97
N LEU L 271 -38.88 -1.82 -37.60
CA LEU L 271 -39.20 -1.56 -39.00
C LEU L 271 -40.70 -1.73 -39.19
N ILE L 272 -41.29 -0.83 -39.97
CA ILE L 272 -42.72 -0.80 -40.24
C ILE L 272 -42.94 -0.77 -41.74
N THR L 273 -43.81 -1.65 -42.22
CA THR L 273 -44.16 -1.72 -43.63
C THR L 273 -45.54 -1.11 -43.83
N CYS L 274 -45.64 -0.15 -44.74
CA CYS L 274 -46.90 0.53 -45.04
C CYS L 274 -47.22 0.36 -46.51
N GLY L 275 -48.35 -0.29 -46.80
CA GLY L 275 -48.80 -0.49 -48.16
C GLY L 275 -48.11 -1.59 -48.93
N TYR L 276 -47.18 -2.31 -48.31
CA TYR L 276 -46.44 -3.36 -48.98
C TYR L 276 -47.25 -4.66 -48.97
N SER L 277 -47.37 -5.28 -50.15
CA SER L 277 -48.08 -6.53 -50.31
C SER L 277 -47.16 -7.74 -50.27
N TYR L 278 -45.87 -7.53 -50.03
CA TYR L 278 -44.89 -8.61 -49.93
C TYR L 278 -44.88 -9.49 -51.18
N LYS L 279 -45.02 -8.88 -52.35
CA LYS L 279 -45.07 -9.60 -53.61
C LYS L 279 -43.74 -9.62 -54.35
N ASP L 280 -42.68 -9.10 -53.75
CA ASP L 280 -41.35 -9.11 -54.35
C ASP L 280 -40.51 -10.19 -53.69
N GLN L 281 -39.96 -11.09 -54.50
CA GLN L 281 -39.19 -12.21 -53.96
C GLN L 281 -37.90 -11.72 -53.30
N HIS L 282 -37.22 -10.75 -53.92
CA HIS L 282 -35.93 -10.31 -53.41
C HIS L 282 -36.09 -9.58 -52.08
N ILE L 283 -37.05 -8.66 -52.00
CA ILE L 283 -37.27 -7.94 -50.75
C ILE L 283 -37.69 -8.90 -49.65
N ASN L 284 -38.60 -9.83 -49.97
CA ASN L 284 -39.05 -10.79 -48.97
C ASN L 284 -37.91 -11.67 -48.47
N GLU L 285 -37.06 -12.15 -49.38
CA GLU L 285 -35.96 -13.01 -48.95
C GLU L 285 -34.93 -12.23 -48.15
N VAL L 286 -34.67 -10.98 -48.51
CA VAL L 286 -33.74 -10.16 -47.74
C VAL L 286 -34.28 -9.91 -46.34
N LEU L 287 -35.57 -9.59 -46.24
CA LEU L 287 -36.18 -9.37 -44.93
C LEU L 287 -36.14 -10.63 -44.08
N SER L 288 -36.44 -11.78 -44.69
CA SER L 288 -36.42 -13.04 -43.96
C SER L 288 -35.01 -13.37 -43.47
N GLN L 289 -34.01 -13.17 -44.33
CA GLN L 289 -32.63 -13.44 -43.94
C GLN L 289 -32.18 -12.51 -42.81
N GLY L 290 -32.54 -11.23 -42.90
CA GLY L 290 -32.18 -10.30 -41.85
C GLY L 290 -32.87 -10.61 -40.53
N LEU L 291 -34.14 -11.02 -40.59
CA LEU L 291 -34.87 -11.38 -39.38
C LEU L 291 -34.29 -12.65 -38.75
N GLN L 292 -33.92 -13.64 -39.57
CA GLN L 292 -33.33 -14.86 -39.04
C GLN L 292 -31.96 -14.60 -38.43
N THR L 293 -31.14 -13.76 -39.10
CA THR L 293 -29.81 -13.49 -38.61
C THR L 293 -29.85 -12.78 -37.25
N ASN L 294 -30.74 -11.80 -37.10
CA ASN L 294 -30.86 -11.06 -35.85
C ASN L 294 -32.26 -11.30 -35.27
N PRO L 295 -32.39 -12.18 -34.28
CA PRO L 295 -33.72 -12.40 -33.68
C PRO L 295 -34.29 -11.18 -32.99
N ASN L 296 -33.45 -10.23 -32.58
CA ASN L 296 -33.94 -9.05 -31.89
C ASN L 296 -34.70 -8.11 -32.82
N ALA L 297 -34.53 -8.25 -34.13
CA ALA L 297 -35.25 -7.40 -35.08
C ALA L 297 -36.75 -7.67 -35.02
N LEU L 298 -37.52 -6.62 -35.20
CA LEU L 298 -38.98 -6.70 -35.17
C LEU L 298 -39.56 -6.03 -36.40
N ILE L 299 -40.66 -6.60 -36.90
CA ILE L 299 -41.34 -6.09 -38.09
C ILE L 299 -42.81 -5.95 -37.75
N TYR L 300 -43.27 -4.71 -37.62
CA TYR L 300 -44.68 -4.43 -37.32
C TYR L 300 -45.47 -4.16 -38.61
N GLY L 301 -45.51 -5.18 -39.45
CA GLY L 301 -46.20 -5.08 -40.74
C GLY L 301 -47.66 -4.74 -40.61
N LEU L 302 -48.12 -3.77 -41.40
CA LEU L 302 -49.51 -3.35 -41.42
C LEU L 302 -50.04 -3.44 -42.85
N GLN L 303 -51.19 -4.07 -43.01
CA GLN L 303 -51.82 -4.24 -44.32
C GLN L 303 -53.19 -3.60 -44.31
N TYR L 304 -53.45 -2.74 -45.30
CA TYR L 304 -54.75 -2.09 -45.41
C TYR L 304 -55.84 -3.07 -45.87
N ASP L 305 -55.47 -4.09 -46.63
CA ASP L 305 -56.42 -5.08 -47.11
C ASP L 305 -56.59 -6.19 -46.07
N VAL L 306 -57.52 -7.11 -46.36
CA VAL L 306 -57.77 -8.22 -45.46
C VAL L 306 -56.60 -9.20 -45.51
N LEU L 307 -56.46 -10.00 -44.45
CA LEU L 307 -55.35 -10.94 -44.36
C LEU L 307 -55.44 -12.03 -45.42
N GLU L 308 -56.65 -12.42 -45.82
CA GLU L 308 -56.83 -13.55 -46.73
C GLU L 308 -56.20 -13.31 -48.10
N ASN L 309 -56.02 -12.06 -48.50
CA ASN L 309 -55.47 -11.76 -49.82
C ASN L 309 -53.95 -11.86 -49.87
N TYR L 310 -53.27 -12.05 -48.74
CA TYR L 310 -51.82 -12.11 -48.68
C TYR L 310 -51.40 -13.45 -48.08
N GLN L 311 -51.23 -14.45 -48.93
CA GLN L 311 -50.73 -15.74 -48.46
C GLN L 311 -49.23 -15.69 -48.16
N GLU L 312 -48.48 -14.92 -48.94
CA GLU L 312 -47.05 -14.77 -48.68
C GLU L 312 -46.81 -14.12 -47.34
N ALA L 313 -47.63 -13.14 -46.97
CA ALA L 313 -47.51 -12.53 -45.65
C ALA L 313 -47.77 -13.56 -44.55
N LYS L 314 -48.77 -14.42 -44.74
CA LYS L 314 -49.03 -15.47 -43.76
C LYS L 314 -47.84 -16.42 -43.64
N ASP L 315 -47.25 -16.81 -44.77
CA ASP L 315 -46.11 -17.72 -44.73
C ASP L 315 -44.93 -17.06 -44.03
N MET L 316 -44.66 -15.79 -44.32
CA MET L 316 -43.57 -15.09 -43.67
C MET L 316 -43.80 -14.96 -42.17
N ALA L 317 -45.04 -14.67 -41.77
CA ALA L 317 -45.34 -14.53 -40.35
C ALA L 317 -45.22 -15.86 -39.62
N LEU L 318 -45.65 -16.95 -40.25
CA LEU L 318 -45.55 -18.27 -39.64
C LEU L 318 -44.12 -18.81 -39.65
N LYS L 319 -43.26 -18.31 -40.55
CA LYS L 319 -41.90 -18.81 -40.63
C LYS L 319 -41.00 -18.26 -39.53
N ARG L 320 -41.24 -17.04 -39.07
CA ARG L 320 -40.40 -16.41 -38.06
C ARG L 320 -41.26 -15.98 -36.88
N SER L 321 -40.73 -16.19 -35.68
CA SER L 321 -41.46 -15.90 -34.45
C SER L 321 -41.31 -14.46 -33.99
N ASN L 322 -40.46 -13.67 -34.63
CA ASN L 322 -40.23 -12.27 -34.25
C ASN L 322 -40.75 -11.32 -35.32
N LEU L 323 -41.89 -11.66 -35.93
CA LEU L 323 -42.54 -10.82 -36.94
C LEU L 323 -44.00 -10.66 -36.53
N ILE L 324 -44.35 -9.49 -36.00
CA ILE L 324 -45.71 -9.22 -35.53
C ILE L 324 -46.47 -8.63 -36.72
N LEU L 325 -47.14 -9.50 -37.46
CA LEU L 325 -47.92 -9.07 -38.62
C LEU L 325 -49.34 -8.72 -38.21
N LEU L 326 -49.83 -7.58 -38.70
CA LEU L 326 -51.18 -7.12 -38.44
C LEU L 326 -51.90 -6.88 -39.77
N ALA L 327 -53.21 -7.13 -39.77
CA ALA L 327 -54.02 -6.94 -40.95
C ALA L 327 -55.32 -6.25 -40.57
N LYS L 328 -56.26 -6.18 -41.52
CA LYS L 328 -57.54 -5.52 -41.25
C LYS L 328 -58.45 -6.37 -40.39
N ASP L 329 -58.40 -7.70 -40.54
CA ASP L 329 -59.29 -8.61 -39.83
C ASP L 329 -58.56 -9.37 -38.72
N ARG L 330 -57.50 -10.09 -39.08
CA ARG L 330 -56.77 -10.94 -38.14
C ARG L 330 -55.33 -10.46 -38.03
N ALA L 331 -54.55 -11.17 -37.21
CA ALA L 331 -53.15 -10.85 -36.99
C ALA L 331 -52.39 -12.12 -36.64
N ILE L 332 -51.07 -12.05 -36.78
CA ILE L 332 -50.18 -13.15 -36.43
C ILE L 332 -49.08 -12.56 -35.55
N ILE L 333 -49.09 -12.90 -34.27
CA ILE L 333 -48.12 -12.38 -33.31
C ILE L 333 -47.31 -13.58 -32.81
N GLY L 334 -46.16 -13.82 -33.45
CA GLY L 334 -45.28 -14.89 -33.03
C GLY L 334 -45.73 -16.27 -33.45
N LYS L 335 -45.87 -16.47 -34.76
CA LYS L 335 -46.19 -17.74 -35.42
C LYS L 335 -47.57 -18.28 -35.07
N LYS L 336 -48.40 -17.52 -34.34
CA LYS L 336 -49.76 -17.93 -34.03
C LYS L 336 -50.74 -16.90 -34.59
N GLU L 337 -51.83 -17.39 -35.17
CA GLU L 337 -52.83 -16.54 -35.80
C GLU L 337 -53.99 -16.31 -34.84
N GLY L 338 -54.36 -15.04 -34.66
CA GLY L 338 -55.49 -14.69 -33.84
C GLY L 338 -56.43 -13.77 -34.58
N GLU L 339 -57.69 -13.80 -34.17
CA GLU L 339 -58.75 -13.00 -34.77
C GLU L 339 -59.08 -11.82 -33.86
N TRP L 340 -60.00 -10.98 -34.33
CA TRP L 340 -60.41 -9.81 -33.55
C TRP L 340 -61.25 -10.25 -32.35
N LYS L 341 -60.91 -9.71 -31.18
CA LYS L 341 -61.67 -10.02 -29.97
C LYS L 341 -63.04 -9.37 -30.04
N PRO L 342 -64.02 -9.89 -29.29
CA PRO L 342 -65.36 -9.29 -29.33
C PRO L 342 -65.39 -7.91 -28.69
N ASP L 343 -65.52 -6.88 -29.52
CA ASP L 343 -65.55 -5.50 -29.06
C ASP L 343 -66.51 -4.72 -29.94
N PRO L 344 -67.11 -3.65 -29.42
CA PRO L 344 -68.04 -2.84 -30.24
C PRO L 344 -67.31 -1.97 -31.26
N GLN L 345 -66.67 -2.63 -32.23
CA GLN L 345 -65.97 -1.90 -33.28
C GLN L 345 -66.93 -1.09 -34.13
N SER L 346 -68.08 -1.66 -34.47
CA SER L 346 -69.10 -0.99 -35.26
C SER L 346 -70.33 -0.76 -34.39
N SER L 347 -70.77 0.50 -34.29
CA SER L 347 -71.93 0.81 -33.46
C SER L 347 -73.21 0.25 -34.06
N GLN L 348 -73.33 0.26 -35.38
CA GLN L 348 -74.53 -0.23 -36.04
C GLN L 348 -74.66 -1.74 -35.85
N ASP L 349 -75.88 -2.18 -35.54
CA ASP L 349 -76.13 -3.61 -35.38
C ASP L 349 -75.96 -4.36 -36.69
N ASN L 350 -76.42 -3.77 -37.79
CA ASN L 350 -76.32 -4.42 -39.10
C ASN L 350 -74.87 -4.51 -39.54
N ASP L 351 -74.48 -5.69 -40.03
CA ASP L 351 -73.12 -5.99 -40.47
C ASP L 351 -72.09 -5.62 -39.41
N PRO L 352 -72.03 -6.35 -38.30
CA PRO L 352 -71.04 -6.06 -37.25
C PRO L 352 -69.64 -6.57 -37.58
N LEU L 353 -69.08 -6.06 -38.67
CA LEU L 353 -67.76 -6.48 -39.11
C LEU L 353 -66.68 -5.88 -38.22
N LEU L 354 -65.78 -6.73 -37.72
CA LEU L 354 -64.68 -6.29 -36.88
C LEU L 354 -63.47 -6.05 -37.78
N PHE L 355 -63.34 -4.83 -38.28
CA PHE L 355 -62.27 -4.45 -39.19
C PHE L 355 -61.38 -3.41 -38.51
N PHE L 356 -60.07 -3.63 -38.59
CA PHE L 356 -59.09 -2.71 -38.00
C PHE L 356 -58.88 -1.56 -38.97
N LYS L 357 -59.77 -0.56 -38.89
CA LYS L 357 -59.70 0.61 -39.76
C LYS L 357 -58.51 1.50 -39.46
N LEU L 358 -57.82 1.29 -38.34
CA LEU L 358 -56.66 2.10 -37.99
C LEU L 358 -55.43 1.79 -38.85
N GLY L 359 -55.47 0.73 -39.65
CA GLY L 359 -54.37 0.39 -40.53
C GLY L 359 -54.24 1.24 -41.77
N ASP L 360 -55.22 2.11 -42.02
CA ASP L 360 -55.15 2.99 -43.18
C ASP L 360 -54.05 4.04 -42.99
N PHE L 361 -53.55 4.55 -44.12
CA PHE L 361 -52.47 5.53 -44.08
C PHE L 361 -52.93 6.81 -43.38
N GLN L 362 -54.16 7.26 -43.66
CA GLN L 362 -54.68 8.44 -42.98
C GLN L 362 -54.81 8.20 -41.49
N HIS L 363 -55.34 7.04 -41.09
CA HIS L 363 -55.46 6.71 -39.68
C HIS L 363 -54.09 6.57 -39.03
N LEU L 364 -53.12 5.99 -39.75
CA LEU L 364 -51.77 5.88 -39.22
C LEU L 364 -51.15 7.26 -39.00
N ALA L 365 -51.35 8.18 -39.96
CA ALA L 365 -50.85 9.54 -39.80
C ALA L 365 -51.50 10.24 -38.63
N SER L 366 -52.81 10.05 -38.46
CA SER L 366 -53.50 10.64 -37.32
C SER L 366 -52.97 10.09 -36.00
N PHE L 367 -52.72 8.77 -35.95
CA PHE L 367 -52.16 8.17 -34.74
C PHE L 367 -50.77 8.72 -34.44
N LEU L 368 -49.93 8.85 -35.47
CA LEU L 368 -48.60 9.40 -35.27
C LEU L 368 -48.65 10.85 -34.80
N GLU L 369 -49.58 11.63 -35.36
CA GLU L 369 -49.75 13.01 -34.91
C GLU L 369 -50.18 13.06 -33.46
N GLU L 370 -51.12 12.19 -33.06
CA GLU L 370 -51.55 12.15 -31.67
C GLU L 370 -50.40 11.75 -30.75
N ILE L 371 -49.57 10.79 -31.17
CA ILE L 371 -48.42 10.40 -30.37
C ILE L 371 -47.43 11.55 -30.22
N SER L 372 -47.20 12.29 -31.31
CA SER L 372 -46.26 13.41 -31.26
C SER L 372 -46.72 14.47 -30.28
N GLN L 373 -48.00 14.80 -30.28
CA GLN L 373 -48.53 15.81 -29.37
C GLN L 373 -48.84 15.20 -28.01
N ASP M 11 26.37 55.10 -16.12
CA ASP M 11 25.21 54.87 -15.27
C ASP M 11 23.94 54.79 -16.09
N THR M 12 23.93 55.48 -17.24
CA THR M 12 22.74 55.50 -18.09
C THR M 12 22.45 54.12 -18.65
N THR M 13 23.49 53.39 -19.09
CA THR M 13 23.28 52.10 -19.72
C THR M 13 22.68 51.08 -18.75
N GLN M 14 23.21 51.02 -17.53
CA GLN M 14 22.71 50.06 -16.55
C GLN M 14 21.27 50.37 -16.17
N GLN M 15 20.97 51.65 -15.92
CA GLN M 15 19.61 52.03 -15.58
C GLN M 15 18.64 51.72 -16.71
N LEU M 16 19.03 52.03 -17.95
CA LEU M 16 18.17 51.72 -19.08
C LEU M 16 17.95 50.22 -19.23
N SER M 17 19.00 49.43 -19.04
CA SER M 17 18.86 47.98 -19.16
C SER M 17 17.93 47.42 -18.09
N LEU M 18 18.09 47.87 -16.84
CA LEU M 18 17.24 47.36 -15.78
C LEU M 18 15.79 47.81 -15.96
N LEU M 19 15.59 49.05 -16.40
CA LEU M 19 14.23 49.51 -16.68
C LEU M 19 13.58 48.70 -17.80
N LYS M 20 14.35 48.43 -18.86
CA LYS M 20 13.82 47.61 -19.95
C LYS M 20 13.47 46.21 -19.46
N HIS M 21 14.32 45.62 -18.63
CA HIS M 21 14.05 44.28 -18.13
C HIS M 21 12.81 44.25 -17.24
N VAL M 22 12.65 45.24 -16.36
CA VAL M 22 11.51 45.22 -15.44
C VAL M 22 10.22 45.55 -16.20
N LEU M 23 10.29 46.41 -17.21
CA LEU M 23 9.08 46.75 -17.96
C LEU M 23 8.68 45.64 -18.93
N SER M 24 9.64 44.89 -19.47
CA SER M 24 9.32 43.82 -20.41
C SER M 24 8.54 42.70 -19.74
N GLU M 25 8.86 42.39 -18.49
CA GLU M 25 8.17 41.32 -17.78
C GLU M 25 6.72 41.71 -17.51
N ASP M 26 5.81 40.76 -17.74
CA ASP M 26 4.38 40.96 -17.54
C ASP M 26 3.88 40.32 -16.25
N LYS M 27 4.78 39.89 -15.37
CA LYS M 27 4.42 39.21 -14.13
C LYS M 27 4.29 40.15 -12.95
N ARG M 28 4.43 41.46 -13.16
CA ARG M 28 4.32 42.41 -12.08
C ARG M 28 3.36 43.53 -12.47
N PRO M 29 2.57 44.03 -11.52
CA PRO M 29 1.67 45.15 -11.83
C PRO M 29 2.46 46.42 -12.15
N ILE M 30 1.86 47.25 -13.01
CA ILE M 30 2.47 48.51 -13.42
C ILE M 30 1.48 49.63 -13.15
N ALA M 31 2.01 50.76 -12.67
CA ALA M 31 1.20 51.94 -12.44
C ALA M 31 2.03 53.19 -12.71
N PHE M 32 1.34 54.31 -12.90
CA PHE M 32 1.98 55.57 -13.19
C PHE M 32 1.31 56.69 -12.41
N ILE M 33 2.08 57.73 -12.13
CA ILE M 33 1.58 58.94 -11.50
C ILE M 33 1.79 60.10 -12.47
N ILE M 34 0.71 60.84 -12.75
CA ILE M 34 0.72 61.88 -13.76
C ILE M 34 0.52 63.22 -13.07
N ALA M 35 1.45 64.15 -13.29
CA ALA M 35 1.39 65.50 -12.77
C ALA M 35 1.38 66.48 -13.95
N ALA M 36 1.50 67.78 -13.62
CA ALA M 36 1.47 68.81 -14.66
C ALA M 36 2.67 68.74 -15.59
N GLY M 37 3.70 67.99 -15.22
CA GLY M 37 4.85 67.85 -16.11
C GLY M 37 4.51 67.21 -17.43
N CYS M 38 3.61 66.22 -17.41
CA CYS M 38 3.20 65.58 -18.66
C CYS M 38 2.48 66.54 -19.61
N PRO M 39 1.44 67.28 -19.19
CA PRO M 39 0.86 68.26 -20.12
C PRO M 39 1.79 69.41 -20.48
N VAL M 40 2.67 69.83 -19.57
CA VAL M 40 3.56 70.94 -19.90
C VAL M 40 4.63 70.54 -20.91
N SER M 41 4.87 69.24 -21.08
CA SER M 41 5.88 68.78 -22.04
C SER M 41 5.41 68.89 -23.49
N ILE M 42 4.11 69.05 -23.72
CA ILE M 42 3.59 69.18 -25.07
C ILE M 42 3.81 70.60 -25.56
N ARG M 43 4.47 70.73 -26.71
CA ARG M 43 4.77 72.03 -27.28
C ARG M 43 3.71 72.42 -28.30
N HIS M 44 3.15 73.61 -28.15
CA HIS M 44 2.12 74.11 -29.06
C HIS M 44 2.34 75.60 -29.27
N ASN M 45 2.62 75.99 -30.51
CA ASN M 45 2.92 77.38 -30.87
C ASN M 45 4.08 77.93 -30.05
N ASP M 46 5.07 77.08 -29.77
CA ASP M 46 6.24 77.44 -28.95
C ASP M 46 5.83 77.95 -27.58
N ALA M 47 4.71 77.42 -27.07
CA ALA M 47 4.20 77.76 -25.76
C ALA M 47 3.69 76.49 -25.09
N PRO M 48 3.77 76.42 -23.75
CA PRO M 48 3.27 75.22 -23.06
C PRO M 48 1.76 75.05 -23.26
N LEU M 49 1.34 73.79 -23.40
CA LEU M 49 -0.09 73.50 -23.50
C LEU M 49 -0.81 73.89 -22.22
N ILE M 50 -0.22 73.56 -21.07
CA ILE M 50 -0.76 73.96 -19.77
C ILE M 50 0.36 74.62 -18.98
N PRO M 51 0.15 75.84 -18.46
CA PRO M 51 1.25 76.54 -17.78
C PRO M 51 1.48 76.03 -16.36
N ASP M 52 0.86 74.91 -16.01
CA ASP M 52 1.03 74.27 -14.70
C ASP M 52 0.52 75.15 -13.57
N VAL M 53 0.82 74.75 -12.33
CA VAL M 53 0.29 75.46 -11.17
C VAL M 53 0.84 76.87 -11.10
N ALA M 54 2.13 77.04 -11.35
CA ALA M 54 2.72 78.38 -11.29
C ALA M 54 2.13 79.29 -12.36
N GLY M 55 1.97 78.78 -13.58
CA GLY M 55 1.37 79.57 -14.63
C GLY M 55 -0.07 79.94 -14.34
N LEU M 56 -0.84 78.98 -13.78
CA LEU M 56 -2.20 79.27 -13.39
C LEU M 56 -2.29 80.32 -12.28
N THR M 57 -1.38 80.27 -11.31
CA THR M 57 -1.33 81.30 -10.27
C THR M 57 -0.99 82.67 -10.85
N ARG M 58 0.00 82.73 -11.75
CA ARG M 58 0.35 84.00 -12.37
C ARG M 58 -0.81 84.56 -13.19
N LYS M 59 -1.49 83.71 -13.96
CA LYS M 59 -2.61 84.19 -14.77
C LYS M 59 -3.79 84.59 -13.89
N ILE M 60 -4.02 83.86 -12.78
CA ILE M 60 -5.07 84.25 -11.84
C ILE M 60 -4.76 85.61 -11.24
N SER M 61 -3.51 85.83 -10.83
CA SER M 61 -3.14 87.12 -10.25
C SER M 61 -3.27 88.24 -11.27
N ASP M 62 -2.85 87.99 -12.51
CA ASP M 62 -2.93 89.02 -13.54
C ASP M 62 -4.35 89.28 -14.00
N SER M 63 -5.26 88.32 -13.80
CA SER M 63 -6.64 88.50 -14.24
C SER M 63 -7.31 89.65 -13.50
N PHE M 64 -7.09 89.74 -12.19
CA PHE M 64 -7.68 90.80 -11.38
C PHE M 64 -6.80 92.04 -11.28
N GLY M 65 -5.62 92.02 -11.89
CA GLY M 65 -4.74 93.18 -11.88
C GLY M 65 -3.95 93.32 -10.60
N GLY M 66 -3.16 94.38 -10.55
CA GLY M 66 -2.33 94.70 -9.41
C GLY M 66 -2.95 95.61 -8.39
N ASN M 67 -4.23 95.90 -8.50
CA ASN M 67 -4.88 96.82 -7.57
C ASN M 67 -4.98 96.17 -6.19
N PRO M 68 -4.45 96.81 -5.14
CA PRO M 68 -4.53 96.22 -3.80
C PRO M 68 -5.94 96.18 -3.23
N ASP M 69 -6.87 96.96 -3.79
CA ASP M 69 -8.24 96.98 -3.26
C ASP M 69 -8.96 95.67 -3.45
N SER M 70 -8.55 94.85 -4.40
CA SER M 70 -9.18 93.56 -4.62
C SER M 70 -8.87 92.61 -3.47
N LEU M 71 -9.88 91.82 -3.08
CA LEU M 71 -9.71 90.88 -1.97
C LEU M 71 -8.75 89.76 -2.33
N LEU M 72 -8.63 89.42 -3.60
CA LEU M 72 -7.74 88.34 -4.02
C LEU M 72 -6.28 88.67 -3.69
N MET M 73 -5.87 89.90 -3.98
CA MET M 73 -4.50 90.31 -3.65
C MET M 73 -4.28 90.34 -2.14
N LYS M 74 -5.30 90.75 -1.37
CA LYS M 74 -5.19 90.74 0.08
C LYS M 74 -5.00 89.32 0.60
N ILE M 75 -5.74 88.37 0.05
CA ILE M 75 -5.58 86.97 0.46
C ILE M 75 -4.20 86.46 0.05
N ILE M 76 -3.73 86.85 -1.13
CA ILE M 76 -2.42 86.40 -1.60
C ILE M 76 -1.32 86.91 -0.67
N GLN M 77 -1.38 88.19 -0.28
CA GLN M 77 -0.35 88.71 0.61
C GLN M 77 -0.48 88.14 2.02
N ASN M 78 -1.72 87.87 2.48
CA ASN M 78 -1.90 87.22 3.77
C ASN M 78 -1.26 85.83 3.77
N LEU M 79 -1.43 85.08 2.68
CA LEU M 79 -0.76 83.79 2.56
C LEU M 79 0.76 83.96 2.46
N LYS M 80 1.22 85.01 1.77
CA LYS M 80 2.65 85.29 1.69
C LYS M 80 3.25 85.49 3.07
N THR M 81 2.50 86.11 3.98
CA THR M 81 3.00 86.30 5.34
C THR M 81 3.25 84.98 6.04
N THR M 82 2.41 83.98 5.77
CA THR M 82 2.55 82.65 6.36
C THR M 82 3.29 81.68 5.45
N ILE M 83 2.76 81.45 4.25
CA ILE M 83 3.33 80.52 3.29
C ILE M 83 4.30 81.30 2.41
N PRO M 84 5.58 80.93 2.35
CA PRO M 84 6.52 81.67 1.49
C PRO M 84 6.13 81.68 0.03
N ASN M 85 5.57 80.58 -0.47
CA ASN M 85 5.16 80.47 -1.87
C ASN M 85 3.72 79.96 -1.91
N PRO M 86 2.74 80.86 -2.04
CA PRO M 86 1.34 80.42 -2.08
C PRO M 86 1.05 79.58 -3.32
N THR M 87 0.10 78.66 -3.16
CA THR M 87 -0.32 77.76 -4.23
C THR M 87 -1.81 77.96 -4.48
N ILE M 88 -2.20 77.82 -5.74
CA ILE M 88 -3.63 77.95 -6.09
C ILE M 88 -4.45 76.91 -5.36
N GLU M 89 -3.90 75.71 -5.15
CA GLU M 89 -4.59 74.72 -4.32
C GLU M 89 -4.79 75.23 -2.90
N ASP M 90 -3.74 75.85 -2.35
CA ASP M 90 -3.85 76.43 -1.01
C ASP M 90 -4.84 77.59 -0.99
N ILE M 91 -4.86 78.39 -2.06
CA ILE M 91 -5.82 79.50 -2.14
C ILE M 91 -7.24 78.97 -2.15
N LEU M 92 -7.50 77.94 -2.94
CA LEU M 92 -8.84 77.34 -2.98
C LEU M 92 -9.21 76.74 -1.63
N SER M 93 -8.26 76.07 -0.98
CA SER M 93 -8.53 75.51 0.34
C SER M 93 -8.87 76.61 1.35
N TYR M 94 -8.12 77.70 1.32
CA TYR M 94 -8.39 78.81 2.24
C TYR M 94 -9.75 79.46 1.96
N ILE M 95 -10.09 79.61 0.68
CA ILE M 95 -11.38 80.19 0.32
C ILE M 95 -12.52 79.30 0.79
N ARG M 96 -12.39 77.99 0.58
CA ARG M 96 -13.43 77.07 1.04
C ARG M 96 -13.52 77.04 2.55
N LEU M 97 -12.38 77.15 3.24
CA LEU M 97 -12.39 77.21 4.70
C LEU M 97 -13.12 78.46 5.19
N LEU M 98 -12.88 79.60 4.53
CA LEU M 98 -13.62 80.82 4.88
C LEU M 98 -15.10 80.65 4.59
N GLN M 99 -15.45 80.03 3.48
CA GLN M 99 -16.85 79.83 3.12
C GLN M 99 -17.57 78.88 4.07
N GLN M 100 -16.85 77.94 4.69
CA GLN M 100 -17.48 76.96 5.56
C GLN M 100 -18.10 77.59 6.80
N ILE M 101 -17.71 78.82 7.13
CA ILE M 101 -18.25 79.51 8.31
C ILE M 101 -18.72 80.89 7.90
N PRO M 102 -19.68 81.50 8.61
CA PRO M 102 -20.11 82.86 8.25
C PRO M 102 -19.03 83.90 8.54
N MET M 103 -17.98 83.91 7.72
CA MET M 103 -16.85 84.81 7.91
C MET M 103 -17.17 86.14 7.21
N SER M 104 -17.89 87.00 7.93
CA SER M 104 -18.23 88.33 7.45
C SER M 104 -17.38 89.42 8.07
N GLY M 105 -16.26 89.06 8.70
CA GLY M 105 -15.44 90.01 9.42
C GLY M 105 -14.40 90.70 8.54
N LYS M 106 -13.37 91.22 9.21
CA LYS M 106 -12.32 91.95 8.49
C LYS M 106 -11.58 91.06 7.50
N ILE M 107 -11.54 89.74 7.76
CA ILE M 107 -10.92 88.83 6.82
C ILE M 107 -11.62 88.90 5.46
N HIS M 108 -12.95 89.01 5.47
CA HIS M 108 -13.74 89.19 4.27
C HIS M 108 -14.45 90.55 4.25
N ASP M 109 -13.79 91.58 4.76
CA ASP M 109 -14.40 92.91 4.79
C ASP M 109 -14.62 93.45 3.38
N VAL M 110 -13.67 93.24 2.47
CA VAL M 110 -13.81 93.72 1.11
C VAL M 110 -14.98 93.03 0.42
N GLU M 111 -15.12 91.73 0.62
CA GLU M 111 -16.20 90.95 0.02
C GLU M 111 -17.00 90.30 1.14
N ASN M 112 -18.04 90.99 1.61
CA ASN M 112 -18.90 90.43 2.64
C ASN M 112 -19.61 89.17 2.15
N SER M 113 -20.08 89.19 0.91
CA SER M 113 -20.69 88.01 0.32
C SER M 113 -20.19 87.74 -1.09
N VAL M 114 -19.23 88.52 -1.59
CA VAL M 114 -18.69 88.33 -2.93
C VAL M 114 -17.58 87.30 -2.98
N ILE M 115 -17.25 86.67 -1.86
CA ILE M 115 -16.26 85.59 -1.87
C ILE M 115 -16.76 84.42 -2.71
N ASN M 116 -18.07 84.14 -2.63
CA ASN M 116 -18.66 83.11 -3.47
C ASN M 116 -18.51 83.45 -4.95
N ALA M 117 -18.75 84.71 -5.31
CA ALA M 117 -18.59 85.13 -6.69
C ALA M 117 -17.12 85.01 -7.11
N LEU M 118 -16.19 85.37 -6.24
CA LEU M 118 -14.78 85.28 -6.56
C LEU M 118 -14.35 83.83 -6.81
N GLU M 119 -14.79 82.92 -5.93
CA GLU M 119 -14.41 81.52 -6.12
C GLU M 119 -15.09 80.91 -7.34
N GLU M 120 -16.34 81.31 -7.62
CA GLU M 120 -16.99 80.85 -8.85
C GLU M 120 -16.24 81.34 -10.09
N SER M 121 -15.79 82.59 -10.06
CA SER M 121 -15.02 83.12 -11.18
C SER M 121 -13.71 82.37 -11.34
N ILE M 122 -13.04 82.05 -10.22
CA ILE M 122 -11.79 81.29 -10.29
C ILE M 122 -12.04 79.91 -10.89
N CYS M 123 -13.11 79.24 -10.44
CA CYS M 123 -13.44 77.93 -10.98
C CYS M 123 -13.75 78.00 -12.47
N GLU M 124 -14.50 79.01 -12.89
CA GLU M 124 -14.82 79.16 -14.31
C GLU M 124 -13.55 79.40 -15.13
N LEU M 125 -12.64 80.23 -14.62
CA LEU M 125 -11.38 80.47 -15.32
C LEU M 125 -10.57 79.19 -15.43
N ILE M 126 -10.51 78.40 -14.35
CA ILE M 126 -9.80 77.13 -14.38
C ILE M 126 -10.40 76.21 -15.45
N GLU M 127 -11.73 76.10 -15.44
CA GLU M 127 -12.40 75.23 -16.41
C GLU M 127 -12.13 75.67 -17.83
N GLU M 128 -12.19 76.98 -18.08
CA GLU M 128 -11.94 77.48 -19.43
C GLU M 128 -10.50 77.23 -19.87
N GLU M 129 -9.55 77.42 -18.95
CA GLU M 129 -8.14 77.31 -19.34
C GLU M 129 -7.70 75.86 -19.50
N VAL M 130 -8.31 74.92 -18.78
CA VAL M 130 -7.90 73.52 -18.85
C VAL M 130 -8.76 72.72 -19.82
N ASN M 131 -9.67 73.37 -20.55
CA ASN M 131 -10.57 72.68 -21.47
C ASN M 131 -9.95 72.73 -22.87
N VAL M 132 -9.03 71.80 -23.13
CA VAL M 132 -8.40 71.69 -24.44
C VAL M 132 -8.43 70.24 -24.88
N ASP M 133 -7.86 69.96 -26.06
CA ASP M 133 -7.82 68.61 -26.61
C ASP M 133 -6.44 68.35 -27.19
N LEU M 134 -6.10 67.07 -27.30
CA LEU M 134 -4.80 66.68 -27.84
C LEU M 134 -4.75 66.96 -29.33
N PRO M 135 -3.80 67.77 -29.81
CA PRO M 135 -3.69 68.00 -31.26
C PRO M 135 -2.92 66.89 -31.96
N GLY M 136 -3.57 66.24 -32.92
CA GLY M 136 -2.91 65.18 -33.66
C GLY M 136 -2.73 63.90 -32.85
N ASN M 137 -1.94 63.00 -33.42
CA ASN M 137 -1.65 61.71 -32.81
C ASN M 137 -0.18 61.56 -32.43
N ALA M 138 0.58 62.66 -32.44
CA ALA M 138 2.01 62.62 -32.11
C ALA M 138 2.29 62.92 -30.64
N THR M 139 1.25 63.09 -29.83
CA THR M 139 1.44 63.38 -28.43
C THR M 139 2.02 62.17 -27.71
N PRO M 140 2.80 62.39 -26.63
CA PRO M 140 3.34 61.25 -25.87
C PRO M 140 2.26 60.36 -25.29
N TYR M 141 1.06 60.90 -25.02
CA TYR M 141 -0.02 60.08 -24.50
C TYR M 141 -0.41 58.98 -25.49
N HIS M 142 -0.41 59.30 -26.79
CA HIS M 142 -0.68 58.29 -27.80
C HIS M 142 0.36 57.18 -27.78
N LYS M 143 1.63 57.55 -27.61
CA LYS M 143 2.69 56.55 -27.51
C LYS M 143 2.51 55.68 -26.28
N ILE M 144 2.11 56.29 -25.16
CA ILE M 144 1.88 55.52 -23.93
C ILE M 144 0.74 54.53 -24.15
N ALA M 145 -0.35 54.99 -24.77
CA ALA M 145 -1.48 54.11 -25.03
C ALA M 145 -1.10 52.97 -25.98
N ALA M 146 -0.28 53.29 -27.00
CA ALA M 146 0.17 52.25 -27.92
C ALA M 146 1.02 51.22 -27.20
N TRP M 147 1.91 51.66 -26.31
CA TRP M 147 2.69 50.72 -25.52
C TRP M 147 1.79 49.87 -24.62
N ILE M 148 0.76 50.48 -24.04
CA ILE M 148 -0.13 49.75 -23.13
C ILE M 148 -0.88 48.66 -23.88
N ASN M 149 -1.44 49.00 -25.04
CA ASN M 149 -2.27 48.05 -25.77
C ASN M 149 -1.48 47.17 -26.73
N SER M 150 -0.17 47.38 -26.85
CA SER M 150 0.63 46.59 -27.77
C SER M 150 0.73 45.14 -27.33
N ILE M 151 0.94 44.90 -26.04
CA ILE M 151 1.12 43.56 -25.51
C ILE M 151 0.06 43.31 -24.45
N ASN M 152 -0.66 42.20 -24.58
CA ASN M 152 -1.62 41.80 -23.57
C ASN M 152 -0.88 41.33 -22.31
N ARG M 153 -1.32 41.80 -21.15
CA ARG M 153 -0.67 41.53 -19.88
C ARG M 153 -1.65 40.87 -18.93
N GLU M 154 -1.15 39.89 -18.17
CA GLU M 154 -1.98 39.21 -17.18
C GLU M 154 -2.35 40.13 -16.01
N HIS M 155 -1.56 41.17 -15.76
CA HIS M 155 -1.84 42.14 -14.71
C HIS M 155 -2.30 43.44 -15.34
N GLN M 156 -3.42 43.97 -14.85
CA GLN M 156 -3.96 45.21 -15.39
C GLN M 156 -3.03 46.38 -15.09
N VAL M 157 -3.00 47.34 -16.01
CA VAL M 157 -2.17 48.53 -15.89
C VAL M 157 -3.06 49.69 -15.46
N GLU M 158 -2.76 50.27 -14.31
CA GLU M 158 -3.50 51.41 -13.79
C GLU M 158 -2.70 52.69 -13.95
N ILE M 159 -3.42 53.80 -14.01
CA ILE M 159 -2.81 55.12 -14.18
C ILE M 159 -3.41 56.06 -13.14
N PHE M 160 -2.55 56.77 -12.41
CA PHE M 160 -2.98 57.75 -11.42
C PHE M 160 -2.58 59.14 -11.89
N THR M 161 -3.53 60.08 -11.83
CA THR M 161 -3.29 61.46 -12.24
C THR M 161 -3.92 62.41 -11.24
N THR M 162 -3.22 63.51 -10.97
CA THR M 162 -3.73 64.57 -10.12
C THR M 162 -4.16 65.80 -10.91
N ASN M 163 -4.17 65.72 -12.24
CA ASN M 163 -4.53 66.84 -13.08
C ASN M 163 -6.04 66.83 -13.33
N TYR M 164 -6.53 67.90 -13.96
CA TYR M 164 -7.94 68.03 -14.29
C TYR M 164 -8.26 67.79 -15.75
N ASP M 165 -7.26 67.86 -16.64
CA ASP M 165 -7.50 67.69 -18.05
C ASP M 165 -7.77 66.22 -18.37
N LEU M 166 -8.48 66.00 -19.48
CA LEU M 166 -8.88 64.66 -19.92
C LEU M 166 -8.02 64.14 -21.06
N LEU M 167 -6.74 64.53 -21.10
CA LEU M 167 -5.87 64.11 -22.19
C LEU M 167 -5.68 62.59 -22.20
N MET M 168 -5.48 62.00 -21.03
CA MET M 168 -5.27 60.56 -20.94
C MET M 168 -6.51 59.80 -21.42
N GLU M 169 -7.71 60.26 -21.03
CA GLU M 169 -8.93 59.60 -21.46
C GLU M 169 -9.08 59.64 -22.98
N GLN M 170 -8.83 60.81 -23.57
CA GLN M 170 -8.93 60.93 -25.02
C GLN M 170 -7.91 60.05 -25.72
N ALA M 171 -6.68 60.02 -25.20
CA ALA M 171 -5.66 59.18 -25.82
C ALA M 171 -6.02 57.71 -25.73
N LEU M 172 -6.54 57.27 -24.59
CA LEU M 172 -6.92 55.86 -24.44
C LEU M 172 -8.10 55.50 -25.33
N GLU M 173 -9.11 56.39 -25.43
CA GLU M 173 -10.28 56.06 -26.22
C GLU M 173 -10.01 56.13 -27.71
N GLU M 174 -9.08 56.99 -28.14
CA GLU M 174 -8.74 57.07 -29.55
C GLU M 174 -8.10 55.78 -30.04
N LEU M 175 -7.21 55.19 -29.24
CA LEU M 175 -6.50 53.98 -29.61
C LEU M 175 -7.22 52.71 -29.21
N ASN M 176 -8.51 52.80 -28.89
CA ASN M 176 -9.34 51.65 -28.53
C ASN M 176 -8.75 50.92 -27.32
N VAL M 177 -8.68 51.64 -26.21
CA VAL M 177 -8.17 51.09 -24.96
C VAL M 177 -9.29 51.15 -23.92
N PRO M 178 -9.95 50.04 -23.61
CA PRO M 178 -10.98 50.06 -22.57
C PRO M 178 -10.39 50.35 -21.21
N TYR M 179 -11.16 51.05 -20.38
CA TYR M 179 -10.70 51.42 -19.06
C TYR M 179 -11.90 51.66 -18.16
N PHE M 180 -11.64 51.62 -16.85
CA PHE M 180 -12.67 51.82 -15.83
C PHE M 180 -12.21 52.93 -14.90
N ASP M 181 -13.03 53.97 -14.75
CA ASP M 181 -12.68 55.13 -13.95
C ASP M 181 -13.51 55.23 -12.66
N GLY M 182 -14.32 54.21 -12.37
CA GLY M 182 -15.13 54.23 -11.17
C GLY M 182 -16.57 54.63 -11.40
N PHE M 183 -16.84 55.28 -12.53
CA PHE M 183 -18.20 55.70 -12.85
C PHE M 183 -18.82 54.77 -13.88
N VAL M 184 -20.07 54.39 -13.64
CA VAL M 184 -20.81 53.49 -14.50
C VAL M 184 -22.13 54.16 -14.87
N GLY M 185 -22.42 54.24 -16.15
CA GLY M 185 -23.65 54.83 -16.62
C GLY M 185 -23.45 55.47 -17.97
N SER M 186 -24.57 55.93 -18.53
CA SER M 186 -24.58 56.55 -19.85
C SER M 186 -25.02 58.00 -19.82
N LYS M 187 -26.19 58.29 -19.24
CA LYS M 187 -26.67 59.67 -19.18
C LYS M 187 -26.00 60.42 -18.03
N ARG M 188 -26.15 59.92 -16.80
CA ARG M 188 -25.53 60.51 -15.62
C ARG M 188 -24.89 59.35 -14.85
N ALA M 189 -23.65 59.03 -15.19
CA ALA M 189 -22.97 57.91 -14.55
C ALA M 189 -22.77 58.19 -13.07
N PHE M 190 -23.25 57.27 -12.23
CA PHE M 190 -23.12 57.42 -10.79
C PHE M 190 -21.84 56.73 -10.31
N PHE M 191 -21.46 57.04 -9.07
CA PHE M 191 -20.25 56.49 -8.47
C PHE M 191 -20.60 55.19 -7.77
N ASP M 192 -20.46 54.07 -8.47
CA ASP M 192 -20.70 52.77 -7.89
C ASP M 192 -19.53 52.40 -6.96
N ILE M 193 -19.86 51.89 -5.78
CA ILE M 193 -18.87 51.62 -4.75
C ILE M 193 -18.53 50.14 -4.68
N ARG M 194 -19.54 49.26 -4.81
CA ARG M 194 -19.33 47.84 -4.59
C ARG M 194 -18.32 47.26 -5.58
N THR M 195 -18.47 47.60 -6.87
CA THR M 195 -17.60 47.04 -7.88
C THR M 195 -16.14 47.45 -7.69
N ILE M 196 -15.91 48.60 -7.05
CA ILE M 196 -14.55 49.06 -6.80
C ILE M 196 -13.80 48.08 -5.90
N GLU M 197 -14.45 47.64 -4.82
CA GLU M 197 -13.83 46.68 -3.92
C GLU M 197 -14.03 45.24 -4.35
N GLU M 198 -14.93 44.98 -5.30
CA GLU M 198 -15.07 43.61 -5.82
C GLU M 198 -13.78 43.16 -6.50
N ASN M 199 -13.17 44.05 -7.30
CA ASN M 199 -11.92 43.76 -7.98
C ASN M 199 -12.00 42.48 -8.80
N LYS M 200 -13.07 42.36 -9.59
CA LYS M 200 -13.29 41.21 -10.45
C LYS M 200 -13.54 41.67 -11.88
N LEU M 201 -12.93 42.77 -12.28
CA LEU M 201 -13.02 43.25 -13.64
C LEU M 201 -12.21 42.35 -14.57
N PRO M 202 -12.54 42.33 -15.87
CA PRO M 202 -11.75 41.54 -16.82
C PRO M 202 -10.29 41.98 -16.84
N SER M 203 -9.41 40.99 -17.00
CA SER M 203 -7.97 41.26 -16.89
C SER M 203 -7.45 42.15 -18.00
N ARG M 204 -8.15 42.24 -19.14
CA ARG M 204 -7.69 43.09 -20.23
C ARG M 204 -8.06 44.56 -20.01
N TRP M 205 -8.95 44.86 -19.08
CA TRP M 205 -9.35 46.23 -18.81
C TRP M 205 -8.27 46.97 -18.03
N SER M 206 -8.18 48.27 -18.28
CA SER M 206 -7.27 49.13 -17.54
C SER M 206 -8.07 49.97 -16.52
N LYS M 207 -7.36 50.76 -15.72
CA LYS M 207 -7.99 51.58 -14.70
C LYS M 207 -7.33 52.96 -14.67
N LEU M 208 -8.14 54.00 -14.58
CA LEU M 208 -7.66 55.38 -14.46
C LEU M 208 -8.36 56.03 -13.27
N TRP M 209 -7.58 56.36 -12.25
CA TRP M 209 -8.11 56.94 -11.02
C TRP M 209 -7.78 58.42 -10.96
N LYS M 210 -8.79 59.23 -10.65
CA LYS M 210 -8.65 60.68 -10.56
C LYS M 210 -8.46 61.06 -9.10
N LEU M 211 -7.20 61.28 -8.70
CA LEU M 211 -6.91 61.60 -7.31
C LEU M 211 -7.47 62.96 -6.91
N HIS M 212 -7.36 63.95 -7.79
CA HIS M 212 -7.80 65.31 -7.50
C HIS M 212 -9.12 65.67 -8.19
N GLY M 213 -9.85 64.67 -8.71
CA GLY M 213 -11.10 64.94 -9.37
C GLY M 213 -10.94 65.25 -10.85
N SER M 214 -12.03 65.72 -11.44
CA SER M 214 -12.06 66.03 -12.86
C SER M 214 -13.02 67.19 -13.09
N ILE M 215 -12.89 67.82 -14.27
CA ILE M 215 -13.73 68.97 -14.60
C ILE M 215 -15.14 68.56 -14.98
N ASN M 216 -15.36 67.31 -15.38
CA ASN M 216 -16.67 66.84 -15.79
C ASN M 216 -17.49 66.28 -14.64
N TRP M 217 -16.90 66.13 -13.45
CA TRP M 217 -17.67 65.69 -12.29
C TRP M 217 -18.57 66.82 -11.80
N GLN M 218 -19.78 66.46 -11.39
CA GLN M 218 -20.74 67.42 -10.88
C GLN M 218 -21.43 66.84 -9.65
N LEU M 219 -21.98 67.72 -8.82
CA LEU M 219 -22.67 67.33 -7.60
C LEU M 219 -24.07 67.94 -7.59
N ASP M 220 -25.05 67.14 -7.20
CA ASP M 220 -26.42 67.59 -7.05
C ASP M 220 -26.74 67.68 -5.56
N LYS M 221 -27.16 68.88 -5.12
CA LYS M 221 -27.47 69.09 -3.72
C LYS M 221 -28.85 68.61 -3.33
N GLN M 222 -29.71 68.32 -4.31
CA GLN M 222 -31.03 67.77 -3.99
C GLN M 222 -30.89 66.41 -3.32
N THR M 223 -30.01 65.55 -3.82
CA THR M 223 -29.67 64.30 -3.18
C THR M 223 -28.26 64.29 -2.63
N GLN M 224 -27.49 65.37 -2.82
CA GLN M 224 -26.10 65.47 -2.40
C GLN M 224 -25.28 64.30 -2.95
N THR M 225 -25.44 64.05 -4.25
CA THR M 225 -24.79 62.92 -4.91
C THR M 225 -23.93 63.42 -6.05
N ILE M 226 -22.82 62.73 -6.27
CA ILE M 226 -21.88 63.09 -7.31
C ILE M 226 -22.12 62.22 -8.53
N TRP M 227 -21.78 62.74 -9.70
CA TRP M 227 -21.93 61.99 -10.94
C TRP M 227 -21.02 62.58 -12.00
N ARG M 228 -20.55 61.72 -12.90
CA ARG M 228 -19.66 62.12 -13.98
C ARG M 228 -20.50 62.45 -15.22
N GLY M 229 -20.33 63.67 -15.72
CA GLY M 229 -21.06 64.11 -16.89
C GLY M 229 -20.19 64.82 -17.91
N THR M 230 -20.62 66.02 -18.30
CA THR M 230 -19.89 66.84 -19.25
C THR M 230 -19.65 68.22 -18.67
N PRO M 231 -18.60 68.92 -19.11
CA PRO M 231 -18.29 70.25 -18.55
C PRO M 231 -19.45 71.23 -18.70
N SER M 232 -20.02 71.62 -17.58
CA SER M 232 -21.10 72.61 -17.54
C SER M 232 -20.58 73.89 -16.89
N LYS M 233 -21.48 74.86 -16.71
CA LYS M 233 -21.11 76.16 -16.16
C LYS M 233 -20.86 76.02 -14.67
N GLY M 234 -19.66 75.58 -14.30
CA GLY M 234 -19.31 75.42 -12.90
C GLY M 234 -19.40 73.98 -12.41
N CYS M 235 -18.25 73.36 -12.18
CA CYS M 235 -18.19 72.00 -11.66
C CYS M 235 -17.97 72.05 -10.16
N SER M 236 -18.66 71.18 -9.42
CA SER M 236 -18.59 71.17 -7.96
C SER M 236 -17.50 70.26 -7.43
N LEU M 237 -16.75 69.58 -8.29
CA LEU M 237 -15.70 68.68 -7.83
C LEU M 237 -14.34 69.13 -8.34
N ILE M 238 -14.12 70.45 -8.36
CA ILE M 238 -12.83 71.01 -8.74
C ILE M 238 -11.85 71.06 -7.57
N HIS M 239 -12.26 70.56 -6.40
CA HIS M 239 -11.45 70.70 -5.20
C HIS M 239 -10.17 69.89 -5.32
N PRO M 240 -9.01 70.47 -4.99
CA PRO M 240 -7.77 69.69 -4.89
C PRO M 240 -7.69 68.90 -3.58
N SER M 241 -8.57 67.90 -3.46
CA SER M 241 -8.66 67.03 -2.28
C SER M 241 -8.98 67.84 -1.01
N HIS M 242 -10.02 68.67 -1.11
CA HIS M 242 -10.50 69.45 0.03
C HIS M 242 -12.01 69.60 -0.11
N LEU M 243 -12.75 68.72 0.56
CA LEU M 243 -14.21 68.71 0.45
C LEU M 243 -14.77 68.20 1.78
N LYS M 244 -16.04 67.79 1.76
CA LYS M 244 -16.69 67.29 2.96
C LYS M 244 -16.25 65.85 3.24
N TYR M 245 -16.90 65.24 4.23
CA TYR M 245 -16.60 63.86 4.59
C TYR M 245 -17.12 62.90 3.54
N ASP M 246 -16.89 61.60 3.78
CA ASP M 246 -17.33 60.57 2.85
C ASP M 246 -18.85 60.40 2.88
N LYS M 250 -20.25 61.84 0.04
CA LYS M 250 -20.22 62.62 -1.20
C LYS M 250 -18.79 63.00 -1.56
N MET M 251 -17.84 62.15 -1.20
CA MET M 251 -16.44 62.41 -1.49
C MET M 251 -15.74 61.11 -1.83
N PRO M 252 -15.32 60.92 -3.08
CA PRO M 252 -14.63 59.68 -3.49
C PRO M 252 -13.12 59.69 -3.29
N TYR M 253 -12.56 60.75 -2.71
CA TYR M 253 -11.12 60.83 -2.53
C TYR M 253 -10.62 59.71 -1.62
N LEU M 254 -11.36 59.43 -0.54
CA LEU M 254 -10.97 58.35 0.36
C LEU M 254 -10.94 57.01 -0.35
N VAL M 255 -11.90 56.77 -1.23
CA VAL M 255 -11.92 55.51 -1.99
C VAL M 255 -10.70 55.41 -2.89
N MET M 256 -10.35 56.50 -3.56
CA MET M 256 -9.17 56.48 -4.43
C MET M 256 -7.91 56.23 -3.64
N MET M 257 -7.76 56.88 -2.47
CA MET M 257 -6.59 56.66 -1.64
C MET M 257 -6.54 55.21 -1.14
N ASP M 258 -7.69 54.66 -0.77
CA ASP M 258 -7.73 53.26 -0.33
C ASP M 258 -7.32 52.32 -1.45
N GLN M 259 -7.79 52.58 -2.67
CA GLN M 259 -7.40 51.76 -3.81
C GLN M 259 -5.91 51.87 -4.09
N LEU M 260 -5.35 53.08 -3.98
CA LEU M 260 -3.91 53.25 -4.16
C LEU M 260 -3.14 52.47 -3.11
N LYS M 261 -3.57 52.55 -1.85
CA LYS M 261 -2.90 51.81 -0.78
C LYS M 261 -2.99 50.31 -1.02
N LEU M 262 -4.15 49.83 -1.45
CA LEU M 262 -4.32 48.41 -1.75
C LEU M 262 -3.41 47.97 -2.88
N PHE M 263 -3.26 48.81 -3.91
CA PHE M 263 -2.31 48.49 -4.98
C PHE M 263 -0.89 48.44 -4.44
N LEU M 264 -0.53 49.37 -3.55
CA LEU M 264 0.81 49.37 -2.98
C LEU M 264 1.09 48.11 -2.16
N ASN M 265 0.05 47.41 -1.72
CA ASN M 265 0.24 46.19 -0.95
C ASN M 265 0.39 44.95 -1.82
N GLN M 266 0.18 45.06 -3.13
CA GLN M 266 0.34 43.91 -4.01
C GLN M 266 1.82 43.51 -4.09
N PRO M 267 2.10 42.22 -4.07
CA PRO M 267 3.49 41.76 -4.18
C PRO M 267 4.12 42.18 -5.51
N SER M 268 5.41 42.51 -5.46
CA SER M 268 6.17 42.90 -6.64
C SER M 268 5.53 44.07 -7.38
N ALA M 269 4.95 45.01 -6.64
CA ALA M 269 4.32 46.16 -7.25
C ALA M 269 5.36 47.08 -7.88
N ILE M 270 5.01 47.68 -9.02
CA ILE M 270 5.85 48.64 -9.70
C ILE M 270 5.06 49.92 -9.90
N LEU M 271 5.71 51.04 -9.63
CA LEU M 271 5.07 52.34 -9.75
C LEU M 271 6.10 53.36 -10.22
N ILE M 272 5.66 54.23 -11.13
CA ILE M 272 6.53 55.24 -11.74
C ILE M 272 5.86 56.60 -11.58
N THR M 273 6.62 57.57 -11.11
CA THR M 273 6.14 58.95 -10.95
C THR M 273 6.72 59.81 -12.05
N CYS M 274 5.86 60.51 -12.77
CA CYS M 274 6.26 61.39 -13.87
C CYS M 274 5.78 62.80 -13.60
N GLY M 275 6.73 63.73 -13.46
CA GLY M 275 6.41 65.13 -13.25
C GLY M 275 6.03 65.48 -11.83
N TYR M 276 6.04 64.53 -10.90
CA TYR M 276 5.65 64.79 -9.52
C TYR M 276 6.83 65.37 -8.75
N SER M 277 6.57 66.48 -8.05
CA SER M 277 7.58 67.14 -7.24
C SER M 277 7.52 66.73 -5.77
N TYR M 278 6.64 65.79 -5.42
CA TYR M 278 6.51 65.28 -4.05
C TYR M 278 6.24 66.40 -3.05
N LYS M 279 5.43 67.38 -3.44
CA LYS M 279 5.13 68.52 -2.60
C LYS M 279 3.80 68.39 -1.86
N ASP M 280 3.13 67.24 -1.96
CA ASP M 280 1.89 67.01 -1.24
C ASP M 280 2.15 66.11 -0.05
N GLN M 281 1.75 66.58 1.14
CA GLN M 281 2.02 65.81 2.36
C GLN M 281 1.23 64.51 2.39
N HIS M 282 -0.02 64.54 1.95
CA HIS M 282 -0.86 63.35 2.05
C HIS M 282 -0.39 62.26 1.09
N ILE M 283 -0.09 62.63 -0.16
CA ILE M 283 0.40 61.64 -1.13
C ILE M 283 1.73 61.06 -0.67
N ASN M 284 2.63 61.94 -0.19
CA ASN M 284 3.94 61.47 0.26
C ASN M 284 3.81 60.53 1.44
N GLU M 285 2.95 60.86 2.42
CA GLU M 285 2.81 59.98 3.57
C GLU M 285 2.15 58.66 3.19
N VAL M 286 1.18 58.68 2.28
CA VAL M 286 0.57 57.44 1.84
C VAL M 286 1.58 56.56 1.11
N LEU M 287 2.40 57.16 0.24
CA LEU M 287 3.42 56.40 -0.46
C LEU M 287 4.44 55.82 0.51
N SER M 288 4.86 56.61 1.50
CA SER M 288 5.83 56.12 2.49
C SER M 288 5.25 54.97 3.30
N GLN M 289 3.99 55.10 3.73
CA GLN M 289 3.36 54.04 4.51
C GLN M 289 3.20 52.77 3.68
N GLY M 290 2.80 52.90 2.42
CA GLY M 290 2.69 51.73 1.56
C GLY M 290 4.03 51.07 1.29
N LEU M 291 5.08 51.86 1.10
CA LEU M 291 6.40 51.30 0.87
C LEU M 291 6.94 50.61 2.12
N GLN M 292 6.69 51.19 3.30
CA GLN M 292 7.14 50.55 4.54
C GLN M 292 6.37 49.26 4.81
N THR M 293 5.06 49.28 4.55
CA THR M 293 4.25 48.08 4.81
C THR M 293 4.68 46.92 3.94
N ASN M 294 4.92 47.18 2.65
CA ASN M 294 5.33 46.15 1.71
C ASN M 294 6.73 46.46 1.20
N PRO M 295 7.78 45.81 1.73
CA PRO M 295 9.14 46.09 1.22
C PRO M 295 9.33 45.70 -0.23
N ASN M 296 8.52 44.80 -0.77
CA ASN M 296 8.67 44.37 -2.15
C ASN M 296 8.28 45.46 -3.14
N ALA M 297 7.52 46.46 -2.70
CA ALA M 297 7.11 47.55 -3.58
C ALA M 297 8.32 48.36 -4.01
N LEU M 298 8.29 48.83 -5.26
CA LEU M 298 9.37 49.62 -5.84
C LEU M 298 8.80 50.89 -6.45
N ILE M 299 9.57 51.97 -6.35
CA ILE M 299 9.18 53.27 -6.87
C ILE M 299 10.33 53.79 -7.72
N TYR M 300 10.15 53.83 -9.03
CA TYR M 300 11.16 54.32 -9.97
C TYR M 300 10.90 55.78 -10.30
N GLY M 301 10.95 56.63 -9.27
CA GLY M 301 10.70 58.05 -9.43
C GLY M 301 11.65 58.73 -10.39
N LEU M 302 11.09 59.53 -11.31
CA LEU M 302 11.86 60.27 -12.28
C LEU M 302 11.51 61.74 -12.19
N GLN M 303 12.52 62.59 -12.11
CA GLN M 303 12.35 64.04 -12.00
C GLN M 303 13.01 64.72 -13.18
N TYR M 304 12.26 65.60 -13.85
CA TYR M 304 12.82 66.34 -14.98
C TYR M 304 13.79 67.42 -14.53
N ASP M 305 13.60 67.95 -13.32
CA ASP M 305 14.48 68.98 -12.79
C ASP M 305 15.68 68.35 -12.08
N VAL M 306 16.60 69.20 -11.64
CA VAL M 306 17.78 68.72 -10.93
C VAL M 306 17.39 68.21 -9.54
N LEU M 307 18.23 67.34 -8.98
CA LEU M 307 17.93 66.76 -7.68
C LEU M 307 17.94 67.80 -6.56
N GLU M 308 18.77 68.84 -6.69
CA GLU M 308 18.93 69.82 -5.61
C GLU M 308 17.64 70.57 -5.29
N ASN M 309 16.71 70.66 -6.24
CA ASN M 309 15.48 71.41 -6.01
C ASN M 309 14.43 70.62 -5.24
N TYR M 310 14.65 69.34 -4.98
CA TYR M 310 13.69 68.48 -4.29
C TYR M 310 14.35 67.89 -3.04
N GLN M 311 14.23 68.61 -1.93
CA GLN M 311 14.74 68.09 -0.66
C GLN M 311 13.82 67.00 -0.10
N GLU M 312 12.51 67.15 -0.30
CA GLU M 312 11.57 66.12 0.15
C GLU M 312 11.82 64.80 -0.56
N ALA M 313 12.14 64.85 -1.85
CA ALA M 313 12.48 63.64 -2.57
C ALA M 313 13.73 62.98 -1.99
N LYS M 314 14.73 63.79 -1.64
CA LYS M 314 15.94 63.24 -1.02
C LYS M 314 15.60 62.58 0.32
N ASP M 315 14.77 63.23 1.13
CA ASP M 315 14.40 62.66 2.43
C ASP M 315 13.65 61.35 2.26
N MET M 316 12.71 61.30 1.31
CA MET M 316 11.96 60.08 1.06
C MET M 316 12.87 58.97 0.57
N ALA M 317 13.82 59.30 -0.31
CA ALA M 317 14.72 58.28 -0.83
C ALA M 317 15.64 57.75 0.26
N LEU M 318 16.13 58.64 1.13
CA LEU M 318 16.99 58.21 2.22
C LEU M 318 16.24 57.48 3.33
N LYS M 319 14.93 57.69 3.45
CA LYS M 319 14.15 57.05 4.50
C LYS M 319 13.85 55.58 4.22
N ARG M 320 13.70 55.21 2.95
CA ARG M 320 13.36 53.85 2.58
C ARG M 320 14.39 53.30 1.60
N SER M 321 14.76 52.04 1.80
CA SER M 321 15.80 51.40 1.00
C SER M 321 15.27 50.78 -0.28
N ASN M 322 13.95 50.75 -0.48
CA ASN M 322 13.34 50.17 -1.66
C ASN M 322 12.70 51.23 -2.54
N LEU M 323 13.33 52.41 -2.64
CA LEU M 323 12.85 53.51 -3.48
C LEU M 323 14.02 53.97 -4.34
N ILE M 324 13.99 53.59 -5.61
CA ILE M 324 15.07 53.94 -6.54
C ILE M 324 14.70 55.26 -7.18
N LEU M 325 15.19 56.35 -6.58
CA LEU M 325 14.91 57.69 -7.08
C LEU M 325 15.96 58.10 -8.10
N LEU M 326 15.51 58.66 -9.23
CA LEU M 326 16.39 59.16 -10.27
C LEU M 326 16.07 60.61 -10.56
N ALA M 327 17.11 61.37 -10.92
CA ALA M 327 16.96 62.78 -11.23
C ALA M 327 17.76 63.12 -12.48
N LYS M 328 17.88 64.41 -12.78
CA LYS M 328 18.60 64.83 -13.97
C LYS M 328 20.11 64.71 -13.79
N ASP M 329 20.61 64.97 -12.58
CA ASP M 329 22.04 64.96 -12.31
C ASP M 329 22.48 63.73 -11.52
N ARG M 330 21.87 63.51 -10.35
CA ARG M 330 22.26 62.42 -9.46
C ARG M 330 21.09 61.47 -9.25
N ALA M 331 21.31 60.44 -8.44
CA ALA M 331 20.29 59.46 -8.14
C ALA M 331 20.53 58.88 -6.76
N ILE M 332 19.51 58.25 -6.20
CA ILE M 332 19.57 57.58 -4.91
C ILE M 332 19.00 56.18 -5.10
N ILE M 333 19.85 55.17 -5.05
CA ILE M 333 19.44 53.78 -5.24
C ILE M 333 19.70 53.05 -3.93
N GLY M 334 18.67 52.96 -3.10
CA GLY M 334 18.79 52.24 -1.84
C GLY M 334 19.51 53.00 -0.76
N LYS M 335 19.00 54.17 -0.39
CA LYS M 335 19.47 55.02 0.70
C LYS M 335 20.88 55.57 0.49
N LYS M 336 21.49 55.34 -0.66
CA LYS M 336 22.80 55.89 -0.98
C LYS M 336 22.71 56.79 -2.20
N GLU M 337 23.39 57.93 -2.15
CA GLU M 337 23.36 58.91 -3.23
C GLU M 337 24.59 58.73 -4.12
N GLY M 338 24.35 58.65 -5.43
CA GLY M 338 25.42 58.57 -6.39
C GLY M 338 25.26 59.61 -7.48
N GLU M 339 26.38 59.98 -8.08
CA GLU M 339 26.43 60.96 -9.15
C GLU M 339 26.60 60.28 -10.49
N TRP M 340 26.60 61.08 -11.55
CA TRP M 340 26.76 60.54 -12.90
C TRP M 340 28.19 60.08 -13.11
N LYS M 341 28.33 58.86 -13.64
CA LYS M 341 29.65 58.32 -13.93
C LYS M 341 30.27 59.08 -15.11
N PRO M 342 31.61 59.05 -15.21
CA PRO M 342 32.26 59.76 -16.32
C PRO M 342 31.97 59.10 -17.66
N ASP M 343 31.15 59.75 -18.48
CA ASP M 343 30.76 59.23 -19.78
C ASP M 343 30.60 60.41 -20.74
N PRO M 344 30.80 60.20 -22.04
CA PRO M 344 30.63 61.30 -23.01
C PRO M 344 29.17 61.65 -23.26
N GLN M 345 28.51 62.16 -22.22
CA GLN M 345 27.11 62.56 -22.36
C GLN M 345 26.95 63.71 -23.35
N SER M 346 27.85 64.69 -23.28
CA SER M 346 27.83 65.84 -24.18
C SER M 346 29.06 65.77 -25.08
N SER M 347 28.82 65.79 -26.40
CA SER M 347 29.93 65.73 -27.35
C SER M 347 30.78 66.99 -27.30
N GLN M 348 30.14 68.15 -27.13
CA GLN M 348 30.87 69.40 -27.10
C GLN M 348 31.76 69.50 -25.87
N ASP M 349 33.00 69.96 -26.08
CA ASP M 349 33.93 70.12 -24.97
C ASP M 349 33.46 71.20 -24.00
N ASN M 350 32.92 72.29 -24.52
CA ASN M 350 32.46 73.38 -23.66
C ASN M 350 31.23 72.94 -22.86
N ASP M 351 31.25 73.25 -21.56
CA ASP M 351 30.19 72.91 -20.61
C ASP M 351 29.87 71.41 -20.68
N PRO M 352 30.76 70.54 -20.20
CA PRO M 352 30.49 69.09 -20.24
C PRO M 352 29.58 68.65 -19.10
N LEU M 353 28.35 69.17 -19.10
CA LEU M 353 27.39 68.85 -18.05
C LEU M 353 26.82 67.46 -18.28
N LEU M 354 26.86 66.63 -17.22
CA LEU M 354 26.32 65.27 -17.27
C LEU M 354 24.88 65.32 -16.78
N PHE M 355 23.95 65.53 -17.70
CA PHE M 355 22.54 65.64 -17.39
C PHE M 355 21.79 64.48 -18.03
N PHE M 356 20.93 63.84 -17.25
CA PHE M 356 20.12 62.72 -17.73
C PHE M 356 18.91 63.27 -18.47
N LYS M 357 19.12 63.58 -19.76
CA LYS M 357 18.06 64.15 -20.58
C LYS M 357 16.96 63.13 -20.89
N LEU M 358 17.18 61.85 -20.61
CA LEU M 358 16.17 60.83 -20.87
C LEU M 358 15.00 60.89 -19.90
N GLY M 359 15.09 61.69 -18.84
CA GLY M 359 14.01 61.83 -17.89
C GLY M 359 12.85 62.69 -18.35
N ASP M 360 12.99 63.35 -19.50
CA ASP M 360 11.90 64.17 -20.03
C ASP M 360 10.75 63.29 -20.49
N PHE M 361 9.55 63.89 -20.50
CA PHE M 361 8.36 63.14 -20.91
C PHE M 361 8.46 62.69 -22.36
N GLN M 362 8.97 63.55 -23.25
CA GLN M 362 9.14 63.16 -24.64
C GLN M 362 10.15 62.02 -24.76
N HIS M 363 11.27 62.12 -24.04
CA HIS M 363 12.27 61.05 -24.07
C HIS M 363 11.71 59.77 -23.46
N LEU M 364 10.92 59.89 -22.39
CA LEU M 364 10.30 58.71 -21.80
C LEU M 364 9.34 58.05 -22.77
N ALA M 365 8.55 58.84 -23.49
CA ALA M 365 7.63 58.29 -24.48
C ALA M 365 8.40 57.61 -25.60
N SER M 366 9.50 58.22 -26.05
CA SER M 366 10.31 57.59 -27.09
C SER M 366 10.90 56.27 -26.60
N PHE M 367 11.38 56.24 -25.36
CA PHE M 367 11.91 55.00 -24.81
C PHE M 367 10.84 53.92 -24.72
N LEU M 368 9.63 54.28 -24.28
CA LEU M 368 8.55 53.32 -24.20
C LEU M 368 8.16 52.81 -25.58
N GLU M 369 8.15 53.70 -26.58
CA GLU M 369 7.86 53.27 -27.94
C GLU M 369 8.93 52.30 -28.45
N GLU M 370 10.19 52.59 -28.17
CA GLU M 370 11.26 51.68 -28.59
C GLU M 370 11.13 50.33 -27.90
N ILE M 371 10.77 50.33 -26.62
CA ILE M 371 10.58 49.07 -25.89
C ILE M 371 9.43 48.28 -26.50
N SER M 372 8.34 48.97 -26.85
CA SER M 372 7.18 48.29 -27.42
C SER M 372 7.52 47.61 -28.75
N GLN M 373 8.27 48.29 -29.60
CA GLN M 373 8.67 47.73 -30.88
C GLN M 373 9.90 46.84 -30.73
N ASP N 11 -59.91 32.40 -14.22
CA ASP N 11 -58.69 32.35 -15.00
C ASP N 11 -57.64 33.32 -14.46
N THR N 12 -58.11 34.39 -13.83
CA THR N 12 -57.19 35.39 -13.29
C THR N 12 -56.34 34.81 -12.17
N THR N 13 -56.95 34.01 -11.29
CA THR N 13 -56.22 33.50 -10.13
C THR N 13 -55.09 32.56 -10.56
N GLN N 14 -55.37 31.65 -11.50
CA GLN N 14 -54.35 30.69 -11.94
C GLN N 14 -53.20 31.41 -12.64
N GLN N 15 -53.53 32.36 -13.53
CA GLN N 15 -52.50 33.11 -14.23
C GLN N 15 -51.65 33.91 -13.25
N LEU N 16 -52.28 34.56 -12.27
CA LEU N 16 -51.53 35.32 -11.28
C LEU N 16 -50.62 34.41 -10.46
N SER N 17 -51.14 33.24 -10.06
CA SER N 17 -50.32 32.32 -9.27
C SER N 17 -49.13 31.82 -10.06
N LEU N 18 -49.33 31.44 -11.32
CA LEU N 18 -48.21 30.94 -12.11
C LEU N 18 -47.19 32.04 -12.40
N LEU N 19 -47.67 33.26 -12.66
CA LEU N 19 -46.74 34.38 -12.86
C LEU N 19 -45.94 34.66 -11.61
N LYS N 20 -46.59 34.63 -10.44
CA LYS N 20 -45.87 34.83 -9.19
C LYS N 20 -44.83 33.74 -8.98
N HIS N 21 -45.19 32.48 -9.26
CA HIS N 21 -44.24 31.39 -9.08
C HIS N 21 -43.05 31.52 -10.02
N VAL N 22 -43.28 31.86 -11.29
CA VAL N 22 -42.17 31.93 -12.23
C VAL N 22 -41.30 33.16 -11.95
N LEU N 23 -41.90 34.26 -11.49
CA LEU N 23 -41.11 35.45 -11.20
C LEU N 23 -40.34 35.33 -9.89
N SER N 24 -40.88 34.59 -8.91
CA SER N 24 -40.20 34.45 -7.64
C SER N 24 -38.89 33.67 -7.77
N GLU N 25 -38.87 32.67 -8.65
CA GLU N 25 -37.66 31.87 -8.84
C GLU N 25 -36.56 32.70 -9.48
N ASP N 26 -35.34 32.55 -8.95
CA ASP N 26 -34.18 33.27 -9.46
C ASP N 26 -33.28 32.39 -10.32
N LYS N 27 -33.75 31.20 -10.71
CA LYS N 27 -32.96 30.27 -11.49
C LYS N 27 -33.16 30.42 -12.99
N ARG N 28 -33.94 31.40 -13.44
CA ARG N 28 -34.18 31.61 -14.86
C ARG N 28 -33.92 33.07 -15.21
N PRO N 29 -33.36 33.33 -16.39
CA PRO N 29 -33.17 34.73 -16.82
C PRO N 29 -34.50 35.43 -17.04
N ILE N 30 -34.49 36.74 -16.81
CA ILE N 30 -35.68 37.57 -16.99
C ILE N 30 -35.32 38.73 -17.92
N ALA N 31 -36.27 39.06 -18.80
CA ALA N 31 -36.11 40.17 -19.71
C ALA N 31 -37.46 40.81 -19.96
N PHE N 32 -37.42 42.06 -20.46
CA PHE N 32 -38.64 42.81 -20.73
C PHE N 32 -38.49 43.55 -22.06
N ILE N 33 -39.63 43.80 -22.69
CA ILE N 33 -39.71 44.60 -23.91
C ILE N 33 -40.56 45.82 -23.61
N ILE N 34 -40.02 47.00 -23.90
CA ILE N 34 -40.65 48.27 -23.54
C ILE N 34 -41.04 48.98 -24.83
N ALA N 35 -42.33 49.33 -24.94
CA ALA N 35 -42.86 50.08 -26.06
C ALA N 35 -43.47 51.38 -25.55
N ALA N 36 -44.16 52.10 -26.44
CA ALA N 36 -44.75 53.38 -26.07
C ALA N 36 -45.87 53.23 -25.05
N GLY N 37 -46.37 52.01 -24.83
CA GLY N 37 -47.40 51.81 -23.84
C GLY N 37 -46.95 52.17 -22.44
N CYS N 38 -45.70 51.87 -22.11
CA CYS N 38 -45.18 52.23 -20.78
C CYS N 38 -45.13 53.73 -20.56
N PRO N 39 -44.55 54.56 -21.44
CA PRO N 39 -44.62 56.00 -21.21
C PRO N 39 -46.03 56.57 -21.32
N VAL N 40 -46.88 56.01 -22.18
CA VAL N 40 -48.24 56.56 -22.30
C VAL N 40 -49.08 56.27 -21.07
N SER N 41 -48.69 55.30 -20.24
CA SER N 41 -49.46 54.98 -19.04
C SER N 41 -49.27 56.00 -17.93
N ILE N 42 -48.25 56.85 -18.01
CA ILE N 42 -48.02 57.86 -17.00
C ILE N 42 -48.97 59.04 -17.24
N ARG N 43 -49.74 59.40 -16.22
CA ARG N 43 -50.70 60.49 -16.33
C ARG N 43 -50.08 61.78 -15.80
N HIS N 44 -50.16 62.83 -16.61
CA HIS N 44 -49.62 64.13 -16.23
C HIS N 44 -50.54 65.21 -16.75
N ASN N 45 -51.14 65.98 -15.83
CA ASN N 45 -52.11 67.02 -16.17
C ASN N 45 -53.28 66.46 -16.97
N ASP N 46 -53.70 65.23 -16.63
CA ASP N 46 -54.78 64.54 -17.32
C ASP N 46 -54.51 64.41 -18.82
N ALA N 47 -53.23 64.30 -19.16
CA ALA N 47 -52.78 64.13 -20.53
C ALA N 47 -51.65 63.11 -20.57
N PRO N 48 -51.52 62.37 -21.66
CA PRO N 48 -50.43 61.39 -21.75
C PRO N 48 -49.06 62.07 -21.72
N LEU N 49 -48.11 61.43 -21.05
CA LEU N 49 -46.75 61.95 -21.04
C LEU N 49 -46.14 61.93 -22.44
N ILE N 50 -46.36 60.84 -23.17
CA ILE N 50 -45.92 60.73 -24.56
C ILE N 50 -47.12 60.27 -25.39
N PRO N 51 -47.47 61.00 -26.46
CA PRO N 51 -48.67 60.64 -27.23
C PRO N 51 -48.46 59.46 -28.17
N ASP N 52 -47.34 58.76 -28.01
CA ASP N 52 -47.01 57.57 -28.79
C ASP N 52 -46.86 57.88 -30.26
N VAL N 53 -46.77 56.83 -31.09
CA VAL N 53 -46.52 57.01 -32.51
C VAL N 53 -47.67 57.74 -33.18
N ALA N 54 -48.91 57.37 -32.85
CA ALA N 54 -50.06 58.03 -33.47
C ALA N 54 -50.12 59.51 -33.09
N GLY N 55 -49.87 59.82 -31.82
CA GLY N 55 -49.87 61.21 -31.40
C GLY N 55 -48.75 62.01 -32.05
N LEU N 56 -47.57 61.41 -32.18
CA LEU N 56 -46.47 62.06 -32.87
C LEU N 56 -46.77 62.30 -34.33
N THR N 57 -47.42 61.35 -35.01
CA THR N 57 -47.83 61.56 -36.40
C THR N 57 -48.86 62.67 -36.53
N ARG N 58 -49.85 62.70 -35.63
CA ARG N 58 -50.84 63.77 -35.67
C ARG N 58 -50.21 65.13 -35.42
N LYS N 59 -49.30 65.22 -34.44
CA LYS N 59 -48.65 66.51 -34.17
C LYS N 59 -47.72 66.91 -35.32
N ILE N 60 -47.04 65.94 -35.93
CA ILE N 60 -46.20 66.24 -37.08
C ILE N 60 -47.05 66.78 -38.22
N SER N 61 -48.19 66.15 -38.50
CA SER N 61 -49.07 66.61 -39.56
C SER N 61 -49.62 68.00 -39.26
N ASP N 62 -50.02 68.25 -38.00
CA ASP N 62 -50.57 69.54 -37.65
C ASP N 62 -49.51 70.64 -37.60
N SER N 63 -48.23 70.27 -37.44
CA SER N 63 -47.18 71.27 -37.36
C SER N 63 -47.07 72.05 -38.67
N PHE N 64 -47.14 71.36 -39.81
CA PHE N 64 -47.04 72.00 -41.11
C PHE N 64 -48.40 72.43 -41.66
N GLY N 65 -49.48 72.16 -40.95
CA GLY N 65 -50.79 72.59 -41.40
C GLY N 65 -51.40 71.66 -42.44
N GLY N 66 -52.59 72.03 -42.87
CA GLY N 66 -53.33 71.29 -43.88
C GLY N 66 -53.11 71.75 -45.31
N ASN N 67 -52.15 72.62 -45.56
CA ASN N 67 -51.91 73.13 -46.90
C ASN N 67 -51.36 72.01 -47.78
N PRO N 68 -51.99 71.69 -48.91
CA PRO N 68 -51.48 70.63 -49.79
C PRO N 68 -50.17 70.99 -50.47
N ASP N 69 -49.80 72.27 -50.52
CA ASP N 69 -48.58 72.67 -51.20
C ASP N 69 -47.32 72.15 -50.50
N SER N 70 -47.41 71.84 -49.20
CA SER N 70 -46.26 71.31 -48.48
C SER N 70 -45.93 69.91 -48.97
N LEU N 71 -44.63 69.62 -49.06
CA LEU N 71 -44.19 68.30 -49.53
C LEU N 71 -44.53 67.21 -48.52
N LEU N 72 -44.62 67.55 -47.23
CA LEU N 72 -44.92 66.55 -46.21
C LEU N 72 -46.30 65.94 -46.43
N MET N 73 -47.29 66.77 -46.73
CA MET N 73 -48.63 66.25 -47.00
C MET N 73 -48.66 65.42 -48.28
N LYS N 74 -47.88 65.81 -49.29
CA LYS N 74 -47.79 65.03 -50.51
C LYS N 74 -47.21 63.65 -50.23
N ILE N 75 -46.16 63.59 -49.41
CA ILE N 75 -45.59 62.29 -49.05
C ILE N 75 -46.58 61.47 -48.23
N ILE N 76 -47.32 62.13 -47.34
CA ILE N 76 -48.30 61.42 -46.51
C ILE N 76 -49.39 60.80 -47.40
N GLN N 77 -49.90 61.56 -48.35
CA GLN N 77 -50.95 61.00 -49.23
C GLN N 77 -50.38 59.94 -50.17
N ASN N 78 -49.13 60.11 -50.61
CA ASN N 78 -48.50 59.07 -51.43
C ASN N 78 -48.37 57.76 -50.65
N LEU N 79 -48.00 57.84 -49.37
CA LEU N 79 -47.98 56.66 -48.53
C LEU N 79 -49.38 56.11 -48.30
N LYS N 80 -50.38 57.00 -48.15
CA LYS N 80 -51.76 56.56 -48.00
C LYS N 80 -52.21 55.74 -49.19
N THR N 81 -51.76 56.09 -50.39
CA THR N 81 -52.12 55.30 -51.57
C THR N 81 -51.61 53.87 -51.47
N THR N 82 -50.43 53.68 -50.88
CA THR N 82 -49.85 52.35 -50.72
C THR N 82 -50.12 51.76 -49.34
N ILE N 83 -49.70 52.45 -48.29
CA ILE N 83 -49.86 51.98 -46.91
C ILE N 83 -51.18 52.53 -46.39
N PRO N 84 -52.13 51.68 -45.96
CA PRO N 84 -53.40 52.21 -45.45
C PRO N 84 -53.25 53.13 -44.25
N ASN N 85 -52.28 52.85 -43.38
CA ASN N 85 -52.04 53.67 -42.19
C ASN N 85 -50.55 54.00 -42.13
N PRO N 86 -50.16 55.17 -42.60
CA PRO N 86 -48.74 55.53 -42.57
C PRO N 86 -48.22 55.69 -41.15
N THR N 87 -46.94 55.40 -40.98
CA THR N 87 -46.27 55.48 -39.69
C THR N 87 -45.11 56.46 -39.81
N ILE N 88 -44.84 57.18 -38.70
CA ILE N 88 -43.72 58.11 -38.70
C ILE N 88 -42.41 57.38 -38.94
N GLU N 89 -42.28 56.15 -38.44
CA GLU N 89 -41.11 55.34 -38.76
C GLU N 89 -41.02 55.10 -40.27
N ASP N 90 -42.14 54.77 -40.89
CA ASP N 90 -42.18 54.57 -42.33
C ASP N 90 -41.87 55.88 -43.06
N ILE N 91 -42.37 57.01 -42.55
CA ILE N 91 -42.09 58.29 -43.17
C ILE N 91 -40.60 58.58 -43.13
N LEU N 92 -39.97 58.36 -41.99
CA LEU N 92 -38.53 58.58 -41.87
C LEU N 92 -37.76 57.64 -42.79
N SER N 93 -38.17 56.38 -42.88
CA SER N 93 -37.50 55.44 -43.76
C SER N 93 -37.62 55.89 -45.22
N TYR N 94 -38.80 56.35 -45.63
CA TYR N 94 -39.00 56.81 -46.99
C TYR N 94 -38.16 58.06 -47.28
N ILE N 95 -38.09 58.98 -46.30
CA ILE N 95 -37.30 60.19 -46.48
C ILE N 95 -35.82 59.85 -46.62
N ARG N 96 -35.33 58.94 -45.78
CA ARG N 96 -33.92 58.54 -45.88
C ARG N 96 -33.65 57.80 -47.19
N LEU N 97 -34.61 57.00 -47.64
CA LEU N 97 -34.46 56.32 -48.93
C LEU N 97 -34.37 57.33 -50.07
N LEU N 98 -35.21 58.36 -50.04
CA LEU N 98 -35.11 59.43 -51.05
C LEU N 98 -33.79 60.15 -50.96
N GLN N 99 -33.31 60.42 -49.74
CA GLN N 99 -32.05 61.11 -49.55
C GLN N 99 -30.85 60.30 -50.02
N GLN N 100 -30.94 58.96 -49.96
CA GLN N 100 -29.81 58.12 -50.32
C GLN N 100 -29.44 58.24 -51.80
N ILE N 101 -30.31 58.77 -52.63
CA ILE N 101 -30.04 58.94 -54.06
C ILE N 101 -30.36 60.38 -54.45
N PRO N 102 -29.73 60.92 -55.51
CA PRO N 102 -30.06 62.28 -55.94
C PRO N 102 -31.46 62.37 -56.53
N MET N 103 -32.48 62.29 -55.67
CA MET N 103 -33.87 62.33 -56.11
C MET N 103 -34.32 63.78 -56.21
N SER N 104 -34.03 64.39 -57.37
CA SER N 104 -34.43 65.75 -57.66
C SER N 104 -35.61 65.84 -58.60
N GLY N 105 -36.34 64.73 -58.78
CA GLY N 105 -37.42 64.66 -59.74
C GLY N 105 -38.75 65.11 -59.16
N LYS N 106 -39.83 64.67 -59.83
CA LYS N 106 -41.18 65.05 -59.42
C LYS N 106 -41.51 64.56 -58.02
N ILE N 107 -40.88 63.47 -57.58
CA ILE N 107 -41.09 62.98 -56.22
C ILE N 107 -40.68 64.04 -55.21
N HIS N 108 -39.58 64.74 -55.49
CA HIS N 108 -39.12 65.85 -54.66
C HIS N 108 -39.16 67.18 -55.42
N ASP N 109 -40.18 67.35 -56.27
CA ASP N 109 -40.29 68.59 -57.04
C ASP N 109 -40.53 69.80 -56.13
N VAL N 110 -41.36 69.64 -55.10
CA VAL N 110 -41.64 70.75 -54.19
C VAL N 110 -40.37 71.15 -53.44
N GLU N 111 -39.59 70.17 -53.00
CA GLU N 111 -38.35 70.41 -52.26
C GLU N 111 -37.20 69.76 -53.03
N ASN N 112 -36.58 70.52 -53.93
CA ASN N 112 -35.44 70.00 -54.68
C ASN N 112 -34.28 69.67 -53.75
N SER N 113 -34.03 70.52 -52.76
CA SER N 113 -32.99 70.26 -51.77
C SER N 113 -33.48 70.54 -50.35
N VAL N 114 -34.75 70.90 -50.17
CA VAL N 114 -35.28 71.18 -48.83
C VAL N 114 -35.75 69.93 -48.12
N ILE N 115 -35.60 68.75 -48.71
CA ILE N 115 -35.94 67.51 -48.02
C ILE N 115 -35.04 67.32 -46.80
N ASN N 116 -33.76 67.70 -46.94
CA ASN N 116 -32.86 67.64 -45.80
C ASN N 116 -33.33 68.57 -44.68
N ALA N 117 -33.77 69.79 -45.03
CA ALA N 117 -34.28 70.69 -44.02
C ALA N 117 -35.54 70.12 -43.37
N LEU N 118 -36.42 69.50 -44.16
CA LEU N 118 -37.65 68.94 -43.61
C LEU N 118 -37.34 67.81 -42.63
N GLU N 119 -36.42 66.91 -43.00
CA GLU N 119 -36.09 65.82 -42.09
C GLU N 119 -35.35 66.31 -40.85
N GLU N 120 -34.50 67.34 -40.99
CA GLU N 120 -33.86 67.92 -39.82
C GLU N 120 -34.89 68.54 -38.89
N SER N 121 -35.89 69.23 -39.45
CA SER N 121 -36.95 69.80 -38.64
C SER N 121 -37.74 68.71 -37.93
N ILE N 122 -38.03 67.61 -38.62
CA ILE N 122 -38.75 66.51 -38.00
C ILE N 122 -37.94 65.92 -36.85
N CYS N 123 -36.64 65.72 -37.07
CA CYS N 123 -35.78 65.19 -36.01
C CYS N 123 -35.72 66.14 -34.81
N GLU N 124 -35.62 67.45 -35.07
CA GLU N 124 -35.59 68.40 -33.98
C GLU N 124 -36.90 68.38 -33.20
N LEU N 125 -38.03 68.31 -33.90
CA LEU N 125 -39.33 68.23 -33.23
C LEU N 125 -39.43 66.97 -32.38
N ILE N 126 -38.96 65.85 -32.90
CA ILE N 126 -38.97 64.60 -32.14
C ILE N 126 -38.13 64.75 -30.88
N GLU N 127 -36.92 65.30 -31.02
CA GLU N 127 -36.03 65.47 -29.87
C GLU N 127 -36.66 66.37 -28.82
N GLU N 128 -37.27 67.48 -29.26
CA GLU N 128 -37.89 68.39 -28.32
C GLU N 128 -39.07 67.75 -27.60
N GLU N 129 -39.88 66.98 -28.32
CA GLU N 129 -41.08 66.43 -27.72
C GLU N 129 -40.79 65.25 -26.80
N VAL N 130 -39.72 64.49 -27.05
CA VAL N 130 -39.40 63.32 -26.24
C VAL N 130 -38.38 63.63 -25.15
N ASN N 131 -38.00 64.90 -24.99
CA ASN N 131 -37.00 65.29 -23.99
C ASN N 131 -37.74 65.74 -22.73
N VAL N 132 -38.11 64.77 -21.91
CA VAL N 132 -38.77 65.04 -20.63
C VAL N 132 -38.09 64.23 -19.54
N ASP N 133 -38.60 64.34 -18.31
CA ASP N 133 -38.05 63.62 -17.17
C ASP N 133 -39.19 63.07 -16.32
N LEU N 134 -38.87 62.05 -15.55
CA LEU N 134 -39.88 61.41 -14.70
C LEU N 134 -40.25 62.33 -13.54
N PRO N 135 -41.51 62.71 -13.39
CA PRO N 135 -41.90 63.55 -12.25
C PRO N 135 -42.11 62.74 -10.99
N GLY N 136 -41.36 63.04 -9.94
CA GLY N 136 -41.50 62.34 -8.68
C GLY N 136 -40.94 60.93 -8.73
N ASN N 137 -41.26 60.18 -7.66
CA ASN N 137 -40.81 58.81 -7.51
C ASN N 137 -41.98 57.82 -7.53
N ALA N 138 -43.16 58.25 -7.95
CA ALA N 138 -44.34 57.39 -7.98
C ALA N 138 -44.55 56.75 -9.34
N THR N 139 -43.63 56.95 -10.28
CA THR N 139 -43.78 56.37 -11.60
C THR N 139 -43.60 54.84 -11.54
N PRO N 140 -44.26 54.11 -12.44
CA PRO N 140 -44.07 52.64 -12.46
C PRO N 140 -42.64 52.21 -12.69
N TYR N 141 -41.84 53.04 -13.35
CA TYR N 141 -40.43 52.70 -13.57
C TYR N 141 -39.69 52.58 -12.24
N HIS N 142 -40.00 53.47 -11.29
CA HIS N 142 -39.39 53.36 -9.97
C HIS N 142 -39.76 52.07 -9.28
N LYS N 143 -41.03 51.65 -9.41
CA LYS N 143 -41.44 50.37 -8.83
C LYS N 143 -40.72 49.20 -9.49
N ILE N 144 -40.54 49.26 -10.81
CA ILE N 144 -39.82 48.21 -11.52
C ILE N 144 -38.37 48.14 -11.03
N ALA N 145 -37.72 49.30 -10.88
CA ALA N 145 -36.34 49.32 -10.40
C ALA N 145 -36.25 48.80 -8.98
N ALA N 146 -37.23 49.15 -8.12
CA ALA N 146 -37.24 48.65 -6.76
C ALA N 146 -37.39 47.13 -6.73
N TRP N 147 -38.26 46.59 -7.59
CA TRP N 147 -38.39 45.14 -7.67
C TRP N 147 -37.09 44.50 -8.17
N ILE N 148 -36.43 45.14 -9.13
CA ILE N 148 -35.19 44.57 -9.68
C ILE N 148 -34.10 44.52 -8.62
N ASN N 149 -33.91 45.61 -7.88
CA ASN N 149 -32.83 45.68 -6.91
C ASN N 149 -33.20 45.15 -5.54
N SER N 150 -34.46 44.74 -5.33
CA SER N 150 -34.88 44.26 -4.03
C SER N 150 -34.21 42.94 -3.68
N ILE N 151 -34.13 42.02 -4.63
CA ILE N 151 -33.57 40.69 -4.40
C ILE N 151 -32.40 40.48 -5.36
N ASN N 152 -31.26 40.07 -4.81
CA ASN N 152 -30.10 39.73 -5.63
C ASN N 152 -30.36 38.42 -6.36
N ARG N 153 -30.07 38.39 -7.65
CA ARG N 153 -30.36 37.25 -8.50
C ARG N 153 -29.07 36.75 -9.15
N GLU N 154 -28.95 35.42 -9.24
CA GLU N 154 -27.78 34.83 -9.89
C GLU N 154 -27.76 35.09 -11.38
N HIS N 155 -28.91 35.34 -11.99
CA HIS N 155 -29.01 35.65 -13.41
C HIS N 155 -29.32 37.13 -13.58
N GLN N 156 -28.56 37.79 -14.45
CA GLN N 156 -28.74 39.21 -14.67
C GLN N 156 -30.08 39.48 -15.36
N VAL N 157 -30.67 40.62 -15.04
CA VAL N 157 -31.96 41.03 -15.60
C VAL N 157 -31.69 42.07 -16.68
N GLU N 158 -32.09 41.77 -17.90
CA GLU N 158 -31.94 42.69 -19.02
C GLU N 158 -33.27 43.31 -19.39
N ILE N 159 -33.19 44.50 -19.99
CA ILE N 159 -34.38 45.24 -20.42
C ILE N 159 -34.19 45.69 -21.85
N PHE N 160 -35.19 45.43 -22.69
CA PHE N 160 -35.16 45.85 -24.08
C PHE N 160 -36.23 46.91 -24.31
N THR N 161 -35.87 48.00 -24.97
CA THR N 161 -36.79 49.09 -25.25
C THR N 161 -36.59 49.58 -26.68
N THR N 162 -37.68 49.91 -27.34
CA THR N 162 -37.65 50.49 -28.67
C THR N 162 -37.96 51.98 -28.66
N ASN N 163 -38.08 52.59 -27.49
CA ASN N 163 -38.41 54.00 -27.38
C ASN N 163 -37.13 54.83 -27.39
N TYR N 164 -37.30 56.15 -27.46
CA TYR N 164 -36.18 57.09 -27.46
C TYR N 164 -35.96 57.79 -26.14
N ASP N 165 -36.97 57.82 -25.26
CA ASP N 165 -36.84 58.51 -23.99
C ASP N 165 -35.93 57.74 -23.03
N LEU N 166 -35.35 58.47 -22.09
CA LEU N 166 -34.41 57.91 -21.13
C LEU N 166 -35.05 57.70 -19.76
N LEU N 167 -36.35 57.38 -19.72
CA LEU N 167 -37.04 57.21 -18.44
C LEU N 167 -36.46 56.05 -17.66
N MET N 168 -36.20 54.92 -18.35
CA MET N 168 -35.67 53.75 -17.67
C MET N 168 -34.30 54.02 -17.08
N GLU N 169 -33.44 54.72 -17.82
CA GLU N 169 -32.11 55.03 -17.32
C GLU N 169 -32.18 55.90 -16.07
N GLN N 170 -33.03 56.93 -16.09
CA GLN N 170 -33.18 57.79 -14.92
C GLN N 170 -33.73 57.02 -13.74
N ALA N 171 -34.71 56.15 -13.96
CA ALA N 171 -35.28 55.37 -12.87
C ALA N 171 -34.24 54.43 -12.27
N LEU N 172 -33.44 53.78 -13.13
CA LEU N 172 -32.41 52.87 -12.62
C LEU N 172 -31.32 53.62 -11.86
N GLU N 173 -30.89 54.77 -12.36
CA GLU N 173 -29.79 55.50 -11.70
C GLU N 173 -30.26 56.17 -10.43
N GLU N 174 -31.53 56.56 -10.34
CA GLU N 174 -32.03 57.17 -9.11
C GLU N 174 -32.03 56.18 -7.96
N LEU N 175 -32.41 54.93 -8.22
CA LEU N 175 -32.49 53.91 -7.19
C LEU N 175 -31.20 53.12 -7.02
N ASN N 176 -30.09 53.64 -7.54
CA ASN N 176 -28.77 53.02 -7.41
C ASN N 176 -28.77 51.60 -7.99
N VAL N 177 -29.06 51.52 -9.29
CA VAL N 177 -29.08 50.26 -10.02
C VAL N 177 -28.02 50.31 -11.11
N PRO N 178 -26.86 49.67 -10.93
CA PRO N 178 -25.86 49.66 -11.99
C PRO N 178 -26.35 48.89 -13.21
N TYR N 179 -25.91 49.36 -14.38
CA TYR N 179 -26.34 48.75 -15.63
C TYR N 179 -25.30 49.03 -16.71
N PHE N 180 -25.34 48.23 -17.76
CA PHE N 180 -24.43 48.35 -18.89
C PHE N 180 -25.26 48.47 -20.16
N ASP N 181 -25.02 49.53 -20.94
CA ASP N 181 -25.79 49.81 -22.14
C ASP N 181 -24.97 49.62 -23.41
N GLY N 182 -23.74 49.12 -23.29
CA GLY N 182 -22.91 48.92 -24.46
C GLY N 182 -21.87 50.00 -24.67
N PHE N 183 -22.08 51.16 -24.07
CA PHE N 183 -21.16 52.28 -24.21
C PHE N 183 -20.29 52.42 -22.97
N VAL N 184 -18.99 52.61 -23.19
CA VAL N 184 -18.01 52.74 -22.11
C VAL N 184 -17.24 54.03 -22.34
N GLY N 185 -17.18 54.87 -21.31
CA GLY N 185 -16.45 56.12 -21.40
C GLY N 185 -17.10 57.17 -20.52
N SER N 186 -16.42 58.31 -20.44
CA SER N 186 -16.86 59.43 -19.62
C SER N 186 -17.18 60.67 -20.43
N LYS N 187 -16.24 61.14 -21.23
CA LYS N 187 -16.47 62.33 -22.05
C LYS N 187 -17.29 61.99 -23.29
N ARG N 188 -16.77 61.08 -24.13
CA ARG N 188 -17.45 60.62 -25.33
C ARG N 188 -17.34 59.09 -25.33
N ALA N 189 -18.31 58.44 -24.69
CA ALA N 189 -18.29 56.99 -24.57
C ALA N 189 -18.42 56.35 -25.95
N PHE N 190 -17.44 55.50 -26.30
CA PHE N 190 -17.47 54.82 -27.58
C PHE N 190 -18.19 53.48 -27.46
N PHE N 191 -18.50 52.90 -28.61
CA PHE N 191 -19.23 51.63 -28.67
C PHE N 191 -18.20 50.50 -28.68
N ASP N 192 -17.88 49.97 -27.50
CA ASP N 192 -16.97 48.85 -27.41
C ASP N 192 -17.68 47.57 -27.83
N ILE N 193 -17.01 46.76 -28.65
CA ILE N 193 -17.62 45.58 -29.24
C ILE N 193 -17.19 44.30 -28.52
N ARG N 194 -15.91 44.22 -28.15
CA ARG N 194 -15.38 42.97 -27.60
C ARG N 194 -16.09 42.58 -26.31
N THR N 195 -16.28 43.54 -25.40
CA THR N 195 -16.89 43.23 -24.11
C THR N 195 -18.32 42.74 -24.25
N ILE N 196 -19.00 43.15 -25.34
CA ILE N 196 -20.39 42.71 -25.55
C ILE N 196 -20.45 41.20 -25.73
N GLU N 197 -19.55 40.64 -26.54
CA GLU N 197 -19.51 39.20 -26.75
C GLU N 197 -18.68 38.47 -25.71
N GLU N 198 -17.90 39.18 -24.89
CA GLU N 198 -17.18 38.51 -23.81
C GLU N 198 -18.16 37.92 -22.81
N ASN N 199 -19.21 38.67 -22.46
CA ASN N 199 -20.26 38.22 -21.54
C ASN N 199 -19.65 37.74 -20.22
N LYS N 200 -18.76 38.55 -19.65
CA LYS N 200 -18.12 38.26 -18.38
C LYS N 200 -18.29 39.42 -17.42
N LEU N 201 -19.41 40.13 -17.52
CA LEU N 201 -19.72 41.21 -16.60
C LEU N 201 -20.10 40.64 -15.23
N PRO N 202 -19.96 41.43 -14.17
CA PRO N 202 -20.38 40.95 -12.85
C PRO N 202 -21.85 40.60 -12.82
N SER N 203 -22.17 39.55 -12.06
CA SER N 203 -23.53 39.00 -12.06
C SER N 203 -24.56 39.97 -11.46
N ARG N 204 -24.12 40.93 -10.64
CA ARG N 204 -25.07 41.87 -10.07
C ARG N 204 -25.43 43.00 -11.02
N TRP N 205 -24.69 43.16 -12.11
CA TRP N 205 -24.97 44.22 -13.08
C TRP N 205 -26.17 43.85 -13.94
N SER N 206 -26.91 44.88 -14.35
CA SER N 206 -28.02 44.71 -15.27
C SER N 206 -27.61 45.18 -16.67
N LYS N 207 -28.51 45.02 -17.63
CA LYS N 207 -28.25 45.39 -19.02
C LYS N 207 -29.47 46.06 -19.61
N LEU N 208 -29.25 47.15 -20.34
CA LEU N 208 -30.32 47.87 -21.04
C LEU N 208 -29.90 48.06 -22.49
N TRP N 209 -30.61 47.43 -23.41
CA TRP N 209 -30.28 47.48 -24.82
C TRP N 209 -31.27 48.37 -25.57
N LYS N 210 -30.75 49.28 -26.38
CA LYS N 210 -31.57 50.23 -27.15
C LYS N 210 -31.73 49.67 -28.56
N LEU N 211 -32.88 49.03 -28.80
CA LEU N 211 -33.13 48.43 -30.11
C LEU N 211 -33.24 49.49 -31.20
N HIS N 212 -33.93 50.59 -30.92
CA HIS N 212 -34.16 51.64 -31.90
C HIS N 212 -33.27 52.86 -31.70
N GLY N 213 -32.23 52.75 -30.89
CA GLY N 213 -31.34 53.87 -30.64
C GLY N 213 -31.82 54.75 -29.51
N SER N 214 -31.16 55.92 -29.40
CA SER N 214 -31.46 56.87 -28.34
C SER N 214 -31.22 58.27 -28.86
N ILE N 215 -31.77 59.26 -28.14
CA ILE N 215 -31.64 60.65 -28.55
C ILE N 215 -30.27 61.21 -28.24
N ASN N 216 -29.53 60.62 -27.30
CA ASN N 216 -28.21 61.09 -26.94
C ASN N 216 -27.09 60.50 -27.77
N TRP N 217 -27.39 59.52 -28.63
CA TRP N 217 -26.37 58.98 -29.52
C TRP N 217 -26.07 59.99 -30.63
N GLN N 218 -24.80 60.08 -31.00
CA GLN N 218 -24.37 60.98 -32.06
C GLN N 218 -23.35 60.27 -32.93
N LEU N 219 -23.19 60.76 -34.15
CA LEU N 219 -22.26 60.19 -35.12
C LEU N 219 -21.34 61.28 -35.64
N ASP N 220 -20.06 60.98 -35.74
CA ASP N 220 -19.06 61.88 -36.31
C ASP N 220 -18.64 61.35 -37.67
N LYS N 221 -18.80 62.19 -38.69
CA LYS N 221 -18.48 61.79 -40.06
C LYS N 221 -16.99 61.89 -40.36
N GLN N 222 -16.23 62.58 -39.51
CA GLN N 222 -14.78 62.65 -39.71
C GLN N 222 -14.16 61.26 -39.61
N THR N 223 -14.57 60.48 -38.62
CA THR N 223 -14.19 59.09 -38.49
C THR N 223 -15.34 58.13 -38.74
N GLN N 224 -16.54 58.66 -39.00
CA GLN N 224 -17.75 57.85 -39.20
C GLN N 224 -17.96 56.90 -38.01
N THR N 225 -17.86 57.44 -36.81
CA THR N 225 -17.96 56.65 -35.59
C THR N 225 -19.09 57.17 -34.72
N ILE N 226 -19.74 56.26 -34.01
CA ILE N 226 -20.86 56.60 -33.16
C ILE N 226 -20.37 56.68 -31.72
N TRP N 227 -21.06 57.50 -30.93
CA TRP N 227 -20.72 57.65 -29.52
C TRP N 227 -21.93 58.17 -28.75
N ARG N 228 -22.02 57.78 -27.49
CA ARG N 228 -23.12 58.19 -26.63
C ARG N 228 -22.71 59.44 -25.87
N GLY N 229 -23.51 60.50 -26.00
CA GLY N 229 -23.21 61.75 -25.33
C GLY N 229 -24.43 62.37 -24.67
N THR N 230 -24.69 63.63 -24.99
CA THR N 230 -25.83 64.35 -24.46
C THR N 230 -26.64 64.96 -25.61
N PRO N 231 -27.95 65.18 -25.41
CA PRO N 231 -28.78 65.72 -26.49
C PRO N 231 -28.28 67.05 -27.03
N SER N 232 -27.83 67.06 -28.27
CA SER N 232 -27.36 68.25 -28.96
C SER N 232 -28.35 68.60 -30.07
N LYS N 233 -28.01 69.64 -30.83
CA LYS N 233 -28.90 70.13 -31.88
C LYS N 233 -28.88 69.17 -33.06
N GLY N 234 -29.65 68.09 -32.97
CA GLY N 234 -29.71 67.11 -34.04
C GLY N 234 -28.89 65.87 -33.76
N CYS N 235 -29.55 64.76 -33.48
CA CYS N 235 -28.89 63.48 -33.25
C CYS N 235 -28.93 62.66 -34.52
N SER N 236 -27.81 62.00 -34.84
CA SER N 236 -27.68 61.22 -36.06
C SER N 236 -28.13 59.78 -35.91
N LEU N 237 -28.56 59.37 -34.71
CA LEU N 237 -28.97 57.99 -34.50
C LEU N 237 -30.44 57.93 -34.09
N ILE N 238 -31.27 58.79 -34.68
CA ILE N 238 -32.71 58.77 -34.43
C ILE N 238 -33.43 57.76 -35.31
N HIS N 239 -32.70 57.00 -36.12
CA HIS N 239 -33.32 56.12 -37.10
C HIS N 239 -34.06 54.98 -36.40
N PRO N 240 -35.30 54.69 -36.79
CA PRO N 240 -36.00 53.47 -36.30
C PRO N 240 -35.51 52.22 -37.02
N SER N 241 -34.26 51.85 -36.77
CA SER N 241 -33.63 50.67 -37.37
C SER N 241 -33.58 50.79 -38.90
N HIS N 242 -33.08 51.93 -39.38
CA HIS N 242 -32.91 52.14 -40.82
C HIS N 242 -31.69 53.04 -41.00
N LEU N 243 -30.55 52.41 -41.26
CA LEU N 243 -29.29 53.13 -41.38
C LEU N 243 -28.39 52.39 -42.36
N LYS N 244 -27.10 52.69 -42.35
CA LYS N 244 -26.15 52.04 -43.23
C LYS N 244 -25.80 50.65 -42.69
N TYR N 245 -24.81 50.01 -43.33
CA TYR N 245 -24.38 48.69 -42.92
C TYR N 245 -23.58 48.77 -41.62
N ASP N 246 -23.12 47.60 -41.16
CA ASP N 246 -22.35 47.52 -39.92
C ASP N 246 -20.96 48.11 -40.10
N LYS N 250 -20.78 51.24 -38.59
CA LYS N 250 -21.33 52.41 -37.92
C LYS N 250 -22.80 52.19 -37.56
N MET N 251 -23.17 50.94 -37.32
CA MET N 251 -24.54 50.61 -36.98
C MET N 251 -24.56 49.50 -35.93
N PRO N 252 -24.99 49.80 -34.70
CA PRO N 252 -25.03 48.78 -33.64
C PRO N 252 -26.32 47.97 -33.58
N TYR N 253 -27.25 48.19 -34.51
CA TYR N 253 -28.52 47.46 -34.48
C TYR N 253 -28.31 45.96 -34.64
N LEU N 254 -27.40 45.57 -35.53
CA LEU N 254 -27.11 44.15 -35.72
C LEU N 254 -26.57 43.53 -34.44
N VAL N 255 -25.72 44.25 -33.71
CA VAL N 255 -25.18 43.73 -32.46
C VAL N 255 -26.30 43.53 -31.44
N MET N 256 -27.22 44.49 -31.35
CA MET N 256 -28.34 44.36 -30.42
C MET N 256 -29.23 43.18 -30.78
N MET N 257 -29.51 43.00 -32.07
CA MET N 257 -30.32 41.86 -32.49
C MET N 257 -29.61 40.54 -32.21
N ASP N 258 -28.30 40.49 -32.42
CA ASP N 258 -27.55 39.29 -32.13
C ASP N 258 -27.58 38.97 -30.63
N GLN N 259 -27.44 40.00 -29.79
CA GLN N 259 -27.52 39.78 -28.34
C GLN N 259 -28.90 39.29 -27.94
N LEU N 260 -29.95 39.86 -28.53
CA LEU N 260 -31.31 39.40 -28.24
C LEU N 260 -31.48 37.93 -28.64
N LYS N 261 -30.99 37.56 -29.82
CA LYS N 261 -31.09 36.18 -30.27
C LYS N 261 -30.31 35.25 -29.34
N LEU N 262 -29.12 35.67 -28.91
CA LEU N 262 -28.33 34.86 -28.00
C LEU N 262 -29.05 34.68 -26.66
N PHE N 263 -29.70 35.74 -26.17
CA PHE N 263 -30.50 35.59 -24.95
C PHE N 263 -31.65 34.61 -25.16
N LEU N 264 -32.30 34.67 -26.32
CA LEU N 264 -33.39 33.75 -26.61
C LEU N 264 -32.93 32.30 -26.65
N ASN N 265 -31.63 32.06 -26.85
CA ASN N 265 -31.11 30.69 -26.88
C ASN N 265 -30.75 30.16 -25.50
N GLN N 266 -30.78 31.00 -24.47
CA GLN N 266 -30.47 30.53 -23.13
C GLN N 266 -31.56 29.59 -22.63
N PRO N 267 -31.19 28.50 -21.96
CA PRO N 267 -32.19 27.58 -21.43
C PRO N 267 -33.08 28.25 -20.39
N SER N 268 -34.35 27.85 -20.40
CA SER N 268 -35.36 28.37 -19.47
C SER N 268 -35.45 29.88 -19.51
N ALA N 269 -35.31 30.47 -20.70
CA ALA N 269 -35.40 31.91 -20.82
C ALA N 269 -36.82 32.40 -20.59
N ILE N 270 -36.94 33.57 -19.96
CA ILE N 270 -38.22 34.21 -19.72
C ILE N 270 -38.17 35.61 -20.30
N LEU N 271 -39.25 35.99 -20.99
CA LEU N 271 -39.34 37.29 -21.62
C LEU N 271 -40.77 37.77 -21.55
N ILE N 272 -40.93 39.06 -21.27
CA ILE N 272 -42.24 39.69 -21.11
C ILE N 272 -42.29 40.91 -22.01
N THR N 273 -43.38 41.03 -22.78
CA THR N 273 -43.60 42.17 -23.67
C THR N 273 -44.66 43.07 -23.06
N CYS N 274 -44.33 44.35 -22.92
CA CYS N 274 -45.24 45.34 -22.34
C CYS N 274 -45.46 46.45 -23.36
N GLY N 275 -46.72 46.61 -23.78
CA GLY N 275 -47.09 47.67 -24.70
C GLY N 275 -46.76 47.40 -26.16
N TYR N 276 -46.20 46.24 -26.47
CA TYR N 276 -45.83 45.91 -27.84
C TYR N 276 -47.03 45.39 -28.62
N SER N 277 -47.25 45.96 -29.80
CA SER N 277 -48.35 45.56 -30.66
C SER N 277 -47.93 44.55 -31.72
N TYR N 278 -46.67 44.11 -31.69
CA TYR N 278 -46.14 43.12 -32.64
C TYR N 278 -46.33 43.56 -34.08
N LYS N 279 -46.15 44.84 -34.36
CA LYS N 279 -46.34 45.40 -35.69
C LYS N 279 -45.03 45.56 -36.46
N ASP N 280 -43.91 45.09 -35.93
CA ASP N 280 -42.62 45.15 -36.61
C ASP N 280 -42.28 43.77 -37.16
N GLN N 281 -42.01 43.71 -38.46
CA GLN N 281 -41.73 42.41 -39.09
C GLN N 281 -40.42 41.82 -38.59
N HIS N 282 -39.40 42.66 -38.43
CA HIS N 282 -38.09 42.15 -38.05
C HIS N 282 -38.09 41.61 -36.62
N ILE N 283 -38.67 42.36 -35.68
CA ILE N 283 -38.74 41.91 -34.30
C ILE N 283 -39.56 40.63 -34.21
N ASN N 284 -40.70 40.60 -34.90
CA ASN N 284 -41.55 39.42 -34.86
C ASN N 284 -40.85 38.20 -35.42
N GLU N 285 -40.15 38.35 -36.55
CA GLU N 285 -39.46 37.21 -37.13
C GLU N 285 -38.29 36.75 -36.27
N VAL N 286 -37.57 37.68 -35.63
CA VAL N 286 -36.49 37.30 -34.74
C VAL N 286 -37.04 36.55 -33.54
N LEU N 287 -38.13 37.03 -32.96
CA LEU N 287 -38.74 36.35 -31.82
C LEU N 287 -39.22 34.95 -32.22
N SER N 288 -39.85 34.84 -33.39
CA SER N 288 -40.33 33.53 -33.84
C SER N 288 -39.19 32.57 -34.06
N GLN N 289 -38.11 33.03 -34.69
CA GLN N 289 -36.95 32.17 -34.94
C GLN N 289 -36.30 31.73 -33.62
N GLY N 290 -36.17 32.66 -32.67
CA GLY N 290 -35.61 32.30 -31.38
C GLY N 290 -36.48 31.32 -30.61
N LEU N 291 -37.80 31.49 -30.67
CA LEU N 291 -38.71 30.58 -30.00
C LEU N 291 -38.68 29.20 -30.64
N GLN N 292 -38.61 29.13 -31.97
CA GLN N 292 -38.54 27.85 -32.65
C GLN N 292 -37.22 27.14 -32.38
N THR N 293 -36.12 27.89 -32.37
CA THR N 293 -34.82 27.28 -32.13
C THR N 293 -34.72 26.68 -30.73
N ASN N 294 -35.21 27.40 -29.72
CA ASN N 294 -35.19 26.93 -28.34
C ASN N 294 -36.62 26.75 -27.84
N PRO N 295 -37.15 25.52 -27.82
CA PRO N 295 -38.52 25.32 -27.31
C PRO N 295 -38.68 25.69 -25.85
N ASN N 296 -37.60 25.69 -25.07
CA ASN N 296 -37.70 26.00 -23.64
C ASN N 296 -37.99 27.47 -23.40
N ALA N 297 -37.77 28.33 -24.39
CA ALA N 297 -38.05 29.75 -24.23
C ALA N 297 -39.55 29.98 -24.06
N LEU N 298 -39.89 30.97 -23.24
CA LEU N 298 -41.27 31.32 -22.96
C LEU N 298 -41.47 32.81 -23.15
N ILE N 299 -42.65 33.18 -23.65
CA ILE N 299 -43.00 34.57 -23.91
C ILE N 299 -44.35 34.83 -23.25
N TYR N 300 -44.37 35.60 -22.17
CA TYR N 300 -45.60 35.94 -21.46
C TYR N 300 -46.12 37.30 -21.94
N GLY N 301 -46.45 37.37 -23.22
CA GLY N 301 -46.93 38.59 -23.83
C GLY N 301 -48.20 39.13 -23.19
N LEU N 302 -48.21 40.42 -22.88
CA LEU N 302 -49.36 41.08 -22.29
C LEU N 302 -49.75 42.28 -23.16
N GLN N 303 -51.03 42.36 -23.48
CA GLN N 303 -51.56 43.44 -24.32
C GLN N 303 -52.61 44.21 -23.54
N TYR N 304 -52.47 45.55 -23.51
CA TYR N 304 -53.44 46.38 -22.82
C TYR N 304 -54.76 46.48 -23.59
N ASP N 305 -54.71 46.35 -24.92
CA ASP N 305 -55.90 46.41 -25.74
C ASP N 305 -56.54 45.04 -25.85
N VAL N 306 -57.71 44.98 -26.51
CA VAL N 306 -58.41 43.72 -26.69
C VAL N 306 -57.66 42.86 -27.69
N LEU N 307 -57.89 41.54 -27.61
CA LEU N 307 -57.21 40.60 -28.49
C LEU N 307 -57.58 40.80 -29.96
N GLU N 308 -58.82 41.23 -30.24
CA GLU N 308 -59.29 41.31 -31.61
C GLU N 308 -58.50 42.31 -32.46
N ASN N 309 -57.85 43.29 -31.83
CA ASN N 309 -57.11 44.30 -32.59
C ASN N 309 -55.73 43.84 -33.03
N TYR N 310 -55.28 42.67 -32.58
CA TYR N 310 -53.94 42.16 -32.90
C TYR N 310 -54.07 40.80 -33.56
N GLN N 311 -54.20 40.82 -34.90
CA GLN N 311 -54.22 39.56 -35.65
C GLN N 311 -52.83 38.93 -35.74
N GLU N 312 -51.79 39.76 -35.85
CA GLU N 312 -50.44 39.23 -35.87
C GLU N 312 -50.09 38.51 -34.58
N ALA N 313 -50.56 39.04 -33.44
CA ALA N 313 -50.35 38.36 -32.17
C ALA N 313 -51.04 37.00 -32.15
N LYS N 314 -52.26 36.93 -32.70
CA LYS N 314 -52.97 35.66 -32.78
C LYS N 314 -52.20 34.66 -33.65
N ASP N 315 -51.69 35.13 -34.80
CA ASP N 315 -50.95 34.24 -35.68
C ASP N 315 -49.67 33.73 -35.00
N MET N 316 -48.96 34.62 -34.32
CA MET N 316 -47.74 34.22 -33.62
C MET N 316 -48.05 33.22 -32.50
N ALA N 317 -49.14 33.45 -31.77
CA ALA N 317 -49.50 32.55 -30.68
C ALA N 317 -49.91 31.19 -31.21
N LEU N 318 -50.65 31.15 -32.33
CA LEU N 318 -51.07 29.88 -32.92
C LEU N 318 -49.93 29.16 -33.62
N LYS N 319 -48.88 29.88 -34.03
CA LYS N 319 -47.76 29.25 -34.73
C LYS N 319 -46.84 28.48 -33.82
N ARG N 320 -46.68 28.92 -32.57
CA ARG N 320 -45.77 28.27 -31.64
C ARG N 320 -46.51 27.88 -30.38
N SER N 321 -46.20 26.69 -29.87
CA SER N 321 -46.89 26.14 -28.71
C SER N 321 -46.29 26.58 -27.38
N ASN N 322 -45.16 27.28 -27.40
CA ASN N 322 -44.48 27.74 -26.20
C ASN N 322 -44.55 29.26 -26.06
N LEU N 323 -45.67 29.86 -26.46
CA LEU N 323 -45.89 31.30 -26.36
C LEU N 323 -47.23 31.51 -25.67
N ILE N 324 -47.18 31.90 -24.39
CA ILE N 324 -48.40 32.10 -23.59
C ILE N 324 -48.79 33.56 -23.76
N LEU N 325 -49.66 33.82 -24.74
CA LEU N 325 -50.12 35.17 -25.01
C LEU N 325 -51.37 35.48 -24.18
N LEU N 326 -51.37 36.66 -23.56
CA LEU N 326 -52.51 37.13 -22.77
C LEU N 326 -52.97 38.47 -23.28
N ALA N 327 -54.28 38.71 -23.19
CA ALA N 327 -54.87 39.97 -23.65
C ALA N 327 -55.87 40.46 -22.61
N LYS N 328 -56.63 41.49 -22.97
CA LYS N 328 -57.61 42.05 -22.04
C LYS N 328 -58.84 41.15 -21.91
N ASP N 329 -59.25 40.49 -23.00
CA ASP N 329 -60.45 39.68 -23.00
C ASP N 329 -60.15 38.18 -23.01
N ARG N 330 -59.38 37.72 -23.99
CA ARG N 330 -59.08 36.31 -24.17
C ARG N 330 -57.58 36.07 -24.05
N ALA N 331 -57.18 34.81 -24.20
CA ALA N 331 -55.78 34.44 -24.13
C ALA N 331 -55.54 33.21 -25.00
N ILE N 332 -54.28 32.96 -25.33
CA ILE N 332 -53.87 31.79 -26.10
C ILE N 332 -52.71 31.15 -25.34
N ILE N 333 -52.96 29.98 -24.75
CA ILE N 333 -51.95 29.27 -23.96
C ILE N 333 -51.67 27.96 -24.69
N GLY N 334 -50.63 27.96 -25.52
CA GLY N 334 -50.23 26.76 -26.22
C GLY N 334 -51.10 26.42 -27.41
N LYS N 335 -51.18 27.33 -28.38
CA LYS N 335 -51.86 27.18 -29.65
C LYS N 335 -53.37 27.00 -29.53
N LYS N 336 -53.94 27.14 -28.33
CA LYS N 336 -55.38 27.07 -28.13
C LYS N 336 -55.88 28.38 -27.54
N GLU N 337 -57.00 28.86 -28.04
CA GLU N 337 -57.58 30.12 -27.60
C GLU N 337 -58.67 29.87 -26.56
N GLY N 338 -58.58 30.56 -25.44
CA GLY N 338 -59.59 30.49 -24.41
C GLY N 338 -60.08 31.86 -24.01
N GLU N 339 -61.31 31.90 -23.50
CA GLU N 339 -61.95 33.13 -23.07
C GLU N 339 -61.93 33.22 -21.55
N TRP N 340 -62.45 34.33 -21.03
CA TRP N 340 -62.49 34.55 -19.60
C TRP N 340 -63.52 33.63 -18.96
N LYS N 341 -63.13 32.95 -17.89
CA LYS N 341 -64.05 32.09 -17.17
C LYS N 341 -65.10 32.92 -16.44
N PRO N 342 -66.24 32.33 -16.13
CA PRO N 342 -67.29 33.10 -15.43
C PRO N 342 -66.88 33.42 -13.99
N ASP N 343 -66.57 34.69 -13.74
CA ASP N 343 -66.15 35.16 -12.44
C ASP N 343 -66.69 36.56 -12.22
N PRO N 344 -66.93 36.97 -10.98
CA PRO N 344 -67.44 38.33 -10.71
C PRO N 344 -66.36 39.40 -10.89
N GLN N 345 -65.91 39.57 -12.13
CA GLN N 345 -64.90 40.58 -12.42
C GLN N 345 -65.44 41.98 -12.18
N SER N 346 -66.69 42.25 -12.57
CA SER N 346 -67.33 43.52 -12.37
C SER N 346 -68.47 43.36 -11.38
N SER N 347 -68.44 44.14 -10.29
CA SER N 347 -69.48 44.05 -9.28
C SER N 347 -70.82 44.54 -9.81
N GLN N 348 -70.81 45.58 -10.62
CA GLN N 348 -72.05 46.14 -11.15
C GLN N 348 -72.72 45.17 -12.11
N ASP N 349 -74.04 45.03 -11.96
CA ASP N 349 -74.79 44.14 -12.85
C ASP N 349 -74.77 44.66 -14.28
N ASN N 350 -74.90 45.97 -14.47
CA ASN N 350 -74.93 46.54 -15.81
C ASN N 350 -73.56 46.40 -16.47
N ASP N 351 -73.57 45.96 -17.73
CA ASP N 351 -72.37 45.75 -18.53
C ASP N 351 -71.37 44.85 -17.80
N PRO N 352 -71.66 43.56 -17.64
CA PRO N 352 -70.74 42.65 -16.94
C PRO N 352 -69.59 42.19 -17.84
N LEU N 353 -68.79 43.16 -18.28
CA LEU N 353 -67.67 42.85 -19.17
C LEU N 353 -66.53 42.21 -18.38
N LEU N 354 -66.04 41.07 -18.87
CA LEU N 354 -64.92 40.37 -18.24
C LEU N 354 -63.64 40.84 -18.92
N PHE N 355 -63.04 41.90 -18.36
CA PHE N 355 -61.83 42.49 -18.91
C PHE N 355 -60.70 42.32 -17.90
N PHE N 356 -59.54 41.88 -18.39
CA PHE N 356 -58.36 41.68 -17.55
C PHE N 356 -57.67 43.03 -17.38
N LYS N 357 -58.15 43.79 -16.40
CA LYS N 357 -57.60 45.12 -16.14
C LYS N 357 -56.20 45.07 -15.54
N LEU N 358 -55.74 43.89 -15.11
CA LEU N 358 -54.40 43.76 -14.55
C LEU N 358 -53.30 43.87 -15.58
N GLY N 359 -53.64 43.88 -16.88
CA GLY N 359 -52.64 44.02 -17.92
C GLY N 359 -52.12 45.41 -18.13
N ASP N 360 -52.69 46.41 -17.45
CA ASP N 360 -52.22 47.77 -17.57
C ASP N 360 -50.84 47.92 -16.91
N PHE N 361 -50.10 48.92 -17.38
CA PHE N 361 -48.75 49.14 -16.86
C PHE N 361 -48.78 49.50 -15.38
N GLN N 362 -49.75 50.33 -14.97
CA GLN N 362 -49.88 50.66 -13.55
C GLN N 362 -50.22 49.42 -12.73
N HIS N 363 -51.16 48.61 -13.22
CA HIS N 363 -51.51 47.38 -12.52
C HIS N 363 -50.34 46.41 -12.49
N LEU N 364 -49.59 46.32 -13.59
CA LEU N 364 -48.40 45.47 -13.61
C LEU N 364 -47.37 45.92 -12.60
N ALA N 365 -47.14 47.24 -12.50
CA ALA N 365 -46.20 47.76 -11.52
C ALA N 365 -46.68 47.47 -10.11
N SER N 366 -47.99 47.62 -9.85
CA SER N 366 -48.51 47.30 -8.53
C SER N 366 -48.32 45.82 -8.20
N PHE N 367 -48.56 44.95 -9.18
CA PHE N 367 -48.36 43.52 -8.96
C PHE N 367 -46.91 43.20 -8.67
N LEU N 368 -45.99 43.82 -9.41
CA LEU N 368 -44.57 43.59 -9.18
C LEU N 368 -44.15 44.10 -7.79
N GLU N 369 -44.69 45.25 -7.38
CA GLU N 369 -44.40 45.76 -6.05
C GLU N 369 -44.91 44.82 -4.97
N GLU N 370 -46.12 44.28 -5.15
CA GLU N 370 -46.66 43.32 -4.19
C GLU N 370 -45.81 42.05 -4.14
N ILE N 371 -45.34 41.59 -5.29
CA ILE N 371 -44.48 40.41 -5.33
C ILE N 371 -43.18 40.68 -4.59
N SER N 372 -42.59 41.87 -4.79
CA SER N 372 -41.33 42.20 -4.16
C SER N 372 -41.47 42.22 -2.63
N GLN N 373 -42.56 42.79 -2.12
CA GLN N 373 -42.78 42.83 -0.68
C GLN N 373 -43.41 41.54 -0.19
#